data_2RR3
#
_entry.id   2RR3
#
loop_
_entity.id
_entity.type
_entity.pdbx_description
1 polymer 'Vesicle-associated membrane protein-associated protein A'
2 polymer 'Oxysterol-binding protein 1'
#
loop_
_entity_poly.entity_id
_entity_poly.type
_entity_poly.pdbx_seq_one_letter_code
_entity_poly.pdbx_strand_id
1 'polypeptide(L)'
;PLGSDHEQILVLDPPTDLKFKGPFTDVVTTNLKLRNPSDRKVCFKVKTTAPRRYCVRPNSGIIDPGSTVTVSVMLQPFDY
DPNEKSKHKFMVQTIFAPPNTSDMEAVWKEAKPDELMDSKLRCVFEMPNE
;
A
2 'polypeptide(L)' PLGSDHWGKGDMSDEDDENEFFDAPEIITMPENLGHKRTGSHHHHHH B
#
# COMPACT_ATOMS: atom_id res chain seq x y z
N GLY A 3 -18.77 -7.44 15.67
CA GLY A 3 -17.72 -6.71 14.92
C GLY A 3 -16.38 -6.74 15.66
N SER A 4 -15.29 -6.97 14.92
CA SER A 4 -13.92 -7.14 15.46
C SER A 4 -12.85 -6.24 14.79
N ASP A 5 -13.30 -5.23 14.03
CA ASP A 5 -12.44 -4.27 13.32
C ASP A 5 -12.29 -2.96 14.12
N HIS A 6 -11.06 -2.43 14.18
CA HIS A 6 -10.73 -1.18 14.90
C HIS A 6 -9.67 -0.35 14.14
N GLU A 7 -9.60 0.94 14.46
CA GLU A 7 -8.73 1.92 13.80
C GLU A 7 -7.35 2.07 14.50
N GLN A 8 -6.32 2.39 13.70
CA GLN A 8 -4.98 2.78 14.19
C GLN A 8 -4.97 4.22 14.74
N ILE A 9 -3.87 4.60 15.40
CA ILE A 9 -3.68 5.95 15.94
C ILE A 9 -3.75 7.02 14.85
N LEU A 10 -3.23 6.73 13.64
CA LEU A 10 -3.25 7.70 12.53
C LEU A 10 -4.63 7.78 11.85
N VAL A 11 -5.07 9.01 11.61
CA VAL A 11 -6.24 9.33 10.78
C VAL A 11 -5.81 9.18 9.33
N LEU A 12 -6.66 8.64 8.44
CA LEU A 12 -6.37 8.54 7.00
C LEU A 12 -7.42 9.31 6.17
N ASP A 13 -7.05 9.77 4.98
CA ASP A 13 -7.86 10.62 4.10
C ASP A 13 -7.52 10.36 2.61
N PRO A 14 -8.40 9.69 1.84
CA PRO A 14 -9.65 9.04 2.25
C PRO A 14 -9.46 7.90 3.29
N PRO A 15 -10.36 7.78 4.30
CA PRO A 15 -10.26 6.76 5.36
C PRO A 15 -10.71 5.36 4.95
N THR A 16 -11.68 5.27 4.03
CA THR A 16 -12.37 4.04 3.66
C THR A 16 -11.66 3.25 2.55
N ASP A 17 -11.46 3.86 1.38
CA ASP A 17 -10.91 3.25 0.17
C ASP A 17 -10.03 4.23 -0.61
N LEU A 18 -9.08 3.72 -1.41
CA LEU A 18 -8.30 4.50 -2.35
C LEU A 18 -9.05 4.57 -3.69
N LYS A 19 -9.27 5.79 -4.19
CA LYS A 19 -9.95 6.04 -5.46
C LYS A 19 -8.94 6.37 -6.55
N PHE A 20 -9.09 5.71 -7.69
CA PHE A 20 -8.30 5.91 -8.89
C PHE A 20 -9.25 6.30 -10.04
N LYS A 21 -9.23 7.59 -10.39
CA LYS A 21 -10.05 8.16 -11.48
C LYS A 21 -9.16 8.58 -12.64
N GLY A 22 -9.48 8.08 -13.83
CA GLY A 22 -8.70 8.30 -15.04
C GLY A 22 -8.75 7.08 -15.94
N PRO A 23 -8.56 7.23 -17.26
CA PRO A 23 -8.39 6.05 -18.08
C PRO A 23 -7.08 5.37 -17.74
N PHE A 24 -7.11 4.04 -17.74
CA PHE A 24 -6.00 3.21 -17.22
C PHE A 24 -4.96 2.85 -18.29
N THR A 25 -4.93 3.66 -19.35
CA THR A 25 -3.92 3.71 -20.42
C THR A 25 -2.56 4.28 -19.94
N ASP A 26 -2.55 5.02 -18.81
CA ASP A 26 -1.34 5.55 -18.16
C ASP A 26 -1.42 5.43 -16.62
N VAL A 27 -0.35 5.83 -15.92
CA VAL A 27 -0.29 5.88 -14.45
C VAL A 27 -1.34 6.84 -13.88
N VAL A 28 -1.99 6.42 -12.78
CA VAL A 28 -2.88 7.25 -11.95
C VAL A 28 -2.18 7.62 -10.66
N THR A 29 -2.19 8.90 -10.31
CA THR A 29 -1.64 9.41 -9.04
C THR A 29 -2.76 9.76 -8.07
N THR A 30 -2.73 9.16 -6.88
CA THR A 30 -3.73 9.34 -5.80
C THR A 30 -2.99 9.64 -4.51
N ASN A 31 -3.21 10.82 -3.91
CA ASN A 31 -2.55 11.21 -2.66
C ASN A 31 -3.43 10.87 -1.44
N LEU A 32 -2.81 10.27 -0.41
CA LEU A 32 -3.43 9.87 0.85
C LEU A 32 -2.87 10.74 1.98
N LYS A 33 -3.71 11.46 2.71
CA LYS A 33 -3.31 12.32 3.85
C LYS A 33 -3.40 11.55 5.17
N LEU A 34 -2.29 11.41 5.90
CA LEU A 34 -2.25 10.77 7.20
C LEU A 34 -1.94 11.79 8.31
N ARG A 35 -2.84 11.93 9.30
CA ARG A 35 -2.67 12.88 10.43
C ARG A 35 -2.54 12.14 11.76
N ASN A 36 -1.73 12.67 12.67
CA ASN A 36 -1.51 12.11 14.00
C ASN A 36 -2.28 12.91 15.06
N PRO A 37 -3.29 12.33 15.73
CA PRO A 37 -4.05 12.98 16.78
C PRO A 37 -3.29 13.05 18.13
N SER A 38 -2.34 12.13 18.33
CA SER A 38 -1.63 11.92 19.59
C SER A 38 -0.66 13.06 19.98
N ASP A 39 -0.13 12.96 21.20
CA ASP A 39 0.93 13.79 21.77
C ASP A 39 2.31 13.07 21.75
N ARG A 40 2.47 12.12 20.81
CA ARG A 40 3.64 11.23 20.64
C ARG A 40 4.00 11.09 19.17
N LYS A 41 5.26 10.76 18.86
CA LYS A 41 5.72 10.46 17.49
C LYS A 41 5.37 9.02 17.12
N VAL A 42 5.09 8.76 15.84
CA VAL A 42 4.63 7.44 15.37
C VAL A 42 5.25 7.09 14.01
N CYS A 43 5.75 5.87 13.87
CA CYS A 43 6.27 5.35 12.61
C CYS A 43 5.11 4.81 11.78
N PHE A 44 5.09 5.13 10.48
CA PHE A 44 4.11 4.58 9.52
C PHE A 44 4.78 3.78 8.39
N LYS A 45 4.08 2.75 7.92
CA LYS A 45 4.45 1.92 6.74
C LYS A 45 3.24 1.67 5.84
N VAL A 46 3.45 1.61 4.52
CA VAL A 46 2.42 1.28 3.52
C VAL A 46 2.69 -0.09 2.88
N LYS A 47 1.64 -0.89 2.68
CA LYS A 47 1.63 -2.16 1.97
C LYS A 47 0.53 -2.20 0.90
N THR A 48 0.72 -2.98 -0.16
CA THR A 48 -0.18 -3.05 -1.33
C THR A 48 -0.24 -4.47 -1.90
N THR A 49 -1.30 -4.82 -2.65
CA THR A 49 -1.49 -6.19 -3.18
C THR A 49 -0.60 -6.57 -4.37
N ALA A 50 0.03 -5.60 -5.04
CA ALA A 50 0.87 -5.85 -6.23
C ALA A 50 2.00 -4.81 -6.38
N PRO A 51 3.27 -5.13 -6.01
CA PRO A 51 4.36 -4.14 -5.99
C PRO A 51 4.84 -3.73 -7.40
N ARG A 52 4.48 -4.52 -8.42
CA ARG A 52 4.70 -4.25 -9.86
C ARG A 52 3.53 -3.54 -10.57
N ARG A 53 2.43 -3.27 -9.85
CA ARG A 53 1.26 -2.48 -10.31
C ARG A 53 0.96 -1.25 -9.44
N TYR A 54 1.52 -1.15 -8.23
CA TYR A 54 1.37 -0.01 -7.33
C TYR A 54 2.71 0.44 -6.74
N CYS A 55 2.95 1.75 -6.76
CA CYS A 55 4.15 2.40 -6.25
C CYS A 55 3.79 3.45 -5.19
N VAL A 56 4.60 3.59 -4.13
CA VAL A 56 4.36 4.46 -2.95
C VAL A 56 5.63 5.25 -2.67
N ARG A 57 5.74 6.51 -3.12
CA ARG A 57 7.03 7.25 -3.09
C ARG A 57 7.80 7.22 -1.77
N PRO A 58 7.21 7.63 -0.64
CA PRO A 58 7.85 7.52 0.66
C PRO A 58 8.10 6.07 1.13
N ASN A 59 7.16 5.17 0.82
CA ASN A 59 6.94 3.79 1.28
C ASN A 59 6.67 3.65 2.80
N SER A 60 7.16 4.62 3.58
CA SER A 60 7.17 4.65 5.04
C SER A 60 7.65 6.01 5.57
N GLY A 61 7.54 6.23 6.88
CA GLY A 61 8.09 7.42 7.54
C GLY A 61 7.72 7.52 9.01
N ILE A 62 7.79 8.72 9.57
CA ILE A 62 7.35 9.03 10.95
C ILE A 62 6.52 10.33 10.93
N ILE A 63 5.43 10.39 11.72
CA ILE A 63 4.59 11.58 11.90
C ILE A 63 4.74 12.15 13.32
N ASP A 64 4.88 13.47 13.43
CA ASP A 64 4.95 14.21 14.70
C ASP A 64 3.55 14.46 15.32
N PRO A 65 3.44 14.72 16.63
CA PRO A 65 2.16 15.01 17.28
C PRO A 65 1.41 16.17 16.62
N GLY A 66 0.12 15.98 16.34
CA GLY A 66 -0.76 16.95 15.66
C GLY A 66 -0.48 17.17 14.18
N SER A 67 0.54 16.52 13.62
CA SER A 67 1.05 16.80 12.27
C SER A 67 0.52 15.84 11.21
N THR A 68 0.68 16.19 9.93
CA THR A 68 0.16 15.43 8.76
C THR A 68 1.25 15.17 7.73
N VAL A 69 1.23 14.00 7.09
CA VAL A 69 2.05 13.64 5.92
C VAL A 69 1.15 13.23 4.76
N THR A 70 1.47 13.65 3.54
CA THR A 70 0.77 13.25 2.31
C THR A 70 1.62 12.22 1.56
N VAL A 71 1.03 11.04 1.33
CA VAL A 71 1.64 9.90 0.65
C VAL A 71 1.06 9.78 -0.76
N SER A 72 1.89 9.88 -1.79
CA SER A 72 1.47 9.69 -3.19
C SER A 72 1.55 8.22 -3.60
N VAL A 73 0.42 7.69 -4.05
CA VAL A 73 0.31 6.36 -4.67
C VAL A 73 0.29 6.56 -6.18
N MET A 74 1.13 5.81 -6.90
CA MET A 74 1.16 5.75 -8.36
C MET A 74 0.74 4.34 -8.78
N LEU A 75 -0.47 4.22 -9.34
CA LEU A 75 -1.08 2.98 -9.83
C LEU A 75 -0.81 2.86 -11.33
N GLN A 76 -0.18 1.76 -11.75
CA GLN A 76 0.32 1.55 -13.11
C GLN A 76 -0.81 1.20 -14.11
N PRO A 77 -0.64 1.50 -15.41
CA PRO A 77 -1.65 1.19 -16.43
C PRO A 77 -1.91 -0.31 -16.61
N PHE A 78 -3.14 -0.65 -16.96
CA PHE A 78 -3.63 -2.02 -17.16
C PHE A 78 -4.86 -2.08 -18.08
N ASP A 79 -5.21 -3.30 -18.51
CA ASP A 79 -6.36 -3.59 -19.37
C ASP A 79 -7.63 -3.82 -18.54
N TYR A 80 -8.38 -2.76 -18.25
CA TYR A 80 -9.63 -2.82 -17.49
C TYR A 80 -10.73 -3.59 -18.23
N ASP A 81 -11.54 -4.36 -17.50
CA ASP A 81 -12.72 -5.08 -18.01
C ASP A 81 -13.98 -4.73 -17.18
N PRO A 82 -15.11 -4.33 -17.81
CA PRO A 82 -16.33 -3.98 -17.10
C PRO A 82 -17.05 -5.19 -16.46
N ASN A 83 -16.68 -6.41 -16.86
CA ASN A 83 -17.18 -7.65 -16.26
C ASN A 83 -16.32 -8.11 -15.07
N GLU A 84 -15.05 -7.71 -15.01
CA GLU A 84 -14.12 -8.05 -13.92
C GLU A 84 -14.30 -7.15 -12.68
N LYS A 85 -14.04 -7.72 -11.49
CA LYS A 85 -14.18 -7.07 -10.18
C LYS A 85 -12.81 -6.65 -9.64
N SER A 86 -12.75 -5.55 -8.86
CA SER A 86 -11.50 -5.11 -8.21
C SER A 86 -11.06 -6.13 -7.15
N LYS A 87 -9.80 -6.60 -7.27
CA LYS A 87 -9.16 -7.53 -6.31
C LYS A 87 -8.06 -6.89 -5.45
N HIS A 88 -7.74 -5.62 -5.70
CA HIS A 88 -6.59 -4.93 -5.11
C HIS A 88 -6.94 -4.16 -3.83
N LYS A 89 -5.98 -4.13 -2.90
CA LYS A 89 -6.09 -3.44 -1.60
C LYS A 89 -4.78 -2.75 -1.19
N PHE A 90 -4.93 -1.80 -0.28
CA PHE A 90 -3.87 -1.13 0.46
C PHE A 90 -4.02 -1.41 1.95
N MET A 91 -2.90 -1.40 2.66
CA MET A 91 -2.84 -1.54 4.12
C MET A 91 -1.81 -0.55 4.66
N VAL A 92 -2.13 0.12 5.77
CA VAL A 92 -1.21 1.04 6.46
C VAL A 92 -0.99 0.52 7.87
N GLN A 93 0.27 0.33 8.25
CA GLN A 93 0.71 -0.17 9.55
C GLN A 93 1.39 0.96 10.33
N THR A 94 1.10 1.11 11.62
CA THR A 94 1.68 2.15 12.49
C THR A 94 2.03 1.66 13.88
N ILE A 95 3.09 2.23 14.46
CA ILE A 95 3.51 1.98 15.85
C ILE A 95 4.22 3.20 16.44
N PHE A 96 4.08 3.45 17.75
CA PHE A 96 4.72 4.61 18.40
C PHE A 96 6.26 4.56 18.33
N ALA A 97 6.85 5.69 17.92
CA ALA A 97 8.29 5.93 17.93
C ALA A 97 8.72 6.58 19.27
N PRO A 98 9.94 6.32 19.80
CA PRO A 98 10.48 7.05 20.95
C PRO A 98 10.90 8.49 20.56
N PRO A 99 10.98 9.42 21.51
CA PRO A 99 11.27 10.83 21.24
C PRO A 99 12.75 11.13 20.90
N ASN A 100 13.67 10.16 21.09
CA ASN A 100 15.11 10.31 20.90
C ASN A 100 15.75 9.13 20.13
N THR A 101 15.35 8.94 18.86
CA THR A 101 15.98 7.99 17.93
C THR A 101 16.36 8.64 16.59
N SER A 102 17.41 8.12 15.96
CA SER A 102 17.84 8.42 14.59
C SER A 102 17.63 7.24 13.62
N ASP A 103 17.03 6.14 14.09
CA ASP A 103 16.80 4.90 13.36
C ASP A 103 15.34 4.46 13.44
N MET A 104 14.60 4.61 12.32
CA MET A 104 13.18 4.24 12.23
C MET A 104 12.98 2.72 12.15
N GLU A 105 13.98 1.97 11.65
CA GLU A 105 13.87 0.51 11.48
C GLU A 105 13.93 -0.19 12.83
N ALA A 106 14.71 0.36 13.77
CA ALA A 106 14.82 -0.15 15.13
C ALA A 106 13.48 -0.11 15.89
N VAL A 107 12.63 0.89 15.60
CA VAL A 107 11.28 0.96 16.18
C VAL A 107 10.44 -0.24 15.78
N TRP A 108 10.54 -0.68 14.53
CA TRP A 108 9.81 -1.86 14.06
C TRP A 108 10.37 -3.18 14.61
N LYS A 109 11.65 -3.21 14.98
CA LYS A 109 12.31 -4.37 15.59
C LYS A 109 12.05 -4.48 17.09
N GLU A 110 11.83 -3.35 17.78
CA GLU A 110 11.41 -3.32 19.19
C GLU A 110 9.88 -3.47 19.37
N ALA A 111 9.12 -3.07 18.35
CA ALA A 111 7.67 -3.21 18.29
C ALA A 111 7.25 -4.69 18.42
N LYS A 112 6.15 -4.92 19.15
CA LYS A 112 5.57 -6.23 19.36
C LYS A 112 4.27 -6.42 18.57
N PRO A 113 3.89 -7.65 18.23
CA PRO A 113 2.64 -7.98 17.52
C PRO A 113 1.37 -7.53 18.26
N ASP A 114 1.46 -7.32 19.58
CA ASP A 114 0.36 -6.77 20.41
C ASP A 114 0.34 -5.23 20.50
N GLU A 115 1.42 -4.56 20.10
CA GLU A 115 1.56 -3.09 20.05
C GLU A 115 1.38 -2.52 18.64
N LEU A 116 1.46 -3.36 17.60
CA LEU A 116 1.36 -2.97 16.19
C LEU A 116 -0.10 -2.73 15.79
N MET A 117 -0.38 -1.56 15.18
CA MET A 117 -1.69 -1.22 14.64
C MET A 117 -1.68 -1.27 13.11
N ASP A 118 -2.81 -1.63 12.50
CA ASP A 118 -3.01 -1.52 11.04
C ASP A 118 -4.47 -1.27 10.65
N SER A 119 -4.68 -0.81 9.41
CA SER A 119 -6.00 -0.63 8.77
C SER A 119 -5.90 -0.89 7.26
N LYS A 120 -6.99 -1.37 6.63
CA LYS A 120 -7.05 -1.76 5.21
C LYS A 120 -8.09 -1.01 4.38
N LEU A 121 -7.81 -0.84 3.08
CA LEU A 121 -8.56 -0.03 2.12
C LEU A 121 -8.57 -0.74 0.75
N ARG A 122 -9.60 -0.58 -0.07
CA ARG A 122 -9.68 -1.19 -1.43
C ARG A 122 -9.28 -0.18 -2.52
N CYS A 123 -8.90 -0.66 -3.70
CA CYS A 123 -8.69 0.18 -4.88
C CYS A 123 -9.99 0.26 -5.70
N VAL A 124 -10.46 1.48 -5.96
CA VAL A 124 -11.65 1.79 -6.77
C VAL A 124 -11.23 2.38 -8.10
N PHE A 125 -11.89 1.99 -9.19
CA PHE A 125 -11.56 2.43 -10.56
C PHE A 125 -12.72 3.19 -11.20
N GLU A 126 -12.47 4.41 -11.67
CA GLU A 126 -13.48 5.32 -12.26
C GLU A 126 -13.02 5.89 -13.62
N MET A 127 -13.93 5.89 -14.61
CA MET A 127 -13.71 6.39 -15.96
C MET A 127 -14.07 7.88 -16.10
N PRO A 128 -13.43 8.62 -17.02
CA PRO A 128 -13.67 10.05 -17.22
C PRO A 128 -15.06 10.38 -17.80
N ASN A 129 -15.65 9.44 -18.54
CA ASN A 129 -16.96 9.54 -19.18
C ASN A 129 -17.16 10.77 -20.11
N GLU A 130 -16.05 11.38 -20.55
CA GLU A 130 -16.00 12.56 -21.44
C GLU A 130 -14.82 12.50 -22.43
N PRO B 1 12.90 8.03 -13.46
CA PRO B 1 12.80 9.34 -12.76
C PRO B 1 13.07 9.26 -11.24
N LEU B 2 12.16 8.66 -10.46
CA LEU B 2 12.28 8.53 -9.00
C LEU B 2 13.17 7.33 -8.59
N GLY B 3 13.68 7.36 -7.35
CA GLY B 3 14.50 6.30 -6.78
C GLY B 3 15.29 6.76 -5.53
N SER B 4 15.87 5.80 -4.81
CA SER B 4 16.65 6.01 -3.57
C SER B 4 18.01 5.29 -3.62
N ASP B 5 18.92 5.64 -2.72
CA ASP B 5 20.25 5.00 -2.61
C ASP B 5 20.20 3.58 -2.01
N HIS B 6 19.20 3.29 -1.16
CA HIS B 6 18.96 1.96 -0.57
C HIS B 6 17.45 1.76 -0.34
N TRP B 7 16.88 0.73 -0.99
CA TRP B 7 15.44 0.41 -1.00
C TRP B 7 15.17 -1.04 -1.46
N GLY B 8 13.90 -1.47 -1.42
CA GLY B 8 13.46 -2.77 -1.97
C GLY B 8 13.73 -3.97 -1.06
N LYS B 9 13.78 -3.76 0.27
CA LYS B 9 13.99 -4.80 1.28
C LYS B 9 12.78 -5.74 1.44
N GLY B 10 13.01 -6.90 2.06
CA GLY B 10 12.02 -7.96 2.29
C GLY B 10 12.01 -9.02 1.18
N ASP B 11 12.22 -10.29 1.55
CA ASP B 11 12.35 -11.44 0.64
C ASP B 11 12.02 -12.78 1.35
N MET B 12 11.92 -13.87 0.59
CA MET B 12 11.78 -15.27 1.03
C MET B 12 10.49 -15.60 1.85
N SER B 13 9.49 -14.72 1.83
CA SER B 13 8.20 -14.92 2.52
C SER B 13 7.23 -15.82 1.74
N ASP B 14 6.48 -16.67 2.47
CA ASP B 14 5.44 -17.55 1.94
C ASP B 14 4.42 -17.91 3.03
N GLU B 15 3.17 -17.44 2.88
CA GLU B 15 2.08 -17.59 3.86
C GLU B 15 0.70 -17.71 3.18
N ASP B 16 -0.30 -18.21 3.91
CA ASP B 16 -1.71 -18.18 3.48
C ASP B 16 -2.32 -16.78 3.74
N ASP B 17 -2.95 -16.19 2.72
CA ASP B 17 -3.44 -14.81 2.74
C ASP B 17 -4.53 -14.62 1.66
N GLU B 18 -5.55 -13.83 2.00
CA GLU B 18 -6.69 -13.51 1.12
C GLU B 18 -6.31 -12.80 -0.20
N ASN B 19 -5.22 -12.01 -0.24
CA ASN B 19 -4.80 -11.23 -1.40
C ASN B 19 -3.27 -11.10 -1.60
N GLU B 20 -2.48 -11.45 -0.58
CA GLU B 20 -1.05 -11.23 -0.46
C GLU B 20 -0.64 -9.74 -0.51
N PHE B 21 -0.36 -9.16 0.67
CA PHE B 21 0.22 -7.84 0.79
C PHE B 21 1.76 -7.87 0.66
N PHE B 22 2.28 -6.88 -0.06
CA PHE B 22 3.70 -6.64 -0.35
C PHE B 22 4.12 -5.27 0.20
N ASP B 23 5.41 -5.06 0.46
CA ASP B 23 5.95 -3.89 1.18
C ASP B 23 6.04 -2.58 0.34
N ALA B 24 5.23 -2.49 -0.72
CA ALA B 24 4.95 -1.31 -1.55
C ALA B 24 6.17 -0.41 -1.89
N PRO B 25 7.01 -0.81 -2.88
CA PRO B 25 8.19 -0.05 -3.30
C PRO B 25 7.89 1.40 -3.74
N GLU B 26 8.92 2.25 -3.72
CA GLU B 26 8.85 3.65 -4.14
C GLU B 26 8.52 3.79 -5.62
N ILE B 27 9.18 2.96 -6.45
CA ILE B 27 8.84 2.82 -7.87
C ILE B 27 9.22 1.42 -8.39
N ILE B 28 8.55 0.95 -9.44
CA ILE B 28 8.84 -0.35 -10.08
C ILE B 28 9.99 -0.24 -11.10
N THR B 29 11.00 -1.10 -10.95
CA THR B 29 12.14 -1.21 -11.88
C THR B 29 12.34 -2.61 -12.48
N MET B 30 11.98 -3.69 -11.75
CA MET B 30 12.11 -5.09 -12.20
C MET B 30 10.76 -5.84 -12.08
N PRO B 31 9.85 -5.71 -13.07
CA PRO B 31 8.58 -6.45 -13.11
C PRO B 31 8.75 -7.97 -13.16
N GLU B 32 7.73 -8.70 -12.66
CA GLU B 32 7.65 -10.17 -12.62
C GLU B 32 8.92 -10.82 -12.02
N ASN B 33 9.67 -11.63 -12.78
CA ASN B 33 10.95 -12.21 -12.40
C ASN B 33 11.85 -12.48 -13.63
N LEU B 34 13.15 -12.65 -13.40
CA LEU B 34 14.12 -13.10 -14.40
C LEU B 34 13.94 -14.60 -14.71
N GLY B 35 14.44 -15.06 -15.86
CA GLY B 35 14.32 -16.46 -16.31
C GLY B 35 15.28 -16.84 -17.44
N HIS B 36 15.22 -18.10 -17.87
CA HIS B 36 16.18 -18.72 -18.82
C HIS B 36 15.86 -18.47 -20.30
N LYS B 37 14.67 -17.94 -20.62
CA LYS B 37 14.23 -17.63 -22.00
C LYS B 37 15.08 -16.51 -22.61
N ARG B 38 15.71 -16.78 -23.75
CA ARG B 38 16.66 -15.89 -24.45
C ARG B 38 16.63 -16.11 -25.97
N THR B 39 16.62 -15.01 -26.74
CA THR B 39 16.69 -14.99 -28.23
C THR B 39 15.73 -15.99 -28.89
N GLY B 40 14.44 -15.88 -28.57
CA GLY B 40 13.40 -16.85 -28.96
C GLY B 40 13.24 -17.97 -27.92
N SER B 41 12.96 -19.19 -28.38
CA SER B 41 12.76 -20.39 -27.55
C SER B 41 13.34 -21.65 -28.21
N HIS B 42 13.77 -22.63 -27.39
CA HIS B 42 14.42 -23.88 -27.80
C HIS B 42 15.60 -23.64 -28.78
N HIS B 43 15.65 -24.35 -29.91
CA HIS B 43 16.77 -24.38 -30.88
C HIS B 43 18.13 -24.71 -30.22
N HIS B 44 18.11 -25.63 -29.25
CA HIS B 44 19.27 -26.09 -28.45
C HIS B 44 20.09 -27.17 -29.16
N GLY A 3 -4.28 -13.44 15.66
CA GLY A 3 -3.40 -12.35 16.12
C GLY A 3 -4.20 -11.19 16.72
N SER A 4 -3.77 -9.95 16.44
CA SER A 4 -4.45 -8.72 16.90
C SER A 4 -5.74 -8.41 16.12
N ASP A 5 -6.64 -7.66 16.76
CA ASP A 5 -8.00 -7.36 16.25
C ASP A 5 -8.30 -5.86 16.11
N HIS A 6 -7.49 -4.99 16.73
CA HIS A 6 -7.64 -3.53 16.70
C HIS A 6 -7.14 -2.89 15.39
N GLU A 7 -7.64 -1.67 15.10
CA GLU A 7 -7.13 -0.80 14.02
C GLU A 7 -6.42 0.44 14.58
N GLN A 8 -5.62 1.11 13.75
CA GLN A 8 -4.70 2.17 14.18
C GLN A 8 -5.34 3.51 14.60
N ILE A 9 -4.54 4.28 15.36
CA ILE A 9 -4.84 5.62 15.87
C ILE A 9 -4.90 6.71 14.78
N LEU A 10 -4.09 6.61 13.72
CA LEU A 10 -4.01 7.63 12.67
C LEU A 10 -5.34 7.83 11.92
N VAL A 11 -5.58 9.08 11.52
CA VAL A 11 -6.65 9.47 10.60
C VAL A 11 -6.13 9.22 9.19
N LEU A 12 -6.90 8.56 8.32
CA LEU A 12 -6.56 8.39 6.91
C LEU A 12 -7.59 9.15 6.03
N ASP A 13 -7.18 9.61 4.85
CA ASP A 13 -7.97 10.47 3.97
C ASP A 13 -7.65 10.21 2.49
N PRO A 14 -8.52 9.51 1.72
CA PRO A 14 -9.78 8.89 2.16
C PRO A 14 -9.59 7.76 3.20
N PRO A 15 -10.50 7.65 4.21
CA PRO A 15 -10.39 6.67 5.31
C PRO A 15 -10.79 5.23 4.93
N THR A 16 -11.74 5.10 4.01
CA THR A 16 -12.38 3.82 3.65
C THR A 16 -11.64 3.05 2.56
N ASP A 17 -11.47 3.65 1.38
CA ASP A 17 -10.88 3.05 0.18
C ASP A 17 -10.09 4.08 -0.64
N LEU A 18 -9.11 3.61 -1.43
CA LEU A 18 -8.33 4.45 -2.36
C LEU A 18 -9.06 4.51 -3.70
N LYS A 19 -9.24 5.72 -4.24
CA LYS A 19 -9.93 5.96 -5.51
C LYS A 19 -8.94 6.29 -6.62
N PHE A 20 -9.07 5.59 -7.74
CA PHE A 20 -8.28 5.75 -8.95
C PHE A 20 -9.20 6.11 -10.11
N LYS A 21 -9.16 7.37 -10.57
CA LYS A 21 -9.92 7.87 -11.72
C LYS A 21 -8.98 8.20 -12.87
N GLY A 22 -9.24 7.70 -14.08
CA GLY A 22 -8.40 7.94 -15.24
C GLY A 22 -8.73 6.97 -16.37
N PRO A 23 -7.90 6.94 -17.43
CA PRO A 23 -8.15 6.06 -18.57
C PRO A 23 -7.61 4.63 -18.45
N PHE A 24 -6.62 4.59 -17.60
CA PHE A 24 -5.67 3.52 -17.24
C PHE A 24 -4.72 3.14 -18.39
N THR A 25 -4.58 4.01 -19.38
CA THR A 25 -3.60 3.93 -20.47
C THR A 25 -2.22 4.47 -20.07
N ASP A 26 -2.15 5.17 -18.93
CA ASP A 26 -0.92 5.60 -18.23
C ASP A 26 -1.10 5.44 -16.70
N VAL A 27 -0.05 5.75 -15.93
CA VAL A 27 -0.05 5.72 -14.46
C VAL A 27 -1.10 6.69 -13.88
N VAL A 28 -1.83 6.22 -12.87
CA VAL A 28 -2.76 7.03 -12.06
C VAL A 28 -2.07 7.44 -10.76
N THR A 29 -2.09 8.72 -10.44
CA THR A 29 -1.59 9.26 -9.16
C THR A 29 -2.77 9.54 -8.23
N THR A 30 -2.71 8.99 -7.02
CA THR A 30 -3.70 9.18 -5.95
C THR A 30 -2.96 9.45 -4.66
N ASN A 31 -3.23 10.58 -4.01
CA ASN A 31 -2.63 10.91 -2.71
C ASN A 31 -3.55 10.50 -1.55
N LEU A 32 -2.93 10.01 -0.48
CA LEU A 32 -3.55 9.64 0.80
C LEU A 32 -2.98 10.57 1.88
N LYS A 33 -3.84 11.29 2.60
CA LYS A 33 -3.43 12.17 3.72
C LYS A 33 -3.55 11.42 5.05
N LEU A 34 -2.46 11.32 5.80
CA LEU A 34 -2.41 10.68 7.12
C LEU A 34 -2.15 11.72 8.20
N ARG A 35 -3.05 11.86 9.18
CA ARG A 35 -2.89 12.79 10.33
C ARG A 35 -2.82 12.05 11.65
N ASN A 36 -2.00 12.54 12.57
CA ASN A 36 -1.79 11.96 13.90
C ASN A 36 -2.53 12.78 14.97
N PRO A 37 -3.56 12.21 15.63
CA PRO A 37 -4.33 12.95 16.63
C PRO A 37 -3.62 13.04 18.00
N SER A 38 -2.73 12.10 18.29
CA SER A 38 -2.02 11.95 19.58
C SER A 38 -0.95 13.03 19.84
N ASP A 39 -0.43 13.02 21.07
CA ASP A 39 0.65 13.91 21.57
C ASP A 39 2.02 13.18 21.58
N ARG A 40 2.24 12.29 20.60
CA ARG A 40 3.39 11.39 20.46
C ARG A 40 3.82 11.30 18.98
N LYS A 41 5.07 10.94 18.72
CA LYS A 41 5.54 10.60 17.36
C LYS A 41 5.18 9.16 17.01
N VAL A 42 5.01 8.85 15.73
CA VAL A 42 4.59 7.51 15.27
C VAL A 42 5.23 7.19 13.91
N CYS A 43 5.84 6.01 13.78
CA CYS A 43 6.42 5.55 12.52
C CYS A 43 5.34 4.86 11.68
N PHE A 44 5.31 5.14 10.37
CA PHE A 44 4.37 4.52 9.42
C PHE A 44 5.06 3.72 8.30
N LYS A 45 4.39 2.68 7.82
CA LYS A 45 4.74 1.88 6.64
C LYS A 45 3.52 1.57 5.76
N VAL A 46 3.72 1.35 4.45
CA VAL A 46 2.65 0.99 3.48
C VAL A 46 2.90 -0.37 2.85
N LYS A 47 1.83 -1.17 2.70
CA LYS A 47 1.81 -2.49 2.06
C LYS A 47 0.72 -2.56 0.98
N THR A 48 0.97 -3.36 -0.05
CA THR A 48 0.09 -3.55 -1.23
C THR A 48 0.03 -5.03 -1.61
N THR A 49 -1.01 -5.48 -2.29
CA THR A 49 -1.10 -6.85 -2.84
C THR A 49 -0.29 -7.05 -4.13
N ALA A 50 0.20 -5.97 -4.77
CA ALA A 50 0.86 -6.06 -6.07
C ALA A 50 1.98 -5.00 -6.29
N PRO A 51 3.25 -5.29 -5.95
CA PRO A 51 4.40 -4.39 -6.23
C PRO A 51 4.60 -4.10 -7.73
N ARG A 52 4.11 -5.01 -8.58
CA ARG A 52 4.05 -4.91 -10.05
C ARG A 52 2.79 -4.22 -10.61
N ARG A 53 1.97 -3.61 -9.75
CA ARG A 53 0.84 -2.71 -10.12
C ARG A 53 0.77 -1.42 -9.29
N TYR A 54 1.40 -1.34 -8.12
CA TYR A 54 1.39 -0.15 -7.26
C TYR A 54 2.78 0.26 -6.79
N CYS A 55 3.04 1.56 -6.79
CA CYS A 55 4.24 2.19 -6.23
C CYS A 55 3.86 3.27 -5.20
N VAL A 56 4.60 3.37 -4.10
CA VAL A 56 4.34 4.25 -2.95
C VAL A 56 5.60 5.07 -2.69
N ARG A 57 5.69 6.32 -3.16
CA ARG A 57 6.96 7.07 -3.18
C ARG A 57 7.78 7.13 -1.88
N PRO A 58 7.19 7.56 -0.75
CA PRO A 58 7.85 7.48 0.55
C PRO A 58 8.18 6.05 1.02
N ASN A 59 7.29 5.10 0.72
CA ASN A 59 7.17 3.70 1.17
C ASN A 59 6.95 3.54 2.70
N SER A 60 7.39 4.54 3.46
CA SER A 60 7.42 4.59 4.93
C SER A 60 7.80 5.99 5.42
N GLY A 61 7.68 6.24 6.72
CA GLY A 61 8.11 7.51 7.33
C GLY A 61 7.73 7.63 8.80
N ILE A 62 7.68 8.87 9.31
CA ILE A 62 7.24 9.21 10.67
C ILE A 62 6.27 10.40 10.63
N ILE A 63 5.25 10.41 11.51
CA ILE A 63 4.34 11.55 11.72
C ILE A 63 4.51 12.13 13.13
N ASP A 64 4.57 13.47 13.21
CA ASP A 64 4.65 14.23 14.45
C ASP A 64 3.27 14.47 15.09
N PRO A 65 3.18 14.77 16.40
CA PRO A 65 1.90 15.04 17.07
C PRO A 65 1.11 16.17 16.39
N GLY A 66 -0.18 15.94 16.16
CA GLY A 66 -1.11 16.88 15.52
C GLY A 66 -0.83 17.15 14.03
N SER A 67 0.17 16.50 13.46
CA SER A 67 0.69 16.80 12.12
C SER A 67 0.24 15.78 11.05
N THR A 68 0.41 16.14 9.78
CA THR A 68 -0.07 15.36 8.62
C THR A 68 1.05 15.08 7.61
N VAL A 69 1.03 13.89 6.99
CA VAL A 69 1.89 13.52 5.84
C VAL A 69 1.00 13.10 4.66
N THR A 70 1.36 13.52 3.46
CA THR A 70 0.71 13.11 2.20
C THR A 70 1.56 12.05 1.52
N VAL A 71 0.97 10.87 1.31
CA VAL A 71 1.58 9.70 0.66
C VAL A 71 1.02 9.57 -0.76
N SER A 72 1.89 9.60 -1.76
CA SER A 72 1.52 9.40 -3.17
C SER A 72 1.55 7.92 -3.55
N VAL A 73 0.44 7.45 -4.13
CA VAL A 73 0.28 6.12 -4.72
C VAL A 73 0.25 6.28 -6.24
N MET A 74 1.08 5.48 -6.92
CA MET A 74 1.23 5.45 -8.38
C MET A 74 0.78 4.07 -8.87
N LEU A 75 -0.43 3.99 -9.40
CA LEU A 75 -1.08 2.77 -9.87
C LEU A 75 -0.84 2.64 -11.38
N GLN A 76 -0.23 1.52 -11.76
CA GLN A 76 0.29 1.28 -13.11
C GLN A 76 -0.84 1.00 -14.14
N PRO A 77 -0.66 1.37 -15.43
CA PRO A 77 -1.70 1.24 -16.44
C PRO A 77 -2.18 -0.20 -16.70
N PHE A 78 -3.47 -0.35 -17.04
CA PHE A 78 -4.09 -1.63 -17.43
C PHE A 78 -5.34 -1.46 -18.31
N ASP A 79 -5.82 -2.57 -18.88
CA ASP A 79 -7.00 -2.61 -19.73
C ASP A 79 -8.31 -2.61 -18.91
N TYR A 80 -8.77 -1.41 -18.53
CA TYR A 80 -9.97 -1.19 -17.72
C TYR A 80 -11.26 -1.73 -18.39
N ASP A 81 -12.06 -2.47 -17.62
CA ASP A 81 -13.41 -2.89 -17.97
C ASP A 81 -14.40 -2.48 -16.85
N PRO A 82 -15.51 -1.78 -17.14
CA PRO A 82 -16.50 -1.41 -16.12
C PRO A 82 -17.28 -2.60 -15.56
N ASN A 83 -17.21 -3.77 -16.22
CA ASN A 83 -17.85 -5.03 -15.78
C ASN A 83 -16.91 -5.91 -14.93
N GLU A 84 -15.59 -5.70 -14.99
CA GLU A 84 -14.62 -6.46 -14.18
C GLU A 84 -14.49 -5.93 -12.73
N LYS A 85 -14.15 -6.84 -11.80
CA LYS A 85 -14.17 -6.64 -10.34
C LYS A 85 -12.80 -6.18 -9.81
N SER A 86 -12.81 -5.37 -8.75
CA SER A 86 -11.57 -4.95 -8.07
C SER A 86 -11.01 -6.07 -7.18
N LYS A 87 -9.73 -6.42 -7.38
CA LYS A 87 -9.05 -7.57 -6.73
C LYS A 87 -7.98 -7.19 -5.72
N HIS A 88 -7.32 -6.04 -5.87
CA HIS A 88 -6.17 -5.65 -5.05
C HIS A 88 -6.57 -4.96 -3.74
N LYS A 89 -5.62 -4.85 -2.80
CA LYS A 89 -5.83 -4.21 -1.49
C LYS A 89 -4.57 -3.47 -1.01
N PHE A 90 -4.77 -2.47 -0.14
CA PHE A 90 -3.77 -1.70 0.57
C PHE A 90 -3.88 -1.90 2.08
N MET A 91 -2.74 -1.78 2.76
CA MET A 91 -2.62 -1.82 4.22
C MET A 91 -1.62 -0.74 4.66
N VAL A 92 -1.97 0.03 5.69
CA VAL A 92 -1.06 1.00 6.33
C VAL A 92 -0.77 0.50 7.74
N GLN A 93 0.50 0.37 8.12
CA GLN A 93 0.95 -0.17 9.41
C GLN A 93 1.68 0.93 10.19
N THR A 94 1.44 1.04 11.50
CA THR A 94 2.04 2.08 12.37
C THR A 94 2.42 1.58 13.76
N ILE A 95 3.41 2.23 14.37
CA ILE A 95 3.80 2.01 15.77
C ILE A 95 4.38 3.28 16.41
N PHE A 96 4.08 3.52 17.69
CA PHE A 96 4.56 4.72 18.41
C PHE A 96 6.09 4.78 18.49
N ALA A 97 6.64 5.94 18.13
CA ALA A 97 8.09 6.19 18.09
C ALA A 97 8.56 7.05 19.29
N PRO A 98 9.77 6.81 19.81
CA PRO A 98 10.34 7.60 20.90
C PRO A 98 10.80 8.99 20.42
N PRO A 99 10.89 10.00 21.32
CA PRO A 99 11.38 11.34 20.97
C PRO A 99 12.91 11.40 20.78
N ASN A 100 13.65 10.40 21.28
CA ASN A 100 15.11 10.32 21.26
C ASN A 100 15.59 9.15 20.37
N THR A 101 15.40 9.27 19.06
CA THR A 101 15.94 8.36 18.04
C THR A 101 16.33 9.08 16.75
N SER A 102 17.32 8.53 16.04
CA SER A 102 17.73 8.93 14.67
C SER A 102 17.39 7.85 13.62
N ASP A 103 16.69 6.77 14.01
CA ASP A 103 16.40 5.60 13.18
C ASP A 103 14.92 5.18 13.26
N MET A 104 14.26 5.14 12.11
CA MET A 104 12.89 4.65 11.93
C MET A 104 12.79 3.13 11.86
N GLU A 105 13.89 2.42 11.60
CA GLU A 105 13.92 0.96 11.46
C GLU A 105 13.89 0.28 12.84
N ALA A 106 14.57 0.89 13.83
CA ALA A 106 14.80 0.31 15.14
C ALA A 106 13.50 0.16 15.97
N VAL A 107 12.53 1.07 15.77
CA VAL A 107 11.26 1.00 16.51
C VAL A 107 10.47 -0.28 16.15
N TRP A 108 10.57 -0.75 14.90
CA TRP A 108 9.95 -2.00 14.46
C TRP A 108 10.64 -3.24 15.03
N LYS A 109 11.96 -3.15 15.30
CA LYS A 109 12.77 -4.24 15.87
C LYS A 109 12.57 -4.38 17.38
N GLU A 110 12.26 -3.28 18.09
CA GLU A 110 11.94 -3.30 19.52
C GLU A 110 10.46 -3.55 19.83
N ALA A 111 9.58 -3.25 18.87
CA ALA A 111 8.13 -3.40 18.96
C ALA A 111 7.72 -4.86 19.11
N LYS A 112 6.65 -5.07 19.89
CA LYS A 112 6.03 -6.38 20.09
C LYS A 112 4.78 -6.55 19.21
N PRO A 113 4.38 -7.79 18.91
CA PRO A 113 3.21 -8.10 18.07
C PRO A 113 1.88 -7.55 18.62
N ASP A 114 1.85 -7.22 19.92
CA ASP A 114 0.70 -6.60 20.60
C ASP A 114 0.71 -5.05 20.55
N GLU A 115 1.85 -4.43 20.25
CA GLU A 115 2.02 -2.96 20.18
C GLU A 115 1.84 -2.39 18.77
N LEU A 116 1.88 -3.25 17.74
CA LEU A 116 1.76 -2.87 16.33
C LEU A 116 0.29 -2.56 15.99
N MET A 117 0.06 -1.62 15.07
CA MET A 117 -1.27 -1.24 14.59
C MET A 117 -1.34 -1.19 13.06
N ASP A 118 -2.52 -1.40 12.50
CA ASP A 118 -2.76 -1.25 11.05
C ASP A 118 -4.21 -0.87 10.69
N SER A 119 -4.44 -0.56 9.41
CA SER A 119 -5.77 -0.40 8.80
C SER A 119 -5.69 -0.85 7.33
N LYS A 120 -6.81 -1.32 6.75
CA LYS A 120 -6.87 -1.85 5.37
C LYS A 120 -7.90 -1.11 4.50
N LEU A 121 -7.58 -0.96 3.22
CA LEU A 121 -8.35 -0.19 2.23
C LEU A 121 -8.31 -0.88 0.86
N ARG A 122 -9.40 -0.83 0.08
CA ARG A 122 -9.45 -1.40 -1.29
C ARG A 122 -9.13 -0.32 -2.32
N CYS A 123 -8.83 -0.71 -3.56
CA CYS A 123 -8.73 0.18 -4.71
C CYS A 123 -10.06 0.24 -5.46
N VAL A 124 -10.45 1.43 -5.91
CA VAL A 124 -11.64 1.70 -6.74
C VAL A 124 -11.18 2.23 -8.09
N PHE A 125 -11.78 1.76 -9.18
CA PHE A 125 -11.39 2.12 -10.54
C PHE A 125 -12.54 2.82 -11.29
N GLU A 126 -12.31 4.05 -11.76
CA GLU A 126 -13.32 4.91 -12.38
C GLU A 126 -12.85 5.50 -13.72
N MET A 127 -13.74 5.47 -14.71
CA MET A 127 -13.57 6.17 -16.00
C MET A 127 -14.14 7.61 -15.91
N PRO A 128 -13.61 8.58 -16.67
CA PRO A 128 -13.93 10.01 -16.50
C PRO A 128 -15.37 10.44 -16.86
N ASN A 129 -16.11 9.63 -17.61
CA ASN A 129 -17.49 9.89 -18.04
C ASN A 129 -17.67 11.18 -18.89
N GLU A 130 -16.57 11.78 -19.36
CA GLU A 130 -16.52 13.01 -20.17
C GLU A 130 -15.38 12.98 -21.21
N PRO B 1 24.48 -19.41 -9.79
CA PRO B 1 23.39 -19.11 -8.81
C PRO B 1 23.71 -17.89 -7.92
N LEU B 2 22.78 -17.51 -7.03
CA LEU B 2 22.92 -16.41 -6.06
C LEU B 2 23.32 -15.06 -6.70
N GLY B 3 22.61 -14.68 -7.77
CA GLY B 3 22.82 -13.47 -8.56
C GLY B 3 21.55 -13.10 -9.31
N SER B 4 21.66 -12.68 -10.57
CA SER B 4 20.50 -12.33 -11.39
C SER B 4 19.72 -13.56 -11.87
N ASP B 5 18.39 -13.47 -11.87
CA ASP B 5 17.45 -14.52 -12.27
C ASP B 5 16.13 -13.93 -12.82
N HIS B 6 15.47 -14.65 -13.75
CA HIS B 6 14.24 -14.20 -14.41
C HIS B 6 13.27 -15.37 -14.70
N TRP B 7 11.99 -15.04 -14.86
CA TRP B 7 10.87 -15.98 -15.05
C TRP B 7 10.68 -16.42 -16.51
N GLY B 8 9.76 -17.37 -16.73
CA GLY B 8 9.41 -17.90 -18.06
C GLY B 8 9.22 -19.43 -18.16
N LYS B 9 9.58 -20.18 -17.11
CA LYS B 9 9.39 -21.64 -17.02
C LYS B 9 7.90 -22.04 -16.93
N GLY B 10 7.58 -23.24 -17.41
CA GLY B 10 6.21 -23.78 -17.39
C GLY B 10 5.73 -24.25 -16.00
N ASP B 11 6.64 -24.61 -15.10
CA ASP B 11 6.34 -24.97 -13.71
C ASP B 11 6.03 -23.74 -12.84
N MET B 12 5.04 -23.84 -11.95
CA MET B 12 4.58 -22.75 -11.08
C MET B 12 4.13 -23.26 -9.70
N SER B 13 4.26 -22.40 -8.68
CA SER B 13 3.94 -22.68 -7.28
C SER B 13 2.43 -22.77 -6.99
N ASP B 14 2.09 -23.44 -5.88
CA ASP B 14 0.71 -23.62 -5.38
C ASP B 14 0.63 -23.28 -3.88
N GLU B 15 0.83 -22.00 -3.58
CA GLU B 15 0.84 -21.43 -2.22
C GLU B 15 -0.58 -21.16 -1.67
N ASP B 16 -0.67 -20.77 -0.39
CA ASP B 16 -1.91 -20.34 0.28
C ASP B 16 -1.87 -18.84 0.68
N ASP B 17 -2.93 -18.11 0.35
CA ASP B 17 -3.09 -16.67 0.59
C ASP B 17 -4.58 -16.30 0.52
N GLU B 18 -4.88 -15.14 1.08
CA GLU B 18 -6.13 -14.42 1.01
C GLU B 18 -6.10 -13.40 -0.14
N ASN B 19 -5.01 -12.61 -0.21
CA ASN B 19 -4.64 -11.72 -1.29
C ASN B 19 -3.11 -11.56 -1.49
N GLU B 20 -2.27 -12.06 -0.57
CA GLU B 20 -0.80 -11.91 -0.52
C GLU B 20 -0.31 -10.46 -0.54
N PHE B 21 -0.22 -9.83 0.64
CA PHE B 21 0.43 -8.52 0.82
C PHE B 21 1.96 -8.60 0.69
N PHE B 22 2.53 -7.48 0.22
CA PHE B 22 3.96 -7.21 0.04
C PHE B 22 4.28 -5.82 0.61
N ASP B 23 5.51 -5.59 1.07
CA ASP B 23 5.99 -4.26 1.42
C ASP B 23 6.07 -3.40 0.15
N ALA B 24 5.30 -2.32 0.10
CA ALA B 24 5.12 -1.54 -1.13
C ALA B 24 6.43 -0.84 -1.59
N PRO B 25 6.80 -0.93 -2.89
CA PRO B 25 8.02 -0.35 -3.40
C PRO B 25 7.87 1.15 -3.69
N GLU B 26 8.96 1.92 -3.64
CA GLU B 26 8.93 3.33 -4.07
C GLU B 26 8.71 3.48 -5.58
N ILE B 27 9.27 2.56 -6.38
CA ILE B 27 8.98 2.43 -7.81
C ILE B 27 9.20 0.98 -8.30
N ILE B 28 8.58 0.61 -9.42
CA ILE B 28 8.64 -0.75 -9.98
C ILE B 28 9.93 -0.99 -10.78
N THR B 29 10.63 -2.09 -10.47
CA THR B 29 11.89 -2.51 -11.13
C THR B 29 11.95 -3.98 -11.55
N MET B 30 11.01 -4.82 -11.07
CA MET B 30 10.93 -6.26 -11.35
C MET B 30 9.52 -6.66 -11.82
N PRO B 31 9.18 -6.42 -13.11
CA PRO B 31 7.89 -6.80 -13.68
C PRO B 31 7.78 -8.32 -13.91
N GLU B 32 6.53 -8.78 -13.96
CA GLU B 32 6.14 -10.18 -14.20
C GLU B 32 4.84 -10.22 -15.03
N ASN B 33 4.74 -11.16 -15.99
CA ASN B 33 3.60 -11.31 -16.91
C ASN B 33 3.09 -12.76 -17.00
N LEU B 34 3.28 -13.54 -15.92
CA LEU B 34 2.76 -14.90 -15.77
C LEU B 34 1.34 -14.90 -15.20
N GLY B 35 1.12 -14.19 -14.08
CA GLY B 35 -0.20 -13.97 -13.46
C GLY B 35 -1.02 -15.23 -13.14
N HIS B 36 -0.35 -16.37 -12.87
CA HIS B 36 -0.97 -17.69 -12.77
C HIS B 36 -0.97 -18.27 -11.34
N LYS B 37 -1.79 -19.32 -11.13
CA LYS B 37 -1.84 -20.16 -9.92
C LYS B 37 -2.02 -21.63 -10.33
N ARG B 38 -1.04 -22.48 -9.98
CA ARG B 38 -0.94 -23.87 -10.47
C ARG B 38 -1.96 -24.80 -9.82
N THR B 39 -2.50 -25.75 -10.59
CA THR B 39 -3.62 -26.64 -10.19
C THR B 39 -3.19 -28.07 -9.82
N GLY B 40 -2.17 -28.63 -10.48
CA GLY B 40 -1.73 -30.02 -10.30
C GLY B 40 -0.62 -30.45 -11.27
N SER B 41 -0.24 -31.73 -11.23
CA SER B 41 0.82 -32.33 -12.06
C SER B 41 0.54 -33.79 -12.41
N HIS B 42 0.96 -34.22 -13.61
CA HIS B 42 0.87 -35.59 -14.12
C HIS B 42 2.23 -36.33 -14.15
N HIS B 43 3.32 -35.66 -13.76
CA HIS B 43 4.69 -36.19 -13.82
C HIS B 43 4.99 -37.25 -12.74
N HIS B 44 6.00 -38.08 -13.01
CA HIS B 44 6.48 -39.20 -12.16
C HIS B 44 7.98 -39.08 -11.84
N GLY A 3 -5.95 5.02 23.44
CA GLY A 3 -5.78 5.46 22.03
C GLY A 3 -7.12 5.64 21.33
N SER A 4 -7.19 5.28 20.04
CA SER A 4 -8.42 5.34 19.23
C SER A 4 -9.50 4.36 19.71
N ASP A 5 -10.77 4.70 19.54
CA ASP A 5 -11.91 3.82 19.87
C ASP A 5 -12.01 2.60 18.93
N HIS A 6 -11.58 2.78 17.67
CA HIS A 6 -11.42 1.73 16.64
C HIS A 6 -10.27 2.10 15.68
N GLU A 7 -9.67 1.11 15.03
CA GLU A 7 -8.47 1.26 14.17
C GLU A 7 -7.23 1.83 14.90
N GLN A 8 -6.20 2.16 14.11
CA GLN A 8 -4.92 2.73 14.56
C GLN A 8 -5.02 4.18 15.04
N ILE A 9 -3.92 4.69 15.62
CA ILE A 9 -3.83 6.08 16.10
C ILE A 9 -3.97 7.09 14.95
N LEU A 10 -3.43 6.78 13.77
CA LEU A 10 -3.46 7.70 12.62
C LEU A 10 -4.83 7.71 11.92
N VAL A 11 -5.28 8.92 11.58
CA VAL A 11 -6.43 9.18 10.71
C VAL A 11 -5.95 8.98 9.26
N LEU A 12 -6.77 8.38 8.39
CA LEU A 12 -6.45 8.23 6.96
C LEU A 12 -7.47 8.97 6.09
N ASP A 13 -7.08 9.39 4.89
CA ASP A 13 -7.88 10.21 3.98
C ASP A 13 -7.53 9.89 2.51
N PRO A 14 -8.40 9.20 1.75
CA PRO A 14 -9.66 8.58 2.18
C PRO A 14 -9.48 7.46 3.23
N PRO A 15 -10.38 7.34 4.24
CA PRO A 15 -10.28 6.36 5.33
C PRO A 15 -10.72 4.94 4.95
N THR A 16 -11.70 4.83 4.04
CA THR A 16 -12.36 3.56 3.69
C THR A 16 -11.63 2.76 2.62
N ASP A 17 -11.43 3.35 1.44
CA ASP A 17 -10.84 2.72 0.25
C ASP A 17 -9.97 3.72 -0.54
N LEU A 18 -9.00 3.22 -1.31
CA LEU A 18 -8.20 4.02 -2.24
C LEU A 18 -8.93 4.08 -3.59
N LYS A 19 -9.22 5.30 -4.06
CA LYS A 19 -10.01 5.55 -5.27
C LYS A 19 -9.12 6.02 -6.41
N PHE A 20 -8.98 5.17 -7.41
CA PHE A 20 -8.18 5.39 -8.61
C PHE A 20 -9.10 5.84 -9.76
N LYS A 21 -9.01 7.12 -10.14
CA LYS A 21 -9.74 7.70 -11.28
C LYS A 21 -8.79 8.07 -12.40
N GLY A 22 -9.07 7.64 -13.63
CA GLY A 22 -8.24 7.92 -14.80
C GLY A 22 -8.57 6.97 -15.95
N PRO A 23 -7.89 7.11 -17.09
CA PRO A 23 -8.12 6.19 -18.22
C PRO A 23 -7.53 4.79 -18.14
N PHE A 24 -6.53 4.75 -17.29
CA PHE A 24 -5.53 3.72 -17.02
C PHE A 24 -4.60 3.43 -18.20
N THR A 25 -4.49 4.42 -19.12
CA THR A 25 -3.52 4.46 -20.23
C THR A 25 -2.12 4.90 -19.79
N ASP A 26 -2.03 5.50 -18.59
CA ASP A 26 -0.79 5.91 -17.89
C ASP A 26 -0.90 5.61 -16.38
N VAL A 27 0.16 5.91 -15.62
CA VAL A 27 0.16 5.82 -14.16
C VAL A 27 -0.90 6.76 -13.56
N VAL A 28 -1.64 6.24 -12.57
CA VAL A 28 -2.56 7.01 -11.72
C VAL A 28 -1.85 7.36 -10.42
N THR A 29 -1.75 8.66 -10.12
CA THR A 29 -1.28 9.15 -8.82
C THR A 29 -2.49 9.36 -7.90
N THR A 30 -2.51 8.63 -6.79
CA THR A 30 -3.54 8.73 -5.74
C THR A 30 -2.85 9.11 -4.45
N ASN A 31 -3.13 10.30 -3.92
CA ASN A 31 -2.58 10.72 -2.63
C ASN A 31 -3.47 10.22 -1.47
N LEU A 32 -2.82 9.72 -0.43
CA LEU A 32 -3.41 9.34 0.85
C LEU A 32 -2.86 10.29 1.93
N LYS A 33 -3.73 11.03 2.61
CA LYS A 33 -3.34 11.94 3.72
C LYS A 33 -3.47 11.23 5.05
N LEU A 34 -2.36 11.11 5.79
CA LEU A 34 -2.34 10.50 7.13
C LEU A 34 -2.10 11.57 8.18
N ARG A 35 -2.99 11.71 9.16
CA ARG A 35 -2.94 12.76 10.20
C ARG A 35 -2.88 12.16 11.60
N ASN A 36 -2.13 12.78 12.51
CA ASN A 36 -1.92 12.29 13.86
C ASN A 36 -2.74 13.11 14.88
N PRO A 37 -3.74 12.51 15.55
CA PRO A 37 -4.54 13.19 16.57
C PRO A 37 -3.80 13.36 17.90
N SER A 38 -2.81 12.49 18.16
CA SER A 38 -2.11 12.34 19.45
C SER A 38 -1.13 13.47 19.78
N ASP A 39 -0.61 13.42 21.01
CA ASP A 39 0.45 14.27 21.58
C ASP A 39 1.83 13.57 21.56
N ARG A 40 1.99 12.56 20.69
CA ARG A 40 3.14 11.64 20.59
C ARG A 40 3.54 11.43 19.12
N LYS A 41 4.80 11.08 18.88
CA LYS A 41 5.32 10.74 17.53
C LYS A 41 4.96 9.29 17.18
N VAL A 42 4.72 9.00 15.91
CA VAL A 42 4.32 7.66 15.45
C VAL A 42 4.95 7.34 14.09
N CYS A 43 5.55 6.16 13.96
CA CYS A 43 6.12 5.67 12.71
C CYS A 43 5.04 4.95 11.90
N PHE A 44 5.00 5.19 10.59
CA PHE A 44 4.08 4.53 9.65
C PHE A 44 4.76 3.68 8.57
N LYS A 45 4.04 2.67 8.08
CA LYS A 45 4.43 1.75 6.99
C LYS A 45 3.26 1.43 6.04
N VAL A 46 3.52 1.15 4.76
CA VAL A 46 2.51 0.76 3.75
C VAL A 46 2.81 -0.61 3.13
N LYS A 47 1.77 -1.41 2.87
CA LYS A 47 1.77 -2.68 2.11
C LYS A 47 0.67 -2.67 1.03
N THR A 48 0.84 -3.46 -0.03
CA THR A 48 -0.08 -3.54 -1.20
C THR A 48 -0.14 -4.95 -1.79
N THR A 49 -1.20 -5.32 -2.51
CA THR A 49 -1.40 -6.70 -3.02
C THR A 49 -0.64 -7.04 -4.31
N ALA A 50 -0.05 -6.06 -4.99
CA ALA A 50 0.68 -6.28 -6.24
C ALA A 50 1.81 -5.26 -6.46
N PRO A 51 3.09 -5.58 -6.20
CA PRO A 51 4.20 -4.62 -6.26
C PRO A 51 4.55 -4.20 -7.70
N ARG A 52 4.14 -5.01 -8.69
CA ARG A 52 4.21 -4.72 -10.14
C ARG A 52 3.03 -3.91 -10.70
N ARG A 53 1.99 -3.66 -9.89
CA ARG A 53 0.88 -2.72 -10.19
C ARG A 53 0.86 -1.50 -9.29
N TYR A 54 1.45 -1.54 -8.10
CA TYR A 54 1.39 -0.45 -7.12
C TYR A 54 2.75 -0.10 -6.52
N CYS A 55 3.06 1.20 -6.52
CA CYS A 55 4.26 1.76 -5.90
C CYS A 55 3.91 2.87 -4.89
N VAL A 56 4.71 2.99 -3.82
CA VAL A 56 4.49 3.90 -2.68
C VAL A 56 5.79 4.66 -2.41
N ARG A 57 5.92 5.91 -2.87
CA ARG A 57 7.21 6.64 -2.86
C ARG A 57 7.98 6.66 -1.54
N PRO A 58 7.37 7.11 -0.43
CA PRO A 58 8.01 7.02 0.89
C PRO A 58 8.25 5.58 1.38
N ASN A 59 7.31 4.68 1.10
CA ASN A 59 7.11 3.29 1.59
C ASN A 59 6.87 3.20 3.12
N SER A 60 7.36 4.19 3.86
CA SER A 60 7.33 4.30 5.32
C SER A 60 7.75 5.71 5.75
N GLY A 61 7.52 6.06 7.02
CA GLY A 61 7.91 7.37 7.56
C GLY A 61 7.53 7.57 9.03
N ILE A 62 7.52 8.81 9.51
CA ILE A 62 7.08 9.20 10.86
C ILE A 62 6.17 10.44 10.79
N ILE A 63 5.16 10.53 11.66
CA ILE A 63 4.30 11.71 11.84
C ILE A 63 4.44 12.28 13.27
N ASP A 64 4.55 13.60 13.36
CA ASP A 64 4.61 14.37 14.61
C ASP A 64 3.21 14.67 15.20
N PRO A 65 3.10 15.15 16.46
CA PRO A 65 1.82 15.50 17.06
C PRO A 65 1.05 16.55 16.24
N GLY A 66 -0.25 16.33 15.99
CA GLY A 66 -1.12 17.29 15.30
C GLY A 66 -0.72 17.58 13.85
N SER A 67 0.10 16.70 13.26
CA SER A 67 0.70 16.87 11.94
C SER A 67 0.15 15.87 10.92
N THR A 68 0.39 16.12 9.63
CA THR A 68 -0.10 15.29 8.51
C THR A 68 1.03 15.00 7.51
N VAL A 69 1.07 13.79 6.95
CA VAL A 69 1.95 13.40 5.82
C VAL A 69 1.08 12.94 4.66
N THR A 70 1.44 13.34 3.43
CA THR A 70 0.78 12.92 2.20
C THR A 70 1.64 11.86 1.51
N VAL A 71 1.06 10.67 1.33
CA VAL A 71 1.69 9.49 0.71
C VAL A 71 1.17 9.34 -0.71
N SER A 72 2.05 9.36 -1.70
CA SER A 72 1.71 9.17 -3.12
C SER A 72 1.71 7.68 -3.48
N VAL A 73 0.55 7.17 -3.91
CA VAL A 73 0.41 5.84 -4.50
C VAL A 73 0.45 6.00 -6.02
N MET A 74 1.34 5.26 -6.68
CA MET A 74 1.50 5.19 -8.13
C MET A 74 0.94 3.84 -8.60
N LEU A 75 -0.26 3.86 -9.16
CA LEU A 75 -0.93 2.68 -9.73
C LEU A 75 -0.67 2.63 -11.23
N GLN A 76 -0.11 1.51 -11.69
CA GLN A 76 0.40 1.31 -13.05
C GLN A 76 -0.72 1.14 -14.09
N PRO A 77 -0.52 1.55 -15.35
CA PRO A 77 -1.55 1.47 -16.39
C PRO A 77 -2.01 0.05 -16.71
N PHE A 78 -3.29 -0.11 -17.07
CA PHE A 78 -3.87 -1.39 -17.50
C PHE A 78 -5.13 -1.24 -18.37
N ASP A 79 -5.56 -2.36 -18.97
CA ASP A 79 -6.75 -2.44 -19.84
C ASP A 79 -8.06 -2.45 -19.02
N TYR A 80 -8.42 -1.30 -18.46
CA TYR A 80 -9.63 -1.09 -17.66
C TYR A 80 -10.92 -1.35 -18.48
N ASP A 81 -11.88 -2.03 -17.84
CA ASP A 81 -13.26 -2.21 -18.33
C ASP A 81 -14.26 -1.77 -17.23
N PRO A 82 -15.31 -0.98 -17.53
CA PRO A 82 -16.30 -0.58 -16.54
C PRO A 82 -17.16 -1.75 -16.02
N ASN A 83 -17.12 -2.90 -16.70
CA ASN A 83 -17.77 -4.14 -16.26
C ASN A 83 -16.86 -5.04 -15.40
N GLU A 84 -15.54 -4.85 -15.42
CA GLU A 84 -14.60 -5.62 -14.58
C GLU A 84 -14.66 -5.19 -13.09
N LYS A 85 -14.38 -6.12 -12.17
CA LYS A 85 -14.40 -5.93 -10.71
C LYS A 85 -13.00 -5.98 -10.08
N SER A 86 -12.85 -5.34 -8.92
CA SER A 86 -11.58 -5.24 -8.17
C SER A 86 -11.45 -6.32 -7.07
N LYS A 87 -10.21 -6.73 -6.79
CA LYS A 87 -9.82 -7.57 -5.64
C LYS A 87 -8.52 -7.12 -4.95
N HIS A 88 -7.93 -6.02 -5.41
CA HIS A 88 -6.67 -5.44 -4.93
C HIS A 88 -6.88 -4.63 -3.64
N LYS A 89 -5.88 -4.63 -2.74
CA LYS A 89 -5.94 -3.96 -1.43
C LYS A 89 -4.63 -3.29 -1.03
N PHE A 90 -4.75 -2.37 -0.07
CA PHE A 90 -3.67 -1.70 0.67
C PHE A 90 -3.82 -1.96 2.16
N MET A 91 -2.71 -1.89 2.89
CA MET A 91 -2.68 -1.89 4.35
C MET A 91 -1.69 -0.83 4.84
N VAL A 92 -2.06 -0.08 5.88
CA VAL A 92 -1.21 0.91 6.54
C VAL A 92 -1.01 0.50 7.98
N GLN A 93 0.24 0.29 8.39
CA GLN A 93 0.67 -0.17 9.72
C GLN A 93 1.38 0.95 10.48
N THR A 94 1.16 1.10 11.77
CA THR A 94 1.79 2.14 12.62
C THR A 94 2.20 1.64 14.00
N ILE A 95 3.20 2.30 14.59
CA ILE A 95 3.64 2.08 15.98
C ILE A 95 4.22 3.38 16.58
N PHE A 96 4.00 3.62 17.87
CA PHE A 96 4.49 4.84 18.53
C PHE A 96 6.02 4.91 18.53
N ALA A 97 6.55 6.07 18.12
CA ALA A 97 7.98 6.33 18.00
C ALA A 97 8.59 6.84 19.32
N PRO A 98 9.92 6.68 19.52
CA PRO A 98 10.62 7.32 20.63
C PRO A 98 10.59 8.86 20.49
N PRO A 99 10.84 9.63 21.58
CA PRO A 99 10.75 11.09 21.56
C PRO A 99 11.76 11.76 20.60
N ASN A 100 12.89 11.10 20.34
CA ASN A 100 13.88 11.48 19.32
C ASN A 100 14.53 10.21 18.73
N THR A 101 14.69 10.14 17.40
CA THR A 101 15.46 9.08 16.71
C THR A 101 15.99 9.56 15.35
N SER A 102 17.18 9.07 14.97
CA SER A 102 17.77 9.22 13.62
C SER A 102 17.54 7.99 12.74
N ASP A 103 16.89 6.93 13.26
CA ASP A 103 16.66 5.64 12.60
C ASP A 103 15.21 5.18 12.78
N MET A 104 14.43 5.19 11.68
CA MET A 104 13.04 4.71 11.67
C MET A 104 12.92 3.20 11.55
N GLU A 105 14.00 2.48 11.25
CA GLU A 105 14.01 1.01 11.16
C GLU A 105 13.98 0.39 12.57
N ALA A 106 14.63 1.05 13.53
CA ALA A 106 14.86 0.51 14.87
C ALA A 106 13.56 0.37 15.68
N VAL A 107 12.57 1.25 15.45
CA VAL A 107 11.29 1.18 16.17
C VAL A 107 10.56 -0.14 15.87
N TRP A 108 10.70 -0.65 14.64
CA TRP A 108 10.06 -1.90 14.22
C TRP A 108 10.79 -3.14 14.76
N LYS A 109 12.09 -3.01 15.06
CA LYS A 109 12.91 -4.07 15.68
C LYS A 109 12.69 -4.17 17.19
N GLU A 110 12.37 -3.04 17.85
CA GLU A 110 12.02 -3.02 19.28
C GLU A 110 10.54 -3.29 19.57
N ALA A 111 9.67 -3.02 18.59
CA ALA A 111 8.23 -3.25 18.63
C ALA A 111 7.90 -4.75 18.72
N LYS A 112 6.83 -5.04 19.45
CA LYS A 112 6.26 -6.39 19.58
C LYS A 112 4.96 -6.51 18.79
N PRO A 113 4.57 -7.74 18.38
CA PRO A 113 3.37 -7.99 17.58
C PRO A 113 2.05 -7.56 18.25
N ASP A 114 2.08 -7.31 19.56
CA ASP A 114 0.96 -6.80 20.36
C ASP A 114 0.88 -5.25 20.42
N GLU A 115 1.96 -4.55 20.05
CA GLU A 115 2.06 -3.07 20.04
C GLU A 115 1.75 -2.45 18.67
N LEU A 116 1.75 -3.25 17.60
CA LEU A 116 1.57 -2.82 16.21
C LEU A 116 0.07 -2.57 15.93
N MET A 117 -0.24 -1.46 15.27
CA MET A 117 -1.60 -1.11 14.82
C MET A 117 -1.68 -1.14 13.29
N ASP A 118 -2.85 -1.43 12.71
CA ASP A 118 -3.06 -1.35 11.26
C ASP A 118 -4.50 -1.00 10.83
N SER A 119 -4.65 -0.68 9.54
CA SER A 119 -5.90 -0.51 8.79
C SER A 119 -5.75 -1.09 7.40
N LYS A 120 -6.81 -1.69 6.82
CA LYS A 120 -6.83 -2.20 5.44
C LYS A 120 -7.92 -1.53 4.58
N LEU A 121 -7.63 -1.36 3.29
CA LEU A 121 -8.42 -0.59 2.33
C LEU A 121 -8.41 -1.28 0.96
N ARG A 122 -9.48 -1.18 0.17
CA ARG A 122 -9.54 -1.76 -1.19
C ARG A 122 -9.13 -0.72 -2.24
N CYS A 123 -8.76 -1.17 -3.44
CA CYS A 123 -8.55 -0.31 -4.61
C CYS A 123 -9.83 -0.25 -5.44
N VAL A 124 -10.29 0.95 -5.77
CA VAL A 124 -11.46 1.21 -6.61
C VAL A 124 -11.02 1.82 -7.93
N PHE A 125 -11.60 1.38 -9.05
CA PHE A 125 -11.25 1.86 -10.39
C PHE A 125 -12.41 2.61 -11.05
N GLU A 126 -12.15 3.83 -11.54
CA GLU A 126 -13.15 4.71 -12.16
C GLU A 126 -12.63 5.40 -13.43
N MET A 127 -13.48 5.51 -14.45
CA MET A 127 -13.23 6.29 -15.67
C MET A 127 -13.70 7.75 -15.51
N PRO A 128 -13.03 8.73 -16.17
CA PRO A 128 -13.36 10.15 -16.03
C PRO A 128 -14.71 10.52 -16.67
N ASN A 129 -15.31 11.59 -16.15
CA ASN A 129 -16.63 12.12 -16.56
C ASN A 129 -16.57 13.64 -16.88
N GLU A 130 -15.40 14.14 -17.27
CA GLU A 130 -15.10 15.56 -17.55
C GLU A 130 -14.11 15.73 -18.72
N PRO B 1 -27.79 -17.12 -26.68
CA PRO B 1 -27.09 -16.61 -27.88
C PRO B 1 -25.55 -16.76 -27.82
N LEU B 2 -24.88 -16.07 -26.89
CA LEU B 2 -23.42 -16.04 -26.73
C LEU B 2 -22.98 -16.04 -25.25
N GLY B 3 -21.67 -16.08 -25.01
CA GLY B 3 -21.04 -16.01 -23.68
C GLY B 3 -20.66 -17.36 -23.05
N SER B 4 -20.99 -18.48 -23.71
CA SER B 4 -20.55 -19.85 -23.36
C SER B 4 -20.80 -20.25 -21.91
N ASP B 5 -21.99 -19.90 -21.37
CA ASP B 5 -22.37 -20.00 -19.95
C ASP B 5 -22.70 -21.44 -19.49
N HIS B 6 -21.73 -22.33 -19.67
CA HIS B 6 -21.72 -23.75 -19.27
C HIS B 6 -20.30 -24.26 -19.02
N TRP B 7 -19.32 -23.78 -19.80
CA TRP B 7 -17.90 -24.11 -19.69
C TRP B 7 -17.18 -23.33 -18.57
N GLY B 8 -15.95 -23.75 -18.22
CA GLY B 8 -15.07 -23.04 -17.28
C GLY B 8 -15.41 -23.22 -15.80
N LYS B 9 -16.10 -24.31 -15.44
CA LYS B 9 -16.45 -24.65 -14.03
C LYS B 9 -15.21 -24.92 -13.16
N GLY B 10 -15.32 -24.63 -11.87
CA GLY B 10 -14.27 -24.85 -10.87
C GLY B 10 -13.98 -26.32 -10.54
N ASP B 11 -12.85 -26.58 -9.88
CA ASP B 11 -12.35 -27.93 -9.56
C ASP B 11 -11.85 -28.02 -8.09
N MET B 12 -12.63 -27.44 -7.17
CA MET B 12 -12.37 -27.44 -5.70
C MET B 12 -10.99 -26.86 -5.33
N SER B 13 -10.60 -25.76 -5.96
CA SER B 13 -9.32 -25.06 -5.75
C SER B 13 -9.14 -24.52 -4.32
N ASP B 14 -7.89 -24.38 -3.88
CA ASP B 14 -7.50 -23.88 -2.56
C ASP B 14 -6.17 -23.09 -2.63
N GLU B 15 -6.13 -21.93 -1.99
CA GLU B 15 -4.95 -21.04 -1.89
C GLU B 15 -4.68 -20.59 -0.45
N ASP B 16 -3.42 -20.20 -0.17
CA ASP B 16 -2.92 -19.94 1.19
C ASP B 16 -2.93 -18.45 1.62
N ASP B 17 -3.47 -17.58 0.77
CA ASP B 17 -3.68 -16.15 1.01
C ASP B 17 -4.84 -15.64 0.13
N GLU B 18 -5.73 -14.81 0.70
CA GLU B 18 -6.84 -14.19 -0.03
C GLU B 18 -6.38 -13.24 -1.17
N ASN B 19 -5.25 -12.55 -1.02
CA ASN B 19 -4.77 -11.54 -1.96
C ASN B 19 -3.23 -11.38 -2.06
N GLU B 20 -2.48 -11.94 -1.11
CA GLU B 20 -1.02 -11.88 -0.97
C GLU B 20 -0.44 -10.45 -0.95
N PHE B 21 -0.34 -9.85 0.24
CA PHE B 21 0.31 -8.55 0.44
C PHE B 21 1.84 -8.62 0.30
N PHE B 22 2.41 -7.55 -0.25
CA PHE B 22 3.83 -7.25 -0.44
C PHE B 22 4.16 -5.87 0.15
N ASP B 23 5.44 -5.60 0.41
CA ASP B 23 5.93 -4.43 1.16
C ASP B 23 6.01 -3.10 0.37
N ALA B 24 5.17 -2.97 -0.67
CA ALA B 24 4.91 -1.75 -1.45
C ALA B 24 6.16 -0.89 -1.79
N PRO B 25 6.97 -1.31 -2.79
CA PRO B 25 8.21 -0.62 -3.15
C PRO B 25 7.98 0.80 -3.67
N GLU B 26 9.01 1.65 -3.60
CA GLU B 26 8.93 3.05 -4.05
C GLU B 26 8.73 3.20 -5.56
N ILE B 27 9.29 2.28 -6.35
CA ILE B 27 9.01 2.16 -7.78
C ILE B 27 9.27 0.75 -8.30
N ILE B 28 8.80 0.47 -9.52
CA ILE B 28 8.98 -0.76 -10.28
C ILE B 28 9.44 -0.41 -11.71
N THR B 29 10.39 -1.17 -12.27
CA THR B 29 11.08 -0.80 -13.53
C THR B 29 10.44 -1.36 -14.81
N MET B 30 9.75 -2.50 -14.76
CA MET B 30 9.07 -3.13 -15.91
C MET B 30 7.62 -3.58 -15.61
N PRO B 31 6.68 -2.65 -15.34
CA PRO B 31 5.29 -2.94 -14.96
C PRO B 31 4.40 -3.33 -16.16
N GLU B 32 4.71 -4.46 -16.81
CA GLU B 32 4.02 -5.09 -17.95
C GLU B 32 4.01 -4.28 -19.27
N ASN B 33 4.06 -2.95 -19.21
CA ASN B 33 4.21 -2.02 -20.33
C ASN B 33 4.95 -0.74 -19.88
N LEU B 34 5.79 -0.18 -20.76
CA LEU B 34 6.53 1.07 -20.54
C LEU B 34 6.84 1.82 -21.85
N GLY B 35 7.04 3.14 -21.76
CA GLY B 35 7.36 4.02 -22.89
C GLY B 35 7.37 5.51 -22.54
N HIS B 36 7.78 6.35 -23.50
CA HIS B 36 7.80 7.82 -23.36
C HIS B 36 6.44 8.47 -23.68
N LYS B 37 6.28 9.74 -23.28
CA LYS B 37 5.15 10.61 -23.65
C LYS B 37 5.55 11.76 -24.58
N ARG B 38 6.73 12.37 -24.35
CA ARG B 38 7.33 13.52 -25.05
C ARG B 38 6.53 14.84 -24.93
N THR B 39 5.26 14.85 -25.36
CA THR B 39 4.33 16.00 -25.28
C THR B 39 2.91 15.56 -24.90
N GLY B 40 2.18 16.41 -24.17
CA GLY B 40 0.80 16.16 -23.72
C GLY B 40 0.37 17.04 -22.53
N SER B 41 -0.75 16.65 -21.90
CA SER B 41 -1.43 17.34 -20.78
C SER B 41 -1.99 18.74 -21.09
N HIS B 42 -2.93 19.19 -20.25
CA HIS B 42 -3.62 20.49 -20.34
C HIS B 42 -3.77 21.15 -18.96
N HIS B 43 -3.94 22.49 -18.95
CA HIS B 43 -4.09 23.31 -17.74
C HIS B 43 -5.56 23.69 -17.42
N HIS B 44 -6.52 23.04 -18.08
CA HIS B 44 -7.98 23.25 -17.97
C HIS B 44 -8.77 21.93 -17.87
N GLY A 3 -8.38 -1.78 23.82
CA GLY A 3 -9.13 -2.91 24.40
C GLY A 3 -9.42 -3.99 23.37
N SER A 4 -8.48 -4.94 23.19
CA SER A 4 -8.59 -6.08 22.25
C SER A 4 -8.89 -5.67 20.79
N ASP A 5 -8.22 -4.62 20.31
CA ASP A 5 -8.40 -4.03 18.98
C ASP A 5 -7.06 -3.62 18.32
N HIS A 6 -7.02 -3.60 16.99
CA HIS A 6 -5.78 -3.44 16.19
C HIS A 6 -5.79 -2.26 15.21
N GLU A 7 -6.89 -1.49 15.16
CA GLU A 7 -6.97 -0.26 14.36
C GLU A 7 -6.01 0.82 14.86
N GLN A 8 -5.54 1.65 13.93
CA GLN A 8 -4.49 2.65 14.13
C GLN A 8 -4.90 3.93 14.87
N ILE A 9 -3.88 4.68 15.30
CA ILE A 9 -3.98 6.04 15.84
C ILE A 9 -4.27 7.10 14.77
N LEU A 10 -3.64 7.00 13.60
CA LEU A 10 -3.71 8.00 12.52
C LEU A 10 -5.10 8.07 11.87
N VAL A 11 -5.49 9.26 11.41
CA VAL A 11 -6.68 9.46 10.58
C VAL A 11 -6.25 9.59 9.12
N LEU A 12 -6.89 8.80 8.25
CA LEU A 12 -6.52 8.69 6.83
C LEU A 12 -7.52 9.45 5.94
N ASP A 13 -7.10 9.88 4.74
CA ASP A 13 -7.89 10.72 3.84
C ASP A 13 -7.55 10.40 2.37
N PRO A 14 -8.41 9.70 1.61
CA PRO A 14 -9.67 9.08 2.03
C PRO A 14 -9.50 7.95 3.10
N PRO A 15 -10.41 7.84 4.08
CA PRO A 15 -10.31 6.87 5.19
C PRO A 15 -10.74 5.43 4.82
N THR A 16 -11.70 5.31 3.90
CA THR A 16 -12.35 4.04 3.56
C THR A 16 -11.61 3.23 2.48
N ASP A 17 -11.41 3.83 1.31
CA ASP A 17 -10.82 3.19 0.12
C ASP A 17 -9.97 4.20 -0.69
N LEU A 18 -9.00 3.71 -1.47
CA LEU A 18 -8.23 4.53 -2.41
C LEU A 18 -8.99 4.56 -3.75
N LYS A 19 -9.26 5.78 -4.24
CA LYS A 19 -9.95 5.98 -5.52
C LYS A 19 -8.96 6.35 -6.62
N PHE A 20 -9.08 5.64 -7.74
CA PHE A 20 -8.27 5.82 -8.93
C PHE A 20 -9.20 6.20 -10.09
N LYS A 21 -9.13 7.47 -10.53
CA LYS A 21 -9.89 8.03 -11.65
C LYS A 21 -8.96 8.31 -12.82
N GLY A 22 -9.32 7.86 -14.01
CA GLY A 22 -8.51 8.04 -15.21
C GLY A 22 -8.74 6.93 -16.22
N PRO A 23 -8.09 7.00 -17.39
CA PRO A 23 -8.38 6.04 -18.46
C PRO A 23 -7.83 4.62 -18.34
N PHE A 24 -6.80 4.58 -17.52
CA PHE A 24 -5.84 3.52 -17.24
C PHE A 24 -4.96 3.17 -18.45
N THR A 25 -4.83 4.11 -19.39
CA THR A 25 -3.89 4.09 -20.52
C THR A 25 -2.49 4.60 -20.14
N ASP A 26 -2.39 5.29 -19.00
CA ASP A 26 -1.13 5.73 -18.36
C ASP A 26 -1.24 5.65 -16.81
N VAL A 27 -0.17 6.00 -16.09
CA VAL A 27 -0.12 6.01 -14.62
C VAL A 27 -1.12 6.99 -14.01
N VAL A 28 -1.83 6.56 -12.96
CA VAL A 28 -2.68 7.39 -12.11
C VAL A 28 -1.92 7.78 -10.84
N THR A 29 -1.92 9.05 -10.47
CA THR A 29 -1.38 9.53 -9.18
C THR A 29 -2.54 9.81 -8.21
N THR A 30 -2.46 9.22 -7.02
CA THR A 30 -3.47 9.32 -5.94
C THR A 30 -2.76 9.65 -4.64
N ASN A 31 -3.07 10.79 -4.04
CA ASN A 31 -2.51 11.23 -2.75
C ASN A 31 -3.43 10.82 -1.58
N LEU A 32 -2.82 10.25 -0.54
CA LEU A 32 -3.44 9.86 0.73
C LEU A 32 -2.87 10.76 1.83
N LYS A 33 -3.71 11.52 2.53
CA LYS A 33 -3.30 12.36 3.68
C LYS A 33 -3.45 11.59 4.99
N LEU A 34 -2.38 11.48 5.78
CA LEU A 34 -2.39 10.87 7.10
C LEU A 34 -2.09 11.93 8.16
N ARG A 35 -3.05 12.22 9.06
CA ARG A 35 -2.85 13.13 10.20
C ARG A 35 -2.77 12.36 11.51
N ASN A 36 -1.98 12.86 12.46
CA ASN A 36 -1.82 12.26 13.79
C ASN A 36 -2.61 13.09 14.83
N PRO A 37 -3.67 12.52 15.44
CA PRO A 37 -4.47 13.21 16.45
C PRO A 37 -3.77 13.31 17.82
N SER A 38 -2.82 12.41 18.07
CA SER A 38 -2.14 12.19 19.36
C SER A 38 -1.15 13.31 19.75
N ASP A 39 -0.61 13.18 20.97
CA ASP A 39 0.49 13.97 21.54
C ASP A 39 1.80 13.16 21.60
N ARG A 40 1.95 12.19 20.67
CA ARG A 40 3.09 11.25 20.56
C ARG A 40 3.53 11.15 19.10
N LYS A 41 4.78 10.77 18.86
CA LYS A 41 5.32 10.48 17.52
C LYS A 41 4.93 9.06 17.13
N VAL A 42 4.66 8.80 15.85
CA VAL A 42 4.27 7.46 15.36
C VAL A 42 4.93 7.17 14.01
N CYS A 43 5.55 6.00 13.90
CA CYS A 43 6.17 5.53 12.66
C CYS A 43 5.12 4.80 11.81
N PHE A 44 5.12 5.06 10.50
CA PHE A 44 4.21 4.42 9.54
C PHE A 44 4.91 3.65 8.42
N LYS A 45 4.24 2.61 7.89
CA LYS A 45 4.66 1.82 6.73
C LYS A 45 3.48 1.52 5.80
N VAL A 46 3.72 1.49 4.48
CA VAL A 46 2.71 1.18 3.44
C VAL A 46 3.03 -0.15 2.75
N LYS A 47 2.02 -1.00 2.57
CA LYS A 47 2.08 -2.28 1.85
C LYS A 47 0.98 -2.35 0.79
N THR A 48 1.25 -3.05 -0.31
CA THR A 48 0.36 -3.19 -1.48
C THR A 48 0.18 -4.66 -1.87
N THR A 49 -0.91 -5.00 -2.54
CA THR A 49 -1.14 -6.33 -3.12
C THR A 49 -0.36 -6.60 -4.42
N ALA A 50 0.26 -5.57 -5.03
CA ALA A 50 0.96 -5.72 -6.31
C ALA A 50 2.07 -4.68 -6.54
N PRO A 51 3.36 -4.97 -6.21
CA PRO A 51 4.49 -4.06 -6.49
C PRO A 51 4.65 -3.74 -7.98
N ARG A 52 4.27 -4.71 -8.84
CA ARG A 52 4.22 -4.59 -10.32
C ARG A 52 3.00 -3.84 -10.88
N ARG A 53 2.13 -3.29 -10.02
CA ARG A 53 1.03 -2.37 -10.40
C ARG A 53 0.92 -1.11 -9.54
N TYR A 54 1.56 -1.04 -8.38
CA TYR A 54 1.55 0.12 -7.49
C TYR A 54 2.94 0.50 -6.98
N CYS A 55 3.23 1.81 -7.04
CA CYS A 55 4.43 2.44 -6.49
C CYS A 55 4.03 3.47 -5.41
N VAL A 56 4.74 3.51 -4.28
CA VAL A 56 4.45 4.34 -3.08
C VAL A 56 5.69 5.15 -2.76
N ARG A 57 5.77 6.43 -3.16
CA ARG A 57 7.04 7.20 -3.11
C ARG A 57 7.79 7.20 -1.77
N PRO A 58 7.15 7.60 -0.66
CA PRO A 58 7.76 7.46 0.66
C PRO A 58 7.95 6.00 1.12
N ASN A 59 6.94 5.16 0.88
CA ASN A 59 6.70 3.77 1.36
C ASN A 59 6.67 3.61 2.90
N SER A 60 7.19 4.57 3.64
CA SER A 60 7.28 4.60 5.10
C SER A 60 7.68 6.01 5.56
N GLY A 61 7.55 6.26 6.87
CA GLY A 61 7.97 7.52 7.49
C GLY A 61 7.57 7.61 8.95
N ILE A 62 7.60 8.82 9.52
CA ILE A 62 7.17 9.13 10.89
C ILE A 62 6.30 10.39 10.87
N ILE A 63 5.22 10.43 11.66
CA ILE A 63 4.31 11.59 11.78
C ILE A 63 4.39 12.22 13.18
N ASP A 64 4.57 13.53 13.22
CA ASP A 64 4.61 14.34 14.44
C ASP A 64 3.20 14.61 15.02
N PRO A 65 3.06 14.82 16.34
CA PRO A 65 1.78 15.09 16.98
C PRO A 65 1.08 16.33 16.40
N GLY A 66 -0.19 16.17 16.01
CA GLY A 66 -0.99 17.19 15.33
C GLY A 66 -0.66 17.42 13.85
N SER A 67 0.37 16.77 13.32
CA SER A 67 0.87 17.00 11.96
C SER A 67 0.32 15.99 10.94
N THR A 68 0.53 16.30 9.66
CA THR A 68 0.02 15.52 8.51
C THR A 68 1.15 15.22 7.50
N VAL A 69 1.17 13.99 6.99
CA VAL A 69 2.03 13.56 5.85
C VAL A 69 1.15 13.13 4.68
N THR A 70 1.53 13.52 3.47
CA THR A 70 0.88 13.11 2.21
C THR A 70 1.71 12.01 1.56
N VAL A 71 1.08 10.85 1.36
CA VAL A 71 1.63 9.67 0.69
C VAL A 71 1.11 9.62 -0.74
N SER A 72 2.02 9.67 -1.71
CA SER A 72 1.68 9.59 -3.15
C SER A 72 1.76 8.15 -3.64
N VAL A 73 0.65 7.67 -4.20
CA VAL A 73 0.52 6.35 -4.85
C VAL A 73 0.48 6.56 -6.35
N MET A 74 1.30 5.80 -7.08
CA MET A 74 1.36 5.77 -8.54
C MET A 74 0.89 4.38 -8.99
N LEU A 75 -0.33 4.30 -9.52
CA LEU A 75 -1.00 3.08 -10.01
C LEU A 75 -0.77 2.96 -11.52
N GLN A 76 -0.21 1.84 -11.94
CA GLN A 76 0.23 1.60 -13.33
C GLN A 76 -0.95 1.31 -14.29
N PRO A 77 -0.82 1.63 -15.59
CA PRO A 77 -1.88 1.43 -16.58
C PRO A 77 -2.29 -0.05 -16.75
N PHE A 78 -3.58 -0.28 -17.02
CA PHE A 78 -4.15 -1.63 -17.22
C PHE A 78 -5.46 -1.63 -18.01
N ASP A 79 -5.90 -2.81 -18.44
CA ASP A 79 -7.17 -3.03 -19.15
C ASP A 79 -8.33 -3.27 -18.16
N TYR A 80 -9.12 -2.22 -17.89
CA TYR A 80 -10.30 -2.28 -17.01
C TYR A 80 -11.45 -3.11 -17.61
N ASP A 81 -12.18 -3.83 -16.74
CA ASP A 81 -13.41 -4.56 -17.09
C ASP A 81 -14.58 -4.15 -16.16
N PRO A 82 -15.79 -3.85 -16.69
CA PRO A 82 -16.92 -3.40 -15.90
C PRO A 82 -17.65 -4.55 -15.16
N ASN A 83 -17.38 -5.80 -15.52
CA ASN A 83 -17.94 -7.01 -14.90
C ASN A 83 -17.00 -7.55 -13.80
N GLU A 84 -15.68 -7.49 -14.02
CA GLU A 84 -14.70 -8.01 -13.04
C GLU A 84 -14.58 -7.09 -11.81
N LYS A 85 -14.80 -7.65 -10.61
CA LYS A 85 -14.59 -6.97 -9.31
C LYS A 85 -13.13 -6.57 -9.08
N SER A 86 -12.90 -5.55 -8.24
CA SER A 86 -11.55 -5.15 -7.83
C SER A 86 -10.86 -6.25 -7.01
N LYS A 87 -9.56 -6.44 -7.26
CA LYS A 87 -8.70 -7.48 -6.64
C LYS A 87 -7.45 -6.93 -5.94
N HIS A 88 -7.39 -5.61 -5.72
CA HIS A 88 -6.24 -4.91 -5.16
C HIS A 88 -6.60 -4.15 -3.87
N LYS A 89 -5.66 -4.15 -2.92
CA LYS A 89 -5.79 -3.51 -1.59
C LYS A 89 -4.49 -2.81 -1.17
N PHE A 90 -4.64 -1.86 -0.25
CA PHE A 90 -3.57 -1.19 0.48
C PHE A 90 -3.69 -1.47 1.98
N MET A 91 -2.52 -1.54 2.63
CA MET A 91 -2.40 -1.68 4.09
C MET A 91 -1.43 -0.62 4.62
N VAL A 92 -1.79 0.05 5.71
CA VAL A 92 -0.93 1.02 6.41
C VAL A 92 -0.71 0.55 7.85
N GLN A 93 0.50 0.08 8.16
CA GLN A 93 0.90 -0.41 9.48
C GLN A 93 1.60 0.72 10.24
N THR A 94 1.31 0.87 11.54
CA THR A 94 1.80 1.98 12.38
C THR A 94 2.17 1.52 13.77
N ILE A 95 3.15 2.19 14.38
CA ILE A 95 3.58 1.94 15.77
C ILE A 95 4.11 3.20 16.44
N PHE A 96 3.82 3.39 17.73
CA PHE A 96 4.27 4.58 18.46
C PHE A 96 5.80 4.61 18.59
N ALA A 97 6.39 5.73 18.18
CA ALA A 97 7.84 5.92 18.21
C ALA A 97 8.34 6.18 19.65
N PRO A 98 9.60 5.81 19.99
CA PRO A 98 10.21 6.09 21.28
C PRO A 98 10.44 7.61 21.50
N PRO A 99 10.72 8.04 22.76
CA PRO A 99 10.95 9.45 23.09
C PRO A 99 12.07 10.09 22.27
N ASN A 100 13.14 9.32 22.01
CA ASN A 100 14.27 9.69 21.15
C ASN A 100 14.76 8.48 20.31
N THR A 101 14.92 8.67 19.00
CA THR A 101 15.57 7.72 18.07
C THR A 101 16.13 8.44 16.83
N SER A 102 17.18 7.88 16.24
CA SER A 102 17.73 8.27 14.93
C SER A 102 17.60 7.16 13.87
N ASP A 103 16.83 6.10 14.15
CA ASP A 103 16.64 4.94 13.26
C ASP A 103 15.16 4.54 13.17
N MET A 104 14.56 4.71 11.98
CA MET A 104 13.18 4.28 11.70
C MET A 104 13.03 2.78 11.46
N GLU A 105 14.11 2.01 11.31
CA GLU A 105 14.05 0.54 11.25
C GLU A 105 13.96 -0.07 12.65
N ALA A 106 14.63 0.54 13.64
CA ALA A 106 14.79 -0.02 14.98
C ALA A 106 13.46 -0.10 15.75
N VAL A 107 12.55 0.86 15.53
CA VAL A 107 11.23 0.84 16.17
C VAL A 107 10.45 -0.44 15.83
N TRP A 108 10.57 -0.95 14.60
CA TRP A 108 9.89 -2.16 14.15
C TRP A 108 10.52 -3.44 14.72
N LYS A 109 11.83 -3.39 15.04
CA LYS A 109 12.57 -4.50 15.65
C LYS A 109 12.32 -4.61 17.16
N GLU A 110 12.07 -3.49 17.83
CA GLU A 110 11.70 -3.45 19.26
C GLU A 110 10.19 -3.66 19.51
N ALA A 111 9.36 -3.30 18.54
CA ALA A 111 7.90 -3.34 18.64
C ALA A 111 7.39 -4.78 18.79
N LYS A 112 6.52 -4.99 19.77
CA LYS A 112 5.82 -6.26 19.97
C LYS A 112 4.53 -6.33 19.14
N PRO A 113 4.04 -7.55 18.83
CA PRO A 113 2.78 -7.77 18.11
C PRO A 113 1.55 -7.19 18.83
N ASP A 114 1.65 -6.92 20.14
CA ASP A 114 0.61 -6.25 20.94
C ASP A 114 0.65 -4.71 20.83
N GLU A 115 1.78 -4.13 20.41
CA GLU A 115 1.96 -2.68 20.21
C GLU A 115 1.67 -2.24 18.76
N LEU A 116 1.71 -3.18 17.81
CA LEU A 116 1.61 -2.93 16.38
C LEU A 116 0.15 -2.72 15.96
N MET A 117 -0.10 -1.66 15.18
CA MET A 117 -1.41 -1.28 14.66
C MET A 117 -1.44 -1.33 13.13
N ASP A 118 -2.62 -1.44 12.53
CA ASP A 118 -2.79 -1.38 11.08
C ASP A 118 -4.12 -0.78 10.60
N SER A 119 -4.21 -0.59 9.28
CA SER A 119 -5.28 0.08 8.53
C SER A 119 -5.41 -0.62 7.18
N LYS A 120 -6.62 -0.89 6.68
CA LYS A 120 -6.85 -1.62 5.40
C LYS A 120 -7.87 -0.91 4.49
N LEU A 121 -7.55 -0.83 3.20
CA LEU A 121 -8.32 -0.08 2.19
C LEU A 121 -8.29 -0.82 0.83
N ARG A 122 -9.32 -0.67 -0.01
CA ARG A 122 -9.38 -1.25 -1.37
C ARG A 122 -9.01 -0.23 -2.45
N CYS A 123 -8.66 -0.69 -3.65
CA CYS A 123 -8.49 0.16 -4.83
C CYS A 123 -9.80 0.20 -5.64
N VAL A 124 -10.31 1.39 -5.90
CA VAL A 124 -11.51 1.64 -6.71
C VAL A 124 -11.11 2.24 -8.06
N PHE A 125 -11.75 1.80 -9.14
CA PHE A 125 -11.44 2.25 -10.50
C PHE A 125 -12.63 2.97 -11.14
N GLU A 126 -12.40 4.21 -11.58
CA GLU A 126 -13.41 5.11 -12.17
C GLU A 126 -13.01 5.55 -13.58
N MET A 127 -13.94 5.48 -14.54
CA MET A 127 -13.70 5.77 -15.96
C MET A 127 -13.92 7.27 -16.29
N PRO A 128 -13.23 7.83 -17.30
CA PRO A 128 -13.36 9.24 -17.68
C PRO A 128 -14.67 9.54 -18.41
N ASN A 129 -15.14 10.80 -18.31
CA ASN A 129 -16.36 11.31 -18.97
C ASN A 129 -16.07 12.33 -20.08
N GLU A 130 -14.79 12.46 -20.49
CA GLU A 130 -14.32 13.41 -21.52
C GLU A 130 -14.16 12.77 -22.92
N PRO B 1 -26.45 -34.59 -10.42
CA PRO B 1 -26.92 -33.80 -9.24
C PRO B 1 -26.22 -34.20 -7.92
N LEU B 2 -26.40 -35.45 -7.47
CA LEU B 2 -25.86 -35.99 -6.22
C LEU B 2 -25.35 -37.44 -6.36
N GLY B 3 -24.64 -37.94 -5.35
CA GLY B 3 -24.10 -39.30 -5.30
C GLY B 3 -23.40 -39.61 -3.97
N SER B 4 -22.79 -40.80 -3.88
CA SER B 4 -21.98 -41.25 -2.73
C SER B 4 -20.90 -42.26 -3.17
N ASP B 5 -20.22 -41.95 -4.27
CA ASP B 5 -19.24 -42.84 -4.92
C ASP B 5 -17.98 -43.11 -4.08
N HIS B 6 -17.43 -44.33 -4.19
CA HIS B 6 -16.21 -44.77 -3.50
C HIS B 6 -14.94 -44.01 -3.92
N TRP B 7 -14.96 -43.38 -5.09
CA TRP B 7 -13.88 -42.52 -5.63
C TRP B 7 -14.19 -41.01 -5.56
N GLY B 8 -15.25 -40.60 -4.87
CA GLY B 8 -15.59 -39.20 -4.61
C GLY B 8 -14.73 -38.57 -3.50
N LYS B 9 -13.42 -38.55 -3.69
CA LYS B 9 -12.40 -38.10 -2.73
C LYS B 9 -12.50 -36.60 -2.42
N GLY B 10 -12.09 -36.21 -1.21
CA GLY B 10 -12.06 -34.82 -0.74
C GLY B 10 -11.45 -34.67 0.66
N ASP B 11 -11.19 -33.43 1.06
CA ASP B 11 -10.58 -33.05 2.35
C ASP B 11 -11.06 -31.67 2.83
N MET B 12 -10.82 -31.34 4.11
CA MET B 12 -11.13 -30.04 4.71
C MET B 12 -10.35 -28.89 4.05
N SER B 13 -10.95 -27.70 3.97
CA SER B 13 -10.37 -26.50 3.34
C SER B 13 -9.20 -25.89 4.12
N ASP B 14 -8.33 -25.17 3.40
CA ASP B 14 -7.22 -24.38 3.92
C ASP B 14 -7.00 -23.12 3.04
N GLU B 15 -6.84 -21.96 3.68
CA GLU B 15 -6.75 -20.65 3.01
C GLU B 15 -5.49 -19.86 3.39
N ASP B 16 -5.16 -18.84 2.59
CA ASP B 16 -3.90 -18.07 2.65
C ASP B 16 -4.15 -16.55 2.56
N ASP B 17 -3.25 -15.77 1.96
CA ASP B 17 -3.46 -14.36 1.62
C ASP B 17 -4.16 -14.32 0.27
N GLU B 18 -5.41 -13.86 0.32
CA GLU B 18 -6.31 -13.84 -0.83
C GLU B 18 -5.80 -13.01 -2.03
N ASN B 19 -4.95 -12.00 -1.78
CA ASN B 19 -4.39 -11.11 -2.80
C ASN B 19 -2.85 -11.08 -2.81
N GLU B 20 -2.21 -11.57 -1.74
CA GLU B 20 -0.77 -11.50 -1.44
C GLU B 20 -0.23 -10.07 -1.29
N PHE B 21 -0.07 -9.61 -0.05
CA PHE B 21 0.58 -8.35 0.29
C PHE B 21 2.12 -8.39 0.22
N PHE B 22 2.72 -7.25 -0.13
CA PHE B 22 4.15 -7.03 -0.34
C PHE B 22 4.61 -5.70 0.28
N ASP B 23 5.89 -5.60 0.63
CA ASP B 23 6.52 -4.33 1.03
C ASP B 23 6.56 -3.39 -0.19
N ALA B 24 5.81 -2.28 -0.13
CA ALA B 24 5.59 -1.43 -1.29
C ALA B 24 6.87 -0.73 -1.78
N PRO B 25 7.19 -0.75 -3.08
CA PRO B 25 8.37 -0.08 -3.63
C PRO B 25 8.09 1.41 -3.87
N GLU B 26 9.13 2.24 -3.80
CA GLU B 26 9.04 3.65 -4.22
C GLU B 26 8.81 3.80 -5.72
N ILE B 27 9.42 2.92 -6.53
CA ILE B 27 9.14 2.78 -7.96
C ILE B 27 9.46 1.35 -8.44
N ILE B 28 8.85 0.91 -9.54
CA ILE B 28 8.99 -0.46 -10.05
C ILE B 28 10.28 -0.64 -10.87
N THR B 29 11.07 -1.66 -10.50
CA THR B 29 12.33 -2.04 -11.18
C THR B 29 12.49 -3.55 -11.44
N MET B 30 11.83 -4.41 -10.64
CA MET B 30 11.77 -5.87 -10.82
C MET B 30 10.32 -6.36 -10.99
N PRO B 31 9.68 -6.12 -12.17
CA PRO B 31 8.35 -6.63 -12.49
C PRO B 31 8.35 -8.15 -12.75
N GLU B 32 7.16 -8.73 -12.89
CA GLU B 32 6.93 -10.16 -13.20
C GLU B 32 7.64 -11.14 -12.24
N ASN B 33 7.91 -10.71 -11.00
CA ASN B 33 8.69 -11.41 -9.98
C ASN B 33 10.09 -11.89 -10.47
N LEU B 34 10.72 -11.12 -11.37
CA LEU B 34 12.06 -11.40 -11.92
C LEU B 34 13.21 -11.12 -10.93
N GLY B 35 12.91 -10.47 -9.80
CA GLY B 35 13.82 -10.19 -8.69
C GLY B 35 13.07 -9.61 -7.47
N HIS B 36 13.80 -9.39 -6.38
CA HIS B 36 13.25 -8.89 -5.10
C HIS B 36 13.83 -7.51 -4.71
N LYS B 37 13.05 -6.76 -3.91
CA LYS B 37 13.43 -5.46 -3.32
C LYS B 37 12.77 -5.26 -1.95
N ARG B 38 13.48 -4.61 -1.02
CA ARG B 38 13.03 -4.29 0.35
C ARG B 38 13.50 -2.88 0.74
N THR B 39 12.64 -2.09 1.40
CA THR B 39 12.91 -0.67 1.69
C THR B 39 14.15 -0.42 2.58
N GLY B 40 14.91 0.63 2.29
CA GLY B 40 16.17 0.96 2.97
C GLY B 40 16.94 2.12 2.32
N SER B 41 18.19 2.32 2.75
CA SER B 41 19.07 3.44 2.32
C SER B 41 20.48 2.96 1.93
N HIS B 42 21.15 3.72 1.05
CA HIS B 42 22.52 3.44 0.59
C HIS B 42 23.60 3.86 1.62
N HIS B 43 24.77 3.23 1.55
CA HIS B 43 25.96 3.51 2.37
C HIS B 43 27.27 3.23 1.61
N HIS B 44 28.38 3.81 2.09
CA HIS B 44 29.73 3.71 1.51
C HIS B 44 30.81 3.45 2.57
N GLY A 3 -12.03 -5.15 18.06
CA GLY A 3 -12.50 -4.49 16.82
C GLY A 3 -12.00 -5.20 15.57
N SER A 4 -12.92 -5.71 14.73
CA SER A 4 -12.60 -6.50 13.53
C SER A 4 -11.74 -5.72 12.52
N ASP A 5 -10.77 -6.42 11.91
CA ASP A 5 -9.78 -5.88 10.95
C ASP A 5 -8.87 -4.73 11.49
N HIS A 6 -8.89 -4.49 12.81
CA HIS A 6 -8.08 -3.50 13.55
C HIS A 6 -8.27 -2.02 13.14
N GLU A 7 -7.74 -1.12 13.97
CA GLU A 7 -7.75 0.34 13.77
C GLU A 7 -6.45 0.96 14.32
N GLN A 8 -5.95 2.03 13.69
CA GLN A 8 -4.77 2.77 14.15
C GLN A 8 -5.03 4.24 14.54
N ILE A 9 -4.08 4.81 15.28
CA ILE A 9 -4.16 6.20 15.77
C ILE A 9 -4.07 7.24 14.66
N LEU A 10 -3.29 6.98 13.60
CA LEU A 10 -3.28 7.88 12.43
C LEU A 10 -4.62 7.80 11.69
N VAL A 11 -5.22 8.96 11.43
CA VAL A 11 -6.45 9.08 10.62
C VAL A 11 -6.10 9.22 9.14
N LEU A 12 -6.75 8.41 8.29
CA LEU A 12 -6.42 8.27 6.86
C LEU A 12 -7.48 8.96 5.99
N ASP A 13 -7.09 9.40 4.79
CA ASP A 13 -7.93 10.17 3.86
C ASP A 13 -7.59 9.87 2.40
N PRO A 14 -8.42 9.14 1.65
CA PRO A 14 -9.65 8.45 2.09
C PRO A 14 -9.41 7.32 3.13
N PRO A 15 -10.29 7.16 4.14
CA PRO A 15 -10.13 6.18 5.22
C PRO A 15 -10.49 4.74 4.87
N THR A 16 -11.46 4.57 3.97
CA THR A 16 -12.07 3.26 3.65
C THR A 16 -11.35 2.51 2.53
N ASP A 17 -11.21 3.13 1.35
CA ASP A 17 -10.64 2.54 0.14
C ASP A 17 -9.83 3.58 -0.67
N LEU A 18 -8.87 3.12 -1.47
CA LEU A 18 -8.16 3.95 -2.44
C LEU A 18 -8.96 3.95 -3.75
N LYS A 19 -9.47 5.12 -4.14
CA LYS A 19 -10.36 5.30 -5.29
C LYS A 19 -9.59 5.89 -6.47
N PHE A 20 -9.31 5.03 -7.44
CA PHE A 20 -8.65 5.40 -8.69
C PHE A 20 -9.71 5.77 -9.72
N LYS A 21 -9.85 7.07 -9.97
CA LYS A 21 -10.78 7.63 -10.96
C LYS A 21 -10.00 8.26 -12.12
N GLY A 22 -10.27 7.82 -13.34
CA GLY A 22 -9.45 8.18 -14.50
C GLY A 22 -9.45 7.06 -15.54
N PRO A 23 -9.28 7.35 -16.84
CA PRO A 23 -9.05 6.30 -17.79
C PRO A 23 -7.69 5.64 -17.54
N PHE A 24 -7.63 4.32 -17.68
CA PHE A 24 -6.48 3.51 -17.30
C PHE A 24 -5.50 3.25 -18.46
N THR A 25 -5.57 4.12 -19.47
CA THR A 25 -4.63 4.24 -20.59
C THR A 25 -3.23 4.72 -20.17
N ASP A 26 -3.12 5.39 -19.01
CA ASP A 26 -1.86 5.85 -18.40
C ASP A 26 -1.88 5.65 -16.86
N VAL A 27 -0.78 6.00 -16.19
CA VAL A 27 -0.67 5.96 -14.72
C VAL A 27 -1.70 6.87 -14.05
N VAL A 28 -2.38 6.35 -13.02
CA VAL A 28 -3.25 7.12 -12.12
C VAL A 28 -2.50 7.48 -10.85
N THR A 29 -2.52 8.75 -10.46
CA THR A 29 -1.92 9.21 -9.19
C THR A 29 -3.02 9.50 -8.16
N THR A 30 -2.90 8.88 -6.98
CA THR A 30 -3.87 8.97 -5.88
C THR A 30 -3.11 9.28 -4.61
N ASN A 31 -3.37 10.42 -3.96
CA ASN A 31 -2.62 10.85 -2.79
C ASN A 31 -3.44 10.64 -1.51
N LEU A 32 -2.85 9.95 -0.53
CA LEU A 32 -3.46 9.54 0.74
C LEU A 32 -2.92 10.45 1.86
N LYS A 33 -3.79 11.19 2.56
CA LYS A 33 -3.41 12.06 3.69
C LYS A 33 -3.49 11.30 5.01
N LEU A 34 -2.38 11.21 5.74
CA LEU A 34 -2.32 10.63 7.08
C LEU A 34 -2.03 11.72 8.12
N ARG A 35 -2.97 12.00 9.02
CA ARG A 35 -2.83 13.01 10.09
C ARG A 35 -2.71 12.36 11.46
N ASN A 36 -1.93 12.97 12.35
CA ASN A 36 -1.67 12.48 13.70
C ASN A 36 -2.48 13.29 14.72
N PRO A 37 -3.46 12.67 15.41
CA PRO A 37 -4.27 13.36 16.41
C PRO A 37 -3.52 13.60 17.74
N SER A 38 -2.51 12.77 18.01
CA SER A 38 -1.80 12.67 19.30
C SER A 38 -0.78 13.78 19.57
N ASP A 39 -0.26 13.78 20.79
CA ASP A 39 0.77 14.66 21.35
C ASP A 39 2.18 14.02 21.34
N ARG A 40 2.37 12.98 20.50
CA ARG A 40 3.55 12.12 20.39
C ARG A 40 3.90 11.89 18.92
N LYS A 41 5.15 11.50 18.65
CA LYS A 41 5.63 11.13 17.30
C LYS A 41 5.43 9.64 17.03
N VAL A 42 5.10 9.28 15.79
CA VAL A 42 4.65 7.93 15.41
C VAL A 42 5.21 7.52 14.06
N CYS A 43 5.71 6.29 13.94
CA CYS A 43 6.24 5.75 12.69
C CYS A 43 5.06 5.23 11.85
N PHE A 44 5.09 5.46 10.54
CA PHE A 44 4.15 4.87 9.58
C PHE A 44 4.84 4.01 8.52
N LYS A 45 4.14 2.97 8.05
CA LYS A 45 4.51 2.11 6.91
C LYS A 45 3.31 1.89 5.98
N VAL A 46 3.57 1.70 4.69
CA VAL A 46 2.58 1.35 3.65
C VAL A 46 2.98 0.08 2.90
N LYS A 47 2.03 -0.81 2.63
CA LYS A 47 2.20 -2.02 1.79
C LYS A 47 1.13 -2.10 0.68
N THR A 48 1.43 -2.83 -0.39
CA THR A 48 0.52 -3.09 -1.54
C THR A 48 0.57 -4.58 -1.93
N THR A 49 -0.48 -5.12 -2.53
CA THR A 49 -0.52 -6.50 -3.03
C THR A 49 0.24 -6.73 -4.35
N ALA A 50 0.61 -5.67 -5.09
CA ALA A 50 1.21 -5.79 -6.43
C ALA A 50 2.25 -4.68 -6.76
N PRO A 51 3.55 -4.90 -6.49
CA PRO A 51 4.61 -3.91 -6.80
C PRO A 51 4.73 -3.58 -8.30
N ARG A 52 4.40 -4.57 -9.15
CA ARG A 52 4.30 -4.46 -10.61
C ARG A 52 2.99 -3.83 -11.14
N ARG A 53 2.14 -3.33 -10.24
CA ARG A 53 0.93 -2.51 -10.53
C ARG A 53 0.90 -1.18 -9.77
N TYR A 54 1.56 -1.07 -8.62
CA TYR A 54 1.55 0.14 -7.77
C TYR A 54 2.96 0.57 -7.33
N CYS A 55 3.21 1.88 -7.41
CA CYS A 55 4.39 2.55 -6.86
C CYS A 55 4.00 3.40 -5.63
N VAL A 56 4.79 3.30 -4.56
CA VAL A 56 4.51 3.85 -3.21
C VAL A 56 5.71 4.73 -2.81
N ARG A 57 5.72 5.99 -3.26
CA ARG A 57 6.92 6.87 -3.18
C ARG A 57 7.73 6.90 -1.88
N PRO A 58 7.16 7.32 -0.75
CA PRO A 58 7.83 7.28 0.55
C PRO A 58 8.09 5.85 1.08
N ASN A 59 7.11 4.95 0.90
CA ASN A 59 6.94 3.61 1.47
C ASN A 59 6.72 3.58 3.00
N SER A 60 7.27 4.57 3.70
CA SER A 60 7.26 4.68 5.17
C SER A 60 7.81 6.02 5.65
N GLY A 61 7.69 6.29 6.95
CA GLY A 61 8.28 7.47 7.59
C GLY A 61 7.85 7.64 9.04
N ILE A 62 7.90 8.88 9.55
CA ILE A 62 7.41 9.26 10.88
C ILE A 62 6.58 10.55 10.79
N ILE A 63 5.47 10.65 11.52
CA ILE A 63 4.64 11.86 11.63
C ILE A 63 4.80 12.53 13.00
N ASP A 64 4.94 13.85 12.99
CA ASP A 64 5.05 14.73 14.16
C ASP A 64 3.67 14.99 14.82
N PRO A 65 3.57 15.23 16.15
CA PRO A 65 2.30 15.53 16.81
C PRO A 65 1.50 16.68 16.15
N GLY A 66 0.24 16.42 15.82
CA GLY A 66 -0.65 17.36 15.14
C GLY A 66 -0.36 17.60 13.65
N SER A 67 0.58 16.87 13.06
CA SER A 67 0.99 17.03 11.66
C SER A 67 0.32 16.03 10.71
N THR A 68 0.51 16.24 9.41
CA THR A 68 -0.02 15.41 8.31
C THR A 68 1.07 15.13 7.27
N VAL A 69 1.13 13.89 6.78
CA VAL A 69 1.95 13.48 5.62
C VAL A 69 1.04 13.00 4.50
N THR A 70 1.34 13.38 3.26
CA THR A 70 0.64 12.92 2.06
C THR A 70 1.49 11.90 1.32
N VAL A 71 0.96 10.69 1.16
CA VAL A 71 1.61 9.56 0.49
C VAL A 71 1.02 9.39 -0.91
N SER A 72 1.85 9.49 -1.95
CA SER A 72 1.44 9.28 -3.34
C SER A 72 1.47 7.80 -3.72
N VAL A 73 0.35 7.33 -4.30
CA VAL A 73 0.21 6.02 -4.94
C VAL A 73 0.10 6.25 -6.44
N MET A 74 0.98 5.62 -7.21
CA MET A 74 0.96 5.65 -8.67
C MET A 74 0.61 4.26 -9.19
N LEU A 75 -0.61 4.11 -9.70
CA LEU A 75 -1.21 2.87 -10.21
C LEU A 75 -1.01 2.78 -11.73
N GLN A 76 -0.39 1.70 -12.20
CA GLN A 76 0.04 1.52 -13.59
C GLN A 76 -1.13 1.17 -14.55
N PRO A 77 -1.04 1.56 -15.84
CA PRO A 77 -2.12 1.39 -16.82
C PRO A 77 -2.46 -0.08 -17.14
N PHE A 78 -3.73 -0.34 -17.45
CA PHE A 78 -4.26 -1.68 -17.78
C PHE A 78 -5.57 -1.62 -18.61
N ASP A 79 -5.99 -2.79 -19.11
CA ASP A 79 -7.20 -3.01 -19.90
C ASP A 79 -8.48 -3.07 -19.02
N TYR A 80 -8.82 -1.93 -18.41
CA TYR A 80 -9.96 -1.77 -17.50
C TYR A 80 -11.32 -2.04 -18.17
N ASP A 81 -12.18 -2.77 -17.46
CA ASP A 81 -13.60 -2.98 -17.78
C ASP A 81 -14.45 -2.58 -16.56
N PRO A 82 -15.53 -1.76 -16.71
CA PRO A 82 -16.36 -1.35 -15.59
C PRO A 82 -17.20 -2.49 -14.99
N ASN A 83 -17.28 -3.64 -15.69
CA ASN A 83 -17.94 -4.86 -15.20
C ASN A 83 -16.98 -5.81 -14.47
N GLU A 84 -15.67 -5.74 -14.71
CA GLU A 84 -14.68 -6.59 -14.05
C GLU A 84 -14.41 -6.15 -12.59
N LYS A 85 -14.33 -7.10 -11.65
CA LYS A 85 -14.09 -6.84 -10.22
C LYS A 85 -12.62 -6.58 -9.89
N SER A 86 -12.37 -5.80 -8.82
CA SER A 86 -11.01 -5.55 -8.30
C SER A 86 -10.47 -6.74 -7.50
N LYS A 87 -9.13 -6.86 -7.47
CA LYS A 87 -8.38 -7.90 -6.75
C LYS A 87 -7.13 -7.40 -6.00
N HIS A 88 -7.02 -6.08 -5.80
CA HIS A 88 -5.85 -5.43 -5.17
C HIS A 88 -6.19 -4.72 -3.86
N LYS A 89 -5.26 -4.79 -2.90
CA LYS A 89 -5.37 -4.19 -1.55
C LYS A 89 -4.11 -3.43 -1.15
N PHE A 90 -4.30 -2.45 -0.27
CA PHE A 90 -3.27 -1.69 0.45
C PHE A 90 -3.39 -1.93 1.95
N MET A 91 -2.28 -1.77 2.65
CA MET A 91 -2.21 -1.77 4.11
C MET A 91 -1.44 -0.54 4.59
N VAL A 92 -1.93 0.14 5.61
CA VAL A 92 -1.19 1.21 6.31
C VAL A 92 -1.06 0.80 7.77
N GLN A 93 0.14 0.89 8.34
CA GLN A 93 0.47 0.40 9.68
C GLN A 93 1.27 1.46 10.44
N THR A 94 0.98 1.69 11.71
CA THR A 94 1.66 2.69 12.56
C THR A 94 1.96 2.19 13.97
N ILE A 95 3.04 2.72 14.55
CA ILE A 95 3.44 2.47 15.94
C ILE A 95 4.19 3.68 16.53
N PHE A 96 4.03 3.95 17.83
CA PHE A 96 4.69 5.11 18.46
C PHE A 96 6.22 5.02 18.41
N ALA A 97 6.86 6.12 18.01
CA ALA A 97 8.32 6.26 18.10
C ALA A 97 8.72 6.89 19.46
N PRO A 98 9.72 6.37 20.18
CA PRO A 98 10.17 6.93 21.45
C PRO A 98 11.02 8.19 21.25
N PRO A 99 11.13 9.09 22.26
CA PRO A 99 11.84 10.36 22.13
C PRO A 99 13.38 10.24 22.13
N ASN A 100 13.92 9.06 22.48
CA ASN A 100 15.36 8.82 22.68
C ASN A 100 16.06 8.01 21.57
N THR A 101 15.38 7.73 20.44
CA THR A 101 15.94 6.98 19.29
C THR A 101 16.28 7.87 18.09
N SER A 102 17.17 7.36 17.22
CA SER A 102 17.50 7.91 15.90
C SER A 102 17.12 6.96 14.75
N ASP A 103 16.67 5.73 15.06
CA ASP A 103 16.45 4.65 14.10
C ASP A 103 14.98 4.19 14.13
N MET A 104 14.23 4.48 13.06
CA MET A 104 12.84 4.03 12.93
C MET A 104 12.73 2.52 12.72
N GLU A 105 13.74 1.90 12.10
CA GLU A 105 13.74 0.46 11.80
C GLU A 105 13.76 -0.35 13.11
N ALA A 106 14.51 0.15 14.08
CA ALA A 106 14.60 -0.41 15.42
C ALA A 106 13.29 -0.29 16.20
N VAL A 107 12.49 0.77 15.99
CA VAL A 107 11.14 0.89 16.56
C VAL A 107 10.25 -0.26 16.10
N TRP A 108 10.34 -0.64 14.83
CA TRP A 108 9.54 -1.75 14.31
C TRP A 108 10.01 -3.13 14.79
N LYS A 109 11.31 -3.27 15.12
CA LYS A 109 11.89 -4.50 15.69
C LYS A 109 11.62 -4.63 17.19
N GLU A 110 11.48 -3.52 17.93
CA GLU A 110 11.07 -3.54 19.34
C GLU A 110 9.54 -3.61 19.54
N ALA A 111 8.78 -3.12 18.55
CA ALA A 111 7.33 -3.15 18.54
C ALA A 111 6.79 -4.58 18.59
N LYS A 112 5.83 -4.82 19.48
CA LYS A 112 5.20 -6.12 19.68
C LYS A 112 3.92 -6.26 18.85
N PRO A 113 3.50 -7.49 18.50
CA PRO A 113 2.24 -7.76 17.79
C PRO A 113 0.99 -7.24 18.50
N ASP A 114 1.06 -7.02 19.82
CA ASP A 114 -0.01 -6.42 20.63
C ASP A 114 0.05 -4.88 20.74
N GLU A 115 1.16 -4.26 20.33
CA GLU A 115 1.37 -2.81 20.30
C GLU A 115 1.27 -2.21 18.89
N LEU A 116 1.29 -3.05 17.84
CA LEU A 116 1.20 -2.65 16.44
C LEU A 116 -0.26 -2.34 16.05
N MET A 117 -0.46 -1.36 15.18
CA MET A 117 -1.79 -0.95 14.69
C MET A 117 -1.80 -0.79 13.17
N ASP A 118 -2.90 -1.18 12.52
CA ASP A 118 -3.07 -1.08 11.06
C ASP A 118 -4.53 -0.90 10.60
N SER A 119 -4.68 -0.64 9.31
CA SER A 119 -5.94 -0.62 8.55
C SER A 119 -5.65 -1.07 7.11
N LYS A 120 -6.53 -1.90 6.51
CA LYS A 120 -6.43 -2.27 5.09
C LYS A 120 -7.54 -1.63 4.22
N LEU A 121 -7.20 -1.38 2.96
CA LEU A 121 -8.00 -0.61 2.00
C LEU A 121 -7.99 -1.32 0.63
N ARG A 122 -9.06 -1.25 -0.15
CA ARG A 122 -9.12 -1.84 -1.51
C ARG A 122 -8.80 -0.80 -2.58
N CYS A 123 -8.34 -1.23 -3.75
CA CYS A 123 -8.20 -0.36 -4.92
C CYS A 123 -9.49 -0.42 -5.74
N VAL A 124 -10.14 0.74 -5.93
CA VAL A 124 -11.40 0.88 -6.68
C VAL A 124 -11.12 1.56 -8.01
N PHE A 125 -11.74 1.09 -9.10
CA PHE A 125 -11.49 1.58 -10.46
C PHE A 125 -12.73 2.22 -11.09
N GLU A 126 -12.64 3.50 -11.45
CA GLU A 126 -13.75 4.32 -11.96
C GLU A 126 -13.39 5.13 -13.22
N MET A 127 -14.39 5.36 -14.07
CA MET A 127 -14.32 6.08 -15.34
C MET A 127 -14.56 7.60 -15.14
N PRO A 128 -13.98 8.47 -15.99
CA PRO A 128 -14.11 9.92 -15.87
C PRO A 128 -15.58 10.36 -16.08
N ASN A 129 -16.02 11.34 -15.28
CA ASN A 129 -17.41 11.79 -15.19
C ASN A 129 -17.67 13.15 -15.88
N GLU A 130 -16.73 13.64 -16.68
CA GLU A 130 -16.75 14.94 -17.37
C GLU A 130 -16.04 14.91 -18.73
N PRO B 1 25.79 10.64 28.35
CA PRO B 1 25.83 9.15 28.15
C PRO B 1 24.66 8.62 27.30
N LEU B 2 23.42 8.76 27.79
CA LEU B 2 22.21 8.23 27.14
C LEU B 2 21.65 9.14 26.04
N GLY B 3 20.92 8.54 25.09
CA GLY B 3 20.33 9.23 23.92
C GLY B 3 21.26 9.22 22.71
N SER B 4 20.72 8.86 21.54
CA SER B 4 21.51 8.65 20.32
C SER B 4 21.89 9.94 19.58
N ASP B 5 21.12 11.02 19.75
CA ASP B 5 21.42 12.40 19.30
C ASP B 5 21.76 12.57 17.80
N HIS B 6 21.15 11.75 16.93
CA HIS B 6 21.35 11.80 15.46
C HIS B 6 20.03 11.58 14.69
N TRP B 7 20.07 11.58 13.35
CA TRP B 7 18.90 11.49 12.46
C TRP B 7 19.21 10.94 11.05
N GLY B 8 18.22 10.93 10.15
CA GLY B 8 18.40 10.60 8.73
C GLY B 8 18.61 9.12 8.42
N LYS B 9 18.19 8.21 9.31
CA LYS B 9 18.41 6.76 9.22
C LYS B 9 17.33 6.04 8.41
N GLY B 10 17.68 4.86 7.88
CA GLY B 10 16.85 4.06 6.96
C GLY B 10 15.73 3.24 7.61
N ASP B 11 15.04 2.45 6.78
CA ASP B 11 13.95 1.55 7.15
C ASP B 11 13.93 0.25 6.29
N MET B 12 13.37 -0.82 6.84
CA MET B 12 13.25 -2.14 6.19
C MET B 12 12.03 -2.92 6.76
N SER B 13 11.59 -3.99 6.09
CA SER B 13 10.45 -4.82 6.50
C SER B 13 10.65 -6.32 6.25
N ASP B 14 10.09 -7.12 7.16
CA ASP B 14 9.96 -8.58 7.06
C ASP B 14 8.69 -9.07 7.82
N GLU B 15 7.57 -8.38 7.52
CA GLU B 15 6.29 -8.46 8.23
C GLU B 15 5.26 -9.41 7.58
N ASP B 16 4.15 -9.66 8.31
CA ASP B 16 3.05 -10.56 7.92
C ASP B 16 2.11 -9.98 6.82
N ASP B 17 1.26 -10.82 6.22
CA ASP B 17 0.37 -10.53 5.10
C ASP B 17 -0.91 -11.39 5.15
N GLU B 18 -2.05 -10.76 4.86
CA GLU B 18 -3.36 -11.42 4.69
C GLU B 18 -3.80 -11.61 3.21
N ASN B 19 -3.33 -10.75 2.29
CA ASN B 19 -3.70 -10.75 0.85
C ASN B 19 -2.47 -10.84 -0.06
N GLU B 20 -1.34 -11.25 0.53
CA GLU B 20 0.01 -11.21 -0.06
C GLU B 20 0.47 -9.77 -0.32
N PHE B 21 0.55 -8.99 0.76
CA PHE B 21 1.18 -7.67 0.74
C PHE B 21 2.69 -7.83 0.58
N PHE B 22 3.27 -7.13 -0.39
CA PHE B 22 4.70 -7.06 -0.67
C PHE B 22 5.35 -5.86 0.04
N ASP B 23 6.69 -5.80 0.03
CA ASP B 23 7.50 -4.76 0.69
C ASP B 23 7.37 -3.33 0.10
N ALA B 24 6.59 -3.16 -0.98
CA ALA B 24 6.19 -1.88 -1.57
C ALA B 24 7.37 -0.94 -1.90
N PRO B 25 8.15 -1.25 -2.97
CA PRO B 25 9.25 -0.39 -3.42
C PRO B 25 8.76 1.01 -3.84
N GLU B 26 9.66 1.99 -3.75
CA GLU B 26 9.35 3.40 -4.02
C GLU B 26 8.98 3.70 -5.47
N ILE B 27 9.42 2.84 -6.39
CA ILE B 27 9.00 2.81 -7.80
C ILE B 27 9.25 1.41 -8.39
N ILE B 28 8.60 1.06 -9.50
CA ILE B 28 8.83 -0.21 -10.21
C ILE B 28 10.09 -0.13 -11.08
N THR B 29 11.01 -1.08 -10.89
CA THR B 29 12.26 -1.20 -11.67
C THR B 29 12.78 -2.65 -11.75
N MET B 30 12.55 -3.45 -10.70
CA MET B 30 12.81 -4.91 -10.68
C MET B 30 11.48 -5.67 -10.46
N PRO B 31 10.71 -5.97 -11.51
CA PRO B 31 9.56 -6.85 -11.44
C PRO B 31 10.01 -8.31 -11.22
N GLU B 32 9.19 -9.06 -10.49
CA GLU B 32 9.42 -10.47 -10.11
C GLU B 32 8.13 -11.31 -10.19
N ASN B 33 8.28 -12.64 -10.26
CA ASN B 33 7.19 -13.62 -10.27
C ASN B 33 7.48 -14.77 -9.28
N LEU B 34 6.43 -15.37 -8.71
CA LEU B 34 6.54 -16.45 -7.72
C LEU B 34 6.80 -17.80 -8.42
N GLY B 35 8.07 -18.25 -8.38
CA GLY B 35 8.49 -19.58 -8.85
C GLY B 35 8.31 -20.66 -7.79
N HIS B 36 7.82 -21.84 -8.19
CA HIS B 36 7.59 -22.97 -7.28
C HIS B 36 8.88 -23.69 -6.84
N LYS B 37 9.92 -23.69 -7.70
CA LYS B 37 11.19 -24.37 -7.44
C LYS B 37 12.15 -23.46 -6.64
N ARG B 38 12.69 -24.00 -5.53
CA ARG B 38 13.58 -23.28 -4.57
C ARG B 38 14.85 -24.03 -4.16
N THR B 39 15.14 -25.17 -4.80
CA THR B 39 16.25 -26.09 -4.49
C THR B 39 16.85 -26.71 -5.76
N GLY B 40 18.13 -27.08 -5.71
CA GLY B 40 18.87 -27.69 -6.82
C GLY B 40 20.29 -28.13 -6.45
N SER B 41 21.08 -28.58 -7.44
CA SER B 41 22.45 -29.08 -7.28
C SER B 41 23.36 -28.72 -8.48
N HIS B 42 24.67 -28.90 -8.30
CA HIS B 42 25.71 -28.64 -9.32
C HIS B 42 26.71 -29.81 -9.39
N HIS B 43 27.37 -29.97 -10.55
CA HIS B 43 28.32 -31.06 -10.85
C HIS B 43 29.44 -30.63 -11.80
N HIS B 44 30.54 -31.41 -11.82
CA HIS B 44 31.74 -31.20 -12.64
C HIS B 44 32.33 -32.52 -13.18
N GLY A 3 -14.58 -1.72 22.35
CA GLY A 3 -15.09 -3.10 22.47
C GLY A 3 -14.27 -4.06 21.60
N SER A 4 -14.94 -4.88 20.77
CA SER A 4 -14.34 -5.87 19.86
C SER A 4 -13.81 -5.23 18.56
N ASP A 5 -13.06 -4.13 18.70
CA ASP A 5 -12.56 -3.26 17.62
C ASP A 5 -11.18 -2.67 17.96
N HIS A 6 -10.36 -2.40 16.93
CA HIS A 6 -8.95 -1.98 17.09
C HIS A 6 -8.58 -0.79 16.20
N GLU A 7 -8.18 -1.06 14.94
CA GLU A 7 -7.58 -0.11 13.97
C GLU A 7 -6.41 0.76 14.50
N GLN A 8 -5.83 1.63 13.66
CA GLN A 8 -4.72 2.51 14.05
C GLN A 8 -5.14 3.91 14.51
N ILE A 9 -4.23 4.57 15.23
CA ILE A 9 -4.44 5.93 15.75
C ILE A 9 -4.42 7.02 14.68
N LEU A 10 -3.63 6.86 13.61
CA LEU A 10 -3.59 7.84 12.51
C LEU A 10 -4.92 7.92 11.76
N VAL A 11 -5.31 9.15 11.42
CA VAL A 11 -6.42 9.46 10.51
C VAL A 11 -5.91 9.28 9.08
N LEU A 12 -6.71 8.71 8.18
CA LEU A 12 -6.38 8.61 6.75
C LEU A 12 -7.40 9.39 5.90
N ASP A 13 -7.01 9.84 4.71
CA ASP A 13 -7.83 10.69 3.84
C ASP A 13 -7.49 10.43 2.35
N PRO A 14 -8.36 9.76 1.58
CA PRO A 14 -9.62 9.12 2.00
C PRO A 14 -9.45 7.99 3.04
N PRO A 15 -10.34 7.88 4.06
CA PRO A 15 -10.23 6.89 5.13
C PRO A 15 -10.67 5.47 4.74
N THR A 16 -11.64 5.36 3.84
CA THR A 16 -12.32 4.10 3.48
C THR A 16 -11.59 3.31 2.39
N ASP A 17 -11.39 3.92 1.21
CA ASP A 17 -10.82 3.30 0.01
C ASP A 17 -9.98 4.29 -0.80
N LEU A 18 -9.03 3.79 -1.59
CA LEU A 18 -8.28 4.58 -2.57
C LEU A 18 -9.06 4.59 -3.89
N LYS A 19 -9.40 5.79 -4.38
CA LYS A 19 -10.24 5.97 -5.57
C LYS A 19 -9.40 6.45 -6.76
N PHE A 20 -9.32 5.59 -7.77
CA PHE A 20 -8.58 5.82 -9.00
C PHE A 20 -9.57 6.12 -10.14
N LYS A 21 -9.65 7.40 -10.53
CA LYS A 21 -10.53 7.89 -11.60
C LYS A 21 -9.71 8.34 -12.82
N GLY A 22 -10.02 7.77 -13.98
CA GLY A 22 -9.30 8.02 -15.23
C GLY A 22 -9.19 6.75 -16.05
N PRO A 23 -9.03 6.83 -17.38
CA PRO A 23 -8.73 5.64 -18.15
C PRO A 23 -7.36 5.08 -17.76
N PHE A 24 -7.27 3.75 -17.73
CA PHE A 24 -6.10 3.02 -17.19
C PHE A 24 -5.06 2.66 -18.26
N THR A 25 -5.10 3.43 -19.36
CA THR A 25 -4.11 3.45 -20.45
C THR A 25 -2.73 4.00 -20.01
N ASP A 26 -2.67 4.77 -18.93
CA ASP A 26 -1.44 5.29 -18.31
C ASP A 26 -1.52 5.27 -16.76
N VAL A 27 -0.46 5.71 -16.09
CA VAL A 27 -0.37 5.82 -14.63
C VAL A 27 -1.43 6.78 -14.07
N VAL A 28 -2.07 6.39 -12.95
CA VAL A 28 -2.96 7.25 -12.14
C VAL A 28 -2.25 7.64 -10.85
N THR A 29 -2.23 8.93 -10.53
CA THR A 29 -1.63 9.45 -9.29
C THR A 29 -2.73 9.83 -8.28
N THR A 30 -2.60 9.34 -7.05
CA THR A 30 -3.59 9.49 -5.97
C THR A 30 -2.85 9.82 -4.68
N ASN A 31 -3.13 10.97 -4.08
CA ASN A 31 -2.46 11.41 -2.84
C ASN A 31 -3.32 11.07 -1.61
N LEU A 32 -2.73 10.42 -0.61
CA LEU A 32 -3.36 10.00 0.64
C LEU A 32 -2.81 10.88 1.78
N LYS A 33 -3.68 11.59 2.51
CA LYS A 33 -3.28 12.43 3.65
C LYS A 33 -3.40 11.65 4.97
N LEU A 34 -2.31 11.51 5.70
CA LEU A 34 -2.27 10.86 7.02
C LEU A 34 -2.01 11.88 8.13
N ARG A 35 -2.89 11.97 9.12
CA ARG A 35 -2.81 12.95 10.22
C ARG A 35 -2.75 12.27 11.59
N ASN A 36 -1.96 12.83 12.51
CA ASN A 36 -1.77 12.28 13.85
C ASN A 36 -2.57 13.09 14.89
N PRO A 37 -3.59 12.49 15.54
CA PRO A 37 -4.40 13.19 16.54
C PRO A 37 -3.68 13.35 17.90
N SER A 38 -2.73 12.47 18.18
CA SER A 38 -2.06 12.32 19.48
C SER A 38 -1.00 13.40 19.78
N ASP A 39 -0.47 13.35 21.01
CA ASP A 39 0.61 14.18 21.56
C ASP A 39 1.98 13.45 21.57
N ARG A 40 2.17 12.49 20.65
CA ARG A 40 3.34 11.59 20.53
C ARG A 40 3.74 11.44 19.06
N LYS A 41 4.99 11.06 18.81
CA LYS A 41 5.50 10.74 17.46
C LYS A 41 5.19 9.29 17.12
N VAL A 42 4.92 9.00 15.84
CA VAL A 42 4.51 7.65 15.38
C VAL A 42 5.12 7.33 14.02
N CYS A 43 5.73 6.16 13.88
CA CYS A 43 6.34 5.71 12.63
C CYS A 43 5.28 5.04 11.76
N PHE A 44 5.28 5.33 10.46
CA PHE A 44 4.37 4.70 9.48
C PHE A 44 5.09 3.93 8.37
N LYS A 45 4.44 2.86 7.87
CA LYS A 45 4.83 2.10 6.68
C LYS A 45 3.61 1.79 5.78
N VAL A 46 3.80 1.69 4.47
CA VAL A 46 2.76 1.36 3.47
C VAL A 46 3.01 0.00 2.82
N LYS A 47 1.93 -0.79 2.66
CA LYS A 47 1.92 -2.10 1.99
C LYS A 47 0.82 -2.14 0.91
N THR A 48 1.05 -2.93 -0.14
CA THR A 48 0.16 -3.07 -1.31
C THR A 48 -0.01 -4.55 -1.68
N THR A 49 -1.10 -4.91 -2.35
CA THR A 49 -1.29 -6.27 -2.91
C THR A 49 -0.47 -6.56 -4.17
N ALA A 50 0.15 -5.55 -4.79
CA ALA A 50 0.90 -5.73 -6.05
C ALA A 50 2.04 -4.70 -6.24
N PRO A 51 3.32 -5.04 -5.94
CA PRO A 51 4.45 -4.14 -6.20
C PRO A 51 4.67 -3.90 -7.71
N ARG A 52 4.21 -4.85 -8.54
CA ARG A 52 4.14 -4.80 -10.01
C ARG A 52 2.95 -4.01 -10.58
N ARG A 53 2.11 -3.39 -9.73
CA ARG A 53 1.05 -2.43 -10.14
C ARG A 53 0.99 -1.13 -9.32
N TYR A 54 1.63 -1.04 -8.16
CA TYR A 54 1.58 0.16 -7.30
C TYR A 54 2.96 0.63 -6.84
N CYS A 55 3.17 1.95 -6.95
CA CYS A 55 4.36 2.66 -6.46
C CYS A 55 3.94 3.67 -5.36
N VAL A 56 4.69 3.72 -4.25
CA VAL A 56 4.41 4.55 -3.06
C VAL A 56 5.67 5.35 -2.75
N ARG A 57 5.80 6.59 -3.24
CA ARG A 57 7.08 7.34 -3.20
C ARG A 57 7.87 7.35 -1.89
N PRO A 58 7.29 7.82 -0.76
CA PRO A 58 7.93 7.70 0.54
C PRO A 58 8.11 6.25 1.04
N ASN A 59 7.06 5.43 0.82
CA ASN A 59 6.78 4.07 1.34
C ASN A 59 6.72 3.94 2.87
N SER A 60 7.24 4.92 3.59
CA SER A 60 7.42 4.92 5.05
C SER A 60 7.83 6.31 5.56
N GLY A 61 7.74 6.51 6.87
CA GLY A 61 8.19 7.74 7.53
C GLY A 61 7.81 7.81 9.01
N ILE A 62 7.76 9.03 9.55
CA ILE A 62 7.27 9.33 10.90
C ILE A 62 6.33 10.56 10.83
N ILE A 63 5.25 10.58 11.63
CA ILE A 63 4.39 11.75 11.79
C ILE A 63 4.51 12.33 13.21
N ASP A 64 4.68 13.64 13.29
CA ASP A 64 4.73 14.42 14.54
C ASP A 64 3.34 14.63 15.16
N PRO A 65 3.22 14.95 16.47
CA PRO A 65 1.94 15.26 17.09
C PRO A 65 1.20 16.40 16.37
N GLY A 66 -0.11 16.21 16.12
CA GLY A 66 -0.98 17.21 15.50
C GLY A 66 -0.64 17.53 14.03
N SER A 67 0.22 16.71 13.40
CA SER A 67 0.79 16.98 12.08
C SER A 67 0.28 16.01 11.01
N THR A 68 0.52 16.35 9.73
CA THR A 68 0.04 15.57 8.56
C THR A 68 1.17 15.30 7.55
N VAL A 69 1.15 14.12 6.92
CA VAL A 69 2.02 13.76 5.77
C VAL A 69 1.13 13.36 4.60
N THR A 70 1.47 13.78 3.38
CA THR A 70 0.80 13.36 2.15
C THR A 70 1.67 12.32 1.42
N VAL A 71 1.10 11.14 1.21
CA VAL A 71 1.72 9.98 0.55
C VAL A 71 1.19 9.87 -0.87
N SER A 72 2.06 9.92 -1.87
CA SER A 72 1.67 9.77 -3.29
C SER A 72 1.69 8.30 -3.70
N VAL A 73 0.58 7.83 -4.27
CA VAL A 73 0.39 6.50 -4.86
C VAL A 73 0.34 6.67 -6.37
N MET A 74 1.14 5.91 -7.11
CA MET A 74 1.16 5.86 -8.56
C MET A 74 0.79 4.44 -9.02
N LEU A 75 -0.43 4.30 -9.52
CA LEU A 75 -1.07 3.04 -9.93
C LEU A 75 -0.83 2.87 -11.43
N GLN A 76 -0.18 1.77 -11.78
CA GLN A 76 0.35 1.49 -13.12
C GLN A 76 -0.75 1.03 -14.11
N PRO A 77 -0.61 1.32 -15.42
CA PRO A 77 -1.64 1.00 -16.41
C PRO A 77 -1.95 -0.50 -16.57
N PHE A 78 -3.19 -0.81 -16.90
CA PHE A 78 -3.72 -2.17 -17.06
C PHE A 78 -4.94 -2.24 -18.00
N ASP A 79 -5.34 -3.45 -18.39
CA ASP A 79 -6.50 -3.71 -19.25
C ASP A 79 -7.79 -3.84 -18.41
N TYR A 80 -8.57 -2.75 -18.35
CA TYR A 80 -9.83 -2.68 -17.60
C TYR A 80 -10.94 -3.55 -18.23
N ASP A 81 -11.76 -4.18 -17.38
CA ASP A 81 -12.97 -4.91 -17.76
C ASP A 81 -14.21 -4.41 -16.98
N PRO A 82 -15.36 -4.12 -17.64
CA PRO A 82 -16.56 -3.60 -16.97
C PRO A 82 -17.36 -4.68 -16.22
N ASN A 83 -17.10 -5.96 -16.46
CA ASN A 83 -17.73 -7.10 -15.79
C ASN A 83 -16.89 -7.55 -14.57
N GLU A 84 -15.56 -7.49 -14.67
CA GLU A 84 -14.65 -7.82 -13.56
C GLU A 84 -14.78 -6.84 -12.38
N LYS A 85 -14.60 -7.33 -11.14
CA LYS A 85 -14.54 -6.53 -9.90
C LYS A 85 -13.11 -6.39 -9.37
N SER A 86 -12.85 -5.35 -8.57
CA SER A 86 -11.51 -5.06 -8.04
C SER A 86 -10.98 -6.19 -7.13
N LYS A 87 -9.66 -6.43 -7.22
CA LYS A 87 -8.92 -7.46 -6.48
C LYS A 87 -7.66 -6.94 -5.77
N HIS A 88 -7.53 -5.62 -5.65
CA HIS A 88 -6.37 -4.94 -5.06
C HIS A 88 -6.71 -4.16 -3.78
N LYS A 89 -5.76 -4.14 -2.84
CA LYS A 89 -5.87 -3.43 -1.55
C LYS A 89 -4.57 -2.71 -1.17
N PHE A 90 -4.72 -1.74 -0.28
CA PHE A 90 -3.66 -1.04 0.43
C PHE A 90 -3.78 -1.30 1.93
N MET A 91 -2.65 -1.27 2.63
CA MET A 91 -2.57 -1.41 4.08
C MET A 91 -1.54 -0.42 4.61
N VAL A 92 -1.88 0.30 5.68
CA VAL A 92 -0.97 1.25 6.35
C VAL A 92 -0.72 0.74 7.77
N GLN A 93 0.54 0.53 8.11
CA GLN A 93 1.01 0.00 9.40
C GLN A 93 1.65 1.13 10.20
N THR A 94 1.35 1.26 11.50
CA THR A 94 1.91 2.30 12.39
C THR A 94 2.26 1.79 13.78
N ILE A 95 3.28 2.40 14.39
CA ILE A 95 3.67 2.14 15.80
C ILE A 95 4.29 3.38 16.45
N PHE A 96 4.03 3.62 17.74
CA PHE A 96 4.56 4.79 18.46
C PHE A 96 6.09 4.81 18.50
N ALA A 97 6.69 5.95 18.13
CA ALA A 97 8.13 6.13 18.18
C ALA A 97 8.60 6.54 19.60
N PRO A 98 9.67 5.92 20.15
CA PRO A 98 10.19 6.23 21.48
C PRO A 98 11.04 7.52 21.49
N PRO A 99 11.29 8.12 22.66
CA PRO A 99 12.16 9.30 22.79
C PRO A 99 13.65 9.00 22.59
N ASN A 100 14.07 7.73 22.68
CA ASN A 100 15.46 7.27 22.65
C ASN A 100 15.78 6.45 21.37
N THR A 101 15.49 7.02 20.19
CA THR A 101 15.91 6.48 18.88
C THR A 101 16.28 7.58 17.88
N SER A 102 17.15 7.24 16.93
CA SER A 102 17.52 8.04 15.75
C SER A 102 17.22 7.30 14.43
N ASP A 103 16.47 6.18 14.48
CA ASP A 103 16.20 5.28 13.36
C ASP A 103 14.73 4.84 13.33
N MET A 104 14.01 5.18 12.26
CA MET A 104 12.62 4.74 12.05
C MET A 104 12.50 3.25 11.75
N GLU A 105 13.58 2.55 11.40
CA GLU A 105 13.53 1.10 11.20
C GLU A 105 13.62 0.35 12.53
N ALA A 106 14.34 0.91 13.52
CA ALA A 106 14.63 0.25 14.79
C ALA A 106 13.37 0.06 15.65
N VAL A 107 12.40 0.99 15.58
CA VAL A 107 11.14 0.87 16.33
C VAL A 107 10.37 -0.41 15.95
N TRP A 108 10.45 -0.84 14.68
CA TRP A 108 9.81 -2.05 14.19
C TRP A 108 10.53 -3.33 14.62
N LYS A 109 11.85 -3.26 14.82
CA LYS A 109 12.67 -4.37 15.31
C LYS A 109 12.42 -4.65 16.81
N GLU A 110 12.19 -3.58 17.58
CA GLU A 110 11.92 -3.65 19.03
C GLU A 110 10.44 -3.89 19.39
N ALA A 111 9.53 -3.50 18.50
CA ALA A 111 8.08 -3.59 18.71
C ALA A 111 7.60 -5.04 18.70
N LYS A 112 6.76 -5.38 19.68
CA LYS A 112 6.09 -6.68 19.77
C LYS A 112 4.84 -6.73 18.90
N PRO A 113 4.40 -7.92 18.47
CA PRO A 113 3.23 -8.12 17.60
C PRO A 113 1.90 -7.62 18.21
N ASP A 114 1.88 -7.38 19.53
CA ASP A 114 0.76 -6.80 20.27
C ASP A 114 0.73 -5.25 20.28
N GLU A 115 1.84 -4.60 19.92
CA GLU A 115 1.99 -3.14 19.89
C GLU A 115 1.73 -2.53 18.50
N LEU A 116 1.75 -3.37 17.45
CA LEU A 116 1.68 -2.96 16.05
C LEU A 116 0.23 -2.64 15.66
N MET A 117 -0.01 -1.50 15.01
CA MET A 117 -1.32 -1.08 14.52
C MET A 117 -1.37 -1.11 12.99
N ASP A 118 -2.55 -1.39 12.42
CA ASP A 118 -2.81 -1.24 10.98
C ASP A 118 -4.27 -0.90 10.62
N SER A 119 -4.47 -0.49 9.37
CA SER A 119 -5.78 -0.31 8.70
C SER A 119 -5.64 -0.71 7.22
N LYS A 120 -6.71 -1.22 6.59
CA LYS A 120 -6.72 -1.61 5.17
C LYS A 120 -7.84 -0.94 4.35
N LEU A 121 -7.58 -0.78 3.05
CA LEU A 121 -8.38 -0.02 2.08
C LEU A 121 -8.40 -0.75 0.73
N ARG A 122 -9.43 -0.60 -0.10
CA ARG A 122 -9.50 -1.18 -1.45
C ARG A 122 -9.09 -0.17 -2.52
N CYS A 123 -8.70 -0.65 -3.70
CA CYS A 123 -8.49 0.18 -4.89
C CYS A 123 -9.78 0.18 -5.72
N VAL A 124 -10.34 1.36 -5.97
CA VAL A 124 -11.58 1.55 -6.75
C VAL A 124 -11.24 2.15 -8.10
N PHE A 125 -11.88 1.65 -9.17
CA PHE A 125 -11.60 2.04 -10.54
C PHE A 125 -12.83 2.69 -11.21
N GLU A 126 -12.67 3.93 -11.67
CA GLU A 126 -13.75 4.75 -12.25
C GLU A 126 -13.34 5.39 -13.59
N MET A 127 -14.29 5.47 -14.54
CA MET A 127 -14.12 6.14 -15.84
C MET A 127 -14.70 7.56 -15.82
N PRO A 128 -14.14 8.50 -16.63
CA PRO A 128 -14.64 9.87 -16.72
C PRO A 128 -16.03 9.96 -17.39
N ASN A 129 -16.71 11.10 -17.20
CA ASN A 129 -18.09 11.34 -17.64
C ASN A 129 -18.23 11.80 -19.12
N GLU A 130 -17.12 11.83 -19.85
CA GLU A 130 -17.00 12.25 -21.27
C GLU A 130 -16.13 11.28 -22.09
N PRO B 1 -11.66 6.18 23.94
CA PRO B 1 -11.96 7.37 24.78
C PRO B 1 -13.48 7.54 25.05
N LEU B 2 -13.84 8.55 25.87
CA LEU B 2 -15.22 8.90 26.26
C LEU B 2 -16.01 7.76 26.96
N GLY B 3 -15.30 6.82 27.58
CA GLY B 3 -15.86 5.64 28.26
C GLY B 3 -14.81 4.55 28.49
N SER B 4 -15.15 3.54 29.29
CA SER B 4 -14.29 2.39 29.60
C SER B 4 -14.16 1.42 28.41
N ASP B 5 -13.01 0.75 28.30
CA ASP B 5 -12.71 -0.23 27.25
C ASP B 5 -11.88 -1.42 27.77
N HIS B 6 -12.25 -2.64 27.35
CA HIS B 6 -11.61 -3.91 27.74
C HIS B 6 -11.87 -5.01 26.70
N TRP B 7 -11.07 -6.10 26.76
CA TRP B 7 -11.17 -7.24 25.85
C TRP B 7 -12.41 -8.12 26.09
N GLY B 8 -12.85 -8.83 25.06
CA GLY B 8 -14.02 -9.74 25.08
C GLY B 8 -13.79 -11.14 25.68
N LYS B 9 -12.56 -11.45 26.10
CA LYS B 9 -12.08 -12.74 26.65
C LYS B 9 -12.20 -13.92 25.68
N GLY B 10 -13.40 -14.44 25.46
CA GLY B 10 -13.68 -15.52 24.49
C GLY B 10 -13.84 -14.99 23.06
N ASP B 11 -13.24 -15.67 22.08
CA ASP B 11 -13.32 -15.33 20.65
C ASP B 11 -13.14 -16.55 19.73
N MET B 12 -13.58 -16.41 18.47
CA MET B 12 -13.33 -17.36 17.38
C MET B 12 -13.13 -16.59 16.06
N SER B 13 -12.01 -16.86 15.36
CA SER B 13 -11.71 -16.30 14.05
C SER B 13 -10.80 -17.21 13.22
N ASP B 14 -10.80 -17.01 11.90
CA ASP B 14 -9.89 -17.65 10.94
C ASP B 14 -9.65 -16.69 9.74
N GLU B 15 -8.39 -16.37 9.47
CA GLU B 15 -7.98 -15.40 8.44
C GLU B 15 -6.78 -15.89 7.60
N ASP B 16 -6.65 -15.34 6.40
CA ASP B 16 -5.60 -15.67 5.41
C ASP B 16 -5.18 -14.44 4.58
N ASP B 17 -4.02 -14.51 3.94
CA ASP B 17 -3.52 -13.50 3.00
C ASP B 17 -4.18 -13.63 1.63
N GLU B 18 -5.45 -13.22 1.58
CA GLU B 18 -6.38 -13.44 0.45
C GLU B 18 -5.91 -12.84 -0.89
N ASN B 19 -5.18 -11.72 -0.86
CA ASN B 19 -4.62 -11.03 -2.04
C ASN B 19 -3.08 -11.01 -2.06
N GLU B 20 -2.44 -11.44 -0.96
CA GLU B 20 -1.00 -11.36 -0.66
C GLU B 20 -0.43 -9.92 -0.68
N PHE B 21 -0.27 -9.32 0.51
CA PHE B 21 0.38 -8.02 0.68
C PHE B 21 1.91 -8.10 0.60
N PHE B 22 2.51 -7.02 0.14
CA PHE B 22 3.94 -6.80 -0.10
C PHE B 22 4.35 -5.45 0.49
N ASP B 23 5.61 -5.33 0.94
CA ASP B 23 6.20 -4.03 1.32
C ASP B 23 6.28 -3.15 0.07
N ALA B 24 5.57 -2.02 0.06
CA ALA B 24 5.40 -1.20 -1.13
C ALA B 24 6.72 -0.61 -1.66
N PRO B 25 7.04 -0.74 -2.96
CA PRO B 25 8.19 -0.07 -3.57
C PRO B 25 7.96 1.44 -3.70
N GLU B 26 9.03 2.23 -3.61
CA GLU B 26 9.01 3.65 -3.94
C GLU B 26 8.68 3.86 -5.43
N ILE B 27 9.25 3.01 -6.28
CA ILE B 27 8.92 2.87 -7.70
C ILE B 27 9.24 1.43 -8.18
N ILE B 28 8.63 0.99 -9.27
CA ILE B 28 8.86 -0.35 -9.85
C ILE B 28 10.14 -0.37 -10.69
N THR B 29 11.11 -1.22 -10.32
CA THR B 29 12.41 -1.34 -11.01
C THR B 29 12.74 -2.77 -11.47
N MET B 30 12.13 -3.80 -10.86
CA MET B 30 12.27 -5.22 -11.25
C MET B 30 10.88 -5.88 -11.46
N PRO B 31 10.16 -5.53 -12.55
CA PRO B 31 8.91 -6.18 -12.93
C PRO B 31 9.13 -7.61 -13.46
N GLU B 32 8.03 -8.33 -13.67
CA GLU B 32 8.02 -9.77 -14.00
C GLU B 32 8.44 -10.10 -15.45
N ASN B 33 8.43 -9.11 -16.34
CA ASN B 33 8.83 -9.27 -17.76
C ASN B 33 9.66 -8.07 -18.26
N LEU B 34 9.04 -6.88 -18.38
CA LEU B 34 9.68 -5.67 -18.94
C LEU B 34 9.18 -4.35 -18.33
N GLY B 35 7.86 -4.21 -18.12
CA GLY B 35 7.22 -3.00 -17.59
C GLY B 35 6.96 -1.89 -18.62
N HIS B 36 7.51 -2.01 -19.83
CA HIS B 36 7.42 -1.09 -20.99
C HIS B 36 7.92 0.35 -20.77
N LYS B 37 7.26 1.11 -19.88
CA LYS B 37 7.53 2.54 -19.62
C LYS B 37 8.80 2.72 -18.78
N ARG B 38 9.59 3.77 -19.05
CA ARG B 38 10.85 4.07 -18.34
C ARG B 38 10.58 4.45 -16.88
N THR B 39 11.22 3.71 -15.97
CA THR B 39 11.21 3.98 -14.51
C THR B 39 12.28 5.01 -14.12
N GLY B 40 12.32 5.42 -12.84
CA GLY B 40 13.29 6.39 -12.32
C GLY B 40 14.74 5.89 -12.33
N SER B 41 15.69 6.79 -12.56
CA SER B 41 17.14 6.48 -12.62
C SER B 41 17.81 6.33 -11.24
N HIS B 42 17.16 6.82 -10.17
CA HIS B 42 17.72 6.89 -8.82
C HIS B 42 17.81 5.52 -8.12
N HIS B 43 18.84 5.32 -7.29
CA HIS B 43 19.03 4.12 -6.49
C HIS B 43 18.27 4.13 -5.14
N HIS B 44 17.95 5.34 -4.64
CA HIS B 44 17.24 5.59 -3.37
C HIS B 44 16.42 6.90 -3.43
N GLY A 3 -18.95 0.16 14.84
CA GLY A 3 -17.54 0.50 14.52
C GLY A 3 -17.30 0.46 13.01
N SER A 4 -16.68 1.51 12.47
CA SER A 4 -16.49 1.73 11.01
C SER A 4 -15.02 1.96 10.61
N ASP A 5 -14.07 1.68 11.49
CA ASP A 5 -12.63 1.88 11.31
C ASP A 5 -11.79 0.79 12.02
N HIS A 6 -10.48 0.75 11.73
CA HIS A 6 -9.57 -0.33 12.15
C HIS A 6 -9.02 -0.20 13.58
N GLU A 7 -9.39 0.87 14.29
CA GLU A 7 -8.97 1.22 15.65
C GLU A 7 -7.46 1.44 15.86
N GLN A 8 -6.82 2.11 14.89
CA GLN A 8 -5.45 2.62 15.00
C GLN A 8 -5.43 4.08 15.47
N ILE A 9 -4.26 4.57 15.89
CA ILE A 9 -4.08 5.96 16.33
C ILE A 9 -4.24 6.97 15.18
N LEU A 10 -3.75 6.63 13.97
CA LEU A 10 -3.77 7.57 12.83
C LEU A 10 -5.13 7.62 12.12
N VAL A 11 -5.48 8.80 11.62
CA VAL A 11 -6.64 9.00 10.72
C VAL A 11 -6.16 9.14 9.27
N LEU A 12 -6.76 8.36 8.36
CA LEU A 12 -6.37 8.28 6.95
C LEU A 12 -7.38 9.04 6.07
N ASP A 13 -6.96 9.46 4.87
CA ASP A 13 -7.75 10.29 3.96
C ASP A 13 -7.44 9.96 2.50
N PRO A 14 -8.32 9.23 1.77
CA PRO A 14 -9.56 8.62 2.24
C PRO A 14 -9.37 7.50 3.29
N PRO A 15 -10.27 7.37 4.29
CA PRO A 15 -10.16 6.40 5.39
C PRO A 15 -10.57 4.97 5.03
N THR A 16 -11.54 4.82 4.13
CA THR A 16 -12.20 3.55 3.80
C THR A 16 -11.50 2.77 2.68
N ASP A 17 -11.38 3.39 1.50
CA ASP A 17 -10.82 2.79 0.28
C ASP A 17 -10.06 3.84 -0.55
N LEU A 18 -9.11 3.41 -1.39
CA LEU A 18 -8.39 4.26 -2.33
C LEU A 18 -9.18 4.32 -3.65
N LYS A 19 -9.52 5.55 -4.08
CA LYS A 19 -10.28 5.80 -5.30
C LYS A 19 -9.35 6.31 -6.40
N PHE A 20 -9.16 5.48 -7.42
CA PHE A 20 -8.38 5.78 -8.61
C PHE A 20 -9.32 6.27 -9.71
N LYS A 21 -9.30 7.58 -9.97
CA LYS A 21 -10.10 8.21 -11.03
C LYS A 21 -9.18 8.73 -12.14
N GLY A 22 -9.42 8.28 -13.37
CA GLY A 22 -8.58 8.57 -14.52
C GLY A 22 -8.66 7.46 -15.55
N PRO A 23 -8.40 7.70 -16.85
CA PRO A 23 -8.25 6.61 -17.77
C PRO A 23 -6.97 5.85 -17.44
N PHE A 24 -7.04 4.53 -17.55
CA PHE A 24 -5.96 3.63 -17.11
C PHE A 24 -4.97 3.32 -18.25
N THR A 25 -4.90 4.23 -19.22
CA THR A 25 -3.94 4.28 -20.34
C THR A 25 -2.53 4.72 -19.92
N ASP A 26 -2.42 5.35 -18.75
CA ASP A 26 -1.16 5.78 -18.12
C ASP A 26 -1.24 5.63 -16.58
N VAL A 27 -0.15 5.96 -15.87
CA VAL A 27 -0.08 5.93 -14.40
C VAL A 27 -1.09 6.90 -13.78
N VAL A 28 -1.81 6.44 -12.76
CA VAL A 28 -2.67 7.27 -11.89
C VAL A 28 -1.93 7.60 -10.61
N THR A 29 -1.73 8.89 -10.35
CA THR A 29 -1.18 9.40 -9.08
C THR A 29 -2.33 9.69 -8.12
N THR A 30 -2.31 9.04 -6.95
CA THR A 30 -3.34 9.17 -5.90
C THR A 30 -2.65 9.46 -4.57
N ASN A 31 -2.96 10.59 -3.94
CA ASN A 31 -2.42 10.98 -2.65
C ASN A 31 -3.33 10.51 -1.49
N LEU A 32 -2.71 9.88 -0.49
CA LEU A 32 -3.32 9.48 0.78
C LEU A 32 -2.75 10.37 1.89
N LYS A 33 -3.59 11.15 2.59
CA LYS A 33 -3.16 11.97 3.74
C LYS A 33 -3.32 11.19 5.03
N LEU A 34 -2.26 11.08 5.82
CA LEU A 34 -2.26 10.48 7.15
C LEU A 34 -2.03 11.56 8.20
N ARG A 35 -3.01 11.80 9.09
CA ARG A 35 -2.94 12.80 10.15
C ARG A 35 -2.91 12.14 11.52
N ASN A 36 -2.14 12.71 12.44
CA ASN A 36 -1.96 12.18 13.79
C ASN A 36 -2.75 13.01 14.81
N PRO A 37 -3.79 12.43 15.46
CA PRO A 37 -4.55 13.12 16.50
C PRO A 37 -3.80 13.21 17.85
N SER A 38 -2.86 12.29 18.05
CA SER A 38 -2.13 12.07 19.32
C SER A 38 -1.20 13.22 19.74
N ASP A 39 -0.68 13.08 20.96
CA ASP A 39 0.32 13.90 21.64
C ASP A 39 1.74 13.27 21.62
N ARG A 40 1.94 12.28 20.73
CA ARG A 40 3.12 11.43 20.57
C ARG A 40 3.50 11.31 19.10
N LYS A 41 4.74 10.89 18.84
CA LYS A 41 5.24 10.57 17.49
C LYS A 41 4.89 9.12 17.15
N VAL A 42 4.64 8.81 15.88
CA VAL A 42 4.22 7.46 15.42
C VAL A 42 4.85 7.14 14.07
N CYS A 43 5.43 5.95 13.95
CA CYS A 43 6.03 5.46 12.72
C CYS A 43 4.97 4.75 11.87
N PHE A 44 4.99 4.97 10.56
CA PHE A 44 4.08 4.32 9.61
C PHE A 44 4.79 3.53 8.51
N LYS A 45 4.15 2.45 8.04
CA LYS A 45 4.65 1.51 7.03
C LYS A 45 3.58 1.10 6.02
N VAL A 46 3.86 1.09 4.72
CA VAL A 46 2.87 0.84 3.65
C VAL A 46 3.19 -0.43 2.84
N LYS A 47 2.17 -1.26 2.57
CA LYS A 47 2.21 -2.46 1.71
C LYS A 47 1.07 -2.47 0.68
N THR A 48 1.26 -3.22 -0.41
CA THR A 48 0.27 -3.41 -1.51
C THR A 48 0.11 -4.90 -1.82
N THR A 49 -1.01 -5.30 -2.42
CA THR A 49 -1.21 -6.67 -2.94
C THR A 49 -0.47 -6.95 -4.26
N ALA A 50 0.00 -5.91 -4.96
CA ALA A 50 0.57 -6.05 -6.32
C ALA A 50 1.71 -5.04 -6.60
N PRO A 51 2.99 -5.36 -6.35
CA PRO A 51 4.09 -4.39 -6.52
C PRO A 51 4.39 -4.05 -7.99
N ARG A 52 3.93 -4.92 -8.92
CA ARG A 52 3.94 -4.70 -10.38
C ARG A 52 2.74 -3.90 -10.92
N ARG A 53 1.76 -3.56 -10.06
CA ARG A 53 0.65 -2.62 -10.36
C ARG A 53 0.66 -1.35 -9.51
N TYR A 54 1.29 -1.33 -8.34
CA TYR A 54 1.29 -0.17 -7.43
C TYR A 54 2.66 0.18 -6.89
N CYS A 55 2.93 1.49 -6.81
CA CYS A 55 4.13 2.08 -6.23
C CYS A 55 3.78 3.11 -5.14
N VAL A 56 4.61 3.24 -4.11
CA VAL A 56 4.40 4.03 -2.89
C VAL A 56 5.68 4.83 -2.60
N ARG A 57 5.76 6.11 -3.00
CA ARG A 57 7.03 6.86 -2.98
C ARG A 57 7.84 6.83 -1.67
N PRO A 58 7.25 7.23 -0.53
CA PRO A 58 7.91 7.10 0.77
C PRO A 58 8.17 5.65 1.23
N ASN A 59 7.20 4.76 0.96
CA ASN A 59 7.04 3.36 1.44
C ASN A 59 6.84 3.24 2.98
N SER A 60 7.32 4.24 3.72
CA SER A 60 7.30 4.32 5.19
C SER A 60 7.74 5.72 5.65
N GLY A 61 7.50 6.06 6.92
CA GLY A 61 7.89 7.35 7.50
C GLY A 61 7.47 7.47 8.96
N ILE A 62 7.54 8.69 9.51
CA ILE A 62 7.12 9.01 10.89
C ILE A 62 6.28 10.30 10.89
N ILE A 63 5.24 10.36 11.72
CA ILE A 63 4.35 11.53 11.88
C ILE A 63 4.44 12.09 13.31
N ASP A 64 4.53 13.41 13.41
CA ASP A 64 4.56 14.18 14.67
C ASP A 64 3.14 14.44 15.25
N PRO A 65 3.01 14.76 16.55
CA PRO A 65 1.72 15.09 17.16
C PRO A 65 1.04 16.29 16.48
N GLY A 66 -0.21 16.09 16.04
CA GLY A 66 -1.01 17.10 15.31
C GLY A 66 -0.59 17.33 13.86
N SER A 67 0.38 16.57 13.33
CA SER A 67 0.90 16.74 11.97
C SER A 67 0.26 15.79 10.96
N THR A 68 0.46 16.06 9.66
CA THR A 68 -0.01 15.23 8.53
C THR A 68 1.15 14.92 7.57
N VAL A 69 1.18 13.70 7.02
CA VAL A 69 2.09 13.29 5.92
C VAL A 69 1.25 12.81 4.74
N THR A 70 1.65 13.19 3.52
CA THR A 70 1.02 12.80 2.27
C THR A 70 1.83 11.70 1.61
N VAL A 71 1.21 10.54 1.43
CA VAL A 71 1.76 9.37 0.74
C VAL A 71 1.24 9.33 -0.69
N SER A 72 2.14 9.45 -1.66
CA SER A 72 1.81 9.38 -3.10
C SER A 72 1.85 7.92 -3.57
N VAL A 73 0.72 7.46 -4.10
CA VAL A 73 0.55 6.14 -4.74
C VAL A 73 0.56 6.34 -6.25
N MET A 74 1.30 5.50 -6.96
CA MET A 74 1.36 5.45 -8.43
C MET A 74 0.86 4.10 -8.92
N LEU A 75 -0.37 4.07 -9.43
CA LEU A 75 -1.06 2.89 -9.93
C LEU A 75 -0.82 2.80 -11.44
N GLN A 76 -0.22 1.69 -11.86
CA GLN A 76 0.30 1.46 -13.20
C GLN A 76 -0.82 1.16 -14.22
N PRO A 77 -0.67 1.54 -15.51
CA PRO A 77 -1.72 1.36 -16.53
C PRO A 77 -2.09 -0.10 -16.79
N PHE A 78 -3.35 -0.33 -17.15
CA PHE A 78 -3.93 -1.65 -17.46
C PHE A 78 -5.17 -1.56 -18.36
N ASP A 79 -5.60 -2.71 -18.88
CA ASP A 79 -6.77 -2.83 -19.76
C ASP A 79 -8.09 -2.92 -18.95
N TYR A 80 -8.59 -1.76 -18.51
CA TYR A 80 -9.82 -1.64 -17.71
C TYR A 80 -11.07 -2.17 -18.46
N ASP A 81 -11.91 -2.92 -17.75
CA ASP A 81 -13.25 -3.34 -18.18
C ASP A 81 -14.31 -2.94 -17.13
N PRO A 82 -15.45 -2.32 -17.51
CA PRO A 82 -16.50 -1.93 -16.57
C PRO A 82 -17.27 -3.13 -15.97
N ASN A 83 -17.14 -4.31 -16.57
CA ASN A 83 -17.72 -5.56 -16.07
C ASN A 83 -16.77 -6.34 -15.13
N GLU A 84 -15.46 -6.11 -15.22
CA GLU A 84 -14.44 -6.80 -14.41
C GLU A 84 -14.37 -6.25 -12.97
N LYS A 85 -14.11 -7.15 -12.00
CA LYS A 85 -14.06 -6.84 -10.56
C LYS A 85 -12.66 -6.42 -10.11
N SER A 86 -12.56 -5.53 -9.12
CA SER A 86 -11.29 -5.21 -8.45
C SER A 86 -10.84 -6.36 -7.52
N LYS A 87 -9.52 -6.55 -7.40
CA LYS A 87 -8.88 -7.59 -6.55
C LYS A 87 -7.69 -7.10 -5.73
N HIS A 88 -7.50 -5.77 -5.63
CA HIS A 88 -6.30 -5.15 -5.05
C HIS A 88 -6.58 -4.39 -3.75
N LYS A 89 -5.64 -4.47 -2.80
CA LYS A 89 -5.69 -3.78 -1.49
C LYS A 89 -4.37 -3.11 -1.14
N PHE A 90 -4.47 -2.16 -0.21
CA PHE A 90 -3.37 -1.48 0.48
C PHE A 90 -3.46 -1.79 1.98
N MET A 91 -2.31 -1.81 2.64
CA MET A 91 -2.21 -1.92 4.10
C MET A 91 -1.27 -0.85 4.66
N VAL A 92 -1.66 -0.22 5.76
CA VAL A 92 -0.86 0.77 6.50
C VAL A 92 -0.71 0.31 7.96
N GLN A 93 0.49 -0.13 8.34
CA GLN A 93 0.89 -0.56 9.68
C GLN A 93 1.56 0.60 10.42
N THR A 94 1.29 0.74 11.72
CA THR A 94 1.73 1.87 12.54
C THR A 94 2.12 1.47 13.97
N ILE A 95 3.09 2.17 14.55
CA ILE A 95 3.52 1.98 15.96
C ILE A 95 4.05 3.28 16.57
N PHE A 96 3.81 3.52 17.86
CA PHE A 96 4.33 4.72 18.55
C PHE A 96 5.88 4.75 18.53
N ALA A 97 6.42 5.90 18.13
CA ALA A 97 7.86 6.11 18.00
C ALA A 97 8.52 6.48 19.35
N PRO A 98 9.83 6.24 19.52
CA PRO A 98 10.59 6.75 20.67
C PRO A 98 10.68 8.30 20.66
N PRO A 99 11.05 8.93 21.79
CA PRO A 99 11.11 10.39 21.92
C PRO A 99 12.06 11.05 20.89
N ASN A 100 13.17 10.37 20.60
CA ASN A 100 14.11 10.71 19.52
C ASN A 100 14.67 9.43 18.86
N THR A 101 14.77 9.42 17.53
CA THR A 101 15.47 8.38 16.74
C THR A 101 15.96 8.90 15.39
N SER A 102 17.09 8.38 14.92
CA SER A 102 17.63 8.58 13.57
C SER A 102 17.42 7.34 12.66
N ASP A 103 16.77 6.29 13.17
CA ASP A 103 16.59 4.99 12.49
C ASP A 103 15.14 4.48 12.62
N MET A 104 14.41 4.50 11.51
CA MET A 104 13.03 3.98 11.43
C MET A 104 12.93 2.47 11.28
N GLU A 105 14.03 1.76 11.05
CA GLU A 105 14.05 0.28 11.07
C GLU A 105 13.99 -0.24 12.52
N ALA A 106 14.62 0.47 13.46
CA ALA A 106 14.82 0.02 14.84
C ALA A 106 13.54 0.05 15.67
N VAL A 107 12.62 0.99 15.41
CA VAL A 107 11.32 1.08 16.11
C VAL A 107 10.52 -0.23 15.95
N TRP A 108 10.57 -0.86 14.78
CA TRP A 108 9.86 -2.11 14.50
C TRP A 108 10.51 -3.33 15.18
N LYS A 109 11.83 -3.26 15.41
CA LYS A 109 12.58 -4.29 16.16
C LYS A 109 12.31 -4.23 17.67
N GLU A 110 12.12 -3.02 18.21
CA GLU A 110 11.83 -2.81 19.64
C GLU A 110 10.34 -2.89 20.01
N ALA A 111 9.47 -2.67 19.03
CA ALA A 111 8.01 -2.66 19.16
C ALA A 111 7.46 -3.99 19.67
N LYS A 112 6.52 -3.91 20.60
CA LYS A 112 5.80 -5.08 21.11
C LYS A 112 4.53 -5.36 20.28
N PRO A 113 4.06 -6.62 20.25
CA PRO A 113 2.84 -7.04 19.55
C PRO A 113 1.56 -6.34 20.07
N ASP A 114 1.60 -5.79 21.29
CA ASP A 114 0.50 -5.02 21.89
C ASP A 114 0.50 -3.53 21.47
N GLU A 115 1.62 -3.00 20.98
CA GLU A 115 1.78 -1.61 20.52
C GLU A 115 1.45 -1.43 19.03
N LEU A 116 1.49 -2.52 18.25
CA LEU A 116 1.41 -2.52 16.80
C LEU A 116 -0.05 -2.40 16.35
N MET A 117 -0.28 -1.52 15.37
CA MET A 117 -1.59 -1.22 14.79
C MET A 117 -1.55 -1.38 13.26
N ASP A 118 -2.69 -1.59 12.60
CA ASP A 118 -2.77 -1.64 11.14
C ASP A 118 -4.13 -1.17 10.59
N SER A 119 -4.17 -1.00 9.26
CA SER A 119 -5.25 -0.44 8.47
C SER A 119 -5.28 -1.14 7.12
N LYS A 120 -6.43 -1.57 6.58
CA LYS A 120 -6.52 -2.08 5.19
C LYS A 120 -7.64 -1.43 4.37
N LEU A 121 -7.38 -1.24 3.07
CA LEU A 121 -8.20 -0.46 2.14
C LEU A 121 -8.19 -1.11 0.75
N ARG A 122 -9.29 -1.02 -0.02
CA ARG A 122 -9.39 -1.56 -1.40
C ARG A 122 -9.03 -0.49 -2.44
N CYS A 123 -8.78 -0.91 -3.69
CA CYS A 123 -8.56 -0.04 -4.83
C CYS A 123 -9.83 -0.01 -5.70
N VAL A 124 -10.38 1.18 -5.93
CA VAL A 124 -11.59 1.44 -6.75
C VAL A 124 -11.18 2.12 -8.05
N PHE A 125 -11.81 1.77 -9.16
CA PHE A 125 -11.50 2.31 -10.49
C PHE A 125 -12.66 3.09 -11.09
N GLU A 126 -12.41 4.33 -11.53
CA GLU A 126 -13.40 5.25 -12.13
C GLU A 126 -12.85 5.98 -13.36
N MET A 127 -13.69 6.15 -14.39
CA MET A 127 -13.37 6.93 -15.59
C MET A 127 -13.91 8.37 -15.49
N PRO A 128 -13.26 9.37 -16.11
CA PRO A 128 -13.69 10.77 -16.06
C PRO A 128 -14.98 11.04 -16.87
N ASN A 129 -15.70 12.11 -16.49
CA ASN A 129 -16.91 12.60 -17.14
C ASN A 129 -16.90 14.15 -17.22
N GLU A 130 -15.72 14.71 -17.51
CA GLU A 130 -15.38 16.15 -17.43
C GLU A 130 -14.62 16.68 -18.66
N PRO B 1 15.53 -35.02 10.98
CA PRO B 1 16.95 -34.63 11.27
C PRO B 1 17.33 -33.25 10.72
N LEU B 2 17.33 -33.09 9.39
CA LEU B 2 17.74 -31.84 8.71
C LEU B 2 16.62 -30.78 8.71
N GLY B 3 17.01 -29.51 8.78
CA GLY B 3 16.11 -28.34 8.75
C GLY B 3 15.82 -27.82 7.35
N SER B 4 16.30 -28.52 6.30
CA SER B 4 16.15 -28.14 4.90
C SER B 4 14.73 -28.34 4.34
N ASP B 5 13.88 -29.06 5.07
CA ASP B 5 12.44 -29.26 4.82
C ASP B 5 11.67 -29.30 6.16
N HIS B 6 10.34 -29.19 6.12
CA HIS B 6 9.46 -29.25 7.32
C HIS B 6 8.85 -30.63 7.58
N TRP B 7 8.96 -31.56 6.61
CA TRP B 7 8.63 -32.99 6.64
C TRP B 7 7.15 -33.37 6.88
N GLY B 8 6.63 -34.30 6.08
CA GLY B 8 5.28 -34.88 6.21
C GLY B 8 4.13 -33.99 5.68
N LYS B 9 4.06 -32.72 6.12
CA LYS B 9 3.03 -31.74 5.74
C LYS B 9 3.44 -30.75 4.62
N GLY B 10 4.53 -31.05 3.91
CA GLY B 10 4.98 -30.32 2.72
C GLY B 10 5.68 -28.99 3.01
N ASP B 11 5.82 -28.17 1.96
CA ASP B 11 6.64 -26.94 1.95
C ASP B 11 6.00 -25.75 2.70
N MET B 12 4.67 -25.73 2.84
CA MET B 12 3.92 -24.61 3.42
C MET B 12 2.75 -25.10 4.30
N SER B 13 2.57 -24.45 5.46
CA SER B 13 1.46 -24.70 6.41
C SER B 13 0.24 -23.80 6.12
N ASP B 14 -0.66 -23.63 7.09
CA ASP B 14 -1.86 -22.75 7.03
C ASP B 14 -1.50 -21.25 7.14
N GLU B 15 -0.59 -20.79 6.29
CA GLU B 15 0.09 -19.47 6.32
C GLU B 15 -0.36 -18.46 5.24
N ASP B 16 -1.35 -18.93 4.53
CA ASP B 16 -2.01 -18.37 3.35
C ASP B 16 -2.70 -17.00 3.60
N ASP B 17 -2.88 -16.22 2.53
CA ASP B 17 -3.58 -14.93 2.52
C ASP B 17 -4.40 -14.81 1.22
N GLU B 18 -5.60 -14.24 1.35
CA GLU B 18 -6.58 -14.06 0.25
C GLU B 18 -6.02 -13.34 -0.99
N ASN B 19 -5.11 -12.36 -0.82
CA ASN B 19 -4.51 -11.58 -1.90
C ASN B 19 -2.96 -11.61 -1.91
N GLU B 20 -2.36 -11.86 -0.73
CA GLU B 20 -0.93 -11.75 -0.42
C GLU B 20 -0.36 -10.32 -0.58
N PHE B 21 -0.01 -9.69 0.55
CA PHE B 21 0.63 -8.37 0.59
C PHE B 21 2.16 -8.45 0.44
N PHE B 22 2.71 -7.43 -0.19
CA PHE B 22 4.12 -7.28 -0.57
C PHE B 22 4.66 -5.93 -0.05
N ASP B 23 5.96 -5.88 0.25
CA ASP B 23 6.66 -4.63 0.57
C ASP B 23 6.64 -3.70 -0.67
N ALA B 24 5.92 -2.58 -0.56
CA ALA B 24 5.63 -1.71 -1.70
C ALA B 24 6.89 -0.97 -2.22
N PRO B 25 7.24 -1.08 -3.53
CA PRO B 25 8.33 -0.31 -4.12
C PRO B 25 8.00 1.18 -4.21
N GLU B 26 9.01 2.05 -4.08
CA GLU B 26 8.86 3.48 -4.35
C GLU B 26 8.51 3.74 -5.82
N ILE B 27 9.11 2.96 -6.73
CA ILE B 27 8.74 2.91 -8.14
C ILE B 27 9.14 1.56 -8.78
N ILE B 28 8.52 1.24 -9.92
CA ILE B 28 8.75 0.05 -10.74
C ILE B 28 9.06 0.51 -12.18
N THR B 29 10.14 0.00 -12.77
CA THR B 29 10.67 0.52 -14.06
C THR B 29 10.15 -0.21 -15.31
N MET B 30 9.78 -1.49 -15.20
CA MET B 30 9.29 -2.33 -16.30
C MET B 30 8.07 -3.18 -15.91
N PRO B 31 6.95 -2.57 -15.46
CA PRO B 31 5.76 -3.29 -15.00
C PRO B 31 5.08 -4.02 -16.15
N GLU B 32 4.83 -5.32 -15.94
CA GLU B 32 4.11 -6.22 -16.86
C GLU B 32 4.69 -6.25 -18.30
N ASN B 33 6.02 -6.10 -18.41
CA ASN B 33 6.73 -5.88 -19.67
C ASN B 33 6.65 -7.07 -20.66
N LEU B 34 6.82 -6.76 -21.95
CA LEU B 34 6.78 -7.68 -23.09
C LEU B 34 5.48 -8.52 -23.21
N GLY B 35 4.36 -8.01 -22.69
CA GLY B 35 3.03 -8.60 -22.87
C GLY B 35 2.51 -8.49 -24.31
N HIS B 36 2.87 -7.39 -25.00
CA HIS B 36 2.57 -7.12 -26.42
C HIS B 36 3.74 -6.39 -27.10
N LYS B 37 4.03 -6.74 -28.36
CA LYS B 37 5.00 -6.04 -29.23
C LYS B 37 4.64 -6.23 -30.72
N ARG B 38 4.86 -5.21 -31.56
CA ARG B 38 4.55 -5.20 -33.00
C ARG B 38 5.75 -5.34 -33.96
N THR B 39 6.95 -5.56 -33.41
CA THR B 39 8.20 -5.86 -34.15
C THR B 39 8.63 -7.32 -33.98
N GLY B 40 9.51 -7.81 -34.86
CA GLY B 40 10.05 -9.18 -34.82
C GLY B 40 11.21 -9.43 -35.78
N SER B 41 11.77 -10.64 -35.73
CA SER B 41 12.98 -11.05 -36.48
C SER B 41 12.73 -11.44 -37.95
N HIS B 42 11.58 -11.06 -38.51
CA HIS B 42 11.09 -11.46 -39.84
C HIS B 42 11.76 -10.72 -41.01
N HIS B 43 12.51 -9.65 -40.73
CA HIS B 43 13.24 -8.86 -41.75
C HIS B 43 14.39 -9.63 -42.40
N HIS B 44 14.66 -9.36 -43.68
CA HIS B 44 15.70 -9.98 -44.51
C HIS B 44 16.36 -8.96 -45.47
N GLY A 3 -15.72 -3.43 20.11
CA GLY A 3 -14.68 -2.78 19.27
C GLY A 3 -14.34 -3.59 18.03
N SER A 4 -13.25 -3.22 17.35
CA SER A 4 -12.73 -3.87 16.13
C SER A 4 -11.23 -4.15 16.21
N ASP A 5 -10.79 -5.20 15.53
CA ASP A 5 -9.38 -5.59 15.40
C ASP A 5 -8.54 -4.62 14.53
N HIS A 6 -9.22 -3.81 13.71
CA HIS A 6 -8.62 -2.89 12.72
C HIS A 6 -8.51 -1.43 13.18
N GLU A 7 -8.61 -1.20 14.50
CA GLU A 7 -8.43 0.11 15.13
C GLU A 7 -6.94 0.48 15.29
N GLN A 8 -6.61 1.74 14.96
CA GLN A 8 -5.28 2.35 15.04
C GLN A 8 -5.36 3.78 15.61
N ILE A 9 -4.19 4.36 15.92
CA ILE A 9 -4.07 5.75 16.36
C ILE A 9 -4.32 6.77 15.24
N LEU A 10 -3.91 6.48 14.00
CA LEU A 10 -3.95 7.45 12.89
C LEU A 10 -5.34 7.58 12.25
N VAL A 11 -5.58 8.74 11.62
CA VAL A 11 -6.74 9.00 10.76
C VAL A 11 -6.26 9.18 9.31
N LEU A 12 -6.87 8.45 8.38
CA LEU A 12 -6.46 8.36 6.97
C LEU A 12 -7.47 9.13 6.08
N ASP A 13 -7.06 9.54 4.87
CA ASP A 13 -7.84 10.39 3.97
C ASP A 13 -7.50 10.10 2.49
N PRO A 14 -8.37 9.40 1.72
CA PRO A 14 -9.63 8.77 2.13
C PRO A 14 -9.45 7.66 3.20
N PRO A 15 -10.36 7.56 4.19
CA PRO A 15 -10.26 6.59 5.30
C PRO A 15 -10.68 5.16 4.92
N THR A 16 -11.63 5.03 3.99
CA THR A 16 -12.28 3.76 3.62
C THR A 16 -11.48 2.97 2.58
N ASP A 17 -11.26 3.55 1.40
CA ASP A 17 -10.66 2.90 0.23
C ASP A 17 -9.79 3.90 -0.58
N LEU A 18 -8.82 3.41 -1.36
CA LEU A 18 -8.00 4.23 -2.25
C LEU A 18 -8.70 4.35 -3.60
N LYS A 19 -8.88 5.58 -4.10
CA LYS A 19 -9.62 5.88 -5.33
C LYS A 19 -8.68 6.18 -6.48
N PHE A 20 -8.84 5.44 -7.57
CA PHE A 20 -8.08 5.56 -8.81
C PHE A 20 -9.04 5.94 -9.96
N LYS A 21 -8.97 7.19 -10.41
CA LYS A 21 -9.80 7.72 -11.52
C LYS A 21 -8.94 8.01 -12.75
N GLY A 22 -9.33 7.51 -13.92
CA GLY A 22 -8.64 7.75 -15.18
C GLY A 22 -9.04 6.70 -16.23
N PRO A 23 -8.48 6.76 -17.44
CA PRO A 23 -8.80 5.77 -18.47
C PRO A 23 -8.17 4.38 -18.35
N PHE A 24 -7.12 4.41 -17.56
CA PHE A 24 -6.08 3.42 -17.28
C PHE A 24 -5.22 3.09 -18.51
N THR A 25 -5.19 4.03 -19.46
CA THR A 25 -4.27 4.03 -20.62
C THR A 25 -2.87 4.58 -20.28
N ASP A 26 -2.75 5.28 -19.14
CA ASP A 26 -1.51 5.74 -18.52
C ASP A 26 -1.58 5.62 -16.97
N VAL A 27 -0.50 5.99 -16.27
CA VAL A 27 -0.38 5.95 -14.80
C VAL A 27 -1.42 6.86 -14.13
N VAL A 28 -2.04 6.36 -13.07
CA VAL A 28 -2.91 7.12 -12.15
C VAL A 28 -2.12 7.53 -10.91
N THR A 29 -2.17 8.80 -10.53
CA THR A 29 -1.63 9.29 -9.25
C THR A 29 -2.75 9.46 -8.23
N THR A 30 -2.58 8.91 -7.03
CA THR A 30 -3.55 8.96 -5.94
C THR A 30 -2.78 9.26 -4.65
N ASN A 31 -3.09 10.38 -4.00
CA ASN A 31 -2.52 10.72 -2.71
C ASN A 31 -3.44 10.29 -1.55
N LEU A 32 -2.82 9.83 -0.46
CA LEU A 32 -3.43 9.48 0.81
C LEU A 32 -2.86 10.39 1.90
N LYS A 33 -3.70 11.17 2.58
CA LYS A 33 -3.29 12.01 3.72
C LYS A 33 -3.43 11.24 5.02
N LEU A 34 -2.35 11.11 5.79
CA LEU A 34 -2.35 10.51 7.12
C LEU A 34 -2.09 11.58 8.17
N ARG A 35 -3.04 11.80 9.09
CA ARG A 35 -2.89 12.75 10.21
C ARG A 35 -2.85 12.00 11.54
N ASN A 36 -2.05 12.51 12.48
CA ASN A 36 -1.91 11.94 13.82
C ASN A 36 -2.67 12.80 14.84
N PRO A 37 -3.74 12.26 15.46
CA PRO A 37 -4.53 12.99 16.45
C PRO A 37 -3.85 13.11 17.82
N SER A 38 -2.92 12.20 18.10
CA SER A 38 -2.25 12.00 19.40
C SER A 38 -1.27 13.11 19.79
N ASP A 39 -0.71 12.98 21.01
CA ASP A 39 0.35 13.82 21.60
C ASP A 39 1.70 13.07 21.67
N ARG A 40 1.93 12.15 20.72
CA ARG A 40 3.12 11.28 20.57
C ARG A 40 3.53 11.21 19.10
N LYS A 41 4.80 10.89 18.83
CA LYS A 41 5.29 10.58 17.47
C LYS A 41 4.97 9.12 17.12
N VAL A 42 4.75 8.82 15.85
CA VAL A 42 4.38 7.46 15.38
C VAL A 42 5.02 7.16 14.04
N CYS A 43 5.65 5.99 13.91
CA CYS A 43 6.25 5.53 12.66
C CYS A 43 5.19 4.82 11.82
N PHE A 44 5.19 5.07 10.51
CA PHE A 44 4.30 4.38 9.55
C PHE A 44 5.05 3.60 8.46
N LYS A 45 4.45 2.52 8.00
CA LYS A 45 4.86 1.71 6.84
C LYS A 45 3.68 1.36 5.94
N VAL A 46 3.90 1.21 4.62
CA VAL A 46 2.86 0.96 3.61
C VAL A 46 3.07 -0.40 2.91
N LYS A 47 1.98 -1.12 2.63
CA LYS A 47 1.95 -2.39 1.88
C LYS A 47 0.94 -2.32 0.72
N THR A 48 1.17 -3.10 -0.33
CA THR A 48 0.29 -3.23 -1.52
C THR A 48 0.09 -4.71 -1.88
N THR A 49 -0.99 -5.06 -2.57
CA THR A 49 -1.16 -6.41 -3.15
C THR A 49 -0.25 -6.69 -4.37
N ALA A 50 0.29 -5.65 -5.01
CA ALA A 50 0.99 -5.80 -6.29
C ALA A 50 2.10 -4.76 -6.53
N PRO A 51 3.35 -4.98 -6.07
CA PRO A 51 4.48 -4.07 -6.35
C PRO A 51 4.73 -3.90 -7.87
N ARG A 52 4.48 -4.96 -8.65
CA ARG A 52 4.50 -4.99 -10.12
C ARG A 52 3.39 -4.17 -10.82
N ARG A 53 2.42 -3.62 -10.07
CA ARG A 53 1.39 -2.65 -10.55
C ARG A 53 1.41 -1.31 -9.81
N TYR A 54 1.99 -1.20 -8.62
CA TYR A 54 1.96 0.00 -7.78
C TYR A 54 3.34 0.52 -7.33
N CYS A 55 3.51 1.84 -7.37
CA CYS A 55 4.64 2.58 -6.79
C CYS A 55 4.13 3.35 -5.56
N VAL A 56 4.93 3.34 -4.49
CA VAL A 56 4.61 3.83 -3.14
C VAL A 56 5.80 4.69 -2.72
N ARG A 57 5.88 5.93 -3.24
CA ARG A 57 7.08 6.78 -3.15
C ARG A 57 7.80 6.90 -1.81
N PRO A 58 7.15 7.33 -0.72
CA PRO A 58 7.76 7.29 0.60
C PRO A 58 8.12 5.88 1.12
N ASN A 59 7.23 4.91 0.86
CA ASN A 59 7.14 3.52 1.38
C ASN A 59 6.93 3.43 2.91
N SER A 60 7.34 4.45 3.64
CA SER A 60 7.37 4.54 5.10
C SER A 60 7.71 5.96 5.57
N GLY A 61 7.62 6.20 6.88
CA GLY A 61 8.04 7.46 7.49
C GLY A 61 7.65 7.57 8.96
N ILE A 62 7.61 8.81 9.48
CA ILE A 62 7.15 9.13 10.83
C ILE A 62 6.19 10.33 10.78
N ILE A 63 5.16 10.35 11.63
CA ILE A 63 4.22 11.47 11.78
C ILE A 63 4.30 12.06 13.20
N ASP A 64 4.37 13.38 13.26
CA ASP A 64 4.40 14.17 14.51
C ASP A 64 3.00 14.44 15.09
N PRO A 65 2.86 14.69 16.41
CA PRO A 65 1.57 14.96 17.04
C PRO A 65 0.86 16.18 16.42
N GLY A 66 -0.39 15.98 16.00
CA GLY A 66 -1.21 16.98 15.29
C GLY A 66 -0.87 17.18 13.81
N SER A 67 0.20 16.57 13.29
CA SER A 67 0.71 16.80 11.94
C SER A 67 0.23 15.76 10.92
N THR A 68 0.40 16.06 9.63
CA THR A 68 -0.06 15.23 8.49
C THR A 68 1.08 14.92 7.51
N VAL A 69 1.11 13.71 6.95
CA VAL A 69 1.99 13.31 5.82
C VAL A 69 1.12 12.88 4.64
N THR A 70 1.50 13.27 3.43
CA THR A 70 0.85 12.86 2.19
C THR A 70 1.69 11.76 1.53
N VAL A 71 1.08 10.59 1.36
CA VAL A 71 1.65 9.40 0.71
C VAL A 71 1.13 9.33 -0.72
N SER A 72 2.02 9.34 -1.71
CA SER A 72 1.68 9.24 -3.13
C SER A 72 1.75 7.78 -3.61
N VAL A 73 0.71 7.37 -4.33
CA VAL A 73 0.59 6.08 -4.98
C VAL A 73 0.49 6.32 -6.49
N MET A 74 1.35 5.67 -7.27
CA MET A 74 1.29 5.68 -8.72
C MET A 74 0.92 4.27 -9.19
N LEU A 75 -0.29 4.13 -9.72
CA LEU A 75 -0.91 2.90 -10.20
C LEU A 75 -0.75 2.82 -11.72
N GLN A 76 -0.15 1.72 -12.20
CA GLN A 76 0.25 1.57 -13.60
C GLN A 76 -0.95 1.21 -14.52
N PRO A 77 -0.89 1.58 -15.81
CA PRO A 77 -2.00 1.40 -16.76
C PRO A 77 -2.40 -0.07 -16.94
N PHE A 78 -3.71 -0.32 -17.14
CA PHE A 78 -4.25 -1.66 -17.40
C PHE A 78 -5.57 -1.65 -18.18
N ASP A 79 -5.96 -2.83 -18.66
CA ASP A 79 -7.16 -3.07 -19.48
C ASP A 79 -8.46 -3.14 -18.63
N TYR A 80 -8.78 -2.03 -17.95
CA TYR A 80 -9.97 -1.91 -17.11
C TYR A 80 -11.28 -2.07 -17.91
N ASP A 81 -12.28 -2.71 -17.29
CA ASP A 81 -13.65 -2.84 -17.80
C ASP A 81 -14.68 -2.33 -16.75
N PRO A 82 -15.67 -1.50 -17.13
CA PRO A 82 -16.67 -0.98 -16.19
C PRO A 82 -17.61 -2.07 -15.63
N ASN A 83 -17.64 -3.25 -16.24
CA ASN A 83 -18.36 -4.43 -15.75
C ASN A 83 -17.51 -5.31 -14.82
N GLU A 84 -16.17 -5.21 -14.87
CA GLU A 84 -15.24 -6.01 -14.07
C GLU A 84 -15.03 -5.42 -12.65
N LYS A 85 -14.77 -6.31 -11.67
CA LYS A 85 -14.68 -5.98 -10.23
C LYS A 85 -13.21 -5.78 -9.79
N SER A 86 -13.02 -5.12 -8.64
CA SER A 86 -11.68 -4.83 -8.11
C SER A 86 -10.91 -6.10 -7.69
N LYS A 87 -9.57 -6.01 -7.70
CA LYS A 87 -8.62 -7.11 -7.49
C LYS A 87 -7.42 -6.77 -6.58
N HIS A 88 -7.33 -5.54 -6.07
CA HIS A 88 -6.15 -5.01 -5.36
C HIS A 88 -6.51 -4.25 -4.07
N LYS A 89 -5.58 -4.22 -3.11
CA LYS A 89 -5.71 -3.57 -1.79
C LYS A 89 -4.40 -2.91 -1.32
N PHE A 90 -4.51 -2.00 -0.36
CA PHE A 90 -3.43 -1.37 0.39
C PHE A 90 -3.56 -1.62 1.90
N MET A 91 -2.44 -1.53 2.62
CA MET A 91 -2.40 -1.53 4.08
C MET A 91 -1.40 -0.47 4.59
N VAL A 92 -1.72 0.17 5.72
CA VAL A 92 -0.79 1.05 6.46
C VAL A 92 -0.60 0.48 7.87
N GLN A 93 0.63 0.13 8.23
CA GLN A 93 1.04 -0.39 9.53
C GLN A 93 1.73 0.72 10.35
N THR A 94 1.43 0.85 11.64
CA THR A 94 1.90 1.96 12.48
C THR A 94 2.27 1.54 13.91
N ILE A 95 3.26 2.21 14.50
CA ILE A 95 3.69 1.99 15.90
C ILE A 95 4.26 3.26 16.53
N PHE A 96 4.03 3.48 17.82
CA PHE A 96 4.51 4.68 18.53
C PHE A 96 6.05 4.77 18.53
N ALA A 97 6.56 5.94 18.14
CA ALA A 97 7.99 6.21 17.97
C ALA A 97 8.60 6.87 19.23
N PRO A 98 9.91 6.64 19.51
CA PRO A 98 10.61 7.34 20.59
C PRO A 98 10.74 8.86 20.32
N PRO A 99 10.93 9.70 21.37
CA PRO A 99 10.91 11.17 21.23
C PRO A 99 12.08 11.75 20.43
N ASN A 100 13.12 10.96 20.17
CA ASN A 100 14.27 11.29 19.32
C ASN A 100 14.60 10.08 18.43
N THR A 101 13.78 9.86 17.39
CA THR A 101 13.90 8.71 16.48
C THR A 101 14.97 8.96 15.40
N SER A 102 16.24 8.70 15.74
CA SER A 102 17.37 8.82 14.79
C SER A 102 17.41 7.68 13.76
N ASP A 103 16.82 6.52 14.08
CA ASP A 103 16.69 5.35 13.20
C ASP A 103 15.26 4.79 13.27
N MET A 104 14.49 4.93 12.18
CA MET A 104 13.10 4.44 12.11
C MET A 104 13.00 2.94 11.85
N GLU A 105 14.11 2.26 11.53
CA GLU A 105 14.14 0.80 11.39
C GLU A 105 14.06 0.12 12.77
N ALA A 106 14.66 0.76 13.79
CA ALA A 106 14.84 0.18 15.12
C ALA A 106 13.53 0.08 15.91
N VAL A 107 12.57 1.00 15.68
CA VAL A 107 11.27 0.96 16.38
C VAL A 107 10.50 -0.34 16.06
N TRP A 108 10.63 -0.85 14.84
CA TRP A 108 9.99 -2.09 14.41
C TRP A 108 10.65 -3.34 14.99
N LYS A 109 11.96 -3.25 15.29
CA LYS A 109 12.74 -4.33 15.91
C LYS A 109 12.52 -4.43 17.42
N GLU A 110 12.24 -3.31 18.08
CA GLU A 110 11.87 -3.27 19.51
C GLU A 110 10.38 -3.52 19.79
N ALA A 111 9.52 -3.20 18.83
CA ALA A 111 8.07 -3.26 18.94
C ALA A 111 7.60 -4.70 19.15
N LYS A 112 6.67 -4.86 20.10
CA LYS A 112 5.99 -6.12 20.36
C LYS A 112 4.72 -6.24 19.49
N PRO A 113 4.25 -7.47 19.22
CA PRO A 113 3.02 -7.75 18.47
C PRO A 113 1.76 -7.13 19.10
N ASP A 114 1.80 -6.80 20.40
CA ASP A 114 0.73 -6.10 21.12
C ASP A 114 0.74 -4.57 20.96
N GLU A 115 1.85 -3.99 20.48
CA GLU A 115 2.01 -2.54 20.23
C GLU A 115 1.73 -2.15 18.77
N LEU A 116 1.77 -3.13 17.86
CA LEU A 116 1.70 -2.91 16.41
C LEU A 116 0.24 -2.76 15.95
N MET A 117 -0.04 -1.68 15.21
CA MET A 117 -1.37 -1.36 14.66
C MET A 117 -1.35 -1.44 13.13
N ASP A 118 -2.51 -1.65 12.51
CA ASP A 118 -2.66 -1.54 11.05
C ASP A 118 -4.06 -1.11 10.58
N SER A 119 -4.12 -0.71 9.31
CA SER A 119 -5.29 -0.19 8.59
C SER A 119 -5.32 -0.80 7.19
N LYS A 120 -6.46 -1.33 6.71
CA LYS A 120 -6.60 -1.93 5.37
C LYS A 120 -7.66 -1.25 4.50
N LEU A 121 -7.37 -1.09 3.22
CA LEU A 121 -8.17 -0.31 2.26
C LEU A 121 -8.15 -0.99 0.88
N ARG A 122 -9.26 -0.98 0.14
CA ARG A 122 -9.33 -1.56 -1.22
C ARG A 122 -8.98 -0.52 -2.28
N CYS A 123 -8.62 -0.96 -3.48
CA CYS A 123 -8.47 -0.08 -4.64
C CYS A 123 -9.82 0.03 -5.37
N VAL A 124 -10.26 1.25 -5.65
CA VAL A 124 -11.46 1.58 -6.43
C VAL A 124 -11.03 2.13 -7.78
N PHE A 125 -11.66 1.67 -8.86
CA PHE A 125 -11.32 2.06 -10.23
C PHE A 125 -12.51 2.76 -10.91
N GLU A 126 -12.28 3.96 -11.44
CA GLU A 126 -13.31 4.84 -12.02
C GLU A 126 -12.89 5.46 -13.35
N MET A 127 -13.82 5.58 -14.29
CA MET A 127 -13.61 6.27 -15.58
C MET A 127 -13.98 7.76 -15.49
N PRO A 128 -13.35 8.64 -16.29
CA PRO A 128 -13.59 10.08 -16.25
C PRO A 128 -14.96 10.50 -16.80
N ASN A 129 -15.44 11.68 -16.36
CA ASN A 129 -16.75 12.23 -16.70
C ASN A 129 -16.67 13.70 -17.19
N GLU A 130 -15.51 14.12 -17.69
CA GLU A 130 -15.18 15.48 -18.18
C GLU A 130 -14.48 15.48 -19.55
N PRO B 1 27.20 5.43 -10.22
CA PRO B 1 28.18 5.64 -9.10
C PRO B 1 27.95 4.66 -7.93
N LEU B 2 26.79 4.73 -7.26
CA LEU B 2 26.44 3.91 -6.10
C LEU B 2 25.92 2.50 -6.50
N GLY B 3 25.89 1.59 -5.53
CA GLY B 3 25.41 0.21 -5.68
C GLY B 3 25.08 -0.46 -4.34
N SER B 4 24.84 -1.78 -4.36
CA SER B 4 24.49 -2.57 -3.16
C SER B 4 25.11 -3.98 -3.18
N ASP B 5 25.59 -4.41 -2.00
CA ASP B 5 26.12 -5.75 -1.72
C ASP B 5 25.07 -6.70 -1.08
N HIS B 6 23.82 -6.27 -0.98
CA HIS B 6 22.72 -7.02 -0.36
C HIS B 6 22.15 -8.11 -1.30
N TRP B 7 22.84 -9.25 -1.36
CA TRP B 7 22.53 -10.43 -2.18
C TRP B 7 22.60 -11.74 -1.37
N GLY B 8 21.83 -12.74 -1.78
CA GLY B 8 21.83 -14.09 -1.15
C GLY B 8 21.19 -14.17 0.24
N LYS B 9 20.32 -13.21 0.58
CA LYS B 9 19.67 -13.05 1.90
C LYS B 9 18.13 -13.07 1.81
N GLY B 10 17.47 -13.17 2.96
CA GLY B 10 16.01 -13.33 3.08
C GLY B 10 15.56 -14.81 3.09
N ASP B 11 14.24 -15.03 3.01
CA ASP B 11 13.60 -16.35 3.09
C ASP B 11 12.48 -16.56 2.06
N MET B 12 12.01 -17.81 1.93
CA MET B 12 10.90 -18.21 1.06
C MET B 12 9.91 -19.13 1.81
N SER B 13 9.43 -18.66 2.98
CA SER B 13 8.50 -19.40 3.85
C SER B 13 7.19 -19.80 3.15
N ASP B 14 6.66 -20.98 3.49
CA ASP B 14 5.41 -21.53 2.95
C ASP B 14 4.19 -21.03 3.76
N GLU B 15 3.52 -20.01 3.25
CA GLU B 15 2.39 -19.32 3.88
C GLU B 15 1.23 -19.04 2.89
N ASP B 16 0.07 -18.63 3.42
CA ASP B 16 -1.15 -18.31 2.65
C ASP B 16 -1.77 -16.97 3.09
N ASP B 17 -2.39 -16.24 2.15
CA ASP B 17 -2.95 -14.90 2.34
C ASP B 17 -4.04 -14.66 1.28
N GLU B 18 -5.15 -14.03 1.68
CA GLU B 18 -6.38 -13.88 0.87
C GLU B 18 -6.16 -13.14 -0.48
N ASN B 19 -5.18 -12.23 -0.51
CA ASN B 19 -4.88 -11.29 -1.60
C ASN B 19 -3.38 -11.16 -1.90
N GLU B 20 -2.52 -11.71 -1.03
CA GLU B 20 -1.06 -11.60 -1.04
C GLU B 20 -0.56 -10.14 -0.95
N PHE B 21 -0.53 -9.60 0.27
CA PHE B 21 0.12 -8.32 0.56
C PHE B 21 1.65 -8.45 0.49
N PHE B 22 2.31 -7.39 0.02
CA PHE B 22 3.75 -7.24 -0.11
C PHE B 22 4.21 -5.95 0.57
N ASP B 23 5.37 -5.99 1.24
CA ASP B 23 6.02 -4.79 1.76
C ASP B 23 6.44 -3.92 0.56
N ALA B 24 5.80 -2.75 0.41
CA ALA B 24 5.93 -1.95 -0.80
C ALA B 24 7.34 -1.34 -1.01
N PRO B 25 7.88 -1.37 -2.25
CA PRO B 25 9.09 -0.65 -2.61
C PRO B 25 8.78 0.83 -2.91
N GLU B 26 9.80 1.69 -2.90
CA GLU B 26 9.64 3.11 -3.25
C GLU B 26 9.36 3.38 -4.73
N ILE B 27 9.71 2.43 -5.61
CA ILE B 27 9.35 2.41 -7.03
C ILE B 27 9.44 0.97 -7.57
N ILE B 28 8.80 0.68 -8.71
CA ILE B 28 8.90 -0.64 -9.37
C ILE B 28 10.18 -0.76 -10.22
N THR B 29 11.03 -1.74 -9.87
CA THR B 29 12.32 -2.03 -10.54
C THR B 29 12.42 -3.40 -11.21
N MET B 30 11.49 -4.33 -10.90
CA MET B 30 11.42 -5.69 -11.46
C MET B 30 9.97 -6.10 -11.80
N PRO B 31 9.44 -5.66 -12.96
CA PRO B 31 8.05 -5.92 -13.39
C PRO B 31 7.68 -7.40 -13.59
N GLU B 32 6.38 -7.64 -13.77
CA GLU B 32 5.77 -8.97 -13.99
C GLU B 32 6.17 -9.67 -15.29
N ASN B 33 5.91 -10.98 -15.36
CA ASN B 33 6.07 -11.83 -16.54
C ASN B 33 4.89 -12.83 -16.71
N LEU B 34 4.74 -13.39 -17.91
CA LEU B 34 3.79 -14.48 -18.19
C LEU B 34 4.30 -15.80 -17.60
N GLY B 35 3.39 -16.69 -17.18
CA GLY B 35 3.76 -17.99 -16.57
C GLY B 35 2.60 -18.78 -15.96
N HIS B 36 1.40 -18.68 -16.53
CA HIS B 36 0.14 -19.23 -15.98
C HIS B 36 -0.59 -20.17 -16.96
N LYS B 37 -1.10 -21.30 -16.44
CA LYS B 37 -1.88 -22.31 -17.20
C LYS B 37 -2.77 -23.23 -16.33
N ARG B 38 -2.32 -23.57 -15.10
CA ARG B 38 -2.97 -24.56 -14.21
C ARG B 38 -4.36 -24.18 -13.69
N THR B 39 -4.70 -22.89 -13.73
CA THR B 39 -5.99 -22.34 -13.26
C THR B 39 -7.19 -22.66 -14.16
N GLY B 40 -6.96 -23.16 -15.38
CA GLY B 40 -8.02 -23.55 -16.33
C GLY B 40 -8.80 -24.83 -15.96
N SER B 41 -8.27 -25.66 -15.05
CA SER B 41 -8.84 -26.96 -14.63
C SER B 41 -9.03 -27.96 -15.78
N HIS B 42 -9.63 -29.13 -15.49
CA HIS B 42 -9.91 -30.22 -16.44
C HIS B 42 -11.41 -30.36 -16.76
N HIS B 43 -11.72 -30.92 -17.94
CA HIS B 43 -13.09 -31.21 -18.40
C HIS B 43 -13.48 -32.70 -18.30
N HIS B 44 -12.50 -33.60 -18.49
CA HIS B 44 -12.66 -35.07 -18.51
C HIS B 44 -11.46 -35.78 -17.89
N GLY A 3 -2.90 -3.54 23.21
CA GLY A 3 -3.94 -4.46 23.74
C GLY A 3 -4.74 -5.12 22.62
N SER A 4 -6.07 -5.18 22.78
CA SER A 4 -6.99 -5.85 21.85
C SER A 4 -6.93 -5.30 20.41
N ASP A 5 -7.22 -6.15 19.43
CA ASP A 5 -7.12 -5.83 18.00
C ASP A 5 -8.14 -4.76 17.56
N HIS A 6 -7.63 -3.66 17.01
CA HIS A 6 -8.40 -2.53 16.46
C HIS A 6 -7.59 -1.79 15.37
N GLU A 7 -8.26 -0.96 14.57
CA GLU A 7 -7.62 -0.12 13.55
C GLU A 7 -6.81 1.05 14.17
N GLN A 8 -5.89 1.64 13.40
CA GLN A 8 -4.90 2.60 13.91
C GLN A 8 -5.45 3.97 14.33
N ILE A 9 -4.66 4.66 15.16
CA ILE A 9 -4.95 6.00 15.69
C ILE A 9 -4.90 7.11 14.62
N LEU A 10 -4.04 6.99 13.60
CA LEU A 10 -3.93 8.00 12.54
C LEU A 10 -5.24 8.15 11.75
N VAL A 11 -5.55 9.38 11.38
CA VAL A 11 -6.62 9.71 10.43
C VAL A 11 -6.09 9.41 9.03
N LEU A 12 -6.85 8.70 8.19
CA LEU A 12 -6.51 8.51 6.77
C LEU A 12 -7.57 9.17 5.88
N ASP A 13 -7.19 9.55 4.66
CA ASP A 13 -8.05 10.27 3.71
C ASP A 13 -7.66 9.95 2.26
N PRO A 14 -8.50 9.24 1.49
CA PRO A 14 -9.74 8.58 1.90
C PRO A 14 -9.53 7.46 2.96
N PRO A 15 -10.42 7.36 3.98
CA PRO A 15 -10.25 6.42 5.11
C PRO A 15 -10.61 4.97 4.82
N THR A 16 -11.58 4.76 3.92
CA THR A 16 -12.19 3.45 3.65
C THR A 16 -11.47 2.66 2.56
N ASP A 17 -11.29 3.26 1.37
CA ASP A 17 -10.70 2.65 0.17
C ASP A 17 -9.85 3.67 -0.60
N LEU A 18 -8.89 3.21 -1.40
CA LEU A 18 -8.09 4.04 -2.30
C LEU A 18 -8.85 4.14 -3.64
N LYS A 19 -9.20 5.36 -4.02
CA LYS A 19 -10.04 5.66 -5.19
C LYS A 19 -9.19 6.17 -6.34
N PHE A 20 -8.97 5.29 -7.31
CA PHE A 20 -8.22 5.57 -8.53
C PHE A 20 -9.19 6.09 -9.59
N LYS A 21 -9.14 7.40 -9.84
CA LYS A 21 -9.95 8.08 -10.86
C LYS A 21 -9.07 8.58 -11.99
N GLY A 22 -9.36 8.16 -13.22
CA GLY A 22 -8.53 8.43 -14.38
C GLY A 22 -8.64 7.31 -15.41
N PRO A 23 -8.47 7.59 -16.71
CA PRO A 23 -8.36 6.49 -17.65
C PRO A 23 -7.06 5.74 -17.39
N PHE A 24 -7.14 4.42 -17.50
CA PHE A 24 -6.05 3.52 -17.09
C PHE A 24 -5.07 3.24 -18.24
N THR A 25 -5.04 4.14 -19.22
CA THR A 25 -4.11 4.19 -20.36
C THR A 25 -2.68 4.60 -19.97
N ASP A 26 -2.54 5.21 -18.79
CA ASP A 26 -1.27 5.63 -18.17
C ASP A 26 -1.33 5.50 -16.62
N VAL A 27 -0.24 5.81 -15.93
CA VAL A 27 -0.15 5.77 -14.46
C VAL A 27 -1.16 6.75 -13.82
N VAL A 28 -1.87 6.27 -12.79
CA VAL A 28 -2.76 7.09 -11.94
C VAL A 28 -2.03 7.47 -10.65
N THR A 29 -1.99 8.77 -10.35
CA THR A 29 -1.52 9.28 -9.04
C THR A 29 -2.72 9.46 -8.11
N THR A 30 -2.68 8.79 -6.97
CA THR A 30 -3.68 8.85 -5.90
C THR A 30 -2.97 9.24 -4.61
N ASN A 31 -3.28 10.40 -4.06
CA ASN A 31 -2.75 10.80 -2.76
C ASN A 31 -3.62 10.25 -1.62
N LEU A 32 -2.94 9.79 -0.56
CA LEU A 32 -3.52 9.39 0.72
C LEU A 32 -2.96 10.35 1.79
N LYS A 33 -3.81 11.08 2.49
CA LYS A 33 -3.39 12.09 3.48
C LYS A 33 -3.53 11.54 4.89
N LEU A 34 -2.43 11.46 5.65
CA LEU A 34 -2.39 10.89 6.99
C LEU A 34 -2.11 11.95 8.05
N ARG A 35 -3.01 12.12 9.03
CA ARG A 35 -2.87 13.09 10.14
C ARG A 35 -2.81 12.39 11.49
N ASN A 36 -2.02 12.92 12.42
CA ASN A 36 -1.84 12.36 13.76
C ASN A 36 -2.63 13.19 14.78
N PRO A 37 -3.67 12.62 15.42
CA PRO A 37 -4.48 13.34 16.40
C PRO A 37 -3.79 13.43 17.79
N SER A 38 -2.91 12.48 18.09
CA SER A 38 -2.22 12.33 19.37
C SER A 38 -1.09 13.36 19.63
N ASP A 39 -0.58 13.32 20.85
CA ASP A 39 0.47 14.20 21.40
C ASP A 39 1.88 13.57 21.35
N ARG A 40 2.07 12.52 20.52
CA ARG A 40 3.29 11.69 20.41
C ARG A 40 3.60 11.41 18.94
N LYS A 41 4.88 11.18 18.62
CA LYS A 41 5.33 10.84 17.25
C LYS A 41 5.21 9.34 16.96
N VAL A 42 4.98 8.99 15.70
CA VAL A 42 4.62 7.63 15.27
C VAL A 42 5.23 7.30 13.91
N CYS A 43 5.82 6.11 13.76
CA CYS A 43 6.39 5.64 12.49
C CYS A 43 5.31 4.97 11.65
N PHE A 44 5.30 5.22 10.34
CA PHE A 44 4.36 4.60 9.39
C PHE A 44 5.06 3.81 8.27
N LYS A 45 4.43 2.72 7.84
CA LYS A 45 4.83 1.91 6.66
C LYS A 45 3.64 1.53 5.77
N VAL A 46 3.84 1.41 4.46
CA VAL A 46 2.80 1.04 3.46
C VAL A 46 3.12 -0.28 2.76
N LYS A 47 2.09 -1.12 2.57
CA LYS A 47 2.17 -2.46 1.97
C LYS A 47 1.06 -2.63 0.92
N THR A 48 1.33 -3.36 -0.17
CA THR A 48 0.41 -3.52 -1.33
C THR A 48 0.24 -5.00 -1.71
N THR A 49 -0.86 -5.37 -2.35
CA THR A 49 -1.05 -6.73 -2.92
C THR A 49 -0.28 -6.98 -4.22
N ALA A 50 0.26 -5.93 -4.87
CA ALA A 50 0.88 -6.07 -6.19
C ALA A 50 1.99 -5.02 -6.46
N PRO A 51 3.28 -5.33 -6.22
CA PRO A 51 4.37 -4.34 -6.31
C PRO A 51 4.73 -3.95 -7.77
N ARG A 52 4.24 -4.74 -8.75
CA ARG A 52 4.29 -4.46 -10.20
C ARG A 52 3.01 -3.85 -10.78
N ARG A 53 2.04 -3.51 -9.92
CA ARG A 53 0.82 -2.72 -10.22
C ARG A 53 0.81 -1.40 -9.46
N TYR A 54 1.42 -1.34 -8.27
CA TYR A 54 1.44 -0.15 -7.42
C TYR A 54 2.83 0.22 -6.92
N CYS A 55 3.10 1.53 -6.92
CA CYS A 55 4.27 2.16 -6.32
C CYS A 55 3.83 3.19 -5.26
N VAL A 56 4.62 3.40 -4.22
CA VAL A 56 4.34 4.26 -3.05
C VAL A 56 5.56 5.15 -2.84
N ARG A 57 5.55 6.41 -3.29
CA ARG A 57 6.77 7.26 -3.34
C ARG A 57 7.63 7.32 -2.07
N PRO A 58 7.07 7.69 -0.91
CA PRO A 58 7.79 7.64 0.36
C PRO A 58 8.15 6.22 0.84
N ASN A 59 7.27 5.25 0.55
CA ASN A 59 7.17 3.85 1.03
C ASN A 59 6.94 3.72 2.55
N SER A 60 7.35 4.73 3.32
CA SER A 60 7.35 4.78 4.79
C SER A 60 7.74 6.17 5.31
N GLY A 61 7.61 6.40 6.62
CA GLY A 61 8.08 7.63 7.26
C GLY A 61 7.73 7.71 8.75
N ILE A 62 7.73 8.93 9.28
CA ILE A 62 7.29 9.24 10.66
C ILE A 62 6.37 10.48 10.63
N ILE A 63 5.32 10.51 11.47
CA ILE A 63 4.46 11.68 11.67
C ILE A 63 4.60 12.20 13.10
N ASP A 64 4.73 13.53 13.23
CA ASP A 64 4.90 14.25 14.50
C ASP A 64 3.55 14.61 15.16
N PRO A 65 3.48 15.07 16.42
CA PRO A 65 2.22 15.39 17.10
C PRO A 65 1.43 16.50 16.37
N GLY A 66 0.16 16.22 16.02
CA GLY A 66 -0.70 17.16 15.30
C GLY A 66 -0.34 17.41 13.84
N SER A 67 0.64 16.67 13.29
CA SER A 67 1.14 16.87 11.92
C SER A 67 0.44 15.96 10.91
N THR A 68 0.61 16.30 9.62
CA THR A 68 0.03 15.55 8.47
C THR A 68 1.09 15.28 7.40
N VAL A 69 1.05 14.10 6.78
CA VAL A 69 1.89 13.69 5.63
C VAL A 69 1.01 13.19 4.49
N THR A 70 1.32 13.57 3.25
CA THR A 70 0.65 13.10 2.03
C THR A 70 1.52 12.05 1.35
N VAL A 71 0.96 10.85 1.21
CA VAL A 71 1.57 9.68 0.57
C VAL A 71 1.03 9.55 -0.86
N SER A 72 1.92 9.59 -1.85
CA SER A 72 1.56 9.42 -3.27
C SER A 72 1.64 7.95 -3.68
N VAL A 73 0.50 7.40 -4.10
CA VAL A 73 0.40 6.08 -4.72
C VAL A 73 0.38 6.27 -6.23
N MET A 74 1.19 5.50 -6.94
CA MET A 74 1.27 5.48 -8.40
C MET A 74 0.85 4.10 -8.89
N LEU A 75 -0.36 4.01 -9.45
CA LEU A 75 -1.00 2.79 -9.95
C LEU A 75 -0.77 2.67 -11.46
N GLN A 76 -0.19 1.54 -11.89
CA GLN A 76 0.26 1.31 -13.26
C GLN A 76 -0.90 1.00 -14.24
N PRO A 77 -0.77 1.35 -15.54
CA PRO A 77 -1.83 1.21 -16.53
C PRO A 77 -2.25 -0.24 -16.84
N PHE A 78 -3.51 -0.40 -17.24
CA PHE A 78 -4.14 -1.67 -17.67
C PHE A 78 -5.43 -1.42 -18.49
N ASP A 79 -5.96 -2.47 -19.10
CA ASP A 79 -7.23 -2.44 -19.84
C ASP A 79 -8.44 -2.64 -18.91
N TYR A 80 -9.13 -1.54 -18.61
CA TYR A 80 -10.30 -1.49 -17.72
C TYR A 80 -11.52 -2.25 -18.26
N ASP A 81 -12.22 -2.96 -17.38
CA ASP A 81 -13.52 -3.60 -17.62
C ASP A 81 -14.54 -3.15 -16.53
N PRO A 82 -15.65 -2.47 -16.87
CA PRO A 82 -16.68 -2.10 -15.90
C PRO A 82 -17.45 -3.31 -15.35
N ASN A 83 -17.34 -4.47 -15.99
CA ASN A 83 -17.95 -5.74 -15.54
C ASN A 83 -17.04 -6.51 -14.56
N GLU A 84 -15.71 -6.30 -14.61
CA GLU A 84 -14.75 -7.00 -13.74
C GLU A 84 -14.73 -6.44 -12.29
N LYS A 85 -14.49 -7.32 -11.31
CA LYS A 85 -14.36 -6.98 -9.89
C LYS A 85 -12.92 -6.57 -9.53
N SER A 86 -12.76 -5.69 -8.54
CA SER A 86 -11.42 -5.32 -8.04
C SER A 86 -10.73 -6.49 -7.32
N LYS A 87 -9.40 -6.58 -7.47
CA LYS A 87 -8.55 -7.69 -6.99
C LYS A 87 -7.38 -7.26 -6.10
N HIS A 88 -7.33 -5.98 -5.69
CA HIS A 88 -6.17 -5.37 -5.02
C HIS A 88 -6.53 -4.66 -3.71
N LYS A 89 -5.59 -4.69 -2.76
CA LYS A 89 -5.68 -4.06 -1.43
C LYS A 89 -4.38 -3.34 -1.03
N PHE A 90 -4.53 -2.40 -0.10
CA PHE A 90 -3.47 -1.70 0.62
C PHE A 90 -3.57 -1.95 2.12
N MET A 91 -2.43 -1.88 2.79
CA MET A 91 -2.31 -1.91 4.26
C MET A 91 -1.34 -0.80 4.69
N VAL A 92 -1.72 -0.04 5.72
CA VAL A 92 -0.86 0.97 6.36
C VAL A 92 -0.63 0.55 7.81
N GLN A 93 0.62 0.26 8.19
CA GLN A 93 1.00 -0.15 9.54
C GLN A 93 1.67 1.01 10.27
N THR A 94 1.37 1.20 11.55
CA THR A 94 1.92 2.28 12.39
C THR A 94 2.27 1.84 13.80
N ILE A 95 3.30 2.45 14.40
CA ILE A 95 3.69 2.22 15.80
C ILE A 95 4.36 3.45 16.42
N PHE A 96 4.07 3.72 17.70
CA PHE A 96 4.60 4.90 18.40
C PHE A 96 6.13 4.89 18.49
N ALA A 97 6.75 6.00 18.07
CA ALA A 97 8.20 6.18 18.15
C ALA A 97 8.63 6.72 19.54
N PRO A 98 9.83 6.36 20.03
CA PRO A 98 10.36 6.87 21.30
C PRO A 98 10.70 8.38 21.21
N PRO A 99 10.83 9.09 22.35
CA PRO A 99 11.09 10.53 22.38
C PRO A 99 12.49 10.92 21.87
N ASN A 100 13.44 9.96 21.81
CA ASN A 100 14.77 10.14 21.24
C ASN A 100 15.20 8.89 20.43
N THR A 101 15.31 9.03 19.10
CA THR A 101 15.90 8.03 18.19
C THR A 101 16.40 8.68 16.90
N SER A 102 17.39 8.05 16.25
CA SER A 102 17.87 8.38 14.90
C SER A 102 17.63 7.24 13.89
N ASP A 103 16.91 6.18 14.29
CA ASP A 103 16.65 4.97 13.49
C ASP A 103 15.16 4.58 13.55
N MET A 104 14.47 4.69 12.42
CA MET A 104 13.05 4.31 12.30
C MET A 104 12.83 2.81 12.09
N GLU A 105 13.88 2.03 11.78
CA GLU A 105 13.75 0.58 11.60
C GLU A 105 13.74 -0.14 12.96
N ALA A 106 14.42 0.43 13.97
CA ALA A 106 14.58 -0.17 15.29
C ALA A 106 13.27 -0.23 16.09
N VAL A 107 12.36 0.74 15.90
CA VAL A 107 11.07 0.74 16.61
C VAL A 107 10.23 -0.50 16.26
N TRP A 108 10.33 -0.99 15.02
CA TRP A 108 9.64 -2.20 14.55
C TRP A 108 10.25 -3.48 15.12
N LYS A 109 11.55 -3.47 15.41
CA LYS A 109 12.27 -4.61 16.00
C LYS A 109 12.05 -4.74 17.52
N GLU A 110 11.85 -3.61 18.21
CA GLU A 110 11.51 -3.59 19.64
C GLU A 110 10.01 -3.76 19.93
N ALA A 111 9.17 -3.40 18.98
CA ALA A 111 7.71 -3.47 19.08
C ALA A 111 7.21 -4.92 19.11
N LYS A 112 6.09 -5.12 19.82
CA LYS A 112 5.39 -6.39 19.92
C LYS A 112 4.09 -6.38 19.13
N PRO A 113 3.54 -7.55 18.74
CA PRO A 113 2.27 -7.68 18.04
C PRO A 113 1.07 -7.11 18.84
N ASP A 114 1.22 -6.94 20.15
CA ASP A 114 0.22 -6.29 21.03
C ASP A 114 0.28 -4.75 21.01
N GLU A 115 1.41 -4.16 20.58
CA GLU A 115 1.65 -2.72 20.48
C GLU A 115 1.51 -2.18 19.04
N LEU A 116 1.46 -3.07 18.04
CA LEU A 116 1.43 -2.70 16.61
C LEU A 116 -0.01 -2.37 16.15
N MET A 117 -0.17 -1.33 15.33
CA MET A 117 -1.45 -0.94 14.73
C MET A 117 -1.40 -1.02 13.20
N ASP A 118 -2.54 -1.28 12.56
CA ASP A 118 -2.70 -1.18 11.10
C ASP A 118 -4.13 -0.82 10.67
N SER A 119 -4.29 -0.50 9.38
CA SER A 119 -5.59 -0.33 8.70
C SER A 119 -5.48 -0.90 7.28
N LYS A 120 -6.57 -1.49 6.77
CA LYS A 120 -6.67 -2.08 5.42
C LYS A 120 -7.69 -1.35 4.53
N LEU A 121 -7.39 -1.25 3.24
CA LEU A 121 -8.18 -0.52 2.24
C LEU A 121 -8.17 -1.26 0.89
N ARG A 122 -9.22 -1.15 0.07
CA ARG A 122 -9.28 -1.75 -1.29
C ARG A 122 -8.95 -0.70 -2.36
N CYS A 123 -8.62 -1.12 -3.58
CA CYS A 123 -8.49 -0.24 -4.74
C CYS A 123 -9.82 -0.17 -5.51
N VAL A 124 -10.26 1.03 -5.84
CA VAL A 124 -11.48 1.32 -6.62
C VAL A 124 -11.09 2.00 -7.93
N PHE A 125 -11.74 1.64 -9.05
CA PHE A 125 -11.38 2.12 -10.39
C PHE A 125 -12.54 2.89 -11.06
N GLU A 126 -12.30 4.16 -11.41
CA GLU A 126 -13.31 5.09 -11.94
C GLU A 126 -12.83 5.89 -13.16
N MET A 127 -13.74 6.14 -14.12
CA MET A 127 -13.51 6.96 -15.30
C MET A 127 -13.87 8.45 -15.07
N PRO A 128 -13.22 9.40 -15.77
CA PRO A 128 -13.42 10.84 -15.57
C PRO A 128 -14.78 11.34 -16.09
N ASN A 129 -15.19 12.51 -15.57
CA ASN A 129 -16.40 13.24 -15.95
C ASN A 129 -16.12 14.77 -16.03
N GLU A 130 -14.90 15.13 -16.45
CA GLU A 130 -14.33 16.49 -16.42
C GLU A 130 -13.91 16.99 -17.82
N PRO B 1 -13.37 -10.08 -37.83
CA PRO B 1 -11.94 -10.50 -37.70
C PRO B 1 -11.17 -9.68 -36.65
N LEU B 2 -11.00 -8.37 -36.88
CA LEU B 2 -10.25 -7.47 -35.98
C LEU B 2 -11.07 -7.06 -34.74
N GLY B 3 -10.38 -6.79 -33.63
CA GLY B 3 -10.97 -6.36 -32.36
C GLY B 3 -9.98 -6.40 -31.19
N SER B 4 -10.40 -5.90 -30.03
CA SER B 4 -9.62 -5.92 -28.78
C SER B 4 -9.73 -7.28 -28.05
N ASP B 5 -8.80 -7.54 -27.12
CA ASP B 5 -8.73 -8.78 -26.35
C ASP B 5 -8.27 -8.53 -24.89
N HIS B 6 -9.02 -9.05 -23.92
CA HIS B 6 -8.74 -8.94 -22.48
C HIS B 6 -7.78 -10.03 -21.95
N TRP B 7 -7.55 -11.10 -22.73
CA TRP B 7 -6.66 -12.21 -22.36
C TRP B 7 -5.19 -11.95 -22.72
N GLY B 8 -4.28 -12.74 -22.13
CA GLY B 8 -2.82 -12.54 -22.22
C GLY B 8 -2.23 -11.59 -21.17
N LYS B 9 -3.03 -11.22 -20.15
CA LYS B 9 -2.64 -10.40 -18.98
C LYS B 9 -2.93 -11.13 -17.66
N GLY B 10 -2.35 -10.64 -16.56
CA GLY B 10 -2.54 -11.18 -15.21
C GLY B 10 -1.66 -12.40 -14.91
N ASP B 11 -1.62 -12.79 -13.63
CA ASP B 11 -0.71 -13.80 -13.07
C ASP B 11 -1.30 -14.43 -11.80
N MET B 12 -1.32 -15.77 -11.72
CA MET B 12 -1.84 -16.54 -10.57
C MET B 12 -1.14 -17.90 -10.41
N SER B 13 -1.25 -18.49 -9.22
CA SER B 13 -0.80 -19.85 -8.86
C SER B 13 -1.49 -20.34 -7.59
N ASP B 14 -1.40 -21.64 -7.29
CA ASP B 14 -1.92 -22.24 -6.06
C ASP B 14 -1.02 -21.91 -4.85
N GLU B 15 -1.36 -20.83 -4.15
CA GLU B 15 -0.57 -20.23 -3.06
C GLU B 15 -1.47 -19.76 -1.87
N ASP B 16 -0.87 -19.58 -0.70
CA ASP B 16 -1.53 -19.08 0.51
C ASP B 16 -1.74 -17.54 0.50
N ASP B 17 -2.73 -17.06 1.25
CA ASP B 17 -3.28 -15.70 1.27
C ASP B 17 -4.11 -15.38 0.02
N GLU B 18 -5.23 -14.68 0.21
CA GLU B 18 -6.19 -14.43 -0.87
C GLU B 18 -5.62 -13.57 -2.02
N ASN B 19 -4.70 -12.65 -1.72
CA ASN B 19 -4.08 -11.73 -2.67
C ASN B 19 -2.54 -11.70 -2.62
N GLU B 20 -1.94 -12.07 -1.47
CA GLU B 20 -0.53 -11.94 -1.13
C GLU B 20 -0.02 -10.49 -1.06
N PHE B 21 0.37 -10.05 0.14
CA PHE B 21 0.95 -8.72 0.37
C PHE B 21 2.47 -8.69 0.20
N PHE B 22 2.97 -7.55 -0.29
CA PHE B 22 4.35 -7.25 -0.63
C PHE B 22 4.71 -5.85 -0.12
N ASP B 23 5.96 -5.64 0.31
CA ASP B 23 6.44 -4.32 0.72
C ASP B 23 6.53 -3.41 -0.51
N ALA B 24 5.72 -2.34 -0.52
CA ALA B 24 5.53 -1.50 -1.70
C ALA B 24 6.80 -0.73 -2.10
N PRO B 25 7.24 -0.79 -3.38
CA PRO B 25 8.39 -0.05 -3.86
C PRO B 25 8.07 1.44 -4.08
N GLU B 26 9.08 2.31 -4.01
CA GLU B 26 8.93 3.73 -4.37
C GLU B 26 8.62 3.94 -5.84
N ILE B 27 9.26 3.15 -6.72
CA ILE B 27 8.93 3.06 -8.14
C ILE B 27 9.40 1.72 -8.76
N ILE B 28 8.83 1.36 -9.92
CA ILE B 28 9.10 0.13 -10.67
C ILE B 28 9.64 0.46 -12.08
N THR B 29 10.64 -0.30 -12.56
CA THR B 29 11.40 0.04 -13.79
C THR B 29 11.28 -0.98 -14.93
N MET B 30 11.17 -2.29 -14.64
CA MET B 30 10.89 -3.35 -15.62
C MET B 30 9.64 -4.16 -15.23
N PRO B 31 8.42 -3.67 -15.55
CA PRO B 31 7.18 -4.44 -15.40
C PRO B 31 7.08 -5.60 -16.41
N GLU B 32 6.05 -6.43 -16.24
CA GLU B 32 5.82 -7.67 -17.01
C GLU B 32 5.49 -7.46 -18.50
N ASN B 33 5.11 -6.23 -18.88
CA ASN B 33 4.92 -5.78 -20.26
C ASN B 33 5.75 -4.51 -20.51
N LEU B 34 6.60 -4.52 -21.55
CA LEU B 34 7.60 -3.47 -21.79
C LEU B 34 6.97 -2.25 -22.51
N GLY B 35 7.33 -1.04 -22.06
CA GLY B 35 6.95 0.23 -22.68
C GLY B 35 7.87 0.66 -23.83
N HIS B 36 7.76 1.94 -24.23
CA HIS B 36 8.57 2.58 -25.27
C HIS B 36 9.30 3.83 -24.75
N LYS B 37 10.39 4.21 -25.44
CA LYS B 37 11.22 5.38 -25.10
C LYS B 37 10.80 6.71 -25.76
N ARG B 38 9.81 6.68 -26.66
CA ARG B 38 9.36 7.84 -27.46
C ARG B 38 8.48 8.86 -26.68
N THR B 39 7.90 8.44 -25.55
CA THR B 39 7.09 9.30 -24.66
C THR B 39 7.94 9.89 -23.53
N GLY B 40 7.50 11.03 -22.97
CA GLY B 40 8.16 11.71 -21.85
C GLY B 40 7.58 13.09 -21.52
N SER B 41 8.07 13.70 -20.43
CA SER B 41 7.61 15.00 -19.91
C SER B 41 8.04 16.22 -20.75
N HIS B 42 8.90 16.03 -21.75
CA HIS B 42 9.36 17.07 -22.69
C HIS B 42 8.28 17.52 -23.70
N HIS B 43 7.20 16.75 -23.86
CA HIS B 43 6.05 17.05 -24.73
C HIS B 43 4.82 17.51 -23.92
N HIS B 44 4.05 18.46 -24.49
CA HIS B 44 2.82 19.04 -23.91
C HIS B 44 1.78 19.35 -24.99
N GLY A 3 -11.68 1.17 28.84
CA GLY A 3 -12.18 0.44 27.65
C GLY A 3 -11.13 0.30 26.57
N SER A 4 -11.44 -0.50 25.54
CA SER A 4 -10.55 -0.83 24.41
C SER A 4 -11.27 -0.72 23.05
N ASP A 5 -10.52 -0.51 21.97
CA ASP A 5 -11.01 -0.38 20.60
C ASP A 5 -10.06 -1.06 19.57
N HIS A 6 -10.61 -1.51 18.44
CA HIS A 6 -9.90 -2.31 17.43
C HIS A 6 -9.13 -1.49 16.37
N GLU A 7 -9.41 -0.20 16.21
CA GLU A 7 -8.82 0.64 15.16
C GLU A 7 -7.48 1.31 15.55
N GLN A 8 -6.75 1.81 14.56
CA GLN A 8 -5.51 2.58 14.74
C GLN A 8 -5.76 3.99 15.30
N ILE A 9 -4.67 4.63 15.75
CA ILE A 9 -4.70 6.02 16.23
C ILE A 9 -4.81 7.06 15.10
N LEU A 10 -4.18 6.80 13.94
CA LEU A 10 -4.14 7.77 12.84
C LEU A 10 -5.50 7.92 12.15
N VAL A 11 -5.74 9.10 11.59
CA VAL A 11 -6.88 9.38 10.70
C VAL A 11 -6.38 9.45 9.25
N LEU A 12 -6.91 8.58 8.38
CA LEU A 12 -6.52 8.45 6.97
C LEU A 12 -7.54 9.18 6.06
N ASP A 13 -7.13 9.56 4.87
CA ASP A 13 -7.93 10.37 3.93
C ASP A 13 -7.61 10.02 2.46
N PRO A 14 -8.49 9.29 1.75
CA PRO A 14 -9.73 8.67 2.21
C PRO A 14 -9.53 7.55 3.27
N PRO A 15 -10.42 7.43 4.28
CA PRO A 15 -10.29 6.46 5.37
C PRO A 15 -10.73 5.04 5.02
N THR A 16 -11.70 4.90 4.13
CA THR A 16 -12.36 3.62 3.79
C THR A 16 -11.63 2.82 2.70
N ASP A 17 -11.48 3.41 1.51
CA ASP A 17 -10.90 2.79 0.32
C ASP A 17 -10.11 3.81 -0.52
N LEU A 18 -9.14 3.35 -1.31
CA LEU A 18 -8.40 4.18 -2.27
C LEU A 18 -9.17 4.18 -3.60
N LYS A 19 -9.56 5.36 -4.06
CA LYS A 19 -10.28 5.55 -5.32
C LYS A 19 -9.33 6.02 -6.42
N PHE A 20 -9.30 5.26 -7.51
CA PHE A 20 -8.52 5.52 -8.72
C PHE A 20 -9.48 5.88 -9.86
N LYS A 21 -9.46 7.15 -10.29
CA LYS A 21 -10.23 7.64 -11.43
C LYS A 21 -9.31 8.00 -12.58
N GLY A 22 -9.53 7.46 -13.77
CA GLY A 22 -8.67 7.66 -14.93
C GLY A 22 -8.99 6.65 -16.02
N PRO A 23 -8.28 6.72 -17.16
CA PRO A 23 -8.53 5.80 -18.28
C PRO A 23 -7.91 4.41 -18.15
N PHE A 24 -6.86 4.44 -17.36
CA PHE A 24 -5.83 3.46 -17.05
C PHE A 24 -4.95 3.09 -18.25
N THR A 25 -4.94 3.94 -19.28
CA THR A 25 -4.02 3.88 -20.43
C THR A 25 -2.65 4.52 -20.13
N ASP A 26 -2.56 5.22 -19.00
CA ASP A 26 -1.34 5.75 -18.38
C ASP A 26 -1.43 5.62 -16.84
N VAL A 27 -0.37 6.01 -16.12
CA VAL A 27 -0.30 5.97 -14.65
C VAL A 27 -1.39 6.84 -14.00
N VAL A 28 -2.04 6.30 -12.97
CA VAL A 28 -2.97 7.06 -12.09
C VAL A 28 -2.23 7.46 -10.81
N THR A 29 -2.25 8.75 -10.47
CA THR A 29 -1.71 9.26 -9.20
C THR A 29 -2.86 9.51 -8.21
N THR A 30 -2.73 8.95 -7.01
CA THR A 30 -3.72 9.04 -5.92
C THR A 30 -2.96 9.34 -4.63
N ASN A 31 -3.23 10.47 -3.98
CA ASN A 31 -2.63 10.79 -2.69
C ASN A 31 -3.53 10.35 -1.52
N LEU A 32 -2.91 9.81 -0.48
CA LEU A 32 -3.52 9.45 0.80
C LEU A 32 -2.93 10.37 1.88
N LYS A 33 -3.77 11.15 2.57
CA LYS A 33 -3.34 12.01 3.69
C LYS A 33 -3.50 11.29 5.02
N LEU A 34 -2.43 11.19 5.80
CA LEU A 34 -2.44 10.62 7.14
C LEU A 34 -2.15 11.70 8.17
N ARG A 35 -3.08 11.99 9.08
CA ARG A 35 -2.88 12.94 10.20
C ARG A 35 -2.82 12.21 11.54
N ASN A 36 -1.98 12.71 12.44
CA ASN A 36 -1.77 12.17 13.79
C ASN A 36 -2.50 13.07 14.80
N PRO A 37 -3.55 12.56 15.51
CA PRO A 37 -4.31 13.34 16.48
C PRO A 37 -3.49 13.68 17.74
N SER A 38 -2.61 12.76 18.11
CA SER A 38 -1.86 12.74 19.38
C SER A 38 -0.71 13.75 19.49
N ASP A 39 -0.13 13.82 20.69
CA ASP A 39 0.98 14.70 21.09
C ASP A 39 2.33 13.93 21.19
N ARG A 40 2.48 12.91 20.33
CA ARG A 40 3.63 11.98 20.25
C ARG A 40 3.97 11.68 18.79
N LYS A 41 5.20 11.24 18.53
CA LYS A 41 5.66 10.81 17.18
C LYS A 41 5.29 9.35 16.92
N VAL A 42 5.02 9.00 15.66
CA VAL A 42 4.52 7.66 15.29
C VAL A 42 5.09 7.23 13.94
N CYS A 43 5.62 6.01 13.85
CA CYS A 43 6.17 5.45 12.61
C CYS A 43 5.02 4.87 11.80
N PHE A 44 5.03 5.10 10.48
CA PHE A 44 4.11 4.47 9.53
C PHE A 44 4.84 3.62 8.47
N LYS A 45 4.20 2.53 8.03
CA LYS A 45 4.62 1.70 6.88
C LYS A 45 3.46 1.32 5.96
N VAL A 46 3.71 1.23 4.64
CA VAL A 46 2.71 0.91 3.61
C VAL A 46 3.06 -0.39 2.87
N LYS A 47 2.07 -1.27 2.65
CA LYS A 47 2.15 -2.49 1.84
C LYS A 47 1.02 -2.56 0.80
N THR A 48 1.22 -3.27 -0.30
CA THR A 48 0.33 -3.30 -1.47
C THR A 48 0.23 -4.70 -2.09
N THR A 49 -0.77 -4.96 -2.93
CA THR A 49 -1.02 -6.28 -3.53
C THR A 49 -0.29 -6.55 -4.86
N ALA A 50 0.45 -5.57 -5.38
CA ALA A 50 1.17 -5.71 -6.65
C ALA A 50 2.32 -4.70 -6.81
N PRO A 51 3.59 -5.05 -6.53
CA PRO A 51 4.71 -4.09 -6.58
C PRO A 51 5.04 -3.66 -8.02
N ARG A 52 4.70 -4.52 -9.01
CA ARG A 52 4.78 -4.24 -10.46
C ARG A 52 3.53 -3.55 -11.05
N ARG A 53 2.54 -3.18 -10.22
CA ARG A 53 1.38 -2.33 -10.62
C ARG A 53 1.15 -1.12 -9.70
N TYR A 54 1.73 -1.05 -8.51
CA TYR A 54 1.54 0.08 -7.58
C TYR A 54 2.89 0.52 -6.99
N CYS A 55 3.15 1.82 -7.06
CA CYS A 55 4.35 2.47 -6.55
C CYS A 55 3.97 3.44 -5.41
N VAL A 56 4.70 3.41 -4.30
CA VAL A 56 4.38 4.09 -3.03
C VAL A 56 5.58 4.96 -2.65
N ARG A 57 5.68 6.19 -3.16
CA ARG A 57 6.90 7.04 -3.08
C ARG A 57 7.68 7.04 -1.76
N PRO A 58 7.05 7.35 -0.62
CA PRO A 58 7.69 7.22 0.68
C PRO A 58 7.93 5.77 1.16
N ASN A 59 6.93 4.91 0.93
CA ASN A 59 6.72 3.53 1.42
C ASN A 59 6.72 3.36 2.96
N SER A 60 7.24 4.35 3.68
CA SER A 60 7.37 4.40 5.15
C SER A 60 7.74 5.82 5.61
N GLY A 61 7.68 6.05 6.92
CA GLY A 61 8.18 7.28 7.56
C GLY A 61 7.71 7.44 8.99
N ILE A 62 7.75 8.68 9.49
CA ILE A 62 7.25 9.05 10.83
C ILE A 62 6.39 10.33 10.73
N ILE A 63 5.26 10.37 11.44
CA ILE A 63 4.36 11.53 11.52
C ILE A 63 4.56 12.28 12.85
N ASP A 64 4.65 13.60 12.77
CA ASP A 64 4.79 14.50 13.92
C ASP A 64 3.45 14.73 14.65
N PRO A 65 3.45 15.12 15.94
CA PRO A 65 2.22 15.41 16.69
C PRO A 65 1.35 16.47 16.01
N GLY A 66 0.05 16.19 15.89
CA GLY A 66 -0.95 17.10 15.29
C GLY A 66 -0.76 17.35 13.79
N SER A 67 0.20 16.68 13.16
CA SER A 67 0.67 16.96 11.80
C SER A 67 0.26 15.88 10.80
N THR A 68 0.40 16.18 9.50
CA THR A 68 -0.07 15.34 8.38
C THR A 68 1.08 14.99 7.43
N VAL A 69 1.09 13.75 6.92
CA VAL A 69 1.97 13.30 5.83
C VAL A 69 1.12 12.81 4.65
N THR A 70 1.53 13.15 3.43
CA THR A 70 0.87 12.76 2.19
C THR A 70 1.66 11.65 1.52
N VAL A 71 1.02 10.50 1.32
CA VAL A 71 1.56 9.32 0.63
C VAL A 71 1.01 9.28 -0.78
N SER A 72 1.87 9.45 -1.78
CA SER A 72 1.51 9.35 -3.20
C SER A 72 1.59 7.91 -3.68
N VAL A 73 0.47 7.43 -4.25
CA VAL A 73 0.35 6.11 -4.87
C VAL A 73 0.28 6.31 -6.39
N MET A 74 1.09 5.57 -7.14
CA MET A 74 1.13 5.60 -8.60
C MET A 74 0.80 4.21 -9.16
N LEU A 75 -0.41 4.07 -9.72
CA LEU A 75 -0.95 2.81 -10.22
C LEU A 75 -0.64 2.71 -11.72
N GLN A 76 0.07 1.66 -12.11
CA GLN A 76 0.57 1.46 -13.48
C GLN A 76 -0.57 1.05 -14.45
N PRO A 77 -0.54 1.48 -15.72
CA PRO A 77 -1.67 1.33 -16.64
C PRO A 77 -2.11 -0.13 -16.90
N PHE A 78 -3.43 -0.33 -17.09
CA PHE A 78 -4.06 -1.61 -17.43
C PHE A 78 -5.34 -1.46 -18.27
N ASP A 79 -5.84 -2.56 -18.83
CA ASP A 79 -7.05 -2.58 -19.65
C ASP A 79 -8.32 -2.58 -18.76
N TYR A 80 -8.85 -1.38 -18.48
CA TYR A 80 -10.02 -1.14 -17.64
C TYR A 80 -11.31 -1.77 -18.19
N ASP A 81 -12.07 -2.43 -17.31
CA ASP A 81 -13.43 -2.92 -17.55
C ASP A 81 -14.39 -2.38 -16.46
N PRO A 82 -15.51 -1.69 -16.80
CA PRO A 82 -16.48 -1.22 -15.81
C PRO A 82 -17.31 -2.36 -15.18
N ASN A 83 -17.28 -3.56 -15.77
CA ASN A 83 -17.99 -4.75 -15.30
C ASN A 83 -17.14 -5.65 -14.39
N GLU A 84 -15.80 -5.60 -14.49
CA GLU A 84 -14.91 -6.50 -13.74
C GLU A 84 -14.64 -6.04 -12.29
N LYS A 85 -14.38 -7.01 -11.41
CA LYS A 85 -14.23 -6.84 -9.95
C LYS A 85 -12.77 -6.59 -9.56
N SER A 86 -12.54 -5.75 -8.55
CA SER A 86 -11.19 -5.46 -8.02
C SER A 86 -10.75 -6.48 -6.96
N LYS A 87 -9.49 -6.91 -7.05
CA LYS A 87 -8.79 -7.73 -6.03
C LYS A 87 -7.79 -6.94 -5.21
N HIS A 88 -7.32 -5.81 -5.75
CA HIS A 88 -6.18 -5.08 -5.21
C HIS A 88 -6.51 -4.32 -3.92
N LYS A 89 -5.56 -4.29 -3.00
CA LYS A 89 -5.69 -3.72 -1.64
C LYS A 89 -4.41 -3.02 -1.17
N PHE A 90 -4.56 -2.16 -0.18
CA PHE A 90 -3.50 -1.51 0.58
C PHE A 90 -3.59 -1.86 2.06
N MET A 91 -2.44 -1.88 2.74
CA MET A 91 -2.33 -2.01 4.18
C MET A 91 -1.38 -0.94 4.74
N VAL A 92 -1.76 -0.29 5.84
CA VAL A 92 -0.96 0.76 6.52
C VAL A 92 -0.78 0.37 7.99
N GLN A 93 0.45 0.00 8.37
CA GLN A 93 0.83 -0.36 9.75
C GLN A 93 1.44 0.85 10.46
N THR A 94 1.11 1.06 11.74
CA THR A 94 1.62 2.19 12.55
C THR A 94 1.96 1.79 13.99
N ILE A 95 3.02 2.39 14.55
CA ILE A 95 3.40 2.23 15.98
C ILE A 95 4.09 3.48 16.51
N PHE A 96 3.92 3.82 17.80
CA PHE A 96 4.57 4.99 18.41
C PHE A 96 6.11 4.93 18.32
N ALA A 97 6.71 6.06 17.93
CA ALA A 97 8.17 6.26 17.93
C ALA A 97 8.62 6.91 19.27
N PRO A 98 9.72 6.45 19.89
CA PRO A 98 10.24 7.04 21.13
C PRO A 98 10.97 8.38 20.87
N PRO A 99 11.18 9.22 21.90
CA PRO A 99 11.97 10.46 21.77
C PRO A 99 13.48 10.22 21.64
N ASN A 100 13.97 9.04 22.05
CA ASN A 100 15.39 8.68 22.10
C ASN A 100 15.77 7.67 20.98
N THR A 101 15.54 8.05 19.72
CA THR A 101 16.00 7.30 18.53
C THR A 101 16.37 8.23 17.37
N SER A 102 17.25 7.75 16.49
CA SER A 102 17.60 8.34 15.20
C SER A 102 17.42 7.34 14.04
N ASP A 103 16.71 6.22 14.30
CA ASP A 103 16.45 5.13 13.34
C ASP A 103 14.97 4.72 13.39
N MET A 104 14.24 4.98 12.29
CA MET A 104 12.84 4.59 12.15
C MET A 104 12.65 3.06 12.08
N GLU A 105 13.67 2.31 11.66
CA GLU A 105 13.59 0.84 11.54
C GLU A 105 13.74 0.17 12.90
N ALA A 106 14.54 0.75 13.80
CA ALA A 106 14.72 0.25 15.16
C ALA A 106 13.42 0.26 15.97
N VAL A 107 12.52 1.23 15.70
CA VAL A 107 11.20 1.30 16.35
C VAL A 107 10.39 0.05 16.08
N TRP A 108 10.47 -0.51 14.87
CA TRP A 108 9.74 -1.72 14.53
C TRP A 108 10.35 -3.00 15.13
N LYS A 109 11.65 -2.98 15.46
CA LYS A 109 12.34 -4.08 16.15
C LYS A 109 12.08 -4.08 17.67
N GLU A 110 11.90 -2.90 18.27
CA GLU A 110 11.52 -2.75 19.68
C GLU A 110 10.01 -2.85 19.91
N ALA A 111 9.21 -2.52 18.90
CA ALA A 111 7.75 -2.68 18.89
C ALA A 111 7.35 -4.14 19.13
N LYS A 112 6.38 -4.34 20.03
CA LYS A 112 5.85 -5.66 20.36
C LYS A 112 4.60 -6.00 19.55
N PRO A 113 4.32 -7.28 19.27
CA PRO A 113 3.22 -7.71 18.41
C PRO A 113 1.83 -7.29 18.92
N ASP A 114 1.71 -6.96 20.21
CA ASP A 114 0.50 -6.44 20.85
C ASP A 114 0.36 -4.90 20.83
N GLU A 115 1.44 -4.18 20.52
CA GLU A 115 1.50 -2.70 20.45
C GLU A 115 1.34 -2.18 19.01
N LEU A 116 1.41 -3.06 18.00
CA LEU A 116 1.31 -2.72 16.58
C LEU A 116 -0.15 -2.43 16.20
N MET A 117 -0.37 -1.34 15.46
CA MET A 117 -1.67 -0.98 14.89
C MET A 117 -1.64 -1.13 13.36
N ASP A 118 -2.77 -1.40 12.71
CA ASP A 118 -2.87 -1.46 11.26
C ASP A 118 -4.23 -1.07 10.69
N SER A 119 -4.25 -0.83 9.38
CA SER A 119 -5.39 -0.35 8.57
C SER A 119 -5.39 -1.10 7.24
N LYS A 120 -6.55 -1.47 6.69
CA LYS A 120 -6.66 -2.07 5.35
C LYS A 120 -7.75 -1.40 4.49
N LEU A 121 -7.46 -1.23 3.20
CA LEU A 121 -8.26 -0.46 2.24
C LEU A 121 -8.25 -1.16 0.86
N ARG A 122 -9.33 -1.07 0.07
CA ARG A 122 -9.39 -1.63 -1.29
C ARG A 122 -9.02 -0.57 -2.34
N CYS A 123 -8.63 -1.01 -3.54
CA CYS A 123 -8.43 -0.15 -4.70
C CYS A 123 -9.68 -0.19 -5.58
N VAL A 124 -10.29 0.98 -5.82
CA VAL A 124 -11.52 1.14 -6.62
C VAL A 124 -11.19 1.77 -7.96
N PHE A 125 -11.78 1.29 -9.04
CA PHE A 125 -11.50 1.76 -10.40
C PHE A 125 -12.73 2.48 -11.01
N GLU A 126 -12.52 3.69 -11.54
CA GLU A 126 -13.55 4.53 -12.16
C GLU A 126 -13.04 5.19 -13.45
N MET A 127 -13.91 5.30 -14.47
CA MET A 127 -13.60 6.00 -15.73
C MET A 127 -14.09 7.47 -15.72
N PRO A 128 -13.39 8.40 -16.40
CA PRO A 128 -13.85 9.77 -16.60
C PRO A 128 -15.04 9.85 -17.59
N ASN A 129 -15.80 10.95 -17.50
CA ASN A 129 -16.99 11.22 -18.33
C ASN A 129 -16.92 12.59 -19.07
N GLU A 130 -15.75 13.23 -19.11
CA GLU A 130 -15.46 14.53 -19.75
C GLU A 130 -14.05 14.63 -20.35
N PRO B 1 14.12 11.43 -28.09
CA PRO B 1 14.79 11.73 -26.80
C PRO B 1 13.88 11.50 -25.57
N LEU B 2 12.81 12.29 -25.44
CA LEU B 2 11.88 12.25 -24.29
C LEU B 2 10.91 11.04 -24.36
N GLY B 3 10.42 10.61 -23.21
CA GLY B 3 9.45 9.51 -23.05
C GLY B 3 10.06 8.11 -22.96
N SER B 4 11.39 7.99 -23.18
CA SER B 4 12.24 6.79 -22.98
C SER B 4 11.91 5.52 -23.79
N ASP B 5 10.84 5.52 -24.60
CA ASP B 5 10.25 4.36 -25.29
C ASP B 5 9.75 3.22 -24.37
N HIS B 6 8.81 2.39 -24.88
CA HIS B 6 8.06 1.39 -24.10
C HIS B 6 7.99 0.03 -24.81
N TRP B 7 8.28 -1.04 -24.06
CA TRP B 7 8.37 -2.43 -24.53
C TRP B 7 7.83 -3.42 -23.47
N GLY B 8 7.85 -4.73 -23.79
CA GLY B 8 7.48 -5.79 -22.83
C GLY B 8 5.98 -5.86 -22.54
N LYS B 9 5.15 -5.67 -23.57
CA LYS B 9 3.67 -5.72 -23.50
C LYS B 9 3.14 -7.14 -23.26
N GLY B 10 1.89 -7.22 -22.81
CA GLY B 10 1.23 -8.45 -22.36
C GLY B 10 1.47 -8.72 -20.87
N ASP B 11 0.38 -8.76 -20.09
CA ASP B 11 0.40 -9.02 -18.65
C ASP B 11 0.78 -10.48 -18.35
N MET B 12 1.72 -10.70 -17.41
CA MET B 12 2.18 -12.05 -17.03
C MET B 12 2.44 -12.23 -15.52
N SER B 13 2.61 -13.50 -15.10
CA SER B 13 2.67 -13.99 -13.71
C SER B 13 1.40 -13.78 -12.87
N ASP B 14 1.15 -14.74 -11.97
CA ASP B 14 0.15 -14.67 -10.91
C ASP B 14 0.52 -15.61 -9.74
N GLU B 15 0.15 -15.21 -8.53
CA GLU B 15 0.41 -15.94 -7.27
C GLU B 15 -0.86 -16.58 -6.66
N ASP B 16 -0.66 -17.58 -5.79
CA ASP B 16 -1.71 -18.44 -5.22
C ASP B 16 -2.28 -17.89 -3.88
N ASP B 17 -3.03 -16.79 -3.97
CA ASP B 17 -3.71 -16.09 -2.89
C ASP B 17 -4.86 -15.27 -3.53
N GLU B 18 -5.78 -14.76 -2.71
CA GLU B 18 -6.85 -13.84 -3.14
C GLU B 18 -6.30 -12.60 -3.89
N ASN B 19 -5.14 -12.07 -3.49
CA ASN B 19 -4.45 -10.99 -4.19
C ASN B 19 -2.90 -10.97 -4.03
N GLU B 20 -2.35 -11.64 -3.01
CA GLU B 20 -0.95 -11.62 -2.57
C GLU B 20 -0.37 -10.24 -2.22
N PHE B 21 -0.05 -10.02 -0.94
CA PHE B 21 0.61 -8.78 -0.48
C PHE B 21 2.14 -8.83 -0.58
N PHE B 22 2.72 -7.66 -0.84
CA PHE B 22 4.15 -7.43 -1.06
C PHE B 22 4.62 -6.19 -0.28
N ASP B 23 5.91 -6.16 0.07
CA ASP B 23 6.55 -4.96 0.61
C ASP B 23 6.62 -3.90 -0.49
N ALA B 24 5.91 -2.78 -0.32
CA ALA B 24 5.72 -1.79 -1.38
C ALA B 24 7.02 -1.06 -1.77
N PRO B 25 7.36 -0.96 -3.07
CA PRO B 25 8.51 -0.19 -3.55
C PRO B 25 8.15 1.30 -3.65
N GLU B 26 9.17 2.17 -3.61
CA GLU B 26 8.98 3.60 -3.93
C GLU B 26 8.61 3.77 -5.39
N ILE B 27 9.30 3.03 -6.26
CA ILE B 27 8.97 2.86 -7.68
C ILE B 27 9.58 1.55 -8.21
N ILE B 28 8.93 0.96 -9.22
CA ILE B 28 9.38 -0.26 -9.89
C ILE B 28 10.09 0.10 -11.21
N THR B 29 11.26 -0.48 -11.46
CA THR B 29 12.15 -0.06 -12.57
C THR B 29 11.90 -0.79 -13.89
N MET B 30 11.58 -2.08 -13.86
CA MET B 30 11.36 -2.94 -15.04
C MET B 30 10.02 -3.72 -14.98
N PRO B 31 8.86 -3.02 -14.95
CA PRO B 31 7.55 -3.67 -15.05
C PRO B 31 7.27 -4.16 -16.48
N GLU B 32 6.35 -5.12 -16.60
CA GLU B 32 5.79 -5.57 -17.89
C GLU B 32 4.46 -4.83 -18.16
N ASN B 33 4.26 -4.41 -19.41
CA ASN B 33 3.16 -3.52 -19.82
C ASN B 33 1.84 -4.27 -20.10
N LEU B 34 0.75 -3.50 -20.25
CA LEU B 34 -0.61 -4.03 -20.45
C LEU B 34 -0.80 -4.87 -21.73
N GLY B 35 -1.95 -5.56 -21.81
CA GLY B 35 -2.31 -6.47 -22.90
C GLY B 35 -3.17 -7.63 -22.40
N HIS B 36 -4.21 -7.32 -21.64
CA HIS B 36 -5.07 -8.30 -20.96
C HIS B 36 -6.05 -9.00 -21.92
N LYS B 37 -6.50 -10.21 -21.55
CA LYS B 37 -7.34 -11.08 -22.41
C LYS B 37 -8.71 -11.37 -21.79
N ARG B 38 -9.75 -11.37 -22.64
CA ARG B 38 -11.16 -11.64 -22.29
C ARG B 38 -11.63 -13.02 -22.75
N THR B 39 -11.41 -13.36 -24.02
CA THR B 39 -11.94 -14.59 -24.65
C THR B 39 -10.99 -15.16 -25.73
N GLY B 40 -11.18 -16.42 -26.10
CA GLY B 40 -10.37 -17.16 -27.08
C GLY B 40 -10.75 -18.65 -27.16
N SER B 41 -10.05 -19.40 -28.04
CA SER B 41 -10.17 -20.86 -28.18
C SER B 41 -8.90 -21.57 -27.70
N HIS B 42 -9.05 -22.62 -26.88
CA HIS B 42 -7.93 -23.32 -26.23
C HIS B 42 -7.53 -24.63 -26.94
N HIS B 43 -8.46 -25.26 -27.67
CA HIS B 43 -8.25 -26.50 -28.43
C HIS B 43 -9.22 -26.60 -29.62
N HIS B 44 -8.84 -27.35 -30.66
CA HIS B 44 -9.64 -27.64 -31.86
C HIS B 44 -9.37 -29.05 -32.41
N GLY A 3 -4.06 -8.06 24.26
CA GLY A 3 -4.06 -6.85 25.11
C GLY A 3 -4.78 -5.69 24.43
N SER A 4 -4.04 -4.82 23.73
CA SER A 4 -4.60 -3.67 23.00
C SER A 4 -5.46 -4.06 21.79
N ASP A 5 -6.38 -3.17 21.40
CA ASP A 5 -7.25 -3.33 20.23
C ASP A 5 -6.50 -3.10 18.90
N HIS A 6 -7.06 -3.66 17.83
CA HIS A 6 -6.55 -3.57 16.46
C HIS A 6 -6.47 -2.14 15.90
N GLU A 7 -7.45 -1.27 16.18
CA GLU A 7 -7.55 0.03 15.51
C GLU A 7 -6.37 0.96 15.82
N GLN A 8 -5.85 1.58 14.76
CA GLN A 8 -4.68 2.44 14.77
C GLN A 8 -4.95 3.88 15.24
N ILE A 9 -3.86 4.57 15.60
CA ILE A 9 -3.87 5.98 15.99
C ILE A 9 -4.14 6.95 14.83
N LEU A 10 -3.59 6.67 13.63
CA LEU A 10 -3.60 7.62 12.51
C LEU A 10 -4.97 7.75 11.83
N VAL A 11 -5.32 8.98 11.47
CA VAL A 11 -6.46 9.33 10.61
C VAL A 11 -6.00 9.12 9.17
N LEU A 12 -6.83 8.54 8.29
CA LEU A 12 -6.53 8.38 6.87
C LEU A 12 -7.60 9.06 6.01
N ASP A 13 -7.24 9.48 4.79
CA ASP A 13 -8.14 10.17 3.85
C ASP A 13 -7.74 9.88 2.40
N PRO A 14 -8.59 9.19 1.60
CA PRO A 14 -9.84 8.54 2.00
C PRO A 14 -9.64 7.42 3.06
N PRO A 15 -10.51 7.32 4.09
CA PRO A 15 -10.35 6.37 5.21
C PRO A 15 -10.71 4.92 4.88
N THR A 16 -11.67 4.72 3.98
CA THR A 16 -12.26 3.41 3.67
C THR A 16 -11.51 2.64 2.59
N ASP A 17 -11.35 3.24 1.40
CA ASP A 17 -10.77 2.63 0.20
C ASP A 17 -9.97 3.66 -0.62
N LEU A 18 -8.98 3.22 -1.41
CA LEU A 18 -8.20 4.06 -2.31
C LEU A 18 -8.92 4.16 -3.67
N LYS A 19 -9.16 5.39 -4.13
CA LYS A 19 -9.88 5.67 -5.38
C LYS A 19 -8.90 6.04 -6.48
N PHE A 20 -8.96 5.29 -7.57
CA PHE A 20 -8.16 5.50 -8.78
C PHE A 20 -9.08 6.02 -9.88
N LYS A 21 -8.96 7.32 -10.17
CA LYS A 21 -9.73 8.04 -11.20
C LYS A 21 -8.81 8.35 -12.38
N GLY A 22 -9.10 7.82 -13.56
CA GLY A 22 -8.25 7.99 -14.73
C GLY A 22 -8.68 7.06 -15.86
N PRO A 23 -7.93 7.04 -16.97
CA PRO A 23 -8.32 6.26 -18.15
C PRO A 23 -7.80 4.82 -18.22
N PHE A 24 -6.74 4.67 -17.46
CA PHE A 24 -5.85 3.54 -17.20
C PHE A 24 -4.99 3.12 -18.41
N THR A 25 -5.01 3.88 -19.49
CA THR A 25 -4.06 3.73 -20.62
C THR A 25 -2.66 4.28 -20.28
N ASP A 26 -2.52 4.99 -19.16
CA ASP A 26 -1.27 5.43 -18.53
C ASP A 26 -1.40 5.34 -16.98
N VAL A 27 -0.34 5.67 -16.24
CA VAL A 27 -0.30 5.62 -14.77
C VAL A 27 -1.34 6.56 -14.14
N VAL A 28 -2.02 6.09 -13.08
CA VAL A 28 -2.89 6.89 -12.21
C VAL A 28 -2.14 7.30 -10.96
N THR A 29 -2.19 8.58 -10.61
CA THR A 29 -1.68 9.10 -9.33
C THR A 29 -2.85 9.33 -8.36
N THR A 30 -2.74 8.76 -7.15
CA THR A 30 -3.74 8.89 -6.07
C THR A 30 -2.98 9.15 -4.78
N ASN A 31 -3.33 10.21 -4.05
CA ASN A 31 -2.66 10.54 -2.80
C ASN A 31 -3.55 10.24 -1.58
N LEU A 32 -2.94 9.70 -0.52
CA LEU A 32 -3.57 9.35 0.74
C LEU A 32 -3.03 10.29 1.82
N LYS A 33 -3.89 11.02 2.53
CA LYS A 33 -3.47 11.99 3.55
C LYS A 33 -3.59 11.37 4.94
N LEU A 34 -2.49 11.30 5.68
CA LEU A 34 -2.45 10.72 7.03
C LEU A 34 -2.16 11.77 8.09
N ARG A 35 -3.04 11.93 9.07
CA ARG A 35 -2.87 12.87 10.21
C ARG A 35 -2.75 12.12 11.54
N ASN A 36 -1.92 12.65 12.44
CA ASN A 36 -1.71 12.08 13.78
C ASN A 36 -2.47 12.92 14.83
N PRO A 37 -3.49 12.37 15.49
CA PRO A 37 -4.26 13.07 16.51
C PRO A 37 -3.53 13.19 17.87
N SER A 38 -2.58 12.28 18.11
CA SER A 38 -1.86 12.08 19.37
C SER A 38 -0.92 13.23 19.75
N ASP A 39 -0.39 13.14 20.97
CA ASP A 39 0.69 13.96 21.54
C ASP A 39 2.03 13.18 21.54
N ARG A 40 2.20 12.27 20.56
CA ARG A 40 3.31 11.33 20.41
C ARG A 40 3.73 11.28 18.95
N LYS A 41 4.96 10.85 18.67
CA LYS A 41 5.43 10.55 17.29
C LYS A 41 5.05 9.11 16.94
N VAL A 42 4.85 8.82 15.65
CA VAL A 42 4.46 7.47 15.18
C VAL A 42 5.12 7.16 13.84
N CYS A 43 5.73 5.98 13.71
CA CYS A 43 6.33 5.52 12.45
C CYS A 43 5.27 4.83 11.61
N PHE A 44 5.26 5.09 10.31
CA PHE A 44 4.36 4.43 9.34
C PHE A 44 5.12 3.64 8.25
N LYS A 45 4.53 2.53 7.79
CA LYS A 45 4.98 1.72 6.64
C LYS A 45 3.82 1.31 5.72
N VAL A 46 4.03 1.23 4.40
CA VAL A 46 2.99 0.92 3.39
C VAL A 46 3.25 -0.43 2.70
N LYS A 47 2.19 -1.23 2.54
CA LYS A 47 2.18 -2.55 1.88
C LYS A 47 1.08 -2.61 0.81
N THR A 48 1.28 -3.43 -0.24
CA THR A 48 0.33 -3.61 -1.37
C THR A 48 0.22 -5.08 -1.77
N THR A 49 -0.88 -5.53 -2.37
CA THR A 49 -0.99 -6.91 -2.90
C THR A 49 -0.22 -7.14 -4.20
N ALA A 50 0.21 -6.08 -4.90
CA ALA A 50 0.84 -6.20 -6.23
C ALA A 50 1.93 -5.13 -6.47
N PRO A 51 3.22 -5.39 -6.18
CA PRO A 51 4.29 -4.40 -6.34
C PRO A 51 4.62 -4.10 -7.82
N ARG A 52 4.22 -5.00 -8.72
CA ARG A 52 4.23 -4.85 -10.19
C ARG A 52 2.96 -4.20 -10.78
N ARG A 53 2.08 -3.67 -9.92
CA ARG A 53 0.91 -2.82 -10.27
C ARG A 53 0.90 -1.50 -9.49
N TYR A 54 1.46 -1.44 -8.28
CA TYR A 54 1.42 -0.27 -7.41
C TYR A 54 2.81 0.16 -6.91
N CYS A 55 3.06 1.47 -6.99
CA CYS A 55 4.27 2.11 -6.49
C CYS A 55 3.92 3.18 -5.43
N VAL A 56 4.67 3.25 -4.34
CA VAL A 56 4.41 4.11 -3.16
C VAL A 56 5.68 4.93 -2.87
N ARG A 57 5.75 6.20 -3.32
CA ARG A 57 7.02 6.97 -3.31
C ARG A 57 7.77 7.01 -1.97
N PRO A 58 7.15 7.46 -0.86
CA PRO A 58 7.78 7.38 0.45
C PRO A 58 8.08 5.95 0.93
N ASN A 59 7.13 5.03 0.68
CA ASN A 59 6.98 3.64 1.17
C ASN A 59 6.97 3.47 2.71
N SER A 60 7.43 4.48 3.43
CA SER A 60 7.49 4.57 4.89
C SER A 60 7.80 6.00 5.36
N GLY A 61 7.67 6.26 6.66
CA GLY A 61 8.09 7.51 7.27
C GLY A 61 7.69 7.62 8.74
N ILE A 62 7.65 8.84 9.27
CA ILE A 62 7.20 9.16 10.63
C ILE A 62 6.25 10.37 10.59
N ILE A 63 5.23 10.40 11.47
CA ILE A 63 4.35 11.57 11.66
C ILE A 63 4.49 12.13 13.08
N ASP A 64 4.65 13.45 13.17
CA ASP A 64 4.73 14.23 14.42
C ASP A 64 3.34 14.47 15.05
N PRO A 65 3.24 14.75 16.36
CA PRO A 65 1.97 15.06 17.02
C PRO A 65 1.22 16.21 16.34
N GLY A 66 -0.08 16.00 16.08
CA GLY A 66 -0.97 16.97 15.42
C GLY A 66 -0.69 17.20 13.93
N SER A 67 0.31 16.54 13.37
CA SER A 67 0.84 16.81 12.03
C SER A 67 0.36 15.80 10.99
N THR A 68 0.61 16.10 9.70
CA THR A 68 0.08 15.35 8.55
C THR A 68 1.15 15.05 7.49
N VAL A 69 1.07 13.88 6.86
CA VAL A 69 1.87 13.49 5.67
C VAL A 69 0.95 13.02 4.55
N THR A 70 1.24 13.41 3.30
CA THR A 70 0.52 12.96 2.10
C THR A 70 1.40 11.95 1.35
N VAL A 71 0.87 10.74 1.18
CA VAL A 71 1.53 9.58 0.55
C VAL A 71 1.00 9.41 -0.86
N SER A 72 1.87 9.48 -1.86
CA SER A 72 1.51 9.29 -3.28
C SER A 72 1.59 7.81 -3.67
N VAL A 73 0.53 7.34 -4.34
CA VAL A 73 0.43 6.03 -4.98
C VAL A 73 0.40 6.23 -6.49
N MET A 74 1.22 5.48 -7.21
CA MET A 74 1.25 5.39 -8.67
C MET A 74 0.80 3.99 -9.10
N LEU A 75 -0.43 3.89 -9.61
CA LEU A 75 -1.07 2.66 -10.08
C LEU A 75 -0.86 2.53 -11.59
N GLN A 76 -0.29 1.40 -12.00
CA GLN A 76 0.16 1.14 -13.37
C GLN A 76 -1.00 0.89 -14.36
N PRO A 77 -0.85 1.24 -15.65
CA PRO A 77 -1.92 1.15 -16.65
C PRO A 77 -2.43 -0.28 -16.91
N PHE A 78 -3.73 -0.39 -17.22
CA PHE A 78 -4.39 -1.65 -17.63
C PHE A 78 -5.67 -1.41 -18.46
N ASP A 79 -6.20 -2.49 -19.04
CA ASP A 79 -7.42 -2.48 -19.86
C ASP A 79 -8.70 -2.47 -19.01
N TYR A 80 -9.01 -1.31 -18.42
CA TYR A 80 -10.15 -1.09 -17.53
C TYR A 80 -11.51 -1.34 -18.20
N ASP A 81 -12.40 -2.03 -17.48
CA ASP A 81 -13.82 -2.19 -17.82
C ASP A 81 -14.70 -1.75 -16.62
N PRO A 82 -15.73 -0.89 -16.79
CA PRO A 82 -16.60 -0.47 -15.70
C PRO A 82 -17.49 -1.61 -15.17
N ASN A 83 -17.57 -2.73 -15.89
CA ASN A 83 -18.28 -3.94 -15.47
C ASN A 83 -17.37 -4.96 -14.74
N GLU A 84 -16.05 -4.85 -14.84
CA GLU A 84 -15.12 -5.75 -14.14
C GLU A 84 -14.85 -5.35 -12.67
N LYS A 85 -14.52 -6.36 -11.84
CA LYS A 85 -14.43 -6.28 -10.37
C LYS A 85 -12.99 -6.05 -9.90
N SER A 86 -12.83 -5.38 -8.75
CA SER A 86 -11.52 -5.12 -8.12
C SER A 86 -11.06 -6.28 -7.23
N LYS A 87 -9.73 -6.52 -7.20
CA LYS A 87 -9.05 -7.55 -6.40
C LYS A 87 -8.02 -7.00 -5.41
N HIS A 88 -7.38 -5.88 -5.78
CA HIS A 88 -6.21 -5.36 -5.08
C HIS A 88 -6.52 -4.65 -3.75
N LYS A 89 -5.54 -4.67 -2.84
CA LYS A 89 -5.63 -4.04 -1.51
C LYS A 89 -4.30 -3.40 -1.08
N PHE A 90 -4.40 -2.41 -0.20
CA PHE A 90 -3.30 -1.73 0.50
C PHE A 90 -3.41 -1.93 2.01
N MET A 91 -2.27 -1.84 2.70
CA MET A 91 -2.19 -1.78 4.15
C MET A 91 -1.21 -0.69 4.60
N VAL A 92 -1.57 0.04 5.66
CA VAL A 92 -0.69 0.97 6.37
C VAL A 92 -0.45 0.41 7.76
N GLN A 93 0.79 0.03 8.05
CA GLN A 93 1.28 -0.46 9.35
C GLN A 93 1.89 0.70 10.13
N THR A 94 1.59 0.81 11.42
CA THR A 94 2.02 1.94 12.27
C THR A 94 2.38 1.50 13.69
N ILE A 95 3.35 2.20 14.31
CA ILE A 95 3.73 1.98 15.71
C ILE A 95 4.25 3.27 16.37
N PHE A 96 3.93 3.50 17.65
CA PHE A 96 4.36 4.69 18.37
C PHE A 96 5.89 4.76 18.52
N ALA A 97 6.47 5.90 18.14
CA ALA A 97 7.91 6.17 18.21
C ALA A 97 8.33 6.77 19.58
N PRO A 98 9.62 6.67 19.95
CA PRO A 98 10.19 7.38 21.11
C PRO A 98 9.98 8.91 21.07
N PRO A 99 10.09 9.60 22.22
CA PRO A 99 10.02 11.07 22.30
C PRO A 99 11.06 11.76 21.40
N ASN A 100 12.25 11.17 21.32
CA ASN A 100 13.32 11.52 20.38
C ASN A 100 14.19 10.27 20.07
N THR A 101 14.34 9.92 18.78
CA THR A 101 15.31 8.90 18.31
C THR A 101 15.73 9.17 16.86
N SER A 102 16.93 8.72 16.48
CA SER A 102 17.50 8.90 15.15
C SER A 102 17.16 7.77 14.16
N ASP A 103 16.84 6.56 14.65
CA ASP A 103 16.61 5.36 13.83
C ASP A 103 15.13 4.95 13.78
N MET A 104 14.50 5.04 12.59
CA MET A 104 13.11 4.57 12.43
C MET A 104 12.98 3.06 12.25
N GLU A 105 14.06 2.29 12.03
CA GLU A 105 13.99 0.83 11.97
C GLU A 105 14.04 0.21 13.37
N ALA A 106 14.70 0.86 14.34
CA ALA A 106 14.84 0.35 15.70
C ALA A 106 13.48 0.22 16.43
N VAL A 107 12.51 1.11 16.12
CA VAL A 107 11.19 1.01 16.75
C VAL A 107 10.46 -0.28 16.34
N TRP A 108 10.64 -0.75 15.11
CA TRP A 108 10.06 -2.01 14.64
C TRP A 108 10.77 -3.25 15.21
N LYS A 109 12.08 -3.12 15.52
CA LYS A 109 12.86 -4.16 16.21
C LYS A 109 12.43 -4.33 17.67
N GLU A 110 12.07 -3.23 18.35
CA GLU A 110 11.65 -3.26 19.76
C GLU A 110 10.14 -3.54 19.97
N ALA A 111 9.33 -3.23 18.96
CA ALA A 111 7.87 -3.29 19.00
C ALA A 111 7.38 -4.72 19.22
N LYS A 112 6.48 -4.88 20.20
CA LYS A 112 5.83 -6.16 20.49
C LYS A 112 4.62 -6.39 19.56
N PRO A 113 4.21 -7.66 19.34
CA PRO A 113 3.06 -8.02 18.51
C PRO A 113 1.72 -7.43 19.00
N ASP A 114 1.66 -7.00 20.27
CA ASP A 114 0.50 -6.32 20.86
C ASP A 114 0.52 -4.78 20.71
N GLU A 115 1.67 -4.19 20.38
CA GLU A 115 1.85 -2.74 20.19
C GLU A 115 1.66 -2.30 18.72
N LEU A 116 1.77 -3.25 17.78
CA LEU A 116 1.73 -2.99 16.34
C LEU A 116 0.29 -2.72 15.89
N MET A 117 0.09 -1.63 15.15
CA MET A 117 -1.22 -1.19 14.66
C MET A 117 -1.25 -1.22 13.13
N ASP A 118 -2.43 -1.41 12.53
CA ASP A 118 -2.59 -1.29 11.07
C ASP A 118 -3.98 -0.82 10.62
N SER A 119 -4.11 -0.55 9.32
CA SER A 119 -5.35 -0.31 8.58
C SER A 119 -5.20 -0.90 7.18
N LYS A 120 -6.28 -1.40 6.57
CA LYS A 120 -6.28 -1.92 5.19
C LYS A 120 -7.44 -1.38 4.35
N LEU A 121 -7.18 -1.14 3.07
CA LEU A 121 -8.06 -0.41 2.14
C LEU A 121 -8.02 -1.03 0.74
N ARG A 122 -9.16 -1.15 0.04
CA ARG A 122 -9.23 -1.74 -1.32
C ARG A 122 -8.95 -0.68 -2.39
N CYS A 123 -8.64 -1.10 -3.61
CA CYS A 123 -8.56 -0.21 -4.78
C CYS A 123 -9.91 -0.12 -5.50
N VAL A 124 -10.30 1.08 -5.92
CA VAL A 124 -11.52 1.37 -6.70
C VAL A 124 -11.13 1.99 -8.04
N PHE A 125 -11.79 1.59 -9.13
CA PHE A 125 -11.42 2.00 -10.50
C PHE A 125 -12.57 2.73 -11.21
N GLU A 126 -12.32 3.97 -11.64
CA GLU A 126 -13.32 4.90 -12.21
C GLU A 126 -12.73 5.83 -13.29
N MET A 127 -13.53 6.27 -14.25
CA MET A 127 -13.12 7.22 -15.30
C MET A 127 -13.62 8.65 -15.00
N PRO A 128 -12.82 9.70 -15.30
CA PRO A 128 -13.11 11.09 -14.91
C PRO A 128 -14.19 11.75 -15.77
N ASN A 129 -14.83 12.80 -15.22
CA ASN A 129 -15.84 13.62 -15.88
C ASN A 129 -15.63 15.14 -15.59
N GLU A 130 -14.38 15.54 -15.34
CA GLU A 130 -13.96 16.91 -14.96
C GLU A 130 -12.59 17.28 -15.56
N PRO B 1 25.61 10.16 -4.51
CA PRO B 1 25.73 11.63 -4.26
C PRO B 1 24.55 12.21 -3.45
N LEU B 2 23.33 12.17 -4.01
CA LEU B 2 22.11 12.73 -3.39
C LEU B 2 21.50 11.78 -2.34
N GLY B 3 20.78 12.34 -1.37
CA GLY B 3 20.02 11.61 -0.36
C GLY B 3 19.51 12.51 0.77
N SER B 4 18.19 12.57 0.94
CA SER B 4 17.48 13.44 1.91
C SER B 4 16.31 12.72 2.60
N ASP B 5 16.37 11.39 2.69
CA ASP B 5 15.29 10.49 3.12
C ASP B 5 15.62 9.72 4.41
N HIS B 6 14.64 9.01 4.97
CA HIS B 6 14.81 8.16 6.15
C HIS B 6 15.77 6.97 5.90
N TRP B 7 16.39 6.48 6.98
CA TRP B 7 17.49 5.50 6.94
C TRP B 7 17.27 4.31 7.90
N GLY B 8 18.30 3.47 8.03
CA GLY B 8 18.26 2.20 8.77
C GLY B 8 17.95 1.05 7.82
N LYS B 9 16.73 0.50 7.91
CA LYS B 9 16.19 -0.59 7.05
C LYS B 9 17.14 -1.79 6.85
N GLY B 10 17.97 -2.09 7.86
CA GLY B 10 19.08 -3.04 7.78
C GLY B 10 18.74 -4.52 8.09
N ASP B 11 17.50 -4.82 8.48
CA ASP B 11 17.06 -6.17 8.89
C ASP B 11 15.64 -6.50 8.41
N MET B 12 15.31 -7.80 8.39
CA MET B 12 14.03 -8.36 7.91
C MET B 12 12.91 -8.29 8.98
N SER B 13 11.68 -8.62 8.58
CA SER B 13 10.50 -8.75 9.45
C SER B 13 9.71 -10.02 9.14
N ASP B 14 9.01 -10.54 10.16
CA ASP B 14 8.15 -11.73 10.10
C ASP B 14 6.68 -11.33 9.88
N GLU B 15 6.42 -10.73 8.72
CA GLU B 15 5.14 -10.11 8.37
C GLU B 15 3.98 -11.11 8.20
N ASP B 16 2.76 -10.56 8.26
CA ASP B 16 1.49 -11.25 8.07
C ASP B 16 0.68 -10.67 6.89
N ASP B 17 -0.26 -11.45 6.37
CA ASP B 17 -1.12 -11.12 5.23
C ASP B 17 -2.44 -11.92 5.30
N GLU B 18 -3.47 -11.32 4.73
CA GLU B 18 -4.83 -11.90 4.52
C GLU B 18 -5.16 -12.17 3.03
N ASN B 19 -4.26 -11.75 2.14
CA ASN B 19 -4.40 -11.65 0.68
C ASN B 19 -3.09 -11.72 -0.13
N GLU B 20 -1.97 -11.94 0.57
CA GLU B 20 -0.58 -11.84 0.11
C GLU B 20 -0.12 -10.39 -0.15
N PHE B 21 0.07 -9.64 0.94
CA PHE B 21 0.71 -8.34 0.90
C PHE B 21 2.22 -8.48 0.63
N PHE B 22 2.78 -7.47 -0.03
CA PHE B 22 4.18 -7.30 -0.39
C PHE B 22 4.64 -5.93 0.13
N ASP B 23 5.93 -5.81 0.45
CA ASP B 23 6.55 -4.51 0.76
C ASP B 23 6.53 -3.61 -0.49
N ALA B 24 5.80 -2.50 -0.41
CA ALA B 24 5.55 -1.64 -1.57
C ALA B 24 6.83 -0.89 -2.04
N PRO B 25 7.23 -0.98 -3.32
CA PRO B 25 8.39 -0.26 -3.85
C PRO B 25 8.04 1.21 -4.13
N GLU B 26 9.03 2.11 -4.10
CA GLU B 26 8.82 3.50 -4.53
C GLU B 26 8.54 3.63 -6.03
N ILE B 27 9.16 2.76 -6.84
CA ILE B 27 8.84 2.60 -8.26
C ILE B 27 9.21 1.20 -8.76
N ILE B 28 8.51 0.71 -9.78
CA ILE B 28 8.74 -0.63 -10.35
C ILE B 28 9.93 -0.63 -11.33
N THR B 29 10.86 -1.59 -11.15
CA THR B 29 12.02 -1.78 -12.02
C THR B 29 12.34 -3.25 -12.37
N MET B 30 11.91 -4.21 -11.54
CA MET B 30 12.13 -5.65 -11.74
C MET B 30 10.82 -6.47 -11.58
N PRO B 31 9.89 -6.41 -12.56
CA PRO B 31 8.64 -7.19 -12.58
C PRO B 31 8.89 -8.67 -13.00
N GLU B 32 9.84 -9.33 -12.33
CA GLU B 32 10.35 -10.67 -12.66
C GLU B 32 9.84 -11.77 -11.71
N ASN B 33 9.97 -13.04 -12.13
CA ASN B 33 9.59 -14.21 -11.33
C ASN B 33 10.48 -14.34 -10.07
N LEU B 34 9.86 -14.61 -8.91
CA LEU B 34 10.53 -14.87 -7.63
C LEU B 34 11.21 -16.25 -7.61
N GLY B 35 10.60 -17.26 -8.27
CA GLY B 35 11.10 -18.64 -8.34
C GLY B 35 12.37 -18.82 -9.19
N HIS B 36 13.03 -19.97 -9.01
CA HIS B 36 14.32 -20.34 -9.63
C HIS B 36 14.28 -21.71 -10.31
N LYS B 37 15.30 -22.01 -11.12
CA LYS B 37 15.51 -23.34 -11.74
C LYS B 37 15.98 -24.40 -10.73
N ARG B 38 15.70 -25.67 -11.04
CA ARG B 38 16.05 -26.85 -10.22
C ARG B 38 17.43 -27.39 -10.63
N THR B 39 18.35 -27.54 -9.66
CA THR B 39 19.71 -28.07 -9.89
C THR B 39 19.72 -29.58 -10.17
N GLY B 40 20.76 -30.08 -10.84
CA GLY B 40 20.90 -31.49 -11.23
C GLY B 40 22.25 -31.83 -11.88
N SER B 41 22.33 -33.02 -12.49
CA SER B 41 23.55 -33.53 -13.14
C SER B 41 23.88 -32.88 -14.49
N HIS B 42 22.90 -32.24 -15.15
CA HIS B 42 23.08 -31.48 -16.39
C HIS B 42 23.38 -30.00 -16.13
N HIS B 43 24.33 -29.44 -16.88
CA HIS B 43 24.82 -28.06 -16.73
C HIS B 43 24.98 -27.27 -18.05
N HIS B 44 24.60 -27.89 -19.18
CA HIS B 44 24.72 -27.38 -20.57
C HIS B 44 26.13 -26.86 -20.93
N GLY A 3 -11.89 -10.92 13.71
CA GLY A 3 -11.14 -9.69 13.34
C GLY A 3 -10.46 -9.06 14.56
N SER A 4 -9.18 -8.73 14.44
CA SER A 4 -8.36 -8.15 15.53
C SER A 4 -8.68 -6.68 15.81
N ASP A 5 -8.35 -6.21 17.02
CA ASP A 5 -8.61 -4.84 17.50
C ASP A 5 -7.51 -3.82 17.14
N HIS A 6 -6.57 -4.18 16.26
CA HIS A 6 -5.34 -3.42 15.96
C HIS A 6 -5.51 -2.24 14.97
N GLU A 7 -6.75 -1.84 14.68
CA GLU A 7 -7.09 -0.65 13.89
C GLU A 7 -6.39 0.60 14.46
N GLN A 8 -5.55 1.27 13.65
CA GLN A 8 -4.66 2.33 14.11
C GLN A 8 -5.31 3.67 14.50
N ILE A 9 -4.54 4.46 15.26
CA ILE A 9 -4.88 5.80 15.75
C ILE A 9 -4.87 6.89 14.66
N LEU A 10 -4.00 6.77 13.65
CA LEU A 10 -3.94 7.74 12.54
C LEU A 10 -5.28 7.80 11.79
N VAL A 11 -5.68 9.01 11.39
CA VAL A 11 -6.81 9.24 10.48
C VAL A 11 -6.29 9.36 9.04
N LEU A 12 -6.87 8.56 8.14
CA LEU A 12 -6.48 8.46 6.74
C LEU A 12 -7.48 9.25 5.87
N ASP A 13 -7.07 9.67 4.67
CA ASP A 13 -7.86 10.53 3.77
C ASP A 13 -7.54 10.22 2.30
N PRO A 14 -8.42 9.53 1.56
CA PRO A 14 -9.69 8.93 1.99
C PRO A 14 -9.52 7.81 3.05
N PRO A 15 -10.41 7.72 4.07
CA PRO A 15 -10.32 6.76 5.18
C PRO A 15 -10.77 5.33 4.83
N THR A 16 -11.73 5.21 3.92
CA THR A 16 -12.40 3.94 3.59
C THR A 16 -11.64 3.12 2.54
N ASP A 17 -11.46 3.68 1.35
CA ASP A 17 -10.84 3.03 0.18
C ASP A 17 -10.01 4.04 -0.64
N LEU A 18 -9.04 3.55 -1.42
CA LEU A 18 -8.24 4.36 -2.35
C LEU A 18 -8.97 4.44 -3.70
N LYS A 19 -9.17 5.66 -4.21
CA LYS A 19 -9.85 5.90 -5.48
C LYS A 19 -8.85 6.21 -6.59
N PHE A 20 -9.01 5.52 -7.71
CA PHE A 20 -8.22 5.66 -8.93
C PHE A 20 -9.15 6.06 -10.09
N LYS A 21 -9.09 7.33 -10.49
CA LYS A 21 -9.86 7.88 -11.62
C LYS A 21 -8.92 8.24 -12.77
N GLY A 22 -9.19 7.71 -13.96
CA GLY A 22 -8.29 7.86 -15.11
C GLY A 22 -8.61 6.83 -16.19
N PRO A 23 -7.90 6.85 -17.32
CA PRO A 23 -8.21 5.98 -18.46
C PRO A 23 -7.72 4.53 -18.38
N PHE A 24 -6.70 4.44 -17.55
CA PHE A 24 -5.76 3.37 -17.23
C PHE A 24 -4.86 2.96 -18.42
N THR A 25 -4.72 3.86 -19.39
CA THR A 25 -3.77 3.78 -20.50
C THR A 25 -2.37 4.32 -20.15
N ASP A 26 -2.28 5.02 -19.02
CA ASP A 26 -1.03 5.46 -18.35
C ASP A 26 -1.19 5.37 -16.81
N VAL A 27 -0.15 5.70 -16.06
CA VAL A 27 -0.13 5.69 -14.58
C VAL A 27 -1.17 6.65 -14.00
N VAL A 28 -1.88 6.19 -12.96
CA VAL A 28 -2.78 7.00 -12.12
C VAL A 28 -2.05 7.41 -10.85
N THR A 29 -2.06 8.72 -10.54
CA THR A 29 -1.57 9.25 -9.26
C THR A 29 -2.74 9.48 -8.31
N THR A 30 -2.65 8.92 -7.11
CA THR A 30 -3.63 9.07 -6.02
C THR A 30 -2.88 9.41 -4.75
N ASN A 31 -3.10 10.60 -4.18
CA ASN A 31 -2.53 10.96 -2.88
C ASN A 31 -3.45 10.51 -1.74
N LEU A 32 -2.82 10.04 -0.66
CA LEU A 32 -3.44 9.66 0.62
C LEU A 32 -2.87 10.57 1.71
N LYS A 33 -3.71 11.34 2.41
CA LYS A 33 -3.28 12.17 3.55
C LYS A 33 -3.43 11.40 4.86
N LEU A 34 -2.35 11.29 5.62
CA LEU A 34 -2.33 10.66 6.95
C LEU A 34 -2.07 11.70 8.01
N ARG A 35 -3.00 11.87 8.96
CA ARG A 35 -2.92 12.85 10.05
C ARG A 35 -2.93 12.16 11.41
N ASN A 36 -2.14 12.70 12.35
CA ASN A 36 -1.98 12.15 13.70
C ASN A 36 -2.76 12.99 14.73
N PRO A 37 -3.81 12.43 15.36
CA PRO A 37 -4.60 13.15 16.35
C PRO A 37 -3.93 13.23 17.73
N SER A 38 -3.03 12.28 18.03
CA SER A 38 -2.36 12.12 19.32
C SER A 38 -1.28 13.18 19.62
N ASP A 39 -0.72 13.10 20.83
CA ASP A 39 0.35 13.96 21.37
C ASP A 39 1.72 13.24 21.41
N ARG A 40 1.94 12.30 20.49
CA ARG A 40 3.12 11.43 20.37
C ARG A 40 3.54 11.29 18.92
N LYS A 41 4.81 10.97 18.66
CA LYS A 41 5.34 10.66 17.32
C LYS A 41 5.06 9.21 16.96
N VAL A 42 4.88 8.90 15.68
CA VAL A 42 4.52 7.55 15.21
C VAL A 42 5.17 7.25 13.86
N CYS A 43 5.84 6.10 13.73
CA CYS A 43 6.47 5.67 12.49
C CYS A 43 5.43 4.91 11.64
N PHE A 44 5.41 5.17 10.33
CA PHE A 44 4.49 4.52 9.38
C PHE A 44 5.19 3.75 8.25
N LYS A 45 4.53 2.70 7.76
CA LYS A 45 4.91 1.89 6.59
C LYS A 45 3.69 1.54 5.71
N VAL A 46 3.88 1.32 4.40
CA VAL A 46 2.80 0.98 3.45
C VAL A 46 3.05 -0.35 2.73
N LYS A 47 2.01 -1.17 2.61
CA LYS A 47 1.99 -2.46 1.87
C LYS A 47 0.91 -2.46 0.79
N THR A 48 1.10 -3.24 -0.28
CA THR A 48 0.15 -3.39 -1.41
C THR A 48 0.00 -4.86 -1.82
N THR A 49 -1.12 -5.24 -2.44
CA THR A 49 -1.35 -6.61 -2.95
C THR A 49 -0.63 -6.93 -4.26
N ALA A 50 -0.07 -5.94 -4.97
CA ALA A 50 0.63 -6.14 -6.24
C ALA A 50 1.77 -5.12 -6.45
N PRO A 51 3.03 -5.45 -6.12
CA PRO A 51 4.14 -4.46 -6.08
C PRO A 51 4.59 -4.01 -7.48
N ARG A 52 4.24 -4.79 -8.52
CA ARG A 52 4.48 -4.48 -9.94
C ARG A 52 3.26 -3.87 -10.67
N ARG A 53 2.18 -3.59 -9.93
CA ARG A 53 0.99 -2.80 -10.37
C ARG A 53 0.77 -1.54 -9.52
N TYR A 54 1.34 -1.44 -8.33
CA TYR A 54 1.25 -0.28 -7.44
C TYR A 54 2.61 0.13 -6.87
N CYS A 55 2.86 1.44 -6.86
CA CYS A 55 4.06 2.05 -6.27
C CYS A 55 3.68 3.12 -5.24
N VAL A 56 4.49 3.30 -4.20
CA VAL A 56 4.25 4.19 -3.04
C VAL A 56 5.51 5.02 -2.83
N ARG A 57 5.55 6.29 -3.27
CA ARG A 57 6.82 7.07 -3.31
C ARG A 57 7.66 7.11 -2.04
N PRO A 58 7.11 7.51 -0.89
CA PRO A 58 7.83 7.42 0.38
C PRO A 58 8.09 5.99 0.88
N ASN A 59 7.11 5.09 0.68
CA ASN A 59 6.92 3.72 1.19
C ASN A 59 6.90 3.58 2.73
N SER A 60 7.39 4.59 3.45
CA SER A 60 7.49 4.66 4.91
C SER A 60 7.83 6.09 5.38
N GLY A 61 7.73 6.34 6.69
CA GLY A 61 8.13 7.61 7.29
C GLY A 61 7.77 7.72 8.77
N ILE A 62 7.68 8.95 9.28
CA ILE A 62 7.21 9.28 10.64
C ILE A 62 6.22 10.45 10.58
N ILE A 63 5.19 10.45 11.44
CA ILE A 63 4.26 11.58 11.62
C ILE A 63 4.40 12.15 13.04
N ASP A 64 4.47 13.48 13.13
CA ASP A 64 4.51 14.24 14.39
C ASP A 64 3.10 14.48 14.97
N PRO A 65 2.96 14.76 16.28
CA PRO A 65 1.67 15.08 16.88
C PRO A 65 0.99 16.28 16.20
N GLY A 66 -0.30 16.16 15.89
CA GLY A 66 -1.09 17.22 15.25
C GLY A 66 -0.65 17.56 13.83
N SER A 67 0.12 16.68 13.18
CA SER A 67 0.72 16.89 11.86
C SER A 67 0.19 15.90 10.82
N THR A 68 0.40 16.20 9.53
CA THR A 68 -0.08 15.39 8.39
C THR A 68 1.05 15.11 7.40
N VAL A 69 1.08 13.91 6.81
CA VAL A 69 1.96 13.52 5.68
C VAL A 69 1.10 13.08 4.50
N THR A 70 1.48 13.50 3.28
CA THR A 70 0.84 13.09 2.04
C THR A 70 1.68 12.00 1.37
N VAL A 71 1.08 10.84 1.18
CA VAL A 71 1.66 9.66 0.52
C VAL A 71 1.12 9.56 -0.90
N SER A 72 2.01 9.58 -1.90
CA SER A 72 1.62 9.44 -3.32
C SER A 72 1.67 7.98 -3.76
N VAL A 73 0.53 7.49 -4.27
CA VAL A 73 0.39 6.16 -4.87
C VAL A 73 0.39 6.32 -6.38
N MET A 74 1.17 5.49 -7.07
CA MET A 74 1.28 5.42 -8.52
C MET A 74 0.81 4.03 -8.99
N LEU A 75 -0.41 3.97 -9.49
CA LEU A 75 -1.09 2.75 -9.95
C LEU A 75 -0.86 2.62 -11.46
N GLN A 76 -0.28 1.50 -11.86
CA GLN A 76 0.21 1.26 -13.22
C GLN A 76 -0.94 0.98 -14.22
N PRO A 77 -0.78 1.32 -15.51
CA PRO A 77 -1.83 1.17 -16.51
C PRO A 77 -2.29 -0.29 -16.70
N PHE A 78 -3.58 -0.50 -16.99
CA PHE A 78 -4.18 -1.81 -17.26
C PHE A 78 -5.46 -1.74 -18.10
N ASP A 79 -5.92 -2.90 -18.57
CA ASP A 79 -7.15 -3.06 -19.35
C ASP A 79 -8.41 -3.05 -18.46
N TYR A 80 -8.93 -1.85 -18.19
CA TYR A 80 -10.15 -1.63 -17.38
C TYR A 80 -11.39 -2.30 -18.00
N ASP A 81 -12.22 -2.93 -17.15
CA ASP A 81 -13.55 -3.45 -17.50
C ASP A 81 -14.63 -2.89 -16.54
N PRO A 82 -15.74 -2.30 -17.03
CA PRO A 82 -16.80 -1.77 -16.19
C PRO A 82 -17.67 -2.86 -15.53
N ASN A 83 -17.60 -4.11 -16.02
CA ASN A 83 -18.33 -5.27 -15.49
C ASN A 83 -17.51 -6.03 -14.42
N GLU A 84 -16.19 -5.99 -14.49
CA GLU A 84 -15.28 -6.70 -13.56
C GLU A 84 -15.18 -6.01 -12.19
N LYS A 85 -15.00 -6.80 -11.13
CA LYS A 85 -14.92 -6.35 -9.71
C LYS A 85 -13.47 -6.19 -9.27
N SER A 86 -13.22 -5.28 -8.32
CA SER A 86 -11.87 -5.04 -7.78
C SER A 86 -11.36 -6.22 -6.95
N LYS A 87 -10.04 -6.44 -6.97
CA LYS A 87 -9.33 -7.54 -6.28
C LYS A 87 -8.00 -7.12 -5.63
N HIS A 88 -7.79 -5.81 -5.43
CA HIS A 88 -6.54 -5.23 -4.94
C HIS A 88 -6.74 -4.33 -3.71
N LYS A 89 -5.80 -4.37 -2.76
CA LYS A 89 -5.86 -3.67 -1.47
C LYS A 89 -4.53 -2.99 -1.10
N PHE A 90 -4.65 -2.01 -0.19
CA PHE A 90 -3.57 -1.33 0.51
C PHE A 90 -3.68 -1.58 2.02
N MET A 91 -2.55 -1.56 2.71
CA MET A 91 -2.48 -1.57 4.17
C MET A 91 -1.41 -0.58 4.65
N VAL A 92 -1.74 0.22 5.66
CA VAL A 92 -0.78 1.11 6.34
C VAL A 92 -0.50 0.53 7.72
N GLN A 93 0.75 0.23 8.03
CA GLN A 93 1.23 -0.25 9.34
C GLN A 93 1.87 0.91 10.11
N THR A 94 1.67 0.99 11.42
CA THR A 94 2.24 2.04 12.28
C THR A 94 2.63 1.53 13.67
N ILE A 95 3.60 2.23 14.29
CA ILE A 95 3.96 2.04 15.71
C ILE A 95 4.47 3.33 16.33
N PHE A 96 4.16 3.58 17.61
CA PHE A 96 4.60 4.78 18.32
C PHE A 96 6.12 4.88 18.44
N ALA A 97 6.67 6.03 18.09
CA ALA A 97 8.10 6.33 18.20
C ALA A 97 8.43 6.95 19.57
N PRO A 98 9.49 6.47 20.27
CA PRO A 98 9.89 7.01 21.57
C PRO A 98 10.65 8.34 21.41
N PRO A 99 10.68 9.21 22.44
CA PRO A 99 11.35 10.52 22.38
C PRO A 99 12.89 10.44 22.37
N ASN A 100 13.46 9.29 22.75
CA ASN A 100 14.91 9.10 22.95
C ASN A 100 15.65 8.50 21.73
N THR A 101 14.95 8.10 20.66
CA THR A 101 15.58 7.52 19.45
C THR A 101 15.87 8.53 18.34
N SER A 102 16.88 8.22 17.54
CA SER A 102 17.22 8.91 16.27
C SER A 102 17.22 7.94 15.07
N ASP A 103 16.70 6.72 15.26
CA ASP A 103 16.66 5.65 14.24
C ASP A 103 15.22 5.12 14.06
N MET A 104 14.65 5.35 12.87
CA MET A 104 13.31 4.84 12.52
C MET A 104 13.29 3.34 12.23
N GLU A 105 14.43 2.67 12.07
CA GLU A 105 14.47 1.20 11.96
C GLU A 105 14.36 0.54 13.34
N ALA A 106 14.95 1.14 14.36
CA ALA A 106 15.08 0.53 15.69
C ALA A 106 13.74 0.34 16.40
N VAL A 107 12.78 1.26 16.17
CA VAL A 107 11.44 1.15 16.78
C VAL A 107 10.71 -0.13 16.34
N TRP A 108 10.93 -0.59 15.10
CA TRP A 108 10.35 -1.83 14.59
C TRP A 108 11.02 -3.08 15.15
N LYS A 109 12.31 -2.98 15.51
CA LYS A 109 13.08 -4.07 16.11
C LYS A 109 12.76 -4.27 17.60
N GLU A 110 12.41 -3.19 18.30
CA GLU A 110 11.97 -3.24 19.71
C GLU A 110 10.47 -3.55 19.88
N ALA A 111 9.65 -3.19 18.89
CA ALA A 111 8.20 -3.35 18.91
C ALA A 111 7.79 -4.83 18.84
N LYS A 112 6.85 -5.20 19.70
CA LYS A 112 6.26 -6.55 19.74
C LYS A 112 5.06 -6.67 18.80
N PRO A 113 4.71 -7.90 18.38
CA PRO A 113 3.55 -8.19 17.51
C PRO A 113 2.19 -7.72 18.08
N ASP A 114 2.12 -7.50 19.40
CA ASP A 114 0.95 -6.97 20.10
C ASP A 114 0.91 -5.42 20.21
N GLU A 115 2.03 -4.75 19.93
CA GLU A 115 2.19 -3.28 19.98
C GLU A 115 2.02 -2.60 18.61
N LEU A 116 2.06 -3.38 17.52
CA LEU A 116 1.95 -2.89 16.14
C LEU A 116 0.48 -2.59 15.79
N MET A 117 0.23 -1.48 15.08
CA MET A 117 -1.10 -1.10 14.59
C MET A 117 -1.17 -1.12 13.06
N ASP A 118 -2.35 -1.32 12.47
CA ASP A 118 -2.56 -1.19 11.02
C ASP A 118 -3.99 -0.75 10.63
N SER A 119 -4.20 -0.43 9.35
CA SER A 119 -5.51 -0.23 8.72
C SER A 119 -5.47 -0.67 7.26
N LYS A 120 -6.58 -1.19 6.72
CA LYS A 120 -6.67 -1.76 5.35
C LYS A 120 -7.77 -1.13 4.49
N LEU A 121 -7.51 -1.00 3.19
CA LEU A 121 -8.32 -0.25 2.22
C LEU A 121 -8.33 -0.94 0.85
N ARG A 122 -9.41 -0.82 0.06
CA ARG A 122 -9.52 -1.37 -1.31
C ARG A 122 -9.10 -0.35 -2.37
N CYS A 123 -8.85 -0.81 -3.59
CA CYS A 123 -8.65 0.05 -4.77
C CYS A 123 -9.95 0.13 -5.58
N VAL A 124 -10.41 1.35 -5.87
CA VAL A 124 -11.61 1.64 -6.69
C VAL A 124 -11.18 2.20 -8.03
N PHE A 125 -11.83 1.78 -9.12
CA PHE A 125 -11.50 2.18 -10.48
C PHE A 125 -12.64 2.97 -11.14
N GLU A 126 -12.35 4.15 -11.69
CA GLU A 126 -13.32 5.06 -12.30
C GLU A 126 -12.80 5.66 -13.63
N MET A 127 -13.71 5.89 -14.59
CA MET A 127 -13.40 6.38 -15.94
C MET A 127 -13.40 7.93 -16.03
N PRO A 128 -12.61 8.53 -16.94
CA PRO A 128 -12.35 9.98 -16.97
C PRO A 128 -13.50 10.85 -17.53
N ASN A 129 -14.19 10.38 -18.57
CA ASN A 129 -15.25 11.13 -19.28
C ASN A 129 -16.66 10.56 -19.03
N GLU A 130 -16.75 9.60 -18.10
CA GLU A 130 -18.02 8.97 -17.66
C GLU A 130 -18.67 9.67 -16.45
N PRO B 1 27.58 -20.26 11.11
CA PRO B 1 27.14 -19.09 10.32
C PRO B 1 26.36 -19.48 9.03
N LEU B 2 27.03 -20.05 8.02
CA LEU B 2 26.41 -20.41 6.73
C LEU B 2 25.41 -21.57 6.87
N GLY B 3 24.27 -21.45 6.18
CA GLY B 3 23.14 -22.39 6.21
C GLY B 3 21.88 -21.77 6.85
N SER B 4 22.06 -20.69 7.62
CA SER B 4 20.97 -20.02 8.35
C SER B 4 19.91 -19.39 7.43
N ASP B 5 20.29 -19.00 6.21
CA ASP B 5 19.36 -18.51 5.18
C ASP B 5 18.37 -19.59 4.69
N HIS B 6 18.74 -20.87 4.80
CA HIS B 6 17.96 -22.02 4.35
C HIS B 6 17.11 -22.64 5.47
N TRP B 7 17.73 -23.01 6.60
CA TRP B 7 17.10 -23.64 7.76
C TRP B 7 17.78 -23.27 9.10
N GLY B 8 17.09 -23.51 10.21
CA GLY B 8 17.62 -23.27 11.57
C GLY B 8 17.48 -21.82 12.06
N LYS B 9 16.54 -21.05 11.49
CA LYS B 9 16.24 -19.66 11.87
C LYS B 9 15.65 -19.58 13.30
N GLY B 10 16.06 -18.57 14.07
CA GLY B 10 15.63 -18.39 15.46
C GLY B 10 14.15 -18.00 15.58
N ASP B 11 13.73 -17.01 14.78
CA ASP B 11 12.32 -16.63 14.60
C ASP B 11 12.12 -15.92 13.24
N MET B 12 10.97 -16.16 12.60
CA MET B 12 10.61 -15.62 11.28
C MET B 12 9.10 -15.34 11.07
N SER B 13 8.24 -15.84 11.97
CA SER B 13 6.76 -15.84 11.87
C SER B 13 6.16 -16.55 10.64
N ASP B 14 4.87 -16.89 10.73
CA ASP B 14 4.06 -17.46 9.64
C ASP B 14 2.59 -17.01 9.78
N GLU B 15 2.00 -16.50 8.70
CA GLU B 15 0.64 -15.94 8.68
C GLU B 15 -0.13 -16.26 7.38
N ASP B 16 -1.45 -16.22 7.44
CA ASP B 16 -2.36 -16.33 6.29
C ASP B 16 -2.53 -14.98 5.56
N ASP B 17 -2.83 -15.01 4.25
CA ASP B 17 -3.15 -13.81 3.46
C ASP B 17 -4.21 -14.13 2.37
N GLU B 18 -5.28 -13.35 2.35
CA GLU B 18 -6.38 -13.46 1.37
C GLU B 18 -6.00 -13.02 -0.06
N ASN B 19 -5.08 -12.06 -0.22
CA ASN B 19 -4.68 -11.47 -1.51
C ASN B 19 -3.16 -11.52 -1.76
N GLU B 20 -2.37 -11.83 -0.73
CA GLU B 20 -0.91 -11.75 -0.67
C GLU B 20 -0.37 -10.31 -0.80
N PHE B 21 -0.23 -9.65 0.35
CA PHE B 21 0.45 -8.36 0.47
C PHE B 21 1.98 -8.51 0.30
N PHE B 22 2.57 -7.44 -0.24
CA PHE B 22 4.01 -7.25 -0.48
C PHE B 22 4.44 -5.88 0.05
N ASP B 23 5.74 -5.74 0.35
CA ASP B 23 6.34 -4.45 0.68
C ASP B 23 6.34 -3.53 -0.56
N ALA B 24 5.59 -2.42 -0.49
CA ALA B 24 5.35 -1.58 -1.66
C ALA B 24 6.62 -0.81 -2.09
N PRO B 25 7.06 -0.90 -3.37
CA PRO B 25 8.22 -0.18 -3.85
C PRO B 25 7.90 1.29 -4.14
N GLU B 26 8.91 2.16 -4.07
CA GLU B 26 8.77 3.57 -4.46
C GLU B 26 8.48 3.76 -5.94
N ILE B 27 9.05 2.92 -6.80
CA ILE B 27 8.71 2.81 -8.22
C ILE B 27 9.07 1.43 -8.80
N ILE B 28 8.37 1.02 -9.86
CA ILE B 28 8.62 -0.25 -10.58
C ILE B 28 9.56 -0.04 -11.77
N THR B 29 10.51 -0.96 -11.93
CA THR B 29 11.40 -1.12 -13.09
C THR B 29 11.43 -2.60 -13.47
N MET B 30 11.06 -2.91 -14.72
CA MET B 30 10.89 -4.27 -15.27
C MET B 30 9.96 -5.20 -14.45
N PRO B 31 8.62 -5.07 -14.65
CA PRO B 31 7.62 -6.00 -14.11
C PRO B 31 7.87 -7.48 -14.49
N GLU B 32 7.43 -8.39 -13.62
CA GLU B 32 7.38 -9.83 -13.91
C GLU B 32 6.04 -10.20 -14.57
N ASN B 33 6.06 -10.47 -15.87
CA ASN B 33 4.88 -10.79 -16.69
C ASN B 33 5.27 -11.60 -17.95
N LEU B 34 4.39 -12.49 -18.40
CA LEU B 34 4.52 -13.23 -19.66
C LEU B 34 3.61 -12.60 -20.74
N GLY B 35 4.19 -12.26 -21.90
CA GLY B 35 3.46 -11.72 -23.06
C GLY B 35 2.70 -12.80 -23.86
N HIS B 36 1.56 -12.41 -24.44
CA HIS B 36 0.67 -13.27 -25.24
C HIS B 36 0.14 -12.55 -26.50
N LYS B 37 -0.38 -13.32 -27.46
CA LYS B 37 -0.97 -12.85 -28.72
C LYS B 37 -2.38 -13.45 -28.91
N ARG B 38 -3.32 -12.65 -29.46
CA ARG B 38 -4.73 -13.06 -29.68
C ARG B 38 -4.91 -14.00 -30.88
N THR B 39 -4.40 -13.60 -32.06
CA THR B 39 -4.45 -14.41 -33.31
C THR B 39 -3.07 -14.58 -33.95
N GLY B 40 -2.91 -15.63 -34.77
CA GLY B 40 -1.74 -15.82 -35.63
C GLY B 40 -1.77 -14.92 -36.86
N SER B 41 -1.88 -15.52 -38.05
CA SER B 41 -2.06 -14.79 -39.33
C SER B 41 -3.50 -14.31 -39.57
N HIS B 42 -4.47 -14.78 -38.79
CA HIS B 42 -5.90 -14.47 -38.94
C HIS B 42 -6.28 -13.07 -38.43
N HIS B 43 -7.22 -12.41 -39.10
CA HIS B 43 -7.78 -11.10 -38.75
C HIS B 43 -9.24 -10.95 -39.25
N HIS B 44 -9.99 -10.02 -38.64
CA HIS B 44 -11.39 -9.71 -38.97
C HIS B 44 -11.54 -8.55 -39.96
N GLY A 3 -13.99 -6.72 14.71
CA GLY A 3 -14.01 -5.69 15.77
C GLY A 3 -13.29 -4.41 15.34
N SER A 4 -13.75 -3.25 15.84
CA SER A 4 -13.24 -1.91 15.46
C SER A 4 -12.00 -1.45 16.23
N ASP A 5 -11.37 -2.37 16.96
CA ASP A 5 -10.30 -2.13 17.93
C ASP A 5 -8.89 -2.52 17.45
N HIS A 6 -8.78 -3.16 16.28
CA HIS A 6 -7.51 -3.43 15.59
C HIS A 6 -7.03 -2.29 14.67
N GLU A 7 -7.90 -1.30 14.40
CA GLU A 7 -7.61 -0.15 13.54
C GLU A 7 -6.67 0.87 14.22
N GLN A 8 -5.82 1.53 13.43
CA GLN A 8 -4.77 2.43 13.95
C GLN A 8 -5.29 3.82 14.36
N ILE A 9 -4.47 4.51 15.16
CA ILE A 9 -4.75 5.86 15.68
C ILE A 9 -4.69 6.97 14.60
N LEU A 10 -3.85 6.81 13.56
CA LEU A 10 -3.74 7.81 12.48
C LEU A 10 -5.05 7.96 11.70
N VAL A 11 -5.36 9.21 11.34
CA VAL A 11 -6.44 9.54 10.40
C VAL A 11 -5.89 9.31 9.00
N LEU A 12 -6.66 8.66 8.11
CA LEU A 12 -6.32 8.51 6.70
C LEU A 12 -7.36 9.22 5.82
N ASP A 13 -6.97 9.65 4.63
CA ASP A 13 -7.83 10.39 3.69
C ASP A 13 -7.44 10.11 2.24
N PRO A 14 -8.29 9.45 1.44
CA PRO A 14 -9.56 8.81 1.82
C PRO A 14 -9.40 7.68 2.88
N PRO A 15 -10.26 7.60 3.91
CA PRO A 15 -10.12 6.65 5.02
C PRO A 15 -10.50 5.20 4.68
N THR A 16 -11.47 5.02 3.78
CA THR A 16 -12.08 3.72 3.46
C THR A 16 -11.33 2.94 2.39
N ASP A 17 -11.14 3.56 1.22
CA ASP A 17 -10.54 2.95 0.02
C ASP A 17 -9.71 3.98 -0.78
N LEU A 18 -8.74 3.52 -1.57
CA LEU A 18 -7.95 4.37 -2.47
C LEU A 18 -8.70 4.51 -3.79
N LYS A 19 -8.92 5.77 -4.22
CA LYS A 19 -9.72 6.10 -5.41
C LYS A 19 -8.81 6.44 -6.58
N PHE A 20 -9.00 5.72 -7.68
CA PHE A 20 -8.28 5.91 -8.94
C PHE A 20 -9.28 6.32 -10.02
N LYS A 21 -9.28 7.62 -10.38
CA LYS A 21 -10.16 8.19 -11.41
C LYS A 21 -9.37 8.60 -12.64
N GLY A 22 -9.77 8.08 -13.80
CA GLY A 22 -9.11 8.31 -15.07
C GLY A 22 -9.21 7.06 -15.95
N PRO A 23 -9.10 7.18 -17.28
CA PRO A 23 -8.97 5.99 -18.09
C PRO A 23 -7.63 5.31 -17.81
N PHE A 24 -7.64 3.98 -17.80
CA PHE A 24 -6.50 3.17 -17.35
C PHE A 24 -5.53 2.80 -18.49
N THR A 25 -5.58 3.60 -19.55
CA THR A 25 -4.65 3.63 -20.69
C THR A 25 -3.27 4.22 -20.32
N ASP A 26 -3.18 4.97 -19.21
CA ASP A 26 -1.94 5.52 -18.64
C ASP A 26 -1.92 5.42 -17.11
N VAL A 27 -0.81 5.84 -16.49
CA VAL A 27 -0.64 5.91 -15.02
C VAL A 27 -1.65 6.86 -14.38
N VAL A 28 -2.22 6.46 -13.24
CA VAL A 28 -3.04 7.30 -12.36
C VAL A 28 -2.24 7.68 -11.12
N THR A 29 -2.19 8.98 -10.79
CA THR A 29 -1.63 9.45 -9.51
C THR A 29 -2.76 9.65 -8.50
N THR A 30 -2.62 9.09 -7.30
CA THR A 30 -3.57 9.21 -6.18
C THR A 30 -2.75 9.42 -4.92
N ASN A 31 -3.12 10.37 -4.07
CA ASN A 31 -2.43 10.59 -2.80
C ASN A 31 -3.33 10.27 -1.61
N LEU A 32 -2.70 9.75 -0.55
CA LEU A 32 -3.31 9.40 0.73
C LEU A 32 -2.72 10.33 1.79
N LYS A 33 -3.56 11.09 2.49
CA LYS A 33 -3.13 12.08 3.50
C LYS A 33 -3.30 11.50 4.89
N LEU A 34 -2.21 11.38 5.65
CA LEU A 34 -2.20 10.79 6.99
C LEU A 34 -1.92 11.84 8.06
N ARG A 35 -2.85 12.02 9.02
CA ARG A 35 -2.71 12.97 10.14
C ARG A 35 -2.69 12.25 11.48
N ASN A 36 -1.92 12.76 12.44
CA ASN A 36 -1.80 12.20 13.78
C ASN A 36 -2.60 13.03 14.80
N PRO A 37 -3.66 12.46 15.40
CA PRO A 37 -4.50 13.17 16.37
C PRO A 37 -3.89 13.25 17.78
N SER A 38 -3.02 12.30 18.09
CA SER A 38 -2.39 12.11 19.42
C SER A 38 -1.34 13.17 19.78
N ASP A 39 -0.83 13.07 21.01
CA ASP A 39 0.23 13.91 21.60
C ASP A 39 1.58 13.16 21.69
N ARG A 40 1.84 12.27 20.72
CA ARG A 40 3.03 11.40 20.61
C ARG A 40 3.49 11.34 19.16
N LYS A 41 4.75 11.00 18.92
CA LYS A 41 5.27 10.69 17.57
C LYS A 41 4.96 9.23 17.21
N VAL A 42 4.74 8.94 15.94
CA VAL A 42 4.36 7.60 15.46
C VAL A 42 5.04 7.28 14.13
N CYS A 43 5.66 6.12 14.02
CA CYS A 43 6.31 5.65 12.80
C CYS A 43 5.29 4.92 11.92
N PHE A 44 5.30 5.15 10.61
CA PHE A 44 4.43 4.49 9.64
C PHE A 44 5.19 3.73 8.53
N LYS A 45 4.58 2.63 8.06
CA LYS A 45 5.02 1.84 6.89
C LYS A 45 3.83 1.49 5.97
N VAL A 46 4.07 1.35 4.67
CA VAL A 46 3.03 1.11 3.64
C VAL A 46 3.28 -0.19 2.86
N LYS A 47 2.22 -0.97 2.60
CA LYS A 47 2.26 -2.25 1.86
C LYS A 47 1.19 -2.27 0.75
N THR A 48 1.41 -3.08 -0.29
CA THR A 48 0.47 -3.28 -1.43
C THR A 48 0.33 -4.77 -1.78
N THR A 49 -0.77 -5.18 -2.39
CA THR A 49 -0.95 -6.55 -2.92
C THR A 49 -0.31 -6.77 -4.30
N ALA A 50 0.12 -5.70 -4.98
CA ALA A 50 0.58 -5.77 -6.38
C ALA A 50 1.77 -4.82 -6.67
N PRO A 51 3.01 -5.19 -6.31
CA PRO A 51 4.19 -4.33 -6.51
C PRO A 51 4.50 -4.10 -8.00
N ARG A 52 4.03 -5.00 -8.87
CA ARG A 52 4.05 -4.92 -10.34
C ARG A 52 2.85 -4.16 -10.97
N ARG A 53 2.03 -3.46 -10.18
CA ARG A 53 0.97 -2.54 -10.63
C ARG A 53 0.94 -1.19 -9.88
N TYR A 54 1.61 -1.04 -8.75
CA TYR A 54 1.58 0.18 -7.93
C TYR A 54 2.98 0.65 -7.49
N CYS A 55 3.11 1.97 -7.39
CA CYS A 55 4.25 2.68 -6.79
C CYS A 55 3.79 3.31 -5.47
N VAL A 56 4.70 3.39 -4.49
CA VAL A 56 4.49 3.97 -3.14
C VAL A 56 5.76 4.74 -2.79
N ARG A 57 5.88 5.98 -3.29
CA ARG A 57 7.14 6.75 -3.24
C ARG A 57 7.91 6.81 -1.92
N PRO A 58 7.30 7.28 -0.82
CA PRO A 58 7.94 7.23 0.49
C PRO A 58 8.19 5.81 1.04
N ASN A 59 7.20 4.92 0.87
CA ASN A 59 7.01 3.57 1.44
C ASN A 59 7.02 3.49 2.98
N SER A 60 7.45 4.54 3.67
CA SER A 60 7.54 4.66 5.13
C SER A 60 7.79 6.10 5.58
N GLY A 61 7.68 6.36 6.88
CA GLY A 61 8.06 7.63 7.51
C GLY A 61 7.68 7.72 8.98
N ILE A 62 7.68 8.95 9.53
CA ILE A 62 7.25 9.25 10.90
C ILE A 62 6.35 10.50 10.89
N ILE A 63 5.29 10.51 11.72
CA ILE A 63 4.38 11.65 11.87
C ILE A 63 4.42 12.22 13.29
N ASP A 64 4.55 13.54 13.39
CA ASP A 64 4.55 14.31 14.64
C ASP A 64 3.12 14.59 15.17
N PRO A 65 2.94 14.84 16.49
CA PRO A 65 1.62 15.12 17.06
C PRO A 65 0.96 16.36 16.43
N GLY A 66 -0.28 16.19 15.96
CA GLY A 66 -1.05 17.21 15.21
C GLY A 66 -0.63 17.41 13.75
N SER A 67 0.44 16.75 13.30
CA SER A 67 1.02 16.94 11.96
C SER A 67 0.56 15.89 10.94
N THR A 68 0.88 16.13 9.67
CA THR A 68 0.36 15.36 8.52
C THR A 68 1.45 15.04 7.48
N VAL A 69 1.37 13.87 6.84
CA VAL A 69 2.19 13.47 5.67
C VAL A 69 1.28 13.04 4.52
N THR A 70 1.62 13.39 3.28
CA THR A 70 0.93 12.97 2.06
C THR A 70 1.78 11.92 1.33
N VAL A 71 1.18 10.76 1.09
CA VAL A 71 1.79 9.57 0.47
C VAL A 71 1.22 9.41 -0.95
N SER A 72 2.07 9.53 -1.97
CA SER A 72 1.66 9.44 -3.39
C SER A 72 1.81 8.02 -3.93
N VAL A 73 0.77 7.58 -4.64
CA VAL A 73 0.65 6.29 -5.31
C VAL A 73 0.54 6.52 -6.81
N MET A 74 1.34 5.80 -7.61
CA MET A 74 1.20 5.74 -9.06
C MET A 74 0.75 4.34 -9.50
N LEU A 75 -0.49 4.24 -9.95
CA LEU A 75 -1.16 3.00 -10.36
C LEU A 75 -0.99 2.86 -11.88
N GLN A 76 -0.38 1.75 -12.29
CA GLN A 76 0.07 1.52 -13.67
C GLN A 76 -1.09 1.15 -14.61
N PRO A 77 -1.01 1.47 -15.91
CA PRO A 77 -2.08 1.17 -16.88
C PRO A 77 -2.35 -0.33 -17.03
N PHE A 78 -3.63 -0.68 -17.21
CA PHE A 78 -4.11 -2.06 -17.30
C PHE A 78 -5.44 -2.18 -18.07
N ASP A 79 -5.81 -3.43 -18.40
CA ASP A 79 -7.01 -3.78 -19.17
C ASP A 79 -8.27 -3.83 -18.29
N TYR A 80 -8.67 -2.66 -17.78
CA TYR A 80 -9.84 -2.49 -16.91
C TYR A 80 -11.16 -2.89 -17.58
N ASP A 81 -12.05 -3.53 -16.81
CA ASP A 81 -13.43 -3.85 -17.17
C ASP A 81 -14.40 -3.31 -16.08
N PRO A 82 -15.42 -2.50 -16.43
CA PRO A 82 -16.35 -1.94 -15.45
C PRO A 82 -17.36 -2.97 -14.90
N ASN A 83 -17.43 -4.17 -15.50
CA ASN A 83 -18.27 -5.28 -15.04
C ASN A 83 -17.51 -6.21 -14.08
N GLU A 84 -16.19 -6.38 -14.24
CA GLU A 84 -15.37 -7.20 -13.34
C GLU A 84 -15.02 -6.45 -12.03
N LYS A 85 -14.74 -7.20 -10.95
CA LYS A 85 -14.51 -6.67 -9.60
C LYS A 85 -13.06 -6.22 -9.39
N SER A 86 -12.82 -5.45 -8.33
CA SER A 86 -11.48 -5.10 -7.84
C SER A 86 -10.92 -6.18 -6.91
N LYS A 87 -9.60 -6.44 -7.00
CA LYS A 87 -8.87 -7.46 -6.21
C LYS A 87 -7.48 -6.97 -5.75
N HIS A 88 -7.31 -5.64 -5.65
CA HIS A 88 -6.09 -4.99 -5.13
C HIS A 88 -6.37 -4.27 -3.82
N LYS A 89 -5.42 -4.34 -2.87
CA LYS A 89 -5.49 -3.65 -1.58
C LYS A 89 -4.16 -2.95 -1.21
N PHE A 90 -4.30 -1.97 -0.33
CA PHE A 90 -3.24 -1.26 0.37
C PHE A 90 -3.37 -1.48 1.88
N MET A 91 -2.26 -1.39 2.59
CA MET A 91 -2.24 -1.40 4.06
C MET A 91 -1.23 -0.39 4.58
N VAL A 92 -1.61 0.35 5.64
CA VAL A 92 -0.70 1.23 6.39
C VAL A 92 -0.53 0.63 7.79
N GLN A 93 0.70 0.33 8.18
CA GLN A 93 1.10 -0.19 9.49
C GLN A 93 1.76 0.93 10.30
N THR A 94 1.48 1.02 11.61
CA THR A 94 2.02 2.06 12.49
C THR A 94 2.33 1.56 13.91
N ILE A 95 3.30 2.24 14.54
CA ILE A 95 3.65 2.03 15.95
C ILE A 95 4.19 3.31 16.59
N PHE A 96 3.91 3.54 17.87
CA PHE A 96 4.37 4.75 18.58
C PHE A 96 5.90 4.81 18.67
N ALA A 97 6.46 5.97 18.32
CA ALA A 97 7.89 6.23 18.48
C ALA A 97 8.23 6.64 19.94
N PRO A 98 9.42 6.28 20.45
CA PRO A 98 9.90 6.73 21.76
C PRO A 98 10.25 8.24 21.76
N PRO A 99 10.39 8.88 22.94
CA PRO A 99 10.73 10.30 23.03
C PRO A 99 12.14 10.65 22.50
N ASN A 100 13.05 9.66 22.46
CA ASN A 100 14.35 9.75 21.78
C ASN A 100 14.72 8.40 21.14
N THR A 101 15.26 8.41 19.92
CA THR A 101 15.80 7.22 19.22
C THR A 101 16.86 7.59 18.18
N SER A 102 16.56 8.55 17.29
CA SER A 102 17.35 8.88 16.09
C SER A 102 17.55 7.72 15.09
N ASP A 103 16.80 6.62 15.23
CA ASP A 103 16.75 5.49 14.28
C ASP A 103 15.29 5.08 14.03
N MET A 104 14.84 5.25 12.78
CA MET A 104 13.48 4.91 12.35
C MET A 104 13.25 3.40 12.28
N GLU A 105 14.33 2.63 12.14
CA GLU A 105 14.26 1.17 12.00
C GLU A 105 14.17 0.48 13.36
N ALA A 106 14.81 1.03 14.40
CA ALA A 106 14.90 0.42 15.72
C ALA A 106 13.55 0.30 16.42
N VAL A 107 12.59 1.20 16.13
CA VAL A 107 11.26 1.11 16.75
C VAL A 107 10.53 -0.18 16.33
N TRP A 108 10.76 -0.66 15.12
CA TRP A 108 10.16 -1.89 14.60
C TRP A 108 10.84 -3.15 15.17
N LYS A 109 12.12 -3.06 15.51
CA LYS A 109 12.89 -4.11 16.20
C LYS A 109 12.44 -4.29 17.66
N GLU A 110 12.10 -3.20 18.35
CA GLU A 110 11.64 -3.22 19.75
C GLU A 110 10.13 -3.48 19.90
N ALA A 111 9.35 -3.16 18.88
CA ALA A 111 7.90 -3.31 18.83
C ALA A 111 7.49 -4.79 18.86
N LYS A 112 6.35 -5.05 19.50
CA LYS A 112 5.72 -6.36 19.57
C LYS A 112 4.47 -6.43 18.68
N PRO A 113 4.04 -7.63 18.25
CA PRO A 113 2.82 -7.84 17.46
C PRO A 113 1.54 -7.38 18.19
N ASP A 114 1.58 -7.24 19.51
CA ASP A 114 0.48 -6.69 20.33
C ASP A 114 0.51 -5.15 20.47
N GLU A 115 1.64 -4.50 20.16
CA GLU A 115 1.80 -3.04 20.14
C GLU A 115 1.61 -2.45 18.73
N LEU A 116 1.73 -3.26 17.69
CA LEU A 116 1.62 -2.89 16.29
C LEU A 116 0.15 -2.71 15.88
N MET A 117 -0.15 -1.65 15.12
CA MET A 117 -1.47 -1.40 14.54
C MET A 117 -1.41 -1.29 13.02
N ASP A 118 -2.55 -1.53 12.35
CA ASP A 118 -2.70 -1.33 10.91
C ASP A 118 -4.13 -0.94 10.48
N SER A 119 -4.27 -0.53 9.22
CA SER A 119 -5.55 -0.31 8.53
C SER A 119 -5.39 -0.73 7.07
N LYS A 120 -6.42 -1.36 6.47
CA LYS A 120 -6.43 -1.84 5.08
C LYS A 120 -7.52 -1.19 4.23
N LEU A 121 -7.23 -0.99 2.94
CA LEU A 121 -8.03 -0.22 1.98
C LEU A 121 -8.02 -0.90 0.60
N ARG A 122 -9.09 -0.85 -0.17
CA ARG A 122 -9.17 -1.41 -1.54
C ARG A 122 -8.85 -0.36 -2.60
N CYS A 123 -8.56 -0.77 -3.83
CA CYS A 123 -8.44 0.12 -4.98
C CYS A 123 -9.79 0.23 -5.70
N VAL A 124 -10.27 1.45 -5.91
CA VAL A 124 -11.52 1.80 -6.61
C VAL A 124 -11.18 2.41 -7.96
N PHE A 125 -11.91 2.03 -9.00
CA PHE A 125 -11.65 2.47 -10.38
C PHE A 125 -12.85 3.24 -10.95
N GLU A 126 -12.61 4.46 -11.42
CA GLU A 126 -13.63 5.40 -11.91
C GLU A 126 -13.28 6.00 -13.27
N MET A 127 -14.29 6.14 -14.14
CA MET A 127 -14.18 6.69 -15.50
C MET A 127 -14.51 8.20 -15.52
N PRO A 128 -13.92 8.98 -16.47
CA PRO A 128 -14.01 10.46 -16.46
C PRO A 128 -15.38 11.04 -16.81
N ASN A 129 -16.28 10.24 -17.40
CA ASN A 129 -17.64 10.63 -17.84
C ASN A 129 -17.69 11.76 -18.90
N GLU A 130 -16.53 12.12 -19.47
CA GLU A 130 -16.35 13.13 -20.54
C GLU A 130 -15.43 12.64 -21.67
N PRO B 1 -22.89 -0.03 -21.29
CA PRO B 1 -22.64 0.54 -22.64
C PRO B 1 -21.32 0.09 -23.29
N LEU B 2 -20.18 0.42 -22.66
CA LEU B 2 -18.82 0.15 -23.17
C LEU B 2 -17.84 -0.26 -22.05
N GLY B 3 -16.64 -0.70 -22.44
CA GLY B 3 -15.56 -1.12 -21.54
C GLY B 3 -15.34 -2.64 -21.51
N SER B 4 -16.02 -3.38 -22.38
CA SER B 4 -15.91 -4.84 -22.49
C SER B 4 -14.89 -5.27 -23.56
N ASP B 5 -14.23 -6.41 -23.33
CA ASP B 5 -13.25 -7.03 -24.25
C ASP B 5 -13.41 -8.56 -24.32
N HIS B 6 -12.90 -9.17 -25.40
CA HIS B 6 -12.97 -10.61 -25.66
C HIS B 6 -12.07 -11.47 -24.75
N TRP B 7 -11.13 -10.85 -24.04
CA TRP B 7 -10.19 -11.47 -23.09
C TRP B 7 -9.93 -10.57 -21.87
N GLY B 8 -9.52 -11.19 -20.75
CA GLY B 8 -9.28 -10.48 -19.48
C GLY B 8 -8.98 -11.41 -18.29
N LYS B 9 -8.09 -12.39 -18.48
CA LYS B 9 -7.75 -13.42 -17.47
C LYS B 9 -6.97 -12.83 -16.28
N GLY B 10 -7.23 -13.36 -15.09
CA GLY B 10 -6.52 -13.00 -13.84
C GLY B 10 -5.13 -13.63 -13.72
N ASP B 11 -4.31 -13.09 -12.82
CA ASP B 11 -2.94 -13.55 -12.55
C ASP B 11 -2.57 -13.35 -11.06
N MET B 12 -2.79 -14.39 -10.24
CA MET B 12 -2.45 -14.40 -8.80
C MET B 12 -2.15 -15.83 -8.29
N SER B 13 -1.32 -15.93 -7.26
CA SER B 13 -0.90 -17.21 -6.64
C SER B 13 -1.86 -17.69 -5.55
N ASP B 14 -1.96 -19.01 -5.37
CA ASP B 14 -2.74 -19.65 -4.30
C ASP B 14 -1.90 -19.81 -3.03
N GLU B 15 -2.08 -18.89 -2.07
CA GLU B 15 -1.24 -18.73 -0.87
C GLU B 15 -2.08 -18.55 0.41
N ASP B 16 -1.41 -18.50 1.58
CA ASP B 16 -2.03 -18.26 2.91
C ASP B 16 -2.42 -16.78 3.15
N ASP B 17 -2.79 -16.08 2.07
CA ASP B 17 -3.22 -14.69 2.00
C ASP B 17 -4.18 -14.57 0.80
N GLU B 18 -5.34 -13.94 1.00
CA GLU B 18 -6.39 -13.79 -0.03
C GLU B 18 -5.90 -13.06 -1.31
N ASN B 19 -4.95 -12.12 -1.20
CA ASN B 19 -4.41 -11.34 -2.31
C ASN B 19 -2.86 -11.36 -2.39
N GLU B 20 -2.19 -11.80 -1.33
CA GLU B 20 -0.74 -11.73 -1.11
C GLU B 20 -0.19 -10.30 -1.07
N PHE B 21 -0.05 -9.75 0.15
CA PHE B 21 0.66 -8.49 0.39
C PHE B 21 2.18 -8.63 0.21
N PHE B 22 2.80 -7.54 -0.25
CA PHE B 22 4.23 -7.39 -0.53
C PHE B 22 4.76 -6.10 0.09
N ASP B 23 6.08 -6.04 0.33
CA ASP B 23 6.76 -4.80 0.71
C ASP B 23 6.75 -3.82 -0.49
N ALA B 24 6.07 -2.69 -0.34
CA ALA B 24 5.79 -1.78 -1.45
C ALA B 24 7.07 -1.10 -2.02
N PRO B 25 7.29 -1.13 -3.34
CA PRO B 25 8.42 -0.45 -3.97
C PRO B 25 8.15 1.06 -4.12
N GLU B 26 9.22 1.86 -4.11
CA GLU B 26 9.10 3.30 -4.40
C GLU B 26 8.72 3.56 -5.86
N ILE B 27 9.22 2.73 -6.79
CA ILE B 27 8.80 2.70 -8.19
C ILE B 27 9.01 1.30 -8.81
N ILE B 28 8.21 0.94 -9.82
CA ILE B 28 8.27 -0.36 -10.51
C ILE B 28 9.14 -0.28 -11.78
N THR B 29 10.12 -1.18 -11.89
CA THR B 29 11.04 -1.30 -13.04
C THR B 29 11.12 -2.70 -13.68
N MET B 30 10.74 -3.75 -12.95
CA MET B 30 10.77 -5.15 -13.40
C MET B 30 9.44 -5.89 -13.12
N PRO B 31 8.37 -5.59 -13.89
CA PRO B 31 7.10 -6.33 -13.85
C PRO B 31 7.23 -7.73 -14.50
N GLU B 32 6.11 -8.46 -14.65
CA GLU B 32 6.09 -9.87 -15.07
C GLU B 32 6.59 -10.17 -16.51
N ASN B 33 6.84 -9.15 -17.34
CA ASN B 33 7.26 -9.28 -18.73
C ASN B 33 8.79 -9.54 -18.85
N LEU B 34 9.24 -10.70 -18.35
CA LEU B 34 10.64 -11.14 -18.40
C LEU B 34 11.11 -11.48 -19.83
N GLY B 35 12.41 -11.38 -20.06
CA GLY B 35 13.09 -11.70 -21.32
C GLY B 35 14.63 -11.73 -21.18
N HIS B 36 15.34 -12.10 -22.25
CA HIS B 36 16.81 -12.21 -22.23
C HIS B 36 17.51 -10.85 -22.15
N LYS B 37 18.57 -10.77 -21.35
CA LYS B 37 19.52 -9.64 -21.29
C LYS B 37 20.88 -10.11 -20.73
N ARG B 38 21.97 -9.44 -21.11
CA ARG B 38 23.32 -9.68 -20.56
C ARG B 38 23.36 -9.47 -19.04
N THR B 39 23.84 -10.48 -18.30
CA THR B 39 23.99 -10.44 -16.84
C THR B 39 25.28 -9.77 -16.36
N GLY B 40 25.36 -9.48 -15.05
CA GLY B 40 26.48 -8.82 -14.38
C GLY B 40 26.34 -7.29 -14.28
N SER B 41 26.80 -6.73 -13.16
CA SER B 41 26.76 -5.29 -12.83
C SER B 41 27.85 -4.89 -11.82
N HIS B 42 28.12 -3.59 -11.71
CA HIS B 42 29.07 -3.05 -10.71
C HIS B 42 28.48 -3.03 -9.29
N HIS B 43 29.31 -3.37 -8.29
CA HIS B 43 28.98 -3.30 -6.86
C HIS B 43 30.26 -3.08 -6.02
N HIS B 44 30.12 -2.45 -4.85
CA HIS B 44 31.20 -2.15 -3.89
C HIS B 44 30.75 -2.21 -2.42
N GLY A 3 -12.18 -5.75 14.62
CA GLY A 3 -13.09 -4.83 15.36
C GLY A 3 -12.51 -3.42 15.45
N SER A 4 -13.32 -2.44 15.89
CA SER A 4 -12.94 -1.01 15.92
C SER A 4 -11.82 -0.67 16.90
N ASP A 5 -11.62 -1.52 17.91
CA ASP A 5 -10.53 -1.44 18.89
C ASP A 5 -9.14 -1.69 18.28
N HIS A 6 -9.07 -2.36 17.12
CA HIS A 6 -7.81 -2.70 16.43
C HIS A 6 -7.30 -1.61 15.48
N GLU A 7 -8.10 -0.57 15.22
CA GLU A 7 -7.74 0.55 14.33
C GLU A 7 -6.64 1.46 14.91
N GLN A 8 -5.88 2.12 14.03
CA GLN A 8 -4.66 2.87 14.39
C GLN A 8 -4.90 4.30 14.85
N ILE A 9 -3.85 4.87 15.47
CA ILE A 9 -3.82 6.26 15.96
C ILE A 9 -3.95 7.28 14.82
N LEU A 10 -3.32 7.03 13.66
CA LEU A 10 -3.38 7.96 12.52
C LEU A 10 -4.78 7.95 11.88
N VAL A 11 -5.27 9.15 11.54
CA VAL A 11 -6.49 9.33 10.73
C VAL A 11 -6.12 9.50 9.25
N LEU A 12 -6.87 8.85 8.35
CA LEU A 12 -6.55 8.75 6.92
C LEU A 12 -7.61 9.46 6.05
N ASP A 13 -7.24 9.85 4.83
CA ASP A 13 -8.10 10.56 3.89
C ASP A 13 -7.71 10.26 2.43
N PRO A 14 -8.56 9.59 1.64
CA PRO A 14 -9.82 8.94 2.01
C PRO A 14 -9.65 7.83 3.08
N PRO A 15 -10.53 7.75 4.10
CA PRO A 15 -10.41 6.79 5.20
C PRO A 15 -10.84 5.35 4.86
N THR A 16 -11.79 5.22 3.94
CA THR A 16 -12.46 3.95 3.61
C THR A 16 -11.77 3.16 2.48
N ASP A 17 -11.59 3.80 1.31
CA ASP A 17 -11.08 3.16 0.09
C ASP A 17 -10.15 4.09 -0.71
N LEU A 18 -9.19 3.52 -1.45
CA LEU A 18 -8.39 4.28 -2.42
C LEU A 18 -9.12 4.29 -3.77
N LYS A 19 -9.37 5.49 -4.30
CA LYS A 19 -10.07 5.67 -5.58
C LYS A 19 -9.09 6.03 -6.69
N PHE A 20 -9.21 5.33 -7.80
CA PHE A 20 -8.42 5.48 -9.01
C PHE A 20 -9.35 5.77 -10.20
N LYS A 21 -9.36 7.02 -10.68
CA LYS A 21 -10.13 7.45 -11.86
C LYS A 21 -9.18 7.81 -13.01
N GLY A 22 -9.40 7.26 -14.21
CA GLY A 22 -8.55 7.51 -15.36
C GLY A 22 -8.80 6.47 -16.45
N PRO A 23 -7.95 6.45 -17.49
CA PRO A 23 -8.12 5.54 -18.62
C PRO A 23 -7.53 4.14 -18.46
N PHE A 24 -6.54 4.16 -17.58
CA PHE A 24 -5.55 3.17 -17.19
C PHE A 24 -4.57 2.79 -18.32
N THR A 25 -4.45 3.66 -19.32
CA THR A 25 -3.45 3.61 -20.40
C THR A 25 -2.10 4.25 -19.99
N ASP A 26 -2.09 4.98 -18.87
CA ASP A 26 -0.91 5.50 -18.17
C ASP A 26 -1.08 5.38 -16.64
N VAL A 27 -0.06 5.75 -15.87
CA VAL A 27 -0.05 5.76 -14.40
C VAL A 27 -1.15 6.69 -13.85
N VAL A 28 -1.87 6.20 -12.84
CA VAL A 28 -2.82 6.99 -12.02
C VAL A 28 -2.14 7.41 -10.72
N THR A 29 -2.22 8.69 -10.38
CA THR A 29 -1.73 9.23 -9.10
C THR A 29 -2.91 9.49 -8.16
N THR A 30 -2.83 8.94 -6.95
CA THR A 30 -3.82 9.12 -5.88
C THR A 30 -3.06 9.42 -4.60
N ASN A 31 -3.31 10.59 -3.99
CA ASN A 31 -2.74 10.94 -2.70
C ASN A 31 -3.64 10.47 -1.54
N LEU A 32 -3.01 10.02 -0.46
CA LEU A 32 -3.61 9.65 0.81
C LEU A 32 -3.03 10.58 1.88
N LYS A 33 -3.87 11.31 2.62
CA LYS A 33 -3.43 12.29 3.63
C LYS A 33 -3.58 11.72 5.03
N LEU A 34 -2.49 11.67 5.80
CA LEU A 34 -2.46 11.08 7.14
C LEU A 34 -2.14 12.13 8.21
N ARG A 35 -3.05 12.36 9.16
CA ARG A 35 -2.83 13.27 10.31
C ARG A 35 -2.69 12.48 11.61
N ASN A 36 -1.90 13.00 12.55
CA ASN A 36 -1.71 12.43 13.87
C ASN A 36 -2.50 13.24 14.92
N PRO A 37 -3.54 12.65 15.53
CA PRO A 37 -4.35 13.31 16.56
C PRO A 37 -3.66 13.40 17.93
N SER A 38 -2.70 12.50 18.17
CA SER A 38 -2.00 12.29 19.45
C SER A 38 -1.08 13.44 19.88
N ASP A 39 -0.54 13.32 21.09
CA ASP A 39 0.53 14.15 21.68
C ASP A 39 1.87 13.37 21.74
N ARG A 40 2.07 12.46 20.77
CA ARG A 40 3.21 11.52 20.65
C ARG A 40 3.65 11.46 19.19
N LYS A 41 4.91 11.12 18.93
CA LYS A 41 5.42 10.83 17.57
C LYS A 41 5.09 9.38 17.21
N VAL A 42 4.81 9.11 15.94
CA VAL A 42 4.39 7.78 15.46
C VAL A 42 5.04 7.47 14.11
N CYS A 43 5.61 6.28 13.99
CA CYS A 43 6.23 5.78 12.77
C CYS A 43 5.17 5.12 11.89
N PHE A 44 5.17 5.39 10.59
CA PHE A 44 4.21 4.82 9.63
C PHE A 44 4.86 4.05 8.47
N LYS A 45 4.15 3.05 7.97
CA LYS A 45 4.58 2.14 6.90
C LYS A 45 3.40 1.74 5.98
N VAL A 46 3.63 1.55 4.68
CA VAL A 46 2.58 1.18 3.70
C VAL A 46 2.86 -0.17 3.04
N LYS A 47 1.82 -1.02 2.95
CA LYS A 47 1.81 -2.29 2.21
C LYS A 47 0.72 -2.33 1.14
N THR A 48 0.97 -3.08 0.07
CA THR A 48 0.05 -3.28 -1.06
C THR A 48 -0.13 -4.77 -1.35
N THR A 49 -1.20 -5.13 -2.07
CA THR A 49 -1.45 -6.49 -2.55
C THR A 49 -0.80 -6.80 -3.91
N ALA A 50 -0.20 -5.80 -4.57
CA ALA A 50 0.53 -5.99 -5.84
C ALA A 50 1.68 -4.98 -6.01
N PRO A 51 2.93 -5.29 -5.61
CA PRO A 51 4.06 -4.34 -5.69
C PRO A 51 4.50 -4.06 -7.14
N ARG A 52 4.10 -4.93 -8.08
CA ARG A 52 4.21 -4.77 -9.55
C ARG A 52 3.03 -4.06 -10.22
N ARG A 53 2.09 -3.51 -9.44
CA ARG A 53 1.00 -2.60 -9.92
C ARG A 53 0.82 -1.34 -9.08
N TYR A 54 1.30 -1.28 -7.83
CA TYR A 54 1.22 -0.09 -6.99
C TYR A 54 2.59 0.31 -6.43
N CYS A 55 2.95 1.59 -6.61
CA CYS A 55 4.16 2.21 -6.08
C CYS A 55 3.79 3.30 -5.05
N VAL A 56 4.48 3.37 -3.92
CA VAL A 56 4.21 4.30 -2.80
C VAL A 56 5.46 5.15 -2.59
N ARG A 57 5.48 6.41 -3.06
CA ARG A 57 6.73 7.21 -3.11
C ARG A 57 7.57 7.29 -1.83
N PRO A 58 6.99 7.70 -0.69
CA PRO A 58 7.68 7.63 0.59
C PRO A 58 7.92 6.18 1.09
N ASN A 59 6.92 5.31 0.89
CA ASN A 59 6.74 3.94 1.42
C ASN A 59 6.57 3.88 2.96
N SER A 60 7.11 4.87 3.67
CA SER A 60 7.18 4.95 5.13
C SER A 60 7.64 6.34 5.60
N GLY A 61 7.53 6.60 6.90
CA GLY A 61 8.01 7.84 7.53
C GLY A 61 7.62 7.93 9.00
N ILE A 62 7.69 9.13 9.57
CA ILE A 62 7.29 9.41 10.97
C ILE A 62 6.44 10.70 11.00
N ILE A 63 5.35 10.72 11.77
CA ILE A 63 4.47 11.90 11.92
C ILE A 63 4.54 12.47 13.34
N ASP A 64 4.72 13.79 13.41
CA ASP A 64 4.80 14.58 14.65
C ASP A 64 3.39 14.87 15.21
N PRO A 65 3.18 15.01 16.54
CA PRO A 65 1.86 15.29 17.13
C PRO A 65 1.18 16.52 16.52
N GLY A 66 -0.09 16.35 16.13
CA GLY A 66 -0.90 17.37 15.42
C GLY A 66 -0.54 17.57 13.95
N SER A 67 0.50 16.92 13.43
CA SER A 67 1.00 17.12 12.07
C SER A 67 0.40 16.14 11.05
N THR A 68 0.62 16.44 9.77
CA THR A 68 0.05 15.72 8.62
C THR A 68 1.10 15.43 7.55
N VAL A 69 1.08 14.22 6.98
CA VAL A 69 1.89 13.81 5.80
C VAL A 69 0.98 13.33 4.66
N THR A 70 1.30 13.72 3.43
CA THR A 70 0.62 13.26 2.21
C THR A 70 1.47 12.22 1.50
N VAL A 71 0.90 11.04 1.30
CA VAL A 71 1.50 9.85 0.67
C VAL A 71 0.95 9.69 -0.74
N SER A 72 1.82 9.70 -1.75
CA SER A 72 1.44 9.52 -3.17
C SER A 72 1.50 8.04 -3.56
N VAL A 73 0.38 7.51 -4.06
CA VAL A 73 0.26 6.18 -4.67
C VAL A 73 0.25 6.35 -6.17
N MET A 74 1.11 5.59 -6.86
CA MET A 74 1.25 5.55 -8.31
C MET A 74 0.81 4.16 -8.78
N LEU A 75 -0.39 4.07 -9.32
CA LEU A 75 -1.04 2.84 -9.77
C LEU A 75 -0.77 2.70 -11.26
N GLN A 76 -0.12 1.59 -11.62
CA GLN A 76 0.45 1.35 -12.95
C GLN A 76 -0.66 1.01 -13.98
N PRO A 77 -0.47 1.38 -15.27
CA PRO A 77 -1.48 1.17 -16.30
C PRO A 77 -1.86 -0.31 -16.51
N PHE A 78 -3.13 -0.57 -16.83
CA PHE A 78 -3.65 -1.92 -17.10
C PHE A 78 -4.87 -1.92 -18.04
N ASP A 79 -5.22 -3.12 -18.53
CA ASP A 79 -6.35 -3.35 -19.43
C ASP A 79 -7.70 -3.33 -18.69
N TYR A 80 -8.17 -2.12 -18.35
CA TYR A 80 -9.43 -1.89 -17.66
C TYR A 80 -10.65 -2.37 -18.48
N ASP A 81 -11.57 -3.07 -17.82
CA ASP A 81 -12.89 -3.43 -18.34
C ASP A 81 -14.01 -2.96 -17.39
N PRO A 82 -15.09 -2.31 -17.87
CA PRO A 82 -16.18 -1.84 -17.00
C PRO A 82 -17.04 -3.00 -16.44
N ASN A 83 -16.91 -4.21 -16.98
CA ASN A 83 -17.58 -5.42 -16.48
C ASN A 83 -16.74 -6.17 -15.43
N GLU A 84 -15.41 -6.01 -15.43
CA GLU A 84 -14.53 -6.62 -14.44
C GLU A 84 -14.60 -5.90 -13.06
N LYS A 85 -14.40 -6.68 -11.99
CA LYS A 85 -14.49 -6.25 -10.58
C LYS A 85 -13.13 -6.28 -9.86
N SER A 86 -12.97 -5.40 -8.87
CA SER A 86 -11.70 -5.20 -8.15
C SER A 86 -11.39 -6.31 -7.14
N LYS A 87 -10.10 -6.63 -6.99
CA LYS A 87 -9.55 -7.52 -5.95
C LYS A 87 -8.60 -6.82 -4.98
N HIS A 88 -7.82 -5.86 -5.49
CA HIS A 88 -6.70 -5.26 -4.76
C HIS A 88 -7.08 -4.52 -3.48
N LYS A 89 -6.22 -4.67 -2.46
CA LYS A 89 -6.25 -3.95 -1.19
C LYS A 89 -4.92 -3.25 -0.87
N PHE A 90 -5.02 -2.25 0.00
CA PHE A 90 -3.96 -1.45 0.61
C PHE A 90 -4.01 -1.58 2.13
N MET A 91 -2.87 -1.43 2.80
CA MET A 91 -2.79 -1.43 4.26
C MET A 91 -1.74 -0.42 4.74
N VAL A 92 -2.07 0.35 5.78
CA VAL A 92 -1.15 1.28 6.46
C VAL A 92 -0.92 0.76 7.88
N GLN A 93 0.33 0.49 8.22
CA GLN A 93 0.80 0.04 9.54
C GLN A 93 1.46 1.22 10.28
N THR A 94 1.26 1.31 11.59
CA THR A 94 1.89 2.32 12.45
C THR A 94 2.29 1.76 13.82
N ILE A 95 3.26 2.42 14.45
CA ILE A 95 3.62 2.18 15.86
C ILE A 95 4.16 3.45 16.51
N PHE A 96 3.87 3.67 17.80
CA PHE A 96 4.36 4.84 18.52
C PHE A 96 5.90 4.85 18.58
N ALA A 97 6.50 5.97 18.19
CA ALA A 97 7.96 6.11 18.18
C ALA A 97 8.53 6.24 19.62
N PRO A 98 9.75 5.73 19.89
CA PRO A 98 10.37 5.77 21.22
C PRO A 98 10.78 7.21 21.64
N PRO A 99 11.05 7.44 22.93
CA PRO A 99 11.43 8.75 23.46
C PRO A 99 12.69 9.33 22.82
N ASN A 100 13.66 8.46 22.48
CA ASN A 100 14.91 8.82 21.80
C ASN A 100 15.27 7.78 20.72
N THR A 101 15.34 8.23 19.45
CA THR A 101 15.87 7.46 18.30
C THR A 101 16.33 8.41 17.17
N SER A 102 17.28 7.92 16.36
CA SER A 102 17.73 8.55 15.11
C SER A 102 17.56 7.60 13.90
N ASP A 103 16.86 6.47 14.07
CA ASP A 103 16.74 5.40 13.09
C ASP A 103 15.28 4.92 12.93
N MET A 104 14.70 5.18 11.76
CA MET A 104 13.34 4.74 11.39
C MET A 104 13.23 3.24 11.10
N GLU A 105 14.34 2.52 10.95
CA GLU A 105 14.34 1.05 10.85
C GLU A 105 14.25 0.40 12.24
N ALA A 106 14.91 0.99 13.24
CA ALA A 106 15.09 0.38 14.57
C ALA A 106 13.78 0.27 15.36
N VAL A 107 12.88 1.27 15.19
CA VAL A 107 11.52 1.25 15.76
C VAL A 107 10.73 -0.01 15.34
N TRP A 108 10.93 -0.49 14.12
CA TRP A 108 10.25 -1.69 13.61
C TRP A 108 10.90 -3.01 14.07
N LYS A 109 12.19 -2.98 14.40
CA LYS A 109 12.93 -4.12 14.97
C LYS A 109 12.65 -4.29 16.47
N GLU A 110 12.39 -3.19 17.18
CA GLU A 110 11.98 -3.21 18.59
C GLU A 110 10.47 -3.46 18.79
N ALA A 111 9.63 -3.00 17.85
CA ALA A 111 8.19 -3.22 17.88
C ALA A 111 7.85 -4.70 17.66
N LYS A 112 7.11 -5.28 18.60
CA LYS A 112 6.61 -6.67 18.51
C LYS A 112 5.29 -6.74 17.73
N PRO A 113 4.94 -7.91 17.18
CA PRO A 113 3.72 -8.12 16.39
C PRO A 113 2.42 -7.84 17.15
N ASP A 114 2.48 -7.78 18.48
CA ASP A 114 1.38 -7.42 19.38
C ASP A 114 1.28 -5.91 19.68
N GLU A 115 2.31 -5.12 19.35
CA GLU A 115 2.40 -3.67 19.59
C GLU A 115 2.04 -2.83 18.34
N LEU A 116 1.98 -3.47 17.16
CA LEU A 116 1.74 -2.81 15.88
C LEU A 116 0.25 -2.53 15.67
N MET A 117 -0.09 -1.36 15.11
CA MET A 117 -1.44 -0.98 14.71
C MET A 117 -1.57 -0.92 13.18
N ASP A 118 -2.75 -1.19 12.62
CA ASP A 118 -2.99 -1.07 11.17
C ASP A 118 -4.44 -0.69 10.79
N SER A 119 -4.62 -0.33 9.51
CA SER A 119 -5.91 -0.14 8.85
C SER A 119 -5.80 -0.59 7.39
N LYS A 120 -6.85 -1.21 6.83
CA LYS A 120 -6.89 -1.67 5.42
C LYS A 120 -8.00 -1.00 4.60
N LEU A 121 -7.76 -0.92 3.29
CA LEU A 121 -8.56 -0.22 2.28
C LEU A 121 -8.54 -1.05 0.99
N ARG A 122 -9.44 -0.76 0.05
CA ARG A 122 -9.54 -1.43 -1.26
C ARG A 122 -9.37 -0.42 -2.41
N CYS A 123 -8.89 -0.88 -3.56
CA CYS A 123 -8.70 -0.07 -4.76
C CYS A 123 -9.99 -0.05 -5.59
N VAL A 124 -10.48 1.14 -5.93
CA VAL A 124 -11.65 1.36 -6.78
C VAL A 124 -11.20 1.89 -8.14
N PHE A 125 -11.78 1.37 -9.21
CA PHE A 125 -11.43 1.73 -10.59
C PHE A 125 -12.62 2.40 -11.30
N GLU A 126 -12.38 3.60 -11.83
CA GLU A 126 -13.40 4.43 -12.48
C GLU A 126 -12.94 4.95 -13.85
N MET A 127 -13.80 4.84 -14.85
CA MET A 127 -13.62 5.47 -16.18
C MET A 127 -14.25 6.88 -16.19
N PRO A 128 -13.69 7.84 -16.97
CA PRO A 128 -14.17 9.21 -17.01
C PRO A 128 -15.59 9.33 -17.62
N ASN A 129 -16.33 10.36 -17.19
CA ASN A 129 -17.76 10.57 -17.52
C ASN A 129 -17.98 11.56 -18.69
N GLU A 130 -16.92 11.92 -19.42
CA GLU A 130 -16.89 12.88 -20.55
C GLU A 130 -16.00 12.39 -21.71
N PRO B 1 -22.01 -39.48 20.08
CA PRO B 1 -22.69 -40.37 19.10
C PRO B 1 -21.86 -40.66 17.83
N LEU B 2 -21.51 -39.63 17.05
CA LEU B 2 -20.75 -39.74 15.78
C LEU B 2 -19.76 -38.57 15.57
N GLY B 3 -18.72 -38.80 14.76
CA GLY B 3 -17.69 -37.81 14.44
C GLY B 3 -17.99 -36.97 13.20
N SER B 4 -18.47 -37.60 12.12
CA SER B 4 -18.82 -36.98 10.82
C SER B 4 -17.71 -36.09 10.22
N ASP B 5 -16.44 -36.49 10.39
CA ASP B 5 -15.28 -35.77 9.83
C ASP B 5 -15.15 -35.95 8.31
N HIS B 6 -14.54 -34.95 7.66
CA HIS B 6 -14.36 -34.85 6.20
C HIS B 6 -12.99 -34.27 5.79
N TRP B 7 -12.10 -33.96 6.75
CA TRP B 7 -10.75 -33.45 6.50
C TRP B 7 -9.71 -34.58 6.32
N GLY B 8 -8.59 -34.27 5.64
CA GLY B 8 -7.42 -35.15 5.52
C GLY B 8 -7.55 -36.34 4.55
N LYS B 9 -8.62 -36.38 3.74
CA LYS B 9 -8.95 -37.48 2.80
C LYS B 9 -8.62 -37.19 1.33
N GLY B 10 -7.56 -36.40 1.10
CA GLY B 10 -6.97 -36.14 -0.23
C GLY B 10 -7.38 -34.81 -0.90
N ASP B 11 -8.24 -34.01 -0.26
CA ASP B 11 -8.60 -32.65 -0.71
C ASP B 11 -7.67 -31.59 -0.10
N MET B 12 -7.31 -30.57 -0.89
CA MET B 12 -6.33 -29.53 -0.53
C MET B 12 -6.60 -28.19 -1.25
N SER B 13 -6.14 -27.08 -0.68
CA SER B 13 -6.11 -25.74 -1.29
C SER B 13 -4.98 -24.91 -0.67
N ASP B 14 -4.07 -24.40 -1.50
CA ASP B 14 -2.82 -23.75 -1.06
C ASP B 14 -2.96 -22.22 -1.02
N GLU B 15 -3.36 -21.70 0.14
CA GLU B 15 -3.55 -20.28 0.43
C GLU B 15 -3.14 -19.94 1.89
N ASP B 16 -2.78 -18.68 2.13
CA ASP B 16 -2.45 -18.15 3.48
C ASP B 16 -2.89 -16.70 3.73
N ASP B 17 -3.51 -16.09 2.73
CA ASP B 17 -4.10 -14.74 2.71
C ASP B 17 -5.05 -14.62 1.51
N GLU B 18 -6.09 -13.80 1.65
CA GLU B 18 -7.10 -13.55 0.60
C GLU B 18 -6.53 -12.90 -0.68
N ASN B 19 -5.47 -12.08 -0.59
CA ASN B 19 -4.83 -11.39 -1.71
C ASN B 19 -3.28 -11.44 -1.72
N GLU B 20 -2.66 -11.74 -0.57
CA GLU B 20 -1.23 -11.63 -0.29
C GLU B 20 -0.70 -10.18 -0.30
N PHE B 21 -0.43 -9.65 0.89
CA PHE B 21 0.21 -8.34 1.09
C PHE B 21 1.75 -8.42 1.00
N PHE B 22 2.34 -7.31 0.52
CA PHE B 22 3.77 -7.12 0.27
C PHE B 22 4.19 -5.72 0.74
N ASP B 23 5.44 -5.58 1.18
CA ASP B 23 6.04 -4.27 1.46
C ASP B 23 6.08 -3.42 0.17
N ALA B 24 5.33 -2.31 0.16
CA ALA B 24 5.15 -1.50 -1.04
C ALA B 24 6.45 -0.77 -1.42
N PRO B 25 6.94 -0.85 -2.68
CA PRO B 25 8.15 -0.17 -3.09
C PRO B 25 7.88 1.29 -3.49
N GLU B 26 8.91 2.14 -3.47
CA GLU B 26 8.82 3.52 -3.98
C GLU B 26 8.56 3.58 -5.49
N ILE B 27 9.12 2.64 -6.23
CA ILE B 27 8.83 2.39 -7.65
C ILE B 27 9.13 0.92 -7.99
N ILE B 28 8.59 0.40 -9.09
CA ILE B 28 8.77 -1.02 -9.47
C ILE B 28 10.14 -1.24 -10.14
N THR B 29 11.03 -1.94 -9.43
CA THR B 29 12.42 -2.23 -9.84
C THR B 29 12.73 -3.74 -9.98
N MET B 30 11.89 -4.62 -9.43
CA MET B 30 12.03 -6.08 -9.49
C MET B 30 10.73 -6.77 -10.01
N PRO B 31 10.36 -6.56 -11.29
CA PRO B 31 9.25 -7.26 -11.94
C PRO B 31 9.62 -8.73 -12.27
N GLU B 32 8.74 -9.43 -13.00
CA GLU B 32 8.89 -10.86 -13.34
C GLU B 32 10.05 -11.17 -14.32
N ASN B 33 10.66 -10.15 -14.94
CA ASN B 33 11.83 -10.26 -15.82
C ASN B 33 13.05 -9.52 -15.23
N LEU B 34 14.23 -10.14 -15.30
CA LEU B 34 15.49 -9.62 -14.76
C LEU B 34 16.33 -8.92 -15.86
N GLY B 35 16.89 -7.76 -15.55
CA GLY B 35 17.72 -6.98 -16.48
C GLY B 35 16.90 -6.24 -17.55
N HIS B 36 17.33 -6.34 -18.82
CA HIS B 36 16.70 -5.72 -20.00
C HIS B 36 16.59 -4.18 -19.98
N LYS B 37 17.41 -3.49 -19.16
CA LYS B 37 17.39 -2.03 -19.02
C LYS B 37 17.91 -1.33 -20.29
N ARG B 38 17.25 -0.24 -20.70
CA ARG B 38 17.54 0.53 -21.93
C ARG B 38 18.32 1.83 -21.67
N THR B 39 18.93 2.37 -22.74
CA THR B 39 19.65 3.67 -22.91
C THR B 39 20.78 4.06 -21.94
N GLY B 40 20.77 3.61 -20.68
CA GLY B 40 21.70 4.09 -19.64
C GLY B 40 21.50 5.58 -19.29
N SER B 41 22.56 6.24 -18.82
CA SER B 41 22.60 7.67 -18.48
C SER B 41 22.66 8.56 -19.74
N HIS B 42 21.52 8.72 -20.41
CA HIS B 42 21.39 9.36 -21.73
C HIS B 42 21.32 10.91 -21.70
N HIS B 43 21.30 11.50 -20.50
CA HIS B 43 21.05 12.95 -20.30
C HIS B 43 22.20 13.87 -20.72
N HIS B 44 23.43 13.34 -20.84
CA HIS B 44 24.68 14.09 -21.13
C HIS B 44 25.56 13.39 -22.17
N GLY A 3 -16.93 7.33 20.33
CA GLY A 3 -15.70 6.54 20.04
C GLY A 3 -16.04 5.12 19.61
N SER A 4 -15.67 4.13 20.43
CA SER A 4 -15.97 2.69 20.21
C SER A 4 -15.54 2.14 18.84
N ASP A 5 -14.32 2.45 18.43
CA ASP A 5 -13.72 2.07 17.13
C ASP A 5 -12.42 1.25 17.30
N HIS A 6 -12.06 0.50 16.26
CA HIS A 6 -10.99 -0.52 16.28
C HIS A 6 -9.82 -0.26 15.31
N GLU A 7 -9.79 0.90 14.66
CA GLU A 7 -8.74 1.31 13.72
C GLU A 7 -7.46 1.82 14.42
N GLN A 8 -6.40 2.08 13.63
CA GLN A 8 -5.15 2.66 14.12
C GLN A 8 -5.31 4.14 14.50
N ILE A 9 -4.37 4.64 15.30
CA ILE A 9 -4.43 6.02 15.84
C ILE A 9 -4.29 7.09 14.75
N LEU A 10 -3.55 6.82 13.66
CA LEU A 10 -3.48 7.75 12.54
C LEU A 10 -4.82 7.84 11.81
N VAL A 11 -5.27 9.09 11.58
CA VAL A 11 -6.42 9.40 10.72
C VAL A 11 -5.97 9.23 9.27
N LEU A 12 -6.83 8.68 8.39
CA LEU A 12 -6.54 8.55 6.95
C LEU A 12 -7.61 9.27 6.11
N ASP A 13 -7.24 9.68 4.89
CA ASP A 13 -8.12 10.41 3.97
C ASP A 13 -7.75 10.12 2.51
N PRO A 14 -8.61 9.45 1.71
CA PRO A 14 -9.87 8.82 2.12
C PRO A 14 -9.67 7.68 3.16
N PRO A 15 -10.54 7.58 4.20
CA PRO A 15 -10.40 6.59 5.28
C PRO A 15 -10.82 5.16 4.92
N THR A 16 -11.80 5.04 4.01
CA THR A 16 -12.45 3.77 3.65
C THR A 16 -11.71 3.00 2.55
N ASP A 17 -11.55 3.62 1.37
CA ASP A 17 -10.98 3.00 0.17
C ASP A 17 -10.18 4.01 -0.67
N LEU A 18 -9.21 3.53 -1.45
CA LEU A 18 -8.42 4.33 -2.40
C LEU A 18 -9.15 4.40 -3.75
N LYS A 19 -9.29 5.60 -4.31
CA LYS A 19 -9.91 5.85 -5.61
C LYS A 19 -8.84 6.15 -6.67
N PHE A 20 -8.96 5.48 -7.80
CA PHE A 20 -8.13 5.62 -8.99
C PHE A 20 -9.00 6.02 -10.18
N LYS A 21 -8.90 7.28 -10.63
CA LYS A 21 -9.63 7.80 -11.80
C LYS A 21 -8.65 8.09 -12.93
N GLY A 22 -8.91 7.57 -14.12
CA GLY A 22 -8.03 7.67 -15.28
C GLY A 22 -8.37 6.63 -16.32
N PRO A 23 -7.63 6.60 -17.45
CA PRO A 23 -7.94 5.68 -18.56
C PRO A 23 -7.43 4.25 -18.44
N PHE A 24 -6.42 4.20 -17.59
CA PHE A 24 -5.48 3.15 -17.23
C PHE A 24 -4.54 2.74 -18.38
N THR A 25 -4.40 3.61 -19.38
CA THR A 25 -3.42 3.53 -20.47
C THR A 25 -2.06 4.12 -20.09
N ASP A 26 -2.02 4.86 -18.97
CA ASP A 26 -0.81 5.36 -18.29
C ASP A 26 -1.00 5.30 -16.75
N VAL A 27 0.03 5.68 -15.99
CA VAL A 27 0.02 5.70 -14.51
C VAL A 27 -1.06 6.65 -13.95
N VAL A 28 -1.76 6.19 -12.91
CA VAL A 28 -2.69 6.99 -12.10
C VAL A 28 -1.99 7.44 -10.81
N THR A 29 -2.09 8.73 -10.50
CA THR A 29 -1.61 9.30 -9.22
C THR A 29 -2.80 9.50 -8.27
N THR A 30 -2.68 8.98 -7.05
CA THR A 30 -3.69 9.12 -5.97
C THR A 30 -2.96 9.44 -4.68
N ASN A 31 -3.30 10.55 -4.02
CA ASN A 31 -2.75 10.88 -2.71
C ASN A 31 -3.64 10.38 -1.57
N LEU A 32 -3.00 9.96 -0.48
CA LEU A 32 -3.61 9.59 0.80
C LEU A 32 -3.03 10.49 1.89
N LYS A 33 -3.87 11.18 2.66
CA LYS A 33 -3.44 12.14 3.69
C LYS A 33 -3.57 11.55 5.09
N LEU A 34 -2.48 11.48 5.85
CA LEU A 34 -2.43 10.85 7.17
C LEU A 34 -2.13 11.87 8.28
N ARG A 35 -2.99 11.98 9.30
CA ARG A 35 -2.84 12.91 10.42
C ARG A 35 -2.68 12.19 11.76
N ASN A 36 -1.87 12.74 12.67
CA ASN A 36 -1.65 12.20 14.02
C ASN A 36 -2.42 13.03 15.05
N PRO A 37 -3.44 12.46 15.73
CA PRO A 37 -4.23 13.17 16.73
C PRO A 37 -3.53 13.30 18.09
N SER A 38 -2.58 12.38 18.37
CA SER A 38 -1.92 12.18 19.66
C SER A 38 -0.85 13.22 20.00
N ASP A 39 -0.31 13.10 21.22
CA ASP A 39 0.79 13.89 21.79
C ASP A 39 2.12 13.10 21.79
N ARG A 40 2.30 12.20 20.82
CA ARG A 40 3.46 11.29 20.65
C ARG A 40 3.87 11.26 19.18
N LYS A 41 5.11 10.87 18.90
CA LYS A 41 5.58 10.58 17.53
C LYS A 41 5.23 9.14 17.19
N VAL A 42 4.88 8.87 15.93
CA VAL A 42 4.43 7.53 15.48
C VAL A 42 5.03 7.20 14.12
N CYS A 43 5.60 6.02 13.99
CA CYS A 43 6.23 5.53 12.77
C CYS A 43 5.17 4.84 11.90
N PHE A 44 5.16 5.14 10.60
CA PHE A 44 4.20 4.58 9.64
C PHE A 44 4.85 3.81 8.48
N LYS A 45 4.12 2.81 7.97
CA LYS A 45 4.47 1.96 6.83
C LYS A 45 3.27 1.74 5.91
N VAL A 46 3.51 1.59 4.60
CA VAL A 46 2.49 1.24 3.59
C VAL A 46 2.86 -0.07 2.89
N LYS A 47 1.91 -1.00 2.80
CA LYS A 47 2.03 -2.26 2.05
C LYS A 47 0.94 -2.36 0.99
N THR A 48 1.24 -3.05 -0.11
CA THR A 48 0.33 -3.24 -1.26
C THR A 48 0.11 -4.72 -1.55
N THR A 49 -0.99 -5.03 -2.23
CA THR A 49 -1.28 -6.39 -2.73
C THR A 49 -0.57 -6.75 -4.04
N ALA A 50 0.07 -5.76 -4.70
CA ALA A 50 0.80 -6.00 -5.95
C ALA A 50 1.92 -4.97 -6.20
N PRO A 51 3.21 -5.26 -5.88
CA PRO A 51 4.31 -4.29 -6.03
C PRO A 51 4.68 -4.01 -7.50
N ARG A 52 4.19 -4.87 -8.42
CA ARG A 52 4.25 -4.73 -9.89
C ARG A 52 2.96 -4.15 -10.53
N ARG A 53 2.03 -3.64 -9.71
CA ARG A 53 0.84 -2.85 -10.12
C ARG A 53 0.76 -1.51 -9.38
N TYR A 54 1.31 -1.42 -8.16
CA TYR A 54 1.28 -0.23 -7.32
C TYR A 54 2.67 0.22 -6.86
N CYS A 55 2.86 1.52 -6.72
CA CYS A 55 4.03 2.16 -6.12
C CYS A 55 3.62 3.21 -5.09
N VAL A 56 4.42 3.43 -4.05
CA VAL A 56 4.15 4.32 -2.91
C VAL A 56 5.41 5.16 -2.68
N ARG A 57 5.44 6.43 -3.11
CA ARG A 57 6.70 7.21 -3.14
C ARG A 57 7.54 7.25 -1.86
N PRO A 58 6.96 7.61 -0.71
CA PRO A 58 7.67 7.49 0.57
C PRO A 58 7.86 6.04 1.06
N ASN A 59 6.83 5.20 0.86
CA ASN A 59 6.55 3.85 1.37
C ASN A 59 6.46 3.71 2.91
N SER A 60 7.00 4.69 3.63
CA SER A 60 7.12 4.70 5.09
C SER A 60 7.58 6.08 5.59
N GLY A 61 7.49 6.32 6.90
CA GLY A 61 7.98 7.54 7.53
C GLY A 61 7.62 7.63 9.02
N ILE A 62 7.68 8.84 9.57
CA ILE A 62 7.27 9.14 10.96
C ILE A 62 6.42 10.41 10.98
N ILE A 63 5.32 10.43 11.75
CA ILE A 63 4.46 11.63 11.94
C ILE A 63 4.57 12.13 13.38
N ASP A 64 4.81 13.43 13.52
CA ASP A 64 4.93 14.15 14.79
C ASP A 64 3.55 14.60 15.35
N PRO A 65 3.40 14.89 16.65
CA PRO A 65 2.09 15.13 17.26
C PRO A 65 1.35 16.33 16.65
N GLY A 66 0.06 16.13 16.33
CA GLY A 66 -0.79 17.12 15.65
C GLY A 66 -0.48 17.33 14.17
N SER A 67 0.47 16.58 13.60
CA SER A 67 1.00 16.78 12.26
C SER A 67 0.32 15.90 11.21
N THR A 68 0.57 16.20 9.93
CA THR A 68 0.00 15.50 8.77
C THR A 68 1.04 15.28 7.67
N VAL A 69 1.02 14.10 7.04
CA VAL A 69 1.84 13.74 5.85
C VAL A 69 0.92 13.30 4.71
N THR A 70 1.22 13.70 3.47
CA THR A 70 0.53 13.23 2.25
C THR A 70 1.42 12.23 1.52
N VAL A 71 0.88 11.03 1.30
CA VAL A 71 1.52 9.89 0.65
C VAL A 71 1.01 9.76 -0.79
N SER A 72 1.90 9.77 -1.78
CA SER A 72 1.54 9.59 -3.19
C SER A 72 1.61 8.11 -3.59
N VAL A 73 0.51 7.61 -4.16
CA VAL A 73 0.39 6.28 -4.75
C VAL A 73 0.37 6.42 -6.27
N MET A 74 1.19 5.61 -6.95
CA MET A 74 1.31 5.54 -8.39
C MET A 74 0.89 4.15 -8.87
N LEU A 75 -0.33 4.05 -9.39
CA LEU A 75 -0.96 2.81 -9.85
C LEU A 75 -0.71 2.67 -11.35
N GLN A 76 -0.08 1.57 -11.72
CA GLN A 76 0.47 1.30 -13.05
C GLN A 76 -0.65 0.96 -14.08
N PRO A 77 -0.46 1.28 -15.37
CA PRO A 77 -1.49 1.07 -16.39
C PRO A 77 -1.90 -0.41 -16.57
N PHE A 78 -3.17 -0.65 -16.88
CA PHE A 78 -3.73 -1.99 -17.14
C PHE A 78 -4.98 -1.96 -18.03
N ASP A 79 -5.39 -3.15 -18.49
CA ASP A 79 -6.59 -3.36 -19.32
C ASP A 79 -7.87 -3.36 -18.46
N TYR A 80 -8.43 -2.17 -18.22
CA TYR A 80 -9.70 -1.97 -17.50
C TYR A 80 -10.89 -2.67 -18.21
N ASP A 81 -11.79 -3.26 -17.42
CA ASP A 81 -13.08 -3.80 -17.88
C ASP A 81 -14.25 -3.21 -17.04
N PRO A 82 -15.34 -2.73 -17.65
CA PRO A 82 -16.47 -2.12 -16.94
C PRO A 82 -17.39 -3.15 -16.24
N ASN A 83 -17.29 -4.43 -16.60
CA ASN A 83 -18.05 -5.55 -16.03
C ASN A 83 -17.27 -6.23 -14.88
N GLU A 84 -15.95 -6.34 -15.00
CA GLU A 84 -15.09 -6.99 -14.01
C GLU A 84 -15.04 -6.23 -12.67
N LYS A 85 -14.98 -6.97 -11.54
CA LYS A 85 -14.98 -6.44 -10.18
C LYS A 85 -13.56 -6.35 -9.59
N SER A 86 -13.31 -5.32 -8.77
CA SER A 86 -12.06 -5.15 -8.03
C SER A 86 -12.04 -5.97 -6.72
N LYS A 87 -10.83 -6.44 -6.36
CA LYS A 87 -10.53 -7.07 -5.06
C LYS A 87 -9.17 -6.62 -4.48
N HIS A 88 -8.47 -5.70 -5.15
CA HIS A 88 -7.10 -5.28 -4.84
C HIS A 88 -7.08 -4.34 -3.63
N LYS A 89 -6.08 -4.50 -2.74
CA LYS A 89 -6.03 -3.83 -1.43
C LYS A 89 -4.69 -3.16 -1.11
N PHE A 90 -4.75 -2.20 -0.19
CA PHE A 90 -3.66 -1.52 0.49
C PHE A 90 -3.77 -1.73 1.99
N MET A 91 -2.63 -1.66 2.68
CA MET A 91 -2.56 -1.69 4.15
C MET A 91 -1.63 -0.58 4.64
N VAL A 92 -2.05 0.15 5.68
CA VAL A 92 -1.21 1.11 6.40
C VAL A 92 -0.97 0.58 7.80
N GLN A 93 0.29 0.43 8.19
CA GLN A 93 0.74 -0.11 9.48
C GLN A 93 1.47 0.99 10.28
N THR A 94 1.28 1.04 11.60
CA THR A 94 1.90 2.04 12.48
C THR A 94 2.32 1.48 13.83
N ILE A 95 3.30 2.14 14.46
CA ILE A 95 3.75 1.86 15.83
C ILE A 95 4.29 3.14 16.49
N PHE A 96 4.10 3.33 17.80
CA PHE A 96 4.60 4.52 18.49
C PHE A 96 6.14 4.59 18.48
N ALA A 97 6.67 5.74 18.09
CA ALA A 97 8.11 5.98 18.10
C ALA A 97 8.62 6.23 19.54
N PRO A 98 9.89 5.89 19.87
CA PRO A 98 10.50 6.23 21.15
C PRO A 98 10.70 7.75 21.30
N PRO A 99 10.84 8.29 22.53
CA PRO A 99 10.89 9.74 22.77
C PRO A 99 12.15 10.43 22.22
N ASN A 100 13.24 9.69 22.01
CA ASN A 100 14.46 10.16 21.34
C ASN A 100 15.08 9.03 20.49
N THR A 101 15.22 9.25 19.18
CA THR A 101 15.88 8.34 18.24
C THR A 101 16.36 9.04 16.97
N SER A 102 17.33 8.44 16.28
CA SER A 102 17.80 8.82 14.93
C SER A 102 17.70 7.63 13.95
N ASP A 103 16.96 6.57 14.31
CA ASP A 103 16.84 5.33 13.54
C ASP A 103 15.36 4.93 13.36
N MET A 104 14.88 5.03 12.11
CA MET A 104 13.54 4.62 11.69
C MET A 104 13.39 3.11 11.43
N GLU A 105 14.48 2.36 11.31
CA GLU A 105 14.46 0.89 11.20
C GLU A 105 14.35 0.21 12.57
N ALA A 106 15.07 0.73 13.58
CA ALA A 106 15.17 0.11 14.90
C ALA A 106 13.82 0.06 15.62
N VAL A 107 12.94 1.03 15.37
CA VAL A 107 11.58 1.03 15.92
C VAL A 107 10.78 -0.19 15.45
N TRP A 108 10.99 -0.68 14.23
CA TRP A 108 10.32 -1.87 13.69
C TRP A 108 10.96 -3.17 14.17
N LYS A 109 12.25 -3.16 14.52
CA LYS A 109 12.95 -4.27 15.17
C LYS A 109 12.47 -4.47 16.62
N GLU A 110 12.17 -3.38 17.34
CA GLU A 110 11.68 -3.43 18.72
C GLU A 110 10.15 -3.59 18.86
N ALA A 111 9.42 -3.19 17.83
CA ALA A 111 7.95 -3.23 17.75
C ALA A 111 7.43 -4.65 17.98
N LYS A 112 6.55 -4.79 18.96
CA LYS A 112 5.89 -6.06 19.27
C LYS A 112 4.56 -6.20 18.53
N PRO A 113 4.11 -7.44 18.25
CA PRO A 113 2.82 -7.71 17.59
C PRO A 113 1.60 -7.20 18.39
N ASP A 114 1.76 -6.99 19.70
CA ASP A 114 0.74 -6.40 20.57
C ASP A 114 0.79 -4.86 20.67
N GLU A 115 1.87 -4.23 20.20
CA GLU A 115 2.06 -2.77 20.17
C GLU A 115 1.86 -2.17 18.77
N LEU A 116 1.80 -3.01 17.73
CA LEU A 116 1.55 -2.64 16.33
C LEU A 116 0.06 -2.38 16.08
N MET A 117 -0.23 -1.45 15.17
CA MET A 117 -1.58 -1.18 14.65
C MET A 117 -1.59 -1.22 13.11
N ASP A 118 -2.73 -1.55 12.50
CA ASP A 118 -2.92 -1.45 11.04
C ASP A 118 -4.38 -1.19 10.62
N SER A 119 -4.55 -0.78 9.36
CA SER A 119 -5.83 -0.58 8.66
C SER A 119 -5.69 -1.03 7.21
N LYS A 120 -6.76 -1.56 6.61
CA LYS A 120 -6.79 -1.99 5.19
C LYS A 120 -7.88 -1.29 4.36
N LEU A 121 -7.60 -1.07 3.09
CA LEU A 121 -8.43 -0.29 2.14
C LEU A 121 -8.43 -0.97 0.77
N ARG A 122 -9.53 -0.87 0.00
CA ARG A 122 -9.62 -1.43 -1.37
C ARG A 122 -9.28 -0.38 -2.43
N CYS A 123 -9.00 -0.82 -3.66
CA CYS A 123 -8.76 0.03 -4.82
C CYS A 123 -10.03 0.09 -5.70
N VAL A 124 -10.47 1.31 -6.01
CA VAL A 124 -11.63 1.60 -6.88
C VAL A 124 -11.14 2.16 -8.21
N PHE A 125 -11.71 1.70 -9.32
CA PHE A 125 -11.28 2.07 -10.68
C PHE A 125 -12.39 2.80 -11.44
N GLU A 126 -12.12 4.03 -11.89
CA GLU A 126 -13.10 4.94 -12.50
C GLU A 126 -12.60 5.53 -13.85
N MET A 127 -13.43 5.43 -14.89
CA MET A 127 -13.11 5.89 -16.25
C MET A 127 -13.51 7.36 -16.50
N PRO A 128 -12.80 8.08 -17.39
CA PRO A 128 -13.07 9.50 -17.70
C PRO A 128 -14.31 9.75 -18.57
N ASN A 129 -14.88 8.69 -19.17
CA ASN A 129 -16.02 8.71 -20.10
C ASN A 129 -15.89 9.68 -21.32
N GLU A 130 -14.67 10.14 -21.61
CA GLU A 130 -14.31 11.01 -22.76
C GLU A 130 -12.96 10.62 -23.37
N PRO B 1 -29.55 -12.48 -22.31
CA PRO B 1 -29.44 -11.48 -23.42
C PRO B 1 -28.07 -11.52 -24.13
N LEU B 2 -26.99 -11.06 -23.48
CA LEU B 2 -25.63 -11.02 -24.05
C LEU B 2 -24.92 -12.39 -23.95
N GLY B 3 -24.10 -12.71 -24.94
CA GLY B 3 -23.35 -13.97 -25.01
C GLY B 3 -22.88 -14.33 -26.43
N SER B 4 -22.25 -13.39 -27.14
CA SER B 4 -21.94 -13.51 -28.58
C SER B 4 -20.70 -14.36 -28.90
N ASP B 5 -19.74 -14.48 -27.97
CA ASP B 5 -18.49 -15.23 -28.14
C ASP B 5 -17.96 -15.76 -26.79
N HIS B 6 -17.37 -16.97 -26.77
CA HIS B 6 -17.01 -17.70 -25.54
C HIS B 6 -15.60 -18.31 -25.56
N TRP B 7 -14.57 -17.47 -25.43
CA TRP B 7 -13.16 -17.85 -25.25
C TRP B 7 -12.37 -16.76 -24.50
N GLY B 8 -11.07 -17.00 -24.26
CA GLY B 8 -10.13 -16.06 -23.63
C GLY B 8 -9.57 -16.49 -22.27
N LYS B 9 -10.00 -17.66 -21.75
CA LYS B 9 -9.46 -18.30 -20.53
C LYS B 9 -8.05 -18.88 -20.78
N GLY B 10 -7.30 -19.07 -19.69
CA GLY B 10 -5.93 -19.63 -19.71
C GLY B 10 -5.48 -20.18 -18.36
N ASP B 11 -4.29 -20.76 -18.31
CA ASP B 11 -3.72 -21.41 -17.13
C ASP B 11 -2.48 -20.68 -16.59
N MET B 12 -2.40 -20.54 -15.26
CA MET B 12 -1.25 -19.99 -14.52
C MET B 12 -1.26 -20.50 -13.07
N SER B 13 -0.14 -20.32 -12.36
CA SER B 13 0.04 -20.68 -10.93
C SER B 13 -1.00 -20.04 -9.99
N ASP B 14 -1.06 -20.51 -8.74
CA ASP B 14 -1.89 -19.97 -7.65
C ASP B 14 -1.10 -19.99 -6.34
N GLU B 15 -1.16 -18.88 -5.62
CA GLU B 15 -0.40 -18.62 -4.38
C GLU B 15 -1.33 -18.48 -3.15
N ASP B 16 -0.77 -18.69 -1.95
CA ASP B 16 -1.53 -18.54 -0.70
C ASP B 16 -1.81 -17.06 -0.34
N ASP B 17 -2.82 -16.82 0.51
CA ASP B 17 -3.43 -15.53 0.85
C ASP B 17 -4.29 -15.01 -0.31
N GLU B 18 -5.43 -14.37 0.02
CA GLU B 18 -6.42 -13.98 -0.98
C GLU B 18 -5.85 -13.01 -2.05
N ASN B 19 -4.88 -12.17 -1.68
CA ASN B 19 -4.13 -11.30 -2.58
C ASN B 19 -2.60 -11.32 -2.40
N GLU B 20 -2.10 -11.65 -1.21
CA GLU B 20 -0.70 -11.53 -0.78
C GLU B 20 -0.18 -10.08 -0.69
N PHE B 21 0.16 -9.64 0.52
CA PHE B 21 0.73 -8.31 0.79
C PHE B 21 2.26 -8.27 0.74
N PHE B 22 2.78 -7.13 0.27
CA PHE B 22 4.20 -6.85 0.03
C PHE B 22 4.55 -5.44 0.53
N ASP B 23 5.76 -5.25 1.07
CA ASP B 23 6.28 -3.91 1.37
C ASP B 23 6.43 -3.14 0.04
N ALA B 24 5.65 -2.06 -0.13
CA ALA B 24 5.53 -1.37 -1.41
C ALA B 24 6.83 -0.69 -1.88
N PRO B 25 7.15 -0.73 -3.19
CA PRO B 25 8.27 0.03 -3.75
C PRO B 25 7.88 1.50 -3.97
N GLU B 26 8.86 2.41 -3.89
CA GLU B 26 8.69 3.82 -4.28
C GLU B 26 8.36 3.98 -5.75
N ILE B 27 9.01 3.17 -6.61
CA ILE B 27 8.65 3.03 -8.02
C ILE B 27 9.15 1.69 -8.61
N ILE B 28 8.53 1.28 -9.72
CA ILE B 28 8.82 0.04 -10.45
C ILE B 28 9.09 0.39 -11.94
N THR B 29 10.18 -0.10 -12.51
CA THR B 29 10.66 0.31 -13.85
C THR B 29 10.39 -0.70 -14.96
N MET B 30 10.30 -2.00 -14.63
CA MET B 30 10.01 -3.11 -15.57
C MET B 30 8.99 -4.10 -14.95
N PRO B 31 7.72 -3.68 -14.78
CA PRO B 31 6.68 -4.52 -14.17
C PRO B 31 6.20 -5.65 -15.10
N GLU B 32 5.51 -6.62 -14.52
CA GLU B 32 4.99 -7.83 -15.18
C GLU B 32 3.52 -8.08 -14.83
N ASN B 33 2.76 -8.69 -15.75
CA ASN B 33 1.33 -8.96 -15.61
C ASN B 33 1.02 -10.25 -14.81
N LEU B 34 -0.25 -10.46 -14.47
CA LEU B 34 -0.76 -11.58 -13.68
C LEU B 34 -2.05 -12.22 -14.25
N GLY B 35 -2.40 -13.41 -13.77
CA GLY B 35 -3.55 -14.19 -14.25
C GLY B 35 -3.73 -15.54 -13.54
N HIS B 36 -3.57 -15.57 -12.21
CA HIS B 36 -3.50 -16.78 -11.38
C HIS B 36 -4.72 -17.73 -11.54
N LYS B 37 -4.47 -19.05 -11.45
CA LYS B 37 -5.52 -20.09 -11.51
C LYS B 37 -5.31 -21.26 -10.54
N ARG B 38 -4.29 -22.12 -10.74
CA ARG B 38 -4.07 -23.36 -9.94
C ARG B 38 -2.59 -23.75 -9.75
N THR B 39 -2.32 -24.39 -8.61
CA THR B 39 -1.03 -24.94 -8.13
C THR B 39 0.10 -23.91 -7.90
N GLY B 40 0.89 -24.07 -6.83
CA GLY B 40 1.99 -23.14 -6.52
C GLY B 40 2.47 -23.21 -5.07
N SER B 41 2.65 -22.03 -4.44
CA SER B 41 3.31 -21.88 -3.13
C SER B 41 2.49 -22.38 -1.94
N HIS B 42 3.19 -22.65 -0.82
CA HIS B 42 2.64 -23.14 0.45
C HIS B 42 3.36 -22.48 1.66
N HIS B 43 2.75 -22.56 2.85
CA HIS B 43 3.13 -21.87 4.11
C HIS B 43 3.02 -20.33 4.05
N HIS B 44 2.89 -19.71 5.24
CA HIS B 44 2.61 -18.27 5.43
C HIS B 44 3.37 -17.69 6.64
N GLY A 3 -2.83 -9.38 23.72
CA GLY A 3 -3.76 -8.94 22.66
C GLY A 3 -3.21 -9.23 21.27
N SER A 4 -3.57 -8.41 20.29
CA SER A 4 -3.23 -8.57 18.86
C SER A 4 -3.24 -7.24 18.09
N ASP A 5 -2.75 -7.27 16.84
CA ASP A 5 -2.79 -6.15 15.90
C ASP A 5 -4.24 -5.70 15.62
N HIS A 6 -4.45 -4.38 15.64
CA HIS A 6 -5.77 -3.73 15.50
C HIS A 6 -5.72 -2.45 14.66
N GLU A 7 -6.89 -1.92 14.30
CA GLU A 7 -7.06 -0.63 13.61
C GLU A 7 -6.32 0.51 14.33
N GLN A 8 -5.62 1.35 13.55
CA GLN A 8 -4.68 2.35 14.09
C GLN A 8 -5.30 3.70 14.49
N ILE A 9 -4.53 4.44 15.30
CA ILE A 9 -4.89 5.77 15.81
C ILE A 9 -4.87 6.88 14.73
N LEU A 10 -4.01 6.76 13.71
CA LEU A 10 -3.93 7.75 12.63
C LEU A 10 -5.24 7.89 11.85
N VAL A 11 -5.53 9.13 11.43
CA VAL A 11 -6.61 9.45 10.49
C VAL A 11 -6.04 9.19 9.09
N LEU A 12 -6.78 8.49 8.22
CA LEU A 12 -6.42 8.34 6.80
C LEU A 12 -7.45 9.07 5.92
N ASP A 13 -7.03 9.52 4.74
CA ASP A 13 -7.84 10.37 3.84
C ASP A 13 -7.50 10.07 2.37
N PRO A 14 -8.38 9.38 1.61
CA PRO A 14 -9.63 8.77 2.05
C PRO A 14 -9.45 7.64 3.09
N PRO A 15 -10.34 7.52 4.11
CA PRO A 15 -10.23 6.55 5.20
C PRO A 15 -10.63 5.12 4.84
N THR A 16 -11.61 4.97 3.95
CA THR A 16 -12.25 3.69 3.60
C THR A 16 -11.53 2.91 2.51
N ASP A 17 -11.35 3.53 1.34
CA ASP A 17 -10.78 2.92 0.13
C ASP A 17 -9.95 3.93 -0.68
N LEU A 18 -8.98 3.45 -1.47
CA LEU A 18 -8.20 4.26 -2.41
C LEU A 18 -8.95 4.32 -3.74
N LYS A 19 -9.15 5.54 -4.26
CA LYS A 19 -9.86 5.78 -5.52
C LYS A 19 -8.86 6.10 -6.63
N PHE A 20 -9.01 5.41 -7.74
CA PHE A 20 -8.24 5.58 -8.96
C PHE A 20 -9.20 5.97 -10.09
N LYS A 21 -9.18 7.26 -10.45
CA LYS A 21 -9.98 7.81 -11.56
C LYS A 21 -9.07 8.23 -12.70
N GLY A 22 -9.33 7.71 -13.89
CA GLY A 22 -8.45 7.86 -15.05
C GLY A 22 -8.73 6.79 -16.09
N PRO A 23 -8.09 6.89 -17.27
CA PRO A 23 -8.44 6.03 -18.41
C PRO A 23 -7.89 4.61 -18.40
N PHE A 24 -6.85 4.52 -17.61
CA PHE A 24 -5.90 3.44 -17.36
C PHE A 24 -5.01 3.11 -18.56
N THR A 25 -4.93 4.04 -19.51
CA THR A 25 -3.98 4.06 -20.64
C THR A 25 -2.62 4.65 -20.26
N ASP A 26 -2.55 5.35 -19.12
CA ASP A 26 -1.33 5.82 -18.46
C ASP A 26 -1.46 5.69 -16.93
N VAL A 27 -0.39 6.02 -16.20
CA VAL A 27 -0.32 5.98 -14.74
C VAL A 27 -1.34 6.92 -14.07
N VAL A 28 -2.02 6.43 -13.03
CA VAL A 28 -2.87 7.23 -12.14
C VAL A 28 -2.10 7.58 -10.87
N THR A 29 -2.06 8.86 -10.52
CA THR A 29 -1.52 9.33 -9.22
C THR A 29 -2.67 9.59 -8.25
N THR A 30 -2.63 8.95 -7.09
CA THR A 30 -3.62 9.08 -6.01
C THR A 30 -2.86 9.34 -4.71
N ASN A 31 -3.12 10.46 -4.04
CA ASN A 31 -2.43 10.80 -2.80
C ASN A 31 -3.31 10.50 -1.56
N LEU A 32 -2.71 9.88 -0.54
CA LEU A 32 -3.35 9.53 0.71
C LEU A 32 -2.81 10.44 1.82
N LYS A 33 -3.68 11.19 2.50
CA LYS A 33 -3.30 12.07 3.62
C LYS A 33 -3.43 11.32 4.95
N LEU A 34 -2.33 11.21 5.71
CA LEU A 34 -2.31 10.61 7.04
C LEU A 34 -2.07 11.68 8.11
N ARG A 35 -2.99 11.86 9.04
CA ARG A 35 -2.87 12.81 10.17
C ARG A 35 -2.82 12.10 11.51
N ASN A 36 -2.04 12.64 12.45
CA ASN A 36 -1.91 12.06 13.79
C ASN A 36 -2.71 12.90 14.81
N PRO A 37 -3.77 12.34 15.42
CA PRO A 37 -4.59 13.04 16.41
C PRO A 37 -3.95 13.06 17.81
N SER A 38 -3.07 12.10 18.09
CA SER A 38 -2.38 11.91 19.38
C SER A 38 -1.37 13.03 19.71
N ASP A 39 -0.82 12.95 20.93
CA ASP A 39 0.17 13.86 21.52
C ASP A 39 1.61 13.25 21.56
N ARG A 40 1.86 12.23 20.72
CA ARG A 40 3.14 11.51 20.58
C ARG A 40 3.43 11.31 19.09
N LYS A 41 4.70 11.17 18.71
CA LYS A 41 5.10 10.86 17.31
C LYS A 41 5.08 9.34 17.05
N VAL A 42 4.79 8.96 15.81
CA VAL A 42 4.50 7.58 15.40
C VAL A 42 5.14 7.26 14.05
N CYS A 43 5.78 6.10 13.93
CA CYS A 43 6.41 5.63 12.70
C CYS A 43 5.38 4.88 11.85
N PHE A 44 5.35 5.13 10.55
CA PHE A 44 4.45 4.47 9.58
C PHE A 44 5.17 3.70 8.47
N LYS A 45 4.51 2.66 7.95
CA LYS A 45 4.89 1.87 6.78
C LYS A 45 3.69 1.58 5.87
N VAL A 46 3.90 1.46 4.55
CA VAL A 46 2.87 1.16 3.54
C VAL A 46 3.22 -0.10 2.76
N LYS A 47 2.25 -1.00 2.59
CA LYS A 47 2.37 -2.26 1.81
C LYS A 47 1.23 -2.39 0.79
N THR A 48 1.46 -3.14 -0.28
CA THR A 48 0.52 -3.31 -1.41
C THR A 48 0.27 -4.79 -1.72
N THR A 49 -0.84 -5.09 -2.40
CA THR A 49 -1.14 -6.43 -2.91
C THR A 49 -0.50 -6.74 -4.27
N ALA A 50 0.08 -5.74 -4.94
CA ALA A 50 0.68 -5.93 -6.27
C ALA A 50 1.78 -4.90 -6.58
N PRO A 51 3.08 -5.21 -6.39
CA PRO A 51 4.17 -4.26 -6.65
C PRO A 51 4.35 -3.98 -8.15
N ARG A 52 3.88 -4.90 -9.02
CA ARG A 52 3.76 -4.76 -10.48
C ARG A 52 2.55 -3.92 -10.96
N ARG A 53 1.70 -3.46 -10.03
CA ARG A 53 0.58 -2.52 -10.26
C ARG A 53 0.76 -1.19 -9.53
N TYR A 54 1.44 -1.18 -8.38
CA TYR A 54 1.50 -0.02 -7.48
C TYR A 54 2.92 0.40 -7.09
N CYS A 55 3.17 1.71 -7.20
CA CYS A 55 4.37 2.39 -6.71
C CYS A 55 3.99 3.36 -5.57
N VAL A 56 4.77 3.40 -4.49
CA VAL A 56 4.48 4.10 -3.21
C VAL A 56 5.72 4.92 -2.84
N ARG A 57 5.74 6.21 -3.18
CA ARG A 57 6.98 7.03 -3.09
C ARG A 57 7.77 6.99 -1.78
N PRO A 58 7.20 7.42 -0.65
CA PRO A 58 7.86 7.29 0.63
C PRO A 58 8.02 5.83 1.09
N ASN A 59 6.94 5.03 0.94
CA ASN A 59 6.67 3.67 1.46
C ASN A 59 6.87 3.47 2.97
N SER A 60 7.42 4.46 3.66
CA SER A 60 7.56 4.55 5.12
C SER A 60 7.88 5.99 5.56
N GLY A 61 7.72 6.27 6.86
CA GLY A 61 8.08 7.56 7.45
C GLY A 61 7.70 7.69 8.92
N ILE A 62 7.64 8.92 9.43
CA ILE A 62 7.20 9.25 10.79
C ILE A 62 6.23 10.44 10.75
N ILE A 63 5.19 10.45 11.58
CA ILE A 63 4.22 11.56 11.74
C ILE A 63 4.28 12.13 13.15
N ASP A 64 4.34 13.47 13.25
CA ASP A 64 4.39 14.22 14.50
C ASP A 64 2.98 14.55 15.05
N PRO A 65 2.82 14.77 16.37
CA PRO A 65 1.53 15.04 16.99
C PRO A 65 0.82 16.27 16.39
N GLY A 66 -0.42 16.09 15.94
CA GLY A 66 -1.23 17.10 15.24
C GLY A 66 -0.89 17.31 13.77
N SER A 67 0.18 16.69 13.26
CA SER A 67 0.70 16.92 11.90
C SER A 67 0.22 15.87 10.89
N THR A 68 0.41 16.17 9.60
CA THR A 68 -0.06 15.35 8.46
C THR A 68 1.09 15.06 7.47
N VAL A 69 1.11 13.86 6.89
CA VAL A 69 1.98 13.47 5.77
C VAL A 69 1.12 13.00 4.60
N THR A 70 1.49 13.36 3.36
CA THR A 70 0.81 12.94 2.14
C THR A 70 1.67 11.91 1.39
N VAL A 71 1.09 10.73 1.17
CA VAL A 71 1.72 9.58 0.51
C VAL A 71 1.19 9.45 -0.92
N SER A 72 2.06 9.54 -1.92
CA SER A 72 1.70 9.36 -3.33
C SER A 72 1.73 7.88 -3.73
N VAL A 73 0.61 7.41 -4.29
CA VAL A 73 0.47 6.11 -4.94
C VAL A 73 0.40 6.34 -6.45
N MET A 74 1.21 5.61 -7.21
CA MET A 74 1.21 5.62 -8.67
C MET A 74 0.81 4.24 -9.19
N LEU A 75 -0.42 4.15 -9.68
CA LEU A 75 -1.08 2.93 -10.15
C LEU A 75 -0.88 2.81 -11.67
N GLN A 76 -0.29 1.70 -12.09
CA GLN A 76 0.19 1.48 -13.46
C GLN A 76 -0.97 1.20 -14.44
N PRO A 77 -0.85 1.59 -15.73
CA PRO A 77 -1.91 1.42 -16.73
C PRO A 77 -2.27 -0.06 -16.97
N PHE A 78 -3.56 -0.31 -17.24
CA PHE A 78 -4.10 -1.67 -17.42
C PHE A 78 -5.39 -1.71 -18.27
N ASP A 79 -5.78 -2.93 -18.66
CA ASP A 79 -6.99 -3.20 -19.45
C ASP A 79 -8.23 -3.33 -18.56
N TYR A 80 -8.77 -2.17 -18.14
CA TYR A 80 -9.97 -2.06 -17.31
C TYR A 80 -11.23 -2.65 -17.99
N ASP A 81 -12.11 -3.25 -17.19
CA ASP A 81 -13.44 -3.73 -17.61
C ASP A 81 -14.56 -3.12 -16.72
N PRO A 82 -15.62 -2.52 -17.28
CA PRO A 82 -16.70 -1.91 -16.50
C PRO A 82 -17.62 -2.94 -15.82
N ASN A 83 -17.56 -4.21 -16.24
CA ASN A 83 -18.32 -5.32 -15.65
C ASN A 83 -17.55 -6.03 -14.51
N GLU A 84 -16.21 -6.04 -14.58
CA GLU A 84 -15.36 -6.72 -13.60
C GLU A 84 -15.30 -5.98 -12.25
N LYS A 85 -15.55 -6.68 -11.14
CA LYS A 85 -15.41 -6.15 -9.77
C LYS A 85 -13.94 -6.11 -9.31
N SER A 86 -13.58 -5.11 -8.50
CA SER A 86 -12.22 -4.94 -7.98
C SER A 86 -11.83 -6.03 -6.95
N LYS A 87 -10.53 -6.30 -6.84
CA LYS A 87 -9.93 -7.23 -5.86
C LYS A 87 -8.76 -6.67 -5.04
N HIS A 88 -7.97 -5.75 -5.59
CA HIS A 88 -6.71 -5.25 -4.99
C HIS A 88 -6.92 -4.45 -3.70
N LYS A 89 -5.96 -4.56 -2.78
CA LYS A 89 -5.91 -3.87 -1.48
C LYS A 89 -4.57 -3.18 -1.19
N PHE A 90 -4.62 -2.23 -0.26
CA PHE A 90 -3.51 -1.53 0.39
C PHE A 90 -3.56 -1.75 1.91
N MET A 91 -2.41 -1.64 2.58
CA MET A 91 -2.30 -1.69 4.03
C MET A 91 -1.28 -0.66 4.55
N VAL A 92 -1.61 0.02 5.65
CA VAL A 92 -0.73 0.96 6.36
C VAL A 92 -0.52 0.45 7.79
N GLN A 93 0.73 0.18 8.19
CA GLN A 93 1.11 -0.28 9.52
C GLN A 93 1.80 0.85 10.30
N THR A 94 1.57 0.96 11.60
CA THR A 94 2.14 2.01 12.47
C THR A 94 2.53 1.50 13.86
N ILE A 95 3.52 2.18 14.46
CA ILE A 95 3.96 1.96 15.86
C ILE A 95 4.50 3.25 16.49
N PHE A 96 4.23 3.49 17.77
CA PHE A 96 4.65 4.72 18.47
C PHE A 96 6.17 4.81 18.60
N ALA A 97 6.74 5.96 18.22
CA ALA A 97 8.17 6.21 18.37
C ALA A 97 8.52 6.60 19.83
N PRO A 98 9.68 6.16 20.36
CA PRO A 98 10.15 6.54 21.70
C PRO A 98 10.63 8.00 21.75
N PRO A 99 10.77 8.60 22.95
CA PRO A 99 11.21 10.00 23.10
C PRO A 99 12.69 10.22 22.71
N ASN A 100 13.50 9.15 22.67
CA ASN A 100 14.88 9.16 22.16
C ASN A 100 15.16 7.88 21.35
N THR A 101 15.66 8.04 20.11
CA THR A 101 16.13 6.92 19.26
C THR A 101 17.08 7.39 18.15
N SER A 102 16.68 8.41 17.38
CA SER A 102 17.35 8.86 16.15
C SER A 102 17.49 7.78 15.05
N ASP A 103 16.74 6.66 15.16
CA ASP A 103 16.75 5.55 14.19
C ASP A 103 15.33 5.02 13.93
N MET A 104 14.86 5.21 12.69
CA MET A 104 13.53 4.74 12.24
C MET A 104 13.48 3.23 11.95
N GLU A 105 14.62 2.54 11.88
CA GLU A 105 14.65 1.08 11.77
C GLU A 105 14.52 0.40 13.15
N ALA A 106 15.16 0.97 14.18
CA ALA A 106 15.26 0.35 15.51
C ALA A 106 13.89 0.23 16.19
N VAL A 107 13.00 1.20 15.97
CA VAL A 107 11.64 1.15 16.54
C VAL A 107 10.87 -0.09 16.08
N TRP A 108 11.05 -0.55 14.83
CA TRP A 108 10.41 -1.76 14.31
C TRP A 108 11.03 -3.06 14.85
N LYS A 109 12.30 -3.02 15.27
CA LYS A 109 12.99 -4.14 15.90
C LYS A 109 12.62 -4.32 17.38
N GLU A 110 12.30 -3.22 18.07
CA GLU A 110 11.81 -3.23 19.46
C GLU A 110 10.28 -3.35 19.60
N ALA A 111 9.56 -3.01 18.54
CA ALA A 111 8.10 -2.99 18.44
C ALA A 111 7.50 -4.33 18.87
N LYS A 112 6.53 -4.26 19.78
CA LYS A 112 5.79 -5.43 20.25
C LYS A 112 4.49 -5.62 19.47
N PRO A 113 3.98 -6.86 19.35
CA PRO A 113 2.71 -7.16 18.67
C PRO A 113 1.48 -6.51 19.33
N ASP A 114 1.60 -6.06 20.58
CA ASP A 114 0.57 -5.28 21.29
C ASP A 114 0.65 -3.76 21.07
N GLU A 115 1.80 -3.26 20.59
CA GLU A 115 2.00 -1.84 20.24
C GLU A 115 1.84 -1.57 18.73
N LEU A 116 1.90 -2.63 17.91
CA LEU A 116 1.77 -2.56 16.46
C LEU A 116 0.29 -2.44 16.06
N MET A 117 0.01 -1.57 15.10
CA MET A 117 -1.33 -1.31 14.58
C MET A 117 -1.31 -1.32 13.04
N ASP A 118 -2.43 -1.67 12.40
CA ASP A 118 -2.57 -1.56 10.95
C ASP A 118 -4.01 -1.29 10.48
N SER A 119 -4.15 -0.73 9.28
CA SER A 119 -5.43 -0.50 8.60
C SER A 119 -5.34 -0.90 7.13
N LYS A 120 -6.42 -1.49 6.60
CA LYS A 120 -6.54 -2.01 5.22
C LYS A 120 -7.62 -1.27 4.43
N LEU A 121 -7.39 -1.12 3.12
CA LEU A 121 -8.25 -0.38 2.19
C LEU A 121 -8.29 -1.10 0.84
N ARG A 122 -9.40 -1.05 0.08
CA ARG A 122 -9.44 -1.57 -1.32
C ARG A 122 -9.12 -0.49 -2.34
N CYS A 123 -8.80 -0.90 -3.58
CA CYS A 123 -8.65 -0.03 -4.73
C CYS A 123 -9.97 0.04 -5.53
N VAL A 124 -10.38 1.24 -5.92
CA VAL A 124 -11.58 1.52 -6.74
C VAL A 124 -11.16 2.08 -8.09
N PHE A 125 -11.79 1.65 -9.17
CA PHE A 125 -11.43 2.05 -10.55
C PHE A 125 -12.60 2.73 -11.28
N GLU A 126 -12.38 3.96 -11.74
CA GLU A 126 -13.40 4.83 -12.35
C GLU A 126 -12.92 5.48 -13.67
N MET A 127 -13.75 5.47 -14.71
CA MET A 127 -13.41 6.01 -16.04
C MET A 127 -13.77 7.50 -16.20
N PRO A 128 -13.03 8.26 -17.04
CA PRO A 128 -13.32 9.66 -17.33
C PRO A 128 -14.50 9.85 -18.30
N ASN A 129 -15.01 11.09 -18.38
CA ASN A 129 -16.14 11.48 -19.23
C ASN A 129 -15.72 12.05 -20.61
N GLU A 130 -14.44 11.89 -20.99
CA GLU A 130 -13.84 12.37 -22.25
C GLU A 130 -13.05 11.27 -22.99
N PRO B 1 -28.52 -40.33 -18.67
CA PRO B 1 -28.84 -41.24 -17.55
C PRO B 1 -27.72 -42.25 -17.24
N LEU B 2 -27.51 -43.27 -18.08
CA LEU B 2 -26.52 -44.33 -17.86
C LEU B 2 -25.09 -43.86 -18.15
N GLY B 3 -24.12 -44.39 -17.39
CA GLY B 3 -22.70 -44.05 -17.52
C GLY B 3 -22.29 -42.71 -16.87
N SER B 4 -23.16 -42.14 -16.03
CA SER B 4 -22.94 -40.86 -15.32
C SER B 4 -22.55 -39.69 -16.23
N ASP B 5 -23.31 -39.50 -17.32
CA ASP B 5 -23.06 -38.49 -18.35
C ASP B 5 -23.47 -37.05 -17.97
N HIS B 6 -24.22 -36.86 -16.88
CA HIS B 6 -24.53 -35.56 -16.27
C HIS B 6 -23.57 -35.23 -15.11
N TRP B 7 -23.26 -33.95 -14.93
CA TRP B 7 -22.24 -33.46 -13.99
C TRP B 7 -22.67 -32.21 -13.21
N GLY B 8 -22.19 -32.09 -11.97
CA GLY B 8 -22.36 -30.91 -11.09
C GLY B 8 -21.18 -29.94 -11.05
N LYS B 9 -20.16 -30.14 -11.91
CA LYS B 9 -18.89 -29.41 -11.91
C LYS B 9 -19.01 -27.97 -12.47
N GLY B 10 -18.06 -27.12 -12.09
CA GLY B 10 -17.94 -25.73 -12.53
C GLY B 10 -16.60 -25.08 -12.13
N ASP B 11 -16.33 -23.87 -12.62
CA ASP B 11 -15.07 -23.15 -12.35
C ASP B 11 -15.01 -22.58 -10.92
N MET B 12 -13.89 -22.84 -10.23
CA MET B 12 -13.61 -22.38 -8.86
C MET B 12 -12.09 -22.32 -8.58
N SER B 13 -11.70 -21.50 -7.59
CA SER B 13 -10.30 -21.27 -7.19
C SER B 13 -10.12 -21.22 -5.67
N ASP B 14 -8.93 -21.57 -5.18
CA ASP B 14 -8.53 -21.51 -3.77
C ASP B 14 -7.03 -21.21 -3.63
N GLU B 15 -6.68 -20.26 -2.76
CA GLU B 15 -5.30 -19.78 -2.52
C GLU B 15 -5.03 -19.50 -1.02
N ASP B 16 -3.76 -19.47 -0.63
CA ASP B 16 -3.32 -19.32 0.77
C ASP B 16 -3.38 -17.87 1.33
N ASP B 17 -3.75 -16.94 0.46
CA ASP B 17 -4.07 -15.54 0.74
C ASP B 17 -5.03 -15.03 -0.36
N GLU B 18 -5.99 -14.20 0.02
CA GLU B 18 -6.97 -13.58 -0.90
C GLU B 18 -6.34 -12.72 -2.01
N ASN B 19 -5.21 -12.03 -1.73
CA ASN B 19 -4.44 -11.26 -2.72
C ASN B 19 -2.91 -11.41 -2.63
N GLU B 20 -2.37 -11.78 -1.47
CA GLU B 20 -0.94 -11.78 -1.11
C GLU B 20 -0.30 -10.37 -1.09
N PHE B 21 0.05 -9.89 0.11
CA PHE B 21 0.74 -8.62 0.30
C PHE B 21 2.25 -8.71 0.09
N PHE B 22 2.81 -7.60 -0.40
CA PHE B 22 4.21 -7.41 -0.78
C PHE B 22 4.73 -6.07 -0.23
N ASP B 23 6.04 -5.97 -0.01
CA ASP B 23 6.66 -4.71 0.41
C ASP B 23 6.70 -3.72 -0.77
N ALA B 24 5.99 -2.59 -0.64
CA ALA B 24 5.76 -1.68 -1.75
C ALA B 24 7.04 -0.92 -2.20
N PRO B 25 7.37 -0.91 -3.51
CA PRO B 25 8.51 -0.16 -4.04
C PRO B 25 8.17 1.33 -4.20
N GLU B 26 9.17 2.20 -4.19
CA GLU B 26 8.99 3.62 -4.55
C GLU B 26 8.64 3.80 -6.03
N ILE B 27 9.28 3.00 -6.90
CA ILE B 27 8.91 2.87 -8.31
C ILE B 27 9.34 1.51 -8.87
N ILE B 28 8.60 1.02 -9.87
CA ILE B 28 8.79 -0.30 -10.51
C ILE B 28 9.60 -0.14 -11.82
N THR B 29 10.66 -0.93 -11.98
CA THR B 29 11.58 -0.87 -13.13
C THR B 29 11.65 -2.16 -13.98
N MET B 30 11.36 -3.33 -13.38
CA MET B 30 11.38 -4.64 -14.03
C MET B 30 10.02 -5.36 -13.84
N PRO B 31 8.97 -4.98 -14.57
CA PRO B 31 7.63 -5.56 -14.48
C PRO B 31 7.57 -6.99 -15.07
N GLU B 32 6.49 -7.70 -14.75
CA GLU B 32 6.23 -9.07 -15.18
C GLU B 32 5.86 -9.15 -16.69
N ASN B 33 6.19 -10.27 -17.33
CA ASN B 33 5.87 -10.55 -18.74
C ASN B 33 4.34 -10.69 -18.94
N LEU B 34 3.78 -9.92 -19.88
CA LEU B 34 2.34 -9.83 -20.14
C LEU B 34 2.02 -9.51 -21.61
N GLY B 35 0.76 -9.74 -22.02
CA GLY B 35 0.24 -9.30 -23.31
C GLY B 35 -0.09 -7.80 -23.29
N HIS B 36 0.69 -6.99 -24.01
CA HIS B 36 0.55 -5.53 -24.02
C HIS B 36 -0.74 -5.08 -24.74
N LYS B 37 -1.56 -4.26 -24.06
CA LYS B 37 -2.71 -3.55 -24.64
C LYS B 37 -2.29 -2.16 -25.15
N ARG B 38 -1.70 -1.37 -24.24
CA ARG B 38 -1.03 -0.09 -24.52
C ARG B 38 0.47 -0.32 -24.74
N THR B 39 1.17 0.61 -25.38
CA THR B 39 2.62 0.55 -25.68
C THR B 39 3.53 0.69 -24.44
N GLY B 40 3.50 -0.32 -23.55
CA GLY B 40 4.40 -0.46 -22.40
C GLY B 40 5.84 -0.88 -22.78
N SER B 41 6.64 -1.23 -21.77
CA SER B 41 8.05 -1.59 -21.93
C SER B 41 8.26 -2.83 -22.82
N HIS B 42 8.87 -2.63 -23.99
CA HIS B 42 9.13 -3.67 -25.01
C HIS B 42 10.36 -3.30 -25.88
N HIS B 43 10.86 -4.26 -26.67
CA HIS B 43 11.97 -4.06 -27.61
C HIS B 43 11.61 -3.11 -28.78
N HIS B 44 12.57 -2.27 -29.17
CA HIS B 44 12.52 -1.29 -30.27
C HIS B 44 11.23 -0.43 -30.32
N GLY A 3 -17.71 -2.09 12.80
CA GLY A 3 -16.47 -1.66 12.09
C GLY A 3 -15.24 -2.46 12.52
N SER A 4 -14.05 -1.95 12.23
CA SER A 4 -12.76 -2.60 12.55
C SER A 4 -12.48 -2.64 14.05
N ASP A 5 -11.85 -3.73 14.51
CA ASP A 5 -11.64 -4.03 15.94
C ASP A 5 -10.28 -3.55 16.50
N HIS A 6 -9.28 -3.36 15.65
CA HIS A 6 -7.89 -3.06 16.08
C HIS A 6 -7.67 -1.57 16.43
N GLU A 7 -8.44 -0.67 15.81
CA GLU A 7 -8.50 0.78 16.09
C GLU A 7 -7.13 1.47 16.20
N GLN A 8 -6.49 1.73 15.04
CA GLN A 8 -5.20 2.42 14.97
C GLN A 8 -5.29 3.92 15.31
N ILE A 9 -4.14 4.47 15.70
CA ILE A 9 -4.01 5.88 16.09
C ILE A 9 -4.20 6.84 14.90
N LEU A 10 -3.67 6.51 13.72
CA LEU A 10 -3.66 7.43 12.58
C LEU A 10 -5.03 7.50 11.88
N VAL A 11 -5.45 8.72 11.51
CA VAL A 11 -6.64 8.97 10.69
C VAL A 11 -6.23 9.19 9.23
N LEU A 12 -6.94 8.54 8.30
CA LEU A 12 -6.60 8.48 6.88
C LEU A 12 -7.66 9.19 6.02
N ASP A 13 -7.30 9.60 4.80
CA ASP A 13 -8.19 10.27 3.85
C ASP A 13 -7.80 9.96 2.40
N PRO A 14 -8.64 9.26 1.62
CA PRO A 14 -9.89 8.59 2.03
C PRO A 14 -9.65 7.46 3.07
N PRO A 15 -10.52 7.33 4.10
CA PRO A 15 -10.34 6.36 5.20
C PRO A 15 -10.74 4.92 4.86
N THR A 16 -11.70 4.75 3.96
CA THR A 16 -12.32 3.45 3.63
C THR A 16 -11.56 2.68 2.53
N ASP A 17 -11.40 3.30 1.35
CA ASP A 17 -10.81 2.69 0.16
C ASP A 17 -10.02 3.73 -0.66
N LEU A 18 -9.04 3.28 -1.46
CA LEU A 18 -8.26 4.13 -2.38
C LEU A 18 -9.00 4.21 -3.72
N LYS A 19 -9.30 5.42 -4.18
CA LYS A 19 -10.07 5.68 -5.40
C LYS A 19 -9.17 6.12 -6.54
N PHE A 20 -9.12 5.31 -7.59
CA PHE A 20 -8.33 5.52 -8.79
C PHE A 20 -9.25 5.91 -9.97
N LYS A 21 -9.13 7.16 -10.43
CA LYS A 21 -9.88 7.68 -11.59
C LYS A 21 -8.95 7.93 -12.78
N GLY A 22 -9.29 7.39 -13.95
CA GLY A 22 -8.53 7.57 -15.19
C GLY A 22 -8.92 6.49 -16.21
N PRO A 23 -8.38 6.53 -17.43
CA PRO A 23 -8.68 5.48 -18.42
C PRO A 23 -7.98 4.13 -18.25
N PHE A 24 -6.93 4.25 -17.45
CA PHE A 24 -5.85 3.32 -17.10
C PHE A 24 -4.90 3.02 -18.28
N THR A 25 -4.92 3.91 -19.27
CA THR A 25 -3.96 4.00 -20.39
C THR A 25 -2.55 4.41 -19.95
N ASP A 26 -2.44 5.09 -18.80
CA ASP A 26 -1.18 5.52 -18.16
C ASP A 26 -1.28 5.38 -16.63
N VAL A 27 -0.22 5.75 -15.91
CA VAL A 27 -0.15 5.75 -14.44
C VAL A 27 -1.20 6.69 -13.85
N VAL A 28 -1.91 6.20 -12.82
CA VAL A 28 -2.82 6.99 -11.97
C VAL A 28 -2.11 7.37 -10.68
N THR A 29 -2.06 8.67 -10.38
CA THR A 29 -1.54 9.18 -9.09
C THR A 29 -2.70 9.45 -8.14
N THR A 30 -2.65 8.84 -6.96
CA THR A 30 -3.67 8.94 -5.90
C THR A 30 -2.97 9.30 -4.60
N ASN A 31 -3.27 10.47 -4.04
CA ASN A 31 -2.64 10.92 -2.79
C ASN A 31 -3.55 10.61 -1.58
N LEU A 32 -2.97 10.00 -0.56
CA LEU A 32 -3.63 9.59 0.70
C LEU A 32 -3.10 10.47 1.82
N LYS A 33 -3.96 11.19 2.55
CA LYS A 33 -3.55 12.11 3.62
C LYS A 33 -3.69 11.47 4.99
N LEU A 34 -2.63 11.45 5.79
CA LEU A 34 -2.61 10.84 7.12
C LEU A 34 -2.32 11.90 8.20
N ARG A 35 -3.22 12.07 9.17
CA ARG A 35 -3.03 12.97 10.32
C ARG A 35 -2.90 12.17 11.62
N ASN A 36 -2.10 12.67 12.55
CA ASN A 36 -1.87 12.06 13.85
C ASN A 36 -2.64 12.84 14.95
N PRO A 37 -3.64 12.22 15.59
CA PRO A 37 -4.40 12.89 16.64
C PRO A 37 -3.63 13.00 17.98
N SER A 38 -2.66 12.10 18.19
CA SER A 38 -1.94 11.92 19.46
C SER A 38 -0.98 13.05 19.83
N ASP A 39 -0.51 13.01 21.07
CA ASP A 39 0.55 13.85 21.66
C ASP A 39 1.94 13.18 21.57
N ARG A 40 2.11 12.26 20.61
CA ARG A 40 3.26 11.35 20.43
C ARG A 40 3.59 11.25 18.94
N LYS A 41 4.83 10.93 18.58
CA LYS A 41 5.21 10.62 17.19
C LYS A 41 5.06 9.12 16.89
N VAL A 42 4.86 8.78 15.61
CA VAL A 42 4.49 7.43 15.17
C VAL A 42 5.11 7.12 13.80
N CYS A 43 5.73 5.95 13.65
CA CYS A 43 6.29 5.51 12.37
C CYS A 43 5.21 4.81 11.55
N PHE A 44 5.16 5.08 10.25
CA PHE A 44 4.23 4.43 9.31
C PHE A 44 4.94 3.66 8.18
N LYS A 45 4.32 2.55 7.74
CA LYS A 45 4.74 1.75 6.59
C LYS A 45 3.55 1.31 5.71
N VAL A 46 3.76 1.14 4.39
CA VAL A 46 2.72 0.78 3.41
C VAL A 46 3.03 -0.55 2.70
N LYS A 47 2.01 -1.42 2.57
CA LYS A 47 2.03 -2.67 1.78
C LYS A 47 0.90 -2.70 0.74
N THR A 48 1.12 -3.44 -0.34
CA THR A 48 0.20 -3.56 -1.50
C THR A 48 0.08 -5.01 -1.98
N THR A 49 -1.01 -5.37 -2.66
CA THR A 49 -1.19 -6.72 -3.26
C THR A 49 -0.35 -6.98 -4.51
N ALA A 50 0.23 -5.96 -5.14
CA ALA A 50 1.01 -6.11 -6.37
C ALA A 50 2.11 -5.05 -6.51
N PRO A 51 3.38 -5.32 -6.14
CA PRO A 51 4.44 -4.32 -6.09
C PRO A 51 4.89 -3.84 -7.48
N ARG A 52 4.57 -4.61 -8.53
CA ARG A 52 4.77 -4.28 -9.95
C ARG A 52 3.55 -3.61 -10.62
N ARG A 53 2.43 -3.46 -9.91
CA ARG A 53 1.25 -2.65 -10.32
C ARG A 53 1.03 -1.42 -9.46
N TYR A 54 1.62 -1.34 -8.27
CA TYR A 54 1.49 -0.20 -7.35
C TYR A 54 2.85 0.24 -6.79
N CYS A 55 3.06 1.56 -6.81
CA CYS A 55 4.23 2.23 -6.26
C CYS A 55 3.79 3.23 -5.17
N VAL A 56 4.57 3.38 -4.11
CA VAL A 56 4.27 4.24 -2.95
C VAL A 56 5.46 5.16 -2.75
N ARG A 57 5.41 6.43 -3.18
CA ARG A 57 6.59 7.32 -3.25
C ARG A 57 7.49 7.38 -2.01
N PRO A 58 6.96 7.69 -0.82
CA PRO A 58 7.72 7.61 0.42
C PRO A 58 8.13 6.18 0.81
N ASN A 59 7.25 5.21 0.55
CA ASN A 59 7.21 3.80 0.97
C ASN A 59 7.04 3.59 2.49
N SER A 60 7.46 4.56 3.28
CA SER A 60 7.42 4.60 4.75
C SER A 60 7.76 6.00 5.27
N GLY A 61 7.53 6.25 6.56
CA GLY A 61 7.89 7.53 7.18
C GLY A 61 7.55 7.61 8.66
N ILE A 62 7.53 8.82 9.21
CA ILE A 62 7.13 9.13 10.58
C ILE A 62 6.18 10.35 10.57
N ILE A 63 5.16 10.37 11.43
CA ILE A 63 4.30 11.53 11.69
C ILE A 63 4.46 12.02 13.13
N ASP A 64 4.60 13.33 13.29
CA ASP A 64 4.76 14.01 14.58
C ASP A 64 3.40 14.34 15.26
N PRO A 65 3.36 14.76 16.54
CA PRO A 65 2.10 15.06 17.24
C PRO A 65 1.27 16.12 16.51
N GLY A 66 -0.02 15.86 16.29
CA GLY A 66 -0.94 16.81 15.64
C GLY A 66 -0.62 17.13 14.17
N SER A 67 0.32 16.39 13.58
CA SER A 67 0.88 16.69 12.26
C SER A 67 0.30 15.78 11.18
N THR A 68 0.50 16.16 9.90
CA THR A 68 -0.07 15.45 8.73
C THR A 68 0.99 15.21 7.66
N VAL A 69 0.93 14.03 7.00
CA VAL A 69 1.76 13.65 5.84
C VAL A 69 0.85 13.14 4.71
N THR A 70 1.15 13.47 3.45
CA THR A 70 0.44 12.97 2.28
C THR A 70 1.32 11.99 1.51
N VAL A 71 0.81 10.77 1.33
CA VAL A 71 1.49 9.65 0.65
C VAL A 71 0.97 9.54 -0.78
N SER A 72 1.87 9.64 -1.77
CA SER A 72 1.52 9.44 -3.18
C SER A 72 1.58 7.96 -3.55
N VAL A 73 0.48 7.44 -4.09
CA VAL A 73 0.38 6.11 -4.70
C VAL A 73 0.35 6.28 -6.21
N MET A 74 1.16 5.50 -6.93
CA MET A 74 1.25 5.49 -8.39
C MET A 74 0.86 4.09 -8.90
N LEU A 75 -0.37 3.98 -9.40
CA LEU A 75 -1.00 2.75 -9.87
C LEU A 75 -0.78 2.64 -11.38
N GLN A 76 -0.15 1.55 -11.80
CA GLN A 76 0.35 1.34 -13.16
C GLN A 76 -0.79 1.01 -14.16
N PRO A 77 -0.64 1.36 -15.46
CA PRO A 77 -1.70 1.21 -16.46
C PRO A 77 -2.17 -0.24 -16.68
N PHE A 78 -3.45 -0.42 -17.02
CA PHE A 78 -4.04 -1.72 -17.37
C PHE A 78 -5.29 -1.61 -18.28
N ASP A 79 -5.73 -2.75 -18.82
CA ASP A 79 -6.89 -2.86 -19.73
C ASP A 79 -8.23 -2.85 -18.95
N TYR A 80 -8.62 -1.68 -18.46
CA TYR A 80 -9.82 -1.46 -17.65
C TYR A 80 -11.14 -1.79 -18.36
N ASP A 81 -12.07 -2.40 -17.61
CA ASP A 81 -13.46 -2.62 -18.01
C ASP A 81 -14.41 -2.05 -16.92
N PRO A 82 -15.42 -1.22 -17.25
CA PRO A 82 -16.37 -0.69 -16.27
C PRO A 82 -17.30 -1.79 -15.68
N ASN A 83 -17.33 -2.98 -16.31
CA ASN A 83 -18.05 -4.15 -15.81
C ASN A 83 -17.17 -5.07 -14.91
N GLU A 84 -15.85 -4.91 -14.92
CA GLU A 84 -14.93 -5.70 -14.08
C GLU A 84 -14.90 -5.24 -12.61
N LYS A 85 -14.72 -6.20 -11.69
CA LYS A 85 -14.73 -6.00 -10.22
C LYS A 85 -13.29 -5.84 -9.70
N SER A 86 -13.14 -5.22 -8.52
CA SER A 86 -11.81 -5.00 -7.92
C SER A 86 -11.13 -6.29 -7.46
N LYS A 87 -9.79 -6.27 -7.46
CA LYS A 87 -8.90 -7.42 -7.21
C LYS A 87 -7.65 -7.08 -6.38
N HIS A 88 -7.55 -5.86 -5.85
CA HIS A 88 -6.35 -5.31 -5.20
C HIS A 88 -6.65 -4.60 -3.87
N LYS A 89 -5.68 -4.64 -2.95
CA LYS A 89 -5.77 -4.01 -1.61
C LYS A 89 -4.46 -3.32 -1.20
N PHE A 90 -4.57 -2.40 -0.25
CA PHE A 90 -3.51 -1.74 0.49
C PHE A 90 -3.64 -2.03 1.99
N MET A 91 -2.51 -2.00 2.70
CA MET A 91 -2.46 -2.06 4.15
C MET A 91 -1.40 -1.09 4.67
N VAL A 92 -1.74 -0.29 5.69
CA VAL A 92 -0.82 0.65 6.34
C VAL A 92 -0.59 0.19 7.78
N GLN A 93 0.65 -0.11 8.15
CA GLN A 93 1.05 -0.51 9.51
C GLN A 93 1.77 0.66 10.20
N THR A 94 1.56 0.80 11.50
CA THR A 94 2.02 1.93 12.32
C THR A 94 2.43 1.51 13.73
N ILE A 95 3.42 2.19 14.30
CA ILE A 95 3.87 1.95 15.69
C ILE A 95 4.42 3.22 16.34
N PHE A 96 4.14 3.45 17.63
CA PHE A 96 4.56 4.66 18.34
C PHE A 96 6.10 4.76 18.44
N ALA A 97 6.63 5.90 18.02
CA ALA A 97 8.07 6.17 17.96
C ALA A 97 8.56 6.98 19.19
N PRO A 98 9.73 6.63 19.78
CA PRO A 98 10.27 7.33 20.93
C PRO A 98 10.95 8.67 20.54
N PRO A 99 11.07 9.64 21.46
CA PRO A 99 11.65 10.96 21.17
C PRO A 99 13.18 10.95 21.02
N ASN A 100 13.86 9.88 21.44
CA ASN A 100 15.33 9.78 21.51
C ASN A 100 15.98 8.96 20.36
N THR A 101 15.20 8.38 19.44
CA THR A 101 15.77 7.58 18.33
C THR A 101 16.18 8.43 17.13
N SER A 102 17.22 7.97 16.43
CA SER A 102 17.67 8.49 15.12
C SER A 102 17.56 7.41 14.02
N ASP A 103 16.88 6.29 14.30
CA ASP A 103 16.69 5.16 13.38
C ASP A 103 15.21 4.73 13.34
N MET A 104 14.57 4.90 12.18
CA MET A 104 13.19 4.48 11.95
C MET A 104 13.04 2.97 11.76
N GLU A 105 14.13 2.21 11.54
CA GLU A 105 14.08 0.75 11.48
C GLU A 105 14.04 0.13 12.89
N ALA A 106 14.73 0.75 13.86
CA ALA A 106 14.91 0.21 15.21
C ALA A 106 13.59 0.11 15.97
N VAL A 107 12.65 1.04 15.75
CA VAL A 107 11.34 1.01 16.42
C VAL A 107 10.55 -0.25 16.07
N TRP A 108 10.67 -0.75 14.83
CA TRP A 108 10.02 -1.99 14.38
C TRP A 108 10.67 -3.25 14.96
N LYS A 109 11.96 -3.18 15.31
CA LYS A 109 12.71 -4.28 15.94
C LYS A 109 12.43 -4.40 17.44
N GLU A 110 12.14 -3.28 18.11
CA GLU A 110 11.74 -3.23 19.52
C GLU A 110 10.22 -3.36 19.78
N ALA A 111 9.43 -3.10 18.74
CA ALA A 111 7.97 -3.05 18.72
C ALA A 111 7.37 -4.33 19.30
N LYS A 112 6.40 -4.14 20.20
CA LYS A 112 5.64 -5.24 20.78
C LYS A 112 4.38 -5.54 19.96
N PRO A 113 3.89 -6.79 19.96
CA PRO A 113 2.68 -7.21 19.26
C PRO A 113 1.41 -6.47 19.73
N ASP A 114 1.43 -5.89 20.93
CA ASP A 114 0.35 -5.06 21.49
C ASP A 114 0.46 -3.56 21.14
N GLU A 115 1.62 -3.09 20.66
CA GLU A 115 1.85 -1.69 20.28
C GLU A 115 1.71 -1.45 18.76
N LEU A 116 1.75 -2.53 17.96
CA LEU A 116 1.61 -2.49 16.51
C LEU A 116 0.13 -2.28 16.13
N MET A 117 -0.15 -1.35 15.23
CA MET A 117 -1.50 -0.98 14.81
C MET A 117 -1.59 -0.80 13.29
N ASP A 118 -2.72 -1.13 12.67
CA ASP A 118 -2.87 -1.10 11.21
C ASP A 118 -4.26 -0.73 10.70
N SER A 119 -4.36 -0.48 9.39
CA SER A 119 -5.60 -0.29 8.62
C SER A 119 -5.47 -0.89 7.21
N LYS A 120 -6.50 -1.58 6.71
CA LYS A 120 -6.56 -2.11 5.33
C LYS A 120 -7.66 -1.44 4.49
N LEU A 121 -7.39 -1.28 3.19
CA LEU A 121 -8.22 -0.54 2.23
C LEU A 121 -8.20 -1.26 0.87
N ARG A 122 -9.27 -1.16 0.06
CA ARG A 122 -9.33 -1.73 -1.30
C ARG A 122 -9.03 -0.67 -2.36
N CYS A 123 -8.68 -1.08 -3.57
CA CYS A 123 -8.58 -0.19 -4.73
C CYS A 123 -9.95 -0.12 -5.44
N VAL A 124 -10.35 1.07 -5.85
CA VAL A 124 -11.56 1.33 -6.65
C VAL A 124 -11.15 1.90 -8.00
N PHE A 125 -11.76 1.44 -9.09
CA PHE A 125 -11.36 1.78 -10.46
C PHE A 125 -12.50 2.47 -11.23
N GLU A 126 -12.29 3.71 -11.65
CA GLU A 126 -13.31 4.57 -12.29
C GLU A 126 -12.80 5.22 -13.59
N MET A 127 -13.62 5.21 -14.65
CA MET A 127 -13.33 5.92 -15.90
C MET A 127 -13.89 7.37 -15.88
N PRO A 128 -13.22 8.33 -16.57
CA PRO A 128 -13.63 9.72 -16.57
C PRO A 128 -14.93 9.98 -17.36
N ASN A 129 -15.61 11.07 -16.98
CA ASN A 129 -16.84 11.58 -17.61
C ASN A 129 -16.77 13.11 -17.83
N GLU A 130 -15.56 13.62 -18.06
CA GLU A 130 -15.17 15.05 -18.11
C GLU A 130 -14.29 15.42 -19.32
N PRO B 1 3.51 -0.58 -31.89
CA PRO B 1 3.14 -1.36 -33.11
C PRO B 1 2.50 -2.72 -32.80
N LEU B 2 3.24 -3.64 -32.16
CA LEU B 2 2.82 -5.02 -31.88
C LEU B 2 3.29 -5.52 -30.50
N GLY B 3 2.73 -6.67 -30.06
CA GLY B 3 2.97 -7.28 -28.76
C GLY B 3 1.76 -7.05 -27.84
N SER B 4 0.90 -8.06 -27.72
CA SER B 4 -0.42 -7.97 -27.07
C SER B 4 -0.74 -9.20 -26.21
N ASP B 5 -1.58 -9.01 -25.18
CA ASP B 5 -2.08 -10.06 -24.28
C ASP B 5 -3.52 -9.74 -23.79
N HIS B 6 -4.35 -10.77 -23.58
CA HIS B 6 -5.76 -10.60 -23.19
C HIS B 6 -6.34 -11.74 -22.34
N TRP B 7 -6.12 -13.01 -22.72
CA TRP B 7 -6.73 -14.19 -22.08
C TRP B 7 -5.86 -14.80 -20.97
N GLY B 8 -6.48 -15.62 -20.10
CA GLY B 8 -5.83 -16.39 -19.02
C GLY B 8 -5.46 -15.58 -17.76
N LYS B 9 -5.14 -14.29 -17.91
CA LYS B 9 -4.76 -13.29 -16.88
C LYS B 9 -3.48 -13.59 -16.08
N GLY B 10 -3.29 -14.80 -15.57
CA GLY B 10 -2.10 -15.20 -14.79
C GLY B 10 -2.25 -16.53 -14.03
N ASP B 11 -1.22 -16.85 -13.24
CA ASP B 11 -1.14 -18.05 -12.39
C ASP B 11 -0.38 -17.75 -11.08
N MET B 12 -0.72 -18.47 -10.00
CA MET B 12 -0.15 -18.29 -8.66
C MET B 12 0.08 -19.63 -7.94
N SER B 13 1.14 -19.70 -7.12
CA SER B 13 1.50 -20.87 -6.30
C SER B 13 0.44 -21.21 -5.24
N ASP B 14 0.44 -22.47 -4.78
CA ASP B 14 -0.44 -22.94 -3.69
C ASP B 14 0.05 -22.45 -2.32
N GLU B 15 -0.50 -21.32 -1.86
CA GLU B 15 -0.13 -20.62 -0.63
C GLU B 15 -1.36 -20.22 0.22
N ASP B 16 -1.13 -19.95 1.50
CA ASP B 16 -2.15 -19.65 2.51
C ASP B 16 -2.31 -18.13 2.77
N ASP B 17 -2.71 -17.39 1.73
CA ASP B 17 -2.98 -15.95 1.77
C ASP B 17 -4.06 -15.57 0.74
N GLU B 18 -5.03 -14.74 1.16
CA GLU B 18 -6.17 -14.32 0.35
C GLU B 18 -5.80 -13.48 -0.90
N ASN B 19 -4.74 -12.67 -0.84
CA ASN B 19 -4.40 -11.69 -1.89
C ASN B 19 -2.89 -11.48 -2.12
N GLU B 20 -2.03 -12.00 -1.24
CA GLU B 20 -0.58 -11.83 -1.19
C GLU B 20 -0.12 -10.36 -1.12
N PHE B 21 -0.09 -9.81 0.10
CA PHE B 21 0.53 -8.50 0.36
C PHE B 21 2.06 -8.56 0.25
N PHE B 22 2.66 -7.47 -0.25
CA PHE B 22 4.09 -7.24 -0.43
C PHE B 22 4.47 -5.86 0.14
N ASP B 23 5.71 -5.73 0.64
CA ASP B 23 6.29 -4.44 1.01
C ASP B 23 6.39 -3.55 -0.24
N ALA B 24 5.62 -2.45 -0.25
CA ALA B 24 5.46 -1.62 -1.44
C ALA B 24 6.76 -0.87 -1.82
N PRO B 25 7.18 -0.87 -3.11
CA PRO B 25 8.36 -0.12 -3.56
C PRO B 25 8.04 1.35 -3.80
N GLU B 26 9.06 2.22 -3.75
CA GLU B 26 8.93 3.63 -4.13
C GLU B 26 8.62 3.81 -5.62
N ILE B 27 9.23 2.99 -6.48
CA ILE B 27 8.89 2.89 -7.89
C ILE B 27 9.26 1.51 -8.49
N ILE B 28 8.56 1.09 -9.55
CA ILE B 28 8.83 -0.16 -10.28
C ILE B 28 9.98 0.03 -11.28
N THR B 29 10.95 -0.90 -11.26
CA THR B 29 12.17 -0.86 -12.11
C THR B 29 12.36 -2.08 -13.03
N MET B 30 11.90 -3.27 -12.64
CA MET B 30 11.98 -4.51 -13.45
C MET B 30 10.61 -5.23 -13.55
N PRO B 31 9.62 -4.64 -14.23
CA PRO B 31 8.33 -5.28 -14.52
C PRO B 31 8.43 -6.34 -15.63
N GLU B 32 7.35 -7.09 -15.85
CA GLU B 32 7.20 -8.08 -16.93
C GLU B 32 6.72 -7.43 -18.26
N ASN B 33 7.21 -6.23 -18.57
CA ASN B 33 6.86 -5.48 -19.78
C ASN B 33 7.39 -6.15 -21.06
N LEU B 34 6.60 -6.12 -22.15
CA LEU B 34 6.91 -6.76 -23.43
C LEU B 34 7.88 -5.93 -24.30
N GLY B 35 8.42 -6.57 -25.35
CA GLY B 35 9.27 -5.96 -26.37
C GLY B 35 9.32 -6.80 -27.66
N HIS B 36 9.93 -6.23 -28.71
CA HIS B 36 10.06 -6.86 -30.04
C HIS B 36 11.41 -6.53 -30.70
N LYS B 37 11.82 -7.38 -31.66
CA LYS B 37 13.07 -7.28 -32.44
C LYS B 37 12.91 -7.68 -33.91
N ARG B 38 13.93 -7.34 -34.70
CA ARG B 38 14.07 -7.68 -36.14
C ARG B 38 15.53 -8.02 -36.48
N THR B 39 15.73 -8.93 -37.41
CA THR B 39 17.03 -9.30 -38.00
C THR B 39 17.05 -9.09 -39.52
N GLY B 40 18.23 -8.86 -40.10
CA GLY B 40 18.41 -8.48 -41.50
C GLY B 40 17.91 -7.06 -41.83
N SER B 41 17.78 -6.76 -43.13
CA SER B 41 17.31 -5.45 -43.63
C SER B 41 15.81 -5.23 -43.39
N HIS B 42 15.40 -3.96 -43.33
CA HIS B 42 14.01 -3.50 -43.18
C HIS B 42 13.59 -2.56 -44.32
N HIS B 43 12.29 -2.41 -44.56
CA HIS B 43 11.75 -1.61 -45.68
C HIS B 43 11.82 -0.09 -45.45
N HIS B 44 11.71 0.67 -46.54
CA HIS B 44 11.79 2.14 -46.64
C HIS B 44 13.02 2.75 -45.92
N GLY A 3 -10.47 -1.86 26.39
CA GLY A 3 -10.43 -1.18 25.08
C GLY A 3 -10.39 -2.17 23.91
N SER A 4 -10.49 -1.66 22.68
CA SER A 4 -10.45 -2.44 21.45
C SER A 4 -9.02 -2.87 21.04
N ASP A 5 -8.93 -3.98 20.31
CA ASP A 5 -7.66 -4.66 19.97
C ASP A 5 -7.23 -4.49 18.50
N HIS A 6 -8.14 -4.11 17.60
CA HIS A 6 -7.94 -4.11 16.14
C HIS A 6 -7.91 -2.71 15.49
N GLU A 7 -8.06 -1.64 16.27
CA GLU A 7 -8.06 -0.25 15.79
C GLU A 7 -6.65 0.39 15.86
N GLN A 8 -6.45 1.48 15.10
CA GLN A 8 -5.19 2.24 15.03
C GLN A 8 -5.32 3.70 15.49
N ILE A 9 -4.17 4.30 15.78
CA ILE A 9 -4.06 5.70 16.21
C ILE A 9 -4.29 6.71 15.06
N LEU A 10 -3.82 6.40 13.85
CA LEU A 10 -3.79 7.36 12.74
C LEU A 10 -5.13 7.53 12.01
N VAL A 11 -5.41 8.77 11.61
CA VAL A 11 -6.51 9.16 10.71
C VAL A 11 -6.01 9.03 9.28
N LEU A 12 -6.84 8.57 8.34
CA LEU A 12 -6.51 8.50 6.92
C LEU A 12 -7.52 9.29 6.07
N ASP A 13 -7.11 9.77 4.89
CA ASP A 13 -7.88 10.66 4.02
C ASP A 13 -7.54 10.40 2.53
N PRO A 14 -8.41 9.75 1.74
CA PRO A 14 -9.68 9.13 2.13
C PRO A 14 -9.52 7.98 3.15
N PRO A 15 -10.43 7.86 4.15
CA PRO A 15 -10.36 6.84 5.21
C PRO A 15 -10.80 5.43 4.77
N THR A 16 -11.75 5.36 3.84
CA THR A 16 -12.42 4.11 3.42
C THR A 16 -11.67 3.35 2.33
N ASP A 17 -11.45 3.99 1.17
CA ASP A 17 -10.85 3.38 -0.02
C ASP A 17 -9.99 4.40 -0.80
N LEU A 18 -9.02 3.93 -1.59
CA LEU A 18 -8.21 4.74 -2.49
C LEU A 18 -8.93 4.86 -3.83
N LYS A 19 -9.08 6.09 -4.34
CA LYS A 19 -9.73 6.36 -5.63
C LYS A 19 -8.67 6.66 -6.69
N PHE A 20 -8.80 5.99 -7.83
CA PHE A 20 -7.97 6.20 -9.02
C PHE A 20 -8.88 6.64 -10.17
N LYS A 21 -8.83 7.93 -10.50
CA LYS A 21 -9.59 8.53 -11.61
C LYS A 21 -8.66 8.96 -12.73
N GLY A 22 -8.94 8.47 -13.93
CA GLY A 22 -8.14 8.70 -15.11
C GLY A 22 -8.14 7.46 -16.01
N PRO A 23 -7.81 7.58 -17.30
CA PRO A 23 -7.67 6.39 -18.12
C PRO A 23 -6.42 5.62 -17.70
N PHE A 24 -6.51 4.30 -17.74
CA PHE A 24 -5.46 3.39 -17.22
C PHE A 24 -4.44 2.98 -18.29
N THR A 25 -4.32 3.83 -19.31
CA THR A 25 -3.31 3.82 -20.37
C THR A 25 -1.93 4.30 -19.88
N ASP A 26 -1.87 5.02 -18.75
CA ASP A 26 -0.64 5.47 -18.09
C ASP A 26 -0.76 5.41 -16.55
N VAL A 27 0.31 5.76 -15.82
CA VAL A 27 0.35 5.83 -14.36
C VAL A 27 -0.66 6.87 -13.82
N VAL A 28 -1.39 6.51 -12.77
CA VAL A 28 -2.25 7.41 -11.99
C VAL A 28 -1.58 7.78 -10.68
N THR A 29 -1.52 9.07 -10.36
CA THR A 29 -1.09 9.57 -9.03
C THR A 29 -2.32 9.84 -8.16
N THR A 30 -2.34 9.26 -6.96
CA THR A 30 -3.36 9.46 -5.94
C THR A 30 -2.66 9.73 -4.61
N ASN A 31 -2.93 10.86 -3.97
CA ASN A 31 -2.37 11.18 -2.65
C ASN A 31 -3.33 10.75 -1.52
N LEU A 32 -2.75 10.27 -0.42
CA LEU A 32 -3.41 9.87 0.81
C LEU A 32 -2.85 10.74 1.96
N LYS A 33 -3.71 11.45 2.68
CA LYS A 33 -3.32 12.28 3.84
C LYS A 33 -3.48 11.48 5.14
N LEU A 34 -2.42 11.36 5.93
CA LEU A 34 -2.43 10.68 7.23
C LEU A 34 -2.19 11.69 8.35
N ARG A 35 -3.09 11.80 9.33
CA ARG A 35 -2.98 12.72 10.48
C ARG A 35 -2.91 11.96 11.81
N ASN A 36 -2.12 12.47 12.76
CA ASN A 36 -1.93 11.88 14.07
C ASN A 36 -2.70 12.66 15.16
N PRO A 37 -3.72 12.08 15.82
CA PRO A 37 -4.47 12.72 16.91
C PRO A 37 -3.65 12.86 18.20
N SER A 38 -2.72 11.92 18.41
CA SER A 38 -1.98 11.73 19.67
C SER A 38 -1.02 12.88 20.04
N ASP A 39 -0.57 12.84 21.29
CA ASP A 39 0.49 13.66 21.89
C ASP A 39 1.87 12.94 21.86
N ARG A 40 2.04 12.04 20.89
CA ARG A 40 3.21 11.16 20.68
C ARG A 40 3.58 11.15 19.20
N LYS A 41 4.82 10.82 18.86
CA LYS A 41 5.27 10.58 17.48
C LYS A 41 5.09 9.09 17.13
N VAL A 42 4.79 8.78 15.87
CA VAL A 42 4.39 7.43 15.42
C VAL A 42 5.00 7.08 14.06
N CYS A 43 5.48 5.86 13.90
CA CYS A 43 5.99 5.36 12.62
C CYS A 43 4.83 4.80 11.81
N PHE A 44 4.79 5.10 10.52
CA PHE A 44 3.85 4.50 9.57
C PHE A 44 4.54 3.71 8.47
N LYS A 45 3.88 2.65 8.01
CA LYS A 45 4.35 1.77 6.95
C LYS A 45 3.22 1.34 6.02
N VAL A 46 3.43 1.31 4.70
CA VAL A 46 2.40 0.94 3.71
C VAL A 46 2.69 -0.45 3.11
N LYS A 47 1.60 -1.20 2.85
CA LYS A 47 1.56 -2.50 2.16
C LYS A 47 0.55 -2.44 1.02
N THR A 48 0.75 -3.24 -0.04
CA THR A 48 -0.18 -3.32 -1.19
C THR A 48 -0.19 -4.73 -1.80
N THR A 49 -1.28 -5.14 -2.46
CA THR A 49 -1.45 -6.52 -2.96
C THR A 49 -0.71 -6.84 -4.27
N ALA A 50 -0.15 -5.83 -4.95
CA ALA A 50 0.57 -6.02 -6.22
C ALA A 50 1.76 -5.04 -6.36
N PRO A 51 3.02 -5.47 -6.08
CA PRO A 51 4.17 -4.55 -5.98
C PRO A 51 4.65 -4.02 -7.35
N ARG A 52 4.19 -4.64 -8.44
CA ARG A 52 4.43 -4.23 -9.84
C ARG A 52 3.20 -3.57 -10.48
N ARG A 53 2.21 -3.21 -9.66
CA ARG A 53 0.95 -2.55 -10.04
C ARG A 53 0.63 -1.32 -9.21
N TYR A 54 1.03 -1.29 -7.94
CA TYR A 54 0.94 -0.11 -7.07
C TYR A 54 2.31 0.22 -6.46
N CYS A 55 2.72 1.48 -6.57
CA CYS A 55 3.94 2.02 -5.97
C CYS A 55 3.60 3.10 -4.94
N VAL A 56 4.39 3.21 -3.86
CA VAL A 56 4.17 4.12 -2.72
C VAL A 56 5.46 4.89 -2.48
N ARG A 57 5.53 6.16 -2.88
CA ARG A 57 6.81 6.91 -2.91
C ARG A 57 7.64 6.94 -1.62
N PRO A 58 7.08 7.36 -0.47
CA PRO A 58 7.76 7.24 0.81
C PRO A 58 8.00 5.79 1.27
N ASN A 59 7.04 4.90 0.99
CA ASN A 59 6.83 3.52 1.46
C ASN A 59 6.58 3.40 2.98
N SER A 60 7.11 4.36 3.74
CA SER A 60 7.07 4.44 5.20
C SER A 60 7.59 5.82 5.68
N GLY A 61 7.40 6.12 6.96
CA GLY A 61 7.90 7.35 7.59
C GLY A 61 7.45 7.49 9.04
N ILE A 62 7.49 8.71 9.58
CA ILE A 62 7.05 9.03 10.94
C ILE A 62 6.17 10.30 10.91
N ILE A 63 5.11 10.33 11.73
CA ILE A 63 4.23 11.50 11.92
C ILE A 63 4.38 12.07 13.33
N ASP A 64 4.51 13.39 13.42
CA ASP A 64 4.58 14.15 14.67
C ASP A 64 3.20 14.32 15.33
N PRO A 65 3.13 14.58 16.66
CA PRO A 65 1.86 14.82 17.35
C PRO A 65 1.05 15.97 16.70
N GLY A 66 -0.25 15.71 16.47
CA GLY A 66 -1.19 16.68 15.87
C GLY A 66 -0.96 16.98 14.38
N SER A 67 0.06 16.37 13.77
CA SER A 67 0.56 16.71 12.43
C SER A 67 0.13 15.71 11.35
N THR A 68 0.34 16.07 10.08
CA THR A 68 -0.11 15.32 8.89
C THR A 68 1.04 15.06 7.90
N VAL A 69 1.05 13.89 7.26
CA VAL A 69 1.93 13.53 6.13
C VAL A 69 1.07 13.16 4.91
N THR A 70 1.49 13.56 3.71
CA THR A 70 0.86 13.18 2.45
C THR A 70 1.71 12.11 1.75
N VAL A 71 1.10 10.96 1.49
CA VAL A 71 1.69 9.79 0.82
C VAL A 71 1.21 9.74 -0.63
N SER A 72 2.13 9.74 -1.58
CA SER A 72 1.82 9.62 -3.02
C SER A 72 1.83 8.14 -3.45
N VAL A 73 0.70 7.69 -3.99
CA VAL A 73 0.53 6.37 -4.61
C VAL A 73 0.57 6.53 -6.12
N MET A 74 1.41 5.75 -6.78
CA MET A 74 1.56 5.68 -8.23
C MET A 74 1.05 4.31 -8.70
N LEU A 75 -0.14 4.27 -9.29
CA LEU A 75 -0.81 3.06 -9.79
C LEU A 75 -0.51 2.89 -11.28
N GLN A 76 0.05 1.73 -11.66
CA GLN A 76 0.56 1.46 -13.00
C GLN A 76 -0.57 1.21 -14.03
N PRO A 77 -0.33 1.48 -15.33
CA PRO A 77 -1.30 1.20 -16.37
C PRO A 77 -1.64 -0.30 -16.52
N PHE A 78 -2.90 -0.59 -16.88
CA PHE A 78 -3.42 -1.96 -17.00
C PHE A 78 -4.65 -2.06 -17.93
N ASP A 79 -5.03 -3.29 -18.26
CA ASP A 79 -6.21 -3.60 -19.06
C ASP A 79 -7.47 -3.68 -18.17
N TYR A 80 -8.16 -2.54 -18.04
CA TYR A 80 -9.42 -2.41 -17.28
C TYR A 80 -10.53 -3.30 -17.86
N ASP A 81 -11.36 -3.88 -16.98
CA ASP A 81 -12.55 -4.67 -17.34
C ASP A 81 -13.80 -4.13 -16.63
N PRO A 82 -14.92 -3.86 -17.34
CA PRO A 82 -16.16 -3.33 -16.77
C PRO A 82 -17.02 -4.40 -16.08
N ASN A 83 -16.71 -5.68 -16.26
CA ASN A 83 -17.42 -6.83 -15.69
C ASN A 83 -16.69 -7.40 -14.47
N GLU A 84 -15.35 -7.49 -14.53
CA GLU A 84 -14.54 -8.10 -13.46
C GLU A 84 -14.33 -7.13 -12.27
N LYS A 85 -14.63 -7.61 -11.05
CA LYS A 85 -14.56 -6.83 -9.80
C LYS A 85 -13.13 -6.48 -9.36
N SER A 86 -13.00 -5.37 -8.62
CA SER A 86 -11.72 -4.97 -7.99
C SER A 86 -11.41 -5.90 -6.81
N LYS A 87 -10.23 -6.54 -6.83
CA LYS A 87 -9.77 -7.54 -5.83
C LYS A 87 -8.50 -7.15 -5.07
N HIS A 88 -7.89 -6.02 -5.41
CA HIS A 88 -6.64 -5.51 -4.81
C HIS A 88 -6.91 -4.57 -3.62
N LYS A 89 -5.95 -4.48 -2.70
CA LYS A 89 -6.05 -3.72 -1.44
C LYS A 89 -4.74 -3.01 -1.06
N PHE A 90 -4.89 -2.03 -0.19
CA PHE A 90 -3.83 -1.31 0.53
C PHE A 90 -4.00 -1.55 2.03
N MET A 91 -2.88 -1.54 2.76
CA MET A 91 -2.87 -1.64 4.22
C MET A 91 -1.80 -0.70 4.78
N VAL A 92 -2.08 -0.06 5.91
CA VAL A 92 -1.16 0.84 6.61
C VAL A 92 -0.96 0.35 8.02
N GLN A 93 0.28 -0.02 8.37
CA GLN A 93 0.70 -0.44 9.71
C GLN A 93 1.29 0.76 10.47
N THR A 94 1.01 0.90 11.76
CA THR A 94 1.54 1.98 12.62
C THR A 94 1.96 1.50 14.01
N ILE A 95 3.02 2.12 14.56
CA ILE A 95 3.52 1.87 15.92
C ILE A 95 4.18 3.14 16.51
N PHE A 96 4.06 3.39 17.81
CA PHE A 96 4.63 4.61 18.42
C PHE A 96 6.16 4.64 18.35
N ALA A 97 6.70 5.79 17.93
CA ALA A 97 8.15 6.02 17.81
C ALA A 97 8.73 6.62 19.12
N PRO A 98 10.02 6.39 19.44
CA PRO A 98 10.71 7.02 20.58
C PRO A 98 11.03 8.50 20.31
N PRO A 99 11.41 9.30 21.33
CA PRO A 99 11.79 10.71 21.18
C PRO A 99 13.11 10.93 20.40
N ASN A 100 13.97 9.90 20.31
CA ASN A 100 15.19 9.90 19.49
C ASN A 100 15.42 8.51 18.86
N THR A 101 15.69 8.46 17.54
CA THR A 101 16.07 7.23 16.81
C THR A 101 16.79 7.52 15.49
N SER A 102 16.42 8.58 14.78
CA SER A 102 16.86 8.96 13.40
C SER A 102 16.52 7.95 12.29
N ASP A 103 16.37 6.67 12.62
CA ASP A 103 15.85 5.61 11.75
C ASP A 103 14.46 5.15 12.23
N MET A 104 13.50 5.08 11.30
CA MET A 104 12.17 4.48 11.55
C MET A 104 12.25 2.95 11.60
N GLU A 105 13.23 2.35 10.91
CA GLU A 105 13.36 0.90 10.77
C GLU A 105 13.68 0.25 12.12
N ALA A 106 14.48 0.95 12.93
CA ALA A 106 14.80 0.53 14.28
C ALA A 106 13.55 0.47 15.20
N VAL A 107 12.55 1.33 14.95
CA VAL A 107 11.29 1.27 15.70
C VAL A 107 10.55 -0.01 15.39
N TRP A 108 10.52 -0.42 14.13
CA TRP A 108 9.90 -1.69 13.74
C TRP A 108 10.66 -2.93 14.23
N LYS A 109 11.98 -2.81 14.45
CA LYS A 109 12.82 -3.86 15.03
C LYS A 109 12.70 -3.96 16.55
N GLU A 110 12.37 -2.86 17.25
CA GLU A 110 12.08 -2.85 18.68
C GLU A 110 10.60 -3.12 19.02
N ALA A 111 9.71 -2.79 18.10
CA ALA A 111 8.26 -2.94 18.19
C ALA A 111 7.88 -4.39 18.51
N LYS A 112 7.01 -4.55 19.51
CA LYS A 112 6.47 -5.85 19.90
C LYS A 112 5.13 -6.12 19.22
N PRO A 113 4.76 -7.40 19.00
CA PRO A 113 3.53 -7.79 18.30
C PRO A 113 2.23 -7.35 19.00
N ASP A 114 2.32 -6.95 20.27
CA ASP A 114 1.22 -6.40 21.07
C ASP A 114 1.03 -4.87 20.90
N GLU A 115 2.03 -4.17 20.35
CA GLU A 115 2.03 -2.71 20.13
C GLU A 115 1.66 -2.32 18.69
N LEU A 116 1.62 -3.28 17.76
CA LEU A 116 1.42 -3.05 16.33
C LEU A 116 -0.06 -2.80 16.03
N MET A 117 -0.34 -1.76 15.24
CA MET A 117 -1.69 -1.37 14.81
C MET A 117 -1.80 -1.30 13.29
N ASP A 118 -2.99 -1.43 12.71
CA ASP A 118 -3.17 -1.29 11.25
C ASP A 118 -4.56 -0.76 10.79
N SER A 119 -4.65 -0.42 9.50
CA SER A 119 -5.88 -0.09 8.75
C SER A 119 -5.80 -0.67 7.33
N LYS A 120 -6.94 -1.01 6.71
CA LYS A 120 -7.01 -1.56 5.33
C LYS A 120 -8.06 -0.87 4.43
N LEU A 121 -7.76 -0.80 3.13
CA LEU A 121 -8.51 -0.03 2.12
C LEU A 121 -8.49 -0.77 0.76
N ARG A 122 -9.47 -0.53 -0.13
CA ARG A 122 -9.50 -1.07 -1.51
C ARG A 122 -9.12 0.01 -2.53
N CYS A 123 -8.81 -0.38 -3.77
CA CYS A 123 -8.64 0.52 -4.90
C CYS A 123 -9.91 0.58 -5.77
N VAL A 124 -10.35 1.80 -6.09
CA VAL A 124 -11.49 2.13 -6.96
C VAL A 124 -10.98 2.69 -8.28
N PHE A 125 -11.58 2.30 -9.40
CA PHE A 125 -11.16 2.72 -10.75
C PHE A 125 -12.29 3.47 -11.47
N GLU A 126 -12.02 4.70 -11.90
CA GLU A 126 -12.99 5.63 -12.52
C GLU A 126 -12.47 6.21 -13.84
N MET A 127 -13.30 6.18 -14.88
CA MET A 127 -12.96 6.60 -16.25
C MET A 127 -13.25 8.10 -16.51
N PRO A 128 -12.49 8.75 -17.42
CA PRO A 128 -12.69 10.16 -17.79
C PRO A 128 -13.98 10.37 -18.62
N ASN A 129 -14.39 11.64 -18.74
CA ASN A 129 -15.57 12.07 -19.52
C ASN A 129 -15.19 12.85 -20.80
N GLU A 130 -13.95 12.66 -21.30
CA GLU A 130 -13.36 13.34 -22.47
C GLU A 130 -12.62 12.36 -23.40
N PRO B 1 1.14 -18.53 -21.93
CA PRO B 1 0.50 -19.05 -20.69
C PRO B 1 1.49 -19.70 -19.69
N LEU B 2 2.03 -20.88 -19.99
CA LEU B 2 2.80 -21.70 -19.03
C LEU B 2 4.33 -21.46 -19.07
N GLY B 3 4.83 -20.64 -20.00
CA GLY B 3 6.26 -20.28 -20.11
C GLY B 3 6.49 -18.93 -20.81
N SER B 4 7.38 -18.11 -20.24
CA SER B 4 7.63 -16.72 -20.66
C SER B 4 8.74 -16.58 -21.70
N ASP B 5 8.66 -15.54 -22.53
CA ASP B 5 9.66 -15.17 -23.55
C ASP B 5 10.69 -14.13 -23.04
N HIS B 6 10.56 -13.73 -21.77
CA HIS B 6 11.36 -12.70 -21.08
C HIS B 6 11.46 -13.02 -19.57
N TRP B 7 12.39 -12.36 -18.87
CA TRP B 7 12.66 -12.52 -17.44
C TRP B 7 11.58 -11.83 -16.56
N GLY B 8 10.49 -12.54 -16.31
CA GLY B 8 9.38 -12.09 -15.44
C GLY B 8 9.68 -12.10 -13.93
N LYS B 9 10.82 -12.68 -13.51
CA LYS B 9 11.28 -12.77 -12.10
C LYS B 9 10.27 -13.41 -11.13
N GLY B 10 9.52 -14.41 -11.61
CA GLY B 10 8.58 -15.21 -10.81
C GLY B 10 9.26 -16.11 -9.77
N ASP B 11 8.52 -16.49 -8.72
CA ASP B 11 9.03 -17.23 -7.56
C ASP B 11 8.58 -18.71 -7.48
N MET B 12 7.84 -19.20 -8.50
CA MET B 12 7.42 -20.60 -8.66
C MET B 12 6.75 -21.22 -7.40
N SER B 13 6.01 -20.39 -6.65
CA SER B 13 5.46 -20.72 -5.31
C SER B 13 3.99 -20.33 -5.16
N ASP B 14 3.30 -20.92 -4.17
CA ASP B 14 1.90 -20.66 -3.83
C ASP B 14 1.68 -20.84 -2.31
N GLU B 15 0.97 -19.88 -1.70
CA GLU B 15 0.68 -19.83 -0.26
C GLU B 15 -0.78 -19.42 0.04
N ASP B 16 -1.26 -19.73 1.25
CA ASP B 16 -2.59 -19.37 1.73
C ASP B 16 -2.67 -17.90 2.20
N ASP B 17 -3.32 -17.05 1.39
CA ASP B 17 -3.56 -15.63 1.65
C ASP B 17 -4.76 -15.18 0.79
N GLU B 18 -5.65 -14.36 1.35
CA GLU B 18 -6.81 -13.80 0.63
C GLU B 18 -6.43 -12.94 -0.60
N ASN B 19 -5.28 -12.23 -0.55
CA ASN B 19 -4.86 -11.28 -1.58
C ASN B 19 -3.34 -11.12 -1.77
N GLU B 20 -2.53 -11.66 -0.84
CA GLU B 20 -1.07 -11.57 -0.78
C GLU B 20 -0.50 -10.13 -0.80
N PHE B 21 -0.41 -9.52 0.39
CA PHE B 21 0.24 -8.22 0.58
C PHE B 21 1.77 -8.30 0.43
N PHE B 22 2.34 -7.27 -0.20
CA PHE B 22 3.77 -7.01 -0.41
C PHE B 22 4.17 -5.63 0.15
N ASP B 23 5.48 -5.37 0.24
CA ASP B 23 6.10 -4.22 0.92
C ASP B 23 6.00 -2.85 0.20
N ALA B 24 5.15 -2.74 -0.83
CA ALA B 24 4.77 -1.49 -1.51
C ALA B 24 5.98 -0.59 -1.90
N PRO B 25 6.78 -0.99 -2.89
CA PRO B 25 7.99 -0.28 -3.29
C PRO B 25 7.72 1.13 -3.82
N GLU B 26 8.73 2.00 -3.78
CA GLU B 26 8.60 3.39 -4.22
C GLU B 26 8.38 3.56 -5.72
N ILE B 27 8.92 2.65 -6.54
CA ILE B 27 8.61 2.57 -7.97
C ILE B 27 8.83 1.16 -8.55
N ILE B 28 8.25 0.89 -9.72
CA ILE B 28 8.25 -0.40 -10.41
C ILE B 28 9.51 -0.60 -11.28
N THR B 29 10.07 -1.83 -11.27
CA THR B 29 11.32 -2.16 -11.99
C THR B 29 11.31 -3.48 -12.78
N MET B 30 10.35 -4.37 -12.53
CA MET B 30 10.25 -5.70 -13.18
C MET B 30 8.79 -6.05 -13.58
N PRO B 31 8.25 -5.41 -14.64
CA PRO B 31 6.87 -5.63 -15.09
C PRO B 31 6.70 -7.00 -15.77
N GLU B 32 5.78 -7.81 -15.24
CA GLU B 32 5.50 -9.17 -15.74
C GLU B 32 4.85 -9.20 -17.13
N ASN B 33 4.25 -8.08 -17.58
CA ASN B 33 3.64 -7.95 -18.91
C ASN B 33 4.64 -8.14 -20.07
N LEU B 34 5.94 -7.96 -19.82
CA LEU B 34 7.01 -8.25 -20.79
C LEU B 34 7.18 -9.76 -21.07
N GLY B 35 6.64 -10.64 -20.22
CA GLY B 35 6.75 -12.10 -20.32
C GLY B 35 6.05 -12.73 -21.54
N HIS B 36 5.13 -12.03 -22.19
CA HIS B 36 4.48 -12.48 -23.43
C HIS B 36 5.45 -12.53 -24.62
N LYS B 37 5.09 -13.30 -25.65
CA LYS B 37 5.84 -13.34 -26.92
C LYS B 37 5.80 -11.99 -27.65
N ARG B 38 6.90 -11.67 -28.34
CA ARG B 38 7.10 -10.37 -29.02
C ARG B 38 7.58 -10.48 -30.47
N THR B 39 8.72 -11.14 -30.71
CA THR B 39 9.40 -11.13 -32.02
C THR B 39 9.13 -12.36 -32.90
N GLY B 40 8.61 -13.45 -32.33
CA GLY B 40 8.15 -14.62 -33.09
C GLY B 40 6.79 -14.39 -33.77
N SER B 41 6.61 -14.96 -34.97
CA SER B 41 5.35 -14.84 -35.74
C SER B 41 4.22 -15.64 -35.09
N HIS B 42 3.05 -15.01 -34.91
CA HIS B 42 1.86 -15.58 -34.25
C HIS B 42 0.56 -14.95 -34.75
N HIS B 43 -0.58 -15.60 -34.47
CA HIS B 43 -1.93 -15.13 -34.82
C HIS B 43 -2.44 -13.94 -33.98
N HIS B 44 -1.75 -13.62 -32.87
CA HIS B 44 -2.08 -12.54 -31.92
C HIS B 44 -0.89 -11.61 -31.65
N GLY A 3 -17.57 -5.73 11.40
CA GLY A 3 -16.11 -5.55 11.50
C GLY A 3 -15.65 -5.19 12.92
N SER A 4 -14.35 -4.91 13.08
CA SER A 4 -13.74 -4.55 14.37
C SER A 4 -14.18 -3.15 14.87
N ASP A 5 -14.17 -2.97 16.20
CA ASP A 5 -14.56 -1.70 16.85
C ASP A 5 -13.42 -0.66 16.91
N HIS A 6 -12.20 -1.05 16.55
CA HIS A 6 -10.96 -0.27 16.72
C HIS A 6 -10.05 -0.28 15.48
N GLU A 7 -9.21 0.75 15.36
CA GLU A 7 -8.19 0.95 14.32
C GLU A 7 -6.91 1.60 14.89
N GLN A 8 -5.95 1.93 14.01
CA GLN A 8 -4.68 2.57 14.38
C GLN A 8 -4.84 4.03 14.80
N ILE A 9 -3.80 4.55 15.46
CA ILE A 9 -3.75 5.94 15.95
C ILE A 9 -3.89 6.97 14.81
N LEU A 10 -3.31 6.71 13.63
CA LEU A 10 -3.36 7.64 12.51
C LEU A 10 -4.73 7.67 11.82
N VAL A 11 -5.23 8.88 11.57
CA VAL A 11 -6.40 9.17 10.73
C VAL A 11 -5.95 9.03 9.28
N LEU A 12 -6.78 8.47 8.39
CA LEU A 12 -6.49 8.37 6.95
C LEU A 12 -7.55 9.12 6.11
N ASP A 13 -7.17 9.59 4.92
CA ASP A 13 -8.00 10.42 4.05
C ASP A 13 -7.67 10.16 2.56
N PRO A 14 -8.53 9.46 1.79
CA PRO A 14 -9.76 8.80 2.21
C PRO A 14 -9.55 7.66 3.25
N PRO A 15 -10.43 7.51 4.25
CA PRO A 15 -10.31 6.49 5.32
C PRO A 15 -10.72 5.08 4.90
N THR A 16 -11.68 4.97 3.98
CA THR A 16 -12.33 3.71 3.61
C THR A 16 -11.58 2.95 2.50
N ASP A 17 -11.40 3.57 1.34
CA ASP A 17 -10.81 2.97 0.13
C ASP A 17 -9.98 4.01 -0.66
N LEU A 18 -9.00 3.55 -1.45
CA LEU A 18 -8.23 4.39 -2.38
C LEU A 18 -8.97 4.45 -3.71
N LYS A 19 -9.22 5.67 -4.21
CA LYS A 19 -9.93 5.91 -5.47
C LYS A 19 -8.93 6.28 -6.57
N PHE A 20 -9.04 5.57 -7.69
CA PHE A 20 -8.24 5.76 -8.89
C PHE A 20 -9.16 6.16 -10.05
N LYS A 21 -9.14 7.45 -10.43
CA LYS A 21 -9.90 7.99 -11.57
C LYS A 21 -8.95 8.40 -12.70
N GLY A 22 -9.17 7.85 -13.89
CA GLY A 22 -8.28 8.04 -15.04
C GLY A 22 -8.39 6.86 -15.99
N PRO A 23 -8.02 7.01 -17.28
CA PRO A 23 -7.91 5.83 -18.11
C PRO A 23 -6.68 5.05 -17.68
N PHE A 24 -6.81 3.73 -17.68
CA PHE A 24 -5.78 2.82 -17.16
C PHE A 24 -4.79 2.37 -18.25
N THR A 25 -4.66 3.22 -19.28
CA THR A 25 -3.68 3.17 -20.37
C THR A 25 -2.29 3.66 -19.94
N ASP A 26 -2.21 4.39 -18.83
CA ASP A 26 -0.97 4.86 -18.18
C ASP A 26 -1.12 4.89 -16.64
N VAL A 27 -0.11 5.40 -15.94
CA VAL A 27 -0.08 5.51 -14.47
C VAL A 27 -1.14 6.50 -13.94
N VAL A 28 -1.82 6.12 -12.86
CA VAL A 28 -2.72 6.98 -12.07
C VAL A 28 -2.04 7.41 -10.77
N THR A 29 -2.08 8.70 -10.45
CA THR A 29 -1.62 9.23 -9.15
C THR A 29 -2.81 9.50 -8.24
N THR A 30 -2.76 9.00 -7.01
CA THR A 30 -3.76 9.20 -5.94
C THR A 30 -3.00 9.49 -4.65
N ASN A 31 -3.28 10.63 -4.01
CA ASN A 31 -2.68 10.97 -2.73
C ASN A 31 -3.58 10.58 -1.54
N LEU A 32 -2.95 10.09 -0.47
CA LEU A 32 -3.56 9.71 0.80
C LEU A 32 -3.01 10.62 1.90
N LYS A 33 -3.87 11.33 2.62
CA LYS A 33 -3.47 12.20 3.76
C LYS A 33 -3.57 11.42 5.07
N LEU A 34 -2.46 11.32 5.80
CA LEU A 34 -2.40 10.68 7.13
C LEU A 34 -2.15 11.71 8.21
N ARG A 35 -3.02 11.80 9.22
CA ARG A 35 -2.96 12.80 10.30
C ARG A 35 -2.85 12.14 11.67
N ASN A 36 -2.07 12.72 12.57
CA ASN A 36 -1.84 12.20 13.91
C ASN A 36 -2.64 12.98 14.98
N PRO A 37 -3.62 12.34 15.64
CA PRO A 37 -4.41 12.97 16.70
C PRO A 37 -3.66 13.08 18.04
N SER A 38 -2.68 12.20 18.25
CA SER A 38 -1.94 11.98 19.50
C SER A 38 -1.05 13.15 19.93
N ASP A 39 -0.49 13.02 21.14
CA ASP A 39 0.56 13.87 21.74
C ASP A 39 1.93 13.14 21.72
N ARG A 40 2.12 12.25 20.74
CA ARG A 40 3.27 11.34 20.56
C ARG A 40 3.68 11.31 19.09
N LYS A 41 4.94 10.95 18.81
CA LYS A 41 5.42 10.66 17.45
C LYS A 41 5.09 9.22 17.07
N VAL A 42 4.84 8.94 15.79
CA VAL A 42 4.45 7.60 15.32
C VAL A 42 5.07 7.29 13.96
N CYS A 43 5.66 6.12 13.81
CA CYS A 43 6.24 5.67 12.54
C CYS A 43 5.16 4.99 11.69
N PHE A 44 5.14 5.27 10.39
CA PHE A 44 4.20 4.65 9.43
C PHE A 44 4.91 3.87 8.31
N LYS A 45 4.25 2.80 7.84
CA LYS A 45 4.61 2.02 6.66
C LYS A 45 3.40 1.66 5.78
N VAL A 46 3.61 1.47 4.48
CA VAL A 46 2.55 1.10 3.50
C VAL A 46 2.87 -0.22 2.79
N LYS A 47 1.87 -1.09 2.66
CA LYS A 47 1.92 -2.38 1.93
C LYS A 47 0.80 -2.49 0.89
N THR A 48 1.04 -3.25 -0.17
CA THR A 48 0.13 -3.43 -1.34
C THR A 48 -0.02 -4.91 -1.69
N THR A 49 -1.12 -5.31 -2.36
CA THR A 49 -1.26 -6.67 -2.90
C THR A 49 -0.40 -6.96 -4.14
N ALA A 50 0.15 -5.94 -4.81
CA ALA A 50 0.91 -6.11 -6.05
C ALA A 50 2.03 -5.06 -6.23
N PRO A 51 3.31 -5.34 -5.88
CA PRO A 51 4.39 -4.36 -5.97
C PRO A 51 4.79 -4.02 -7.42
N ARG A 52 4.39 -4.88 -8.38
CA ARG A 52 4.52 -4.69 -9.82
C ARG A 52 3.30 -4.03 -10.51
N ARG A 53 2.28 -3.62 -9.73
CA ARG A 53 1.14 -2.79 -10.18
C ARG A 53 0.95 -1.52 -9.34
N TYR A 54 1.56 -1.41 -8.16
CA TYR A 54 1.47 -0.24 -7.28
C TYR A 54 2.84 0.23 -6.76
N CYS A 55 3.01 1.56 -6.73
CA CYS A 55 4.15 2.26 -6.16
C CYS A 55 3.69 3.29 -5.11
N VAL A 56 4.48 3.51 -4.06
CA VAL A 56 4.20 4.40 -2.91
C VAL A 56 5.43 5.28 -2.71
N ARG A 57 5.44 6.53 -3.16
CA ARG A 57 6.66 7.36 -3.22
C ARG A 57 7.55 7.41 -1.96
N PRO A 58 7.00 7.79 -0.79
CA PRO A 58 7.75 7.73 0.46
C PRO A 58 8.08 6.30 0.95
N ASN A 59 7.18 5.35 0.66
CA ASN A 59 7.06 3.96 1.15
C ASN A 59 6.85 3.82 2.67
N SER A 60 7.28 4.81 3.44
CA SER A 60 7.30 4.84 4.90
C SER A 60 7.68 6.24 5.44
N GLY A 61 7.55 6.44 6.75
CA GLY A 61 7.99 7.68 7.41
C GLY A 61 7.61 7.76 8.88
N ILE A 62 7.60 8.99 9.43
CA ILE A 62 7.15 9.29 10.80
C ILE A 62 6.23 10.53 10.77
N ILE A 63 5.18 10.57 11.61
CA ILE A 63 4.33 11.74 11.82
C ILE A 63 4.45 12.27 13.25
N ASP A 64 4.57 13.59 13.39
CA ASP A 64 4.62 14.32 14.66
C ASP A 64 3.22 14.54 15.27
N PRO A 65 3.09 14.81 16.58
CA PRO A 65 1.79 15.11 17.20
C PRO A 65 1.10 16.31 16.53
N GLY A 66 -0.19 16.15 16.21
CA GLY A 66 -1.00 17.19 15.55
C GLY A 66 -0.59 17.51 14.11
N SER A 67 0.23 16.68 13.48
CA SER A 67 0.76 16.88 12.13
C SER A 67 0.14 15.93 11.10
N THR A 68 0.33 16.21 9.81
CA THR A 68 -0.19 15.42 8.67
C THR A 68 0.92 15.19 7.64
N VAL A 69 0.93 14.01 7.00
CA VAL A 69 1.80 13.67 5.85
C VAL A 69 0.93 13.21 4.68
N THR A 70 1.27 13.64 3.47
CA THR A 70 0.62 13.22 2.22
C THR A 70 1.48 12.18 1.52
N VAL A 71 0.91 11.00 1.30
CA VAL A 71 1.53 9.84 0.65
C VAL A 71 0.99 9.71 -0.78
N SER A 72 1.87 9.79 -1.78
CA SER A 72 1.51 9.62 -3.19
C SER A 72 1.57 8.15 -3.59
N VAL A 73 0.44 7.62 -4.08
CA VAL A 73 0.32 6.28 -4.67
C VAL A 73 0.30 6.43 -6.18
N MET A 74 1.13 5.64 -6.88
CA MET A 74 1.21 5.58 -8.33
C MET A 74 0.82 4.16 -8.76
N LEU A 75 -0.39 4.01 -9.30
CA LEU A 75 -1.00 2.77 -9.76
C LEU A 75 -0.75 2.60 -11.27
N GLN A 76 -0.13 1.50 -11.65
CA GLN A 76 0.34 1.23 -13.02
C GLN A 76 -0.82 0.88 -13.98
N PRO A 77 -0.64 1.06 -15.30
CA PRO A 77 -1.66 0.71 -16.30
C PRO A 77 -2.00 -0.80 -16.30
N PHE A 78 -3.24 -1.12 -16.67
CA PHE A 78 -3.77 -2.50 -16.75
C PHE A 78 -5.02 -2.60 -17.64
N ASP A 79 -5.45 -3.83 -17.92
CA ASP A 79 -6.61 -4.15 -18.76
C ASP A 79 -7.96 -3.99 -18.00
N TYR A 80 -8.28 -2.75 -17.62
CA TYR A 80 -9.52 -2.37 -16.95
C TYR A 80 -10.79 -2.66 -17.79
N ASP A 81 -11.84 -3.12 -17.11
CA ASP A 81 -13.20 -3.25 -17.68
C ASP A 81 -14.23 -2.51 -16.80
N PRO A 82 -15.11 -1.65 -17.36
CA PRO A 82 -16.19 -1.02 -16.59
C PRO A 82 -17.28 -2.02 -16.16
N ASN A 83 -17.25 -3.25 -16.69
CA ASN A 83 -18.14 -4.35 -16.29
C ASN A 83 -17.52 -5.28 -15.21
N GLU A 84 -16.24 -5.11 -14.89
CA GLU A 84 -15.50 -5.92 -13.91
C GLU A 84 -15.31 -5.21 -12.55
N LYS A 85 -14.93 -5.98 -11.51
CA LYS A 85 -14.75 -5.53 -10.13
C LYS A 85 -13.34 -5.80 -9.58
N SER A 86 -12.91 -4.97 -8.63
CA SER A 86 -11.54 -4.90 -8.10
C SER A 86 -11.12 -6.09 -7.23
N LYS A 87 -9.82 -6.41 -7.27
CA LYS A 87 -9.15 -7.44 -6.45
C LYS A 87 -8.15 -6.88 -5.44
N HIS A 88 -7.52 -5.74 -5.76
CA HIS A 88 -6.38 -5.22 -5.01
C HIS A 88 -6.73 -4.53 -3.69
N LYS A 89 -5.78 -4.57 -2.75
CA LYS A 89 -5.85 -3.85 -1.45
C LYS A 89 -4.54 -3.16 -1.08
N PHE A 90 -4.66 -2.19 -0.20
CA PHE A 90 -3.59 -1.49 0.52
C PHE A 90 -3.74 -1.73 2.02
N MET A 91 -2.62 -1.70 2.74
CA MET A 91 -2.59 -1.69 4.20
C MET A 91 -1.59 -0.65 4.69
N VAL A 92 -2.00 0.17 5.66
CA VAL A 92 -1.10 1.12 6.36
C VAL A 92 -0.88 0.62 7.77
N GLN A 93 0.38 0.39 8.15
CA GLN A 93 0.80 -0.09 9.46
C GLN A 93 1.52 1.03 10.23
N THR A 94 1.24 1.18 11.52
CA THR A 94 1.87 2.20 12.38
C THR A 94 2.25 1.68 13.77
N ILE A 95 3.27 2.28 14.37
CA ILE A 95 3.69 2.02 15.76
C ILE A 95 4.28 3.28 16.40
N PHE A 96 4.02 3.52 17.70
CA PHE A 96 4.51 4.71 18.40
C PHE A 96 6.03 4.77 18.46
N ALA A 97 6.59 5.92 18.08
CA ALA A 97 8.04 6.12 17.99
C ALA A 97 8.67 6.48 19.36
N PRO A 98 9.99 6.24 19.55
CA PRO A 98 10.75 6.71 20.71
C PRO A 98 10.69 8.24 20.89
N PRO A 99 10.90 8.76 22.12
CA PRO A 99 10.98 10.21 22.36
C PRO A 99 12.21 10.86 21.69
N ASN A 100 13.28 10.09 21.48
CA ASN A 100 14.45 10.47 20.67
C ASN A 100 15.04 9.23 19.96
N THR A 101 15.06 9.23 18.62
CA THR A 101 15.76 8.24 17.79
C THR A 101 16.17 8.83 16.43
N SER A 102 17.27 8.32 15.86
CA SER A 102 17.76 8.65 14.51
C SER A 102 17.46 7.56 13.48
N ASP A 103 16.74 6.49 13.86
CA ASP A 103 16.44 5.34 12.98
C ASP A 103 14.95 4.96 13.03
N MET A 104 14.25 5.10 11.89
CA MET A 104 12.84 4.67 11.75
C MET A 104 12.68 3.16 11.58
N GLU A 105 13.74 2.40 11.28
CA GLU A 105 13.68 0.93 11.17
C GLU A 105 13.73 0.28 12.57
N ALA A 106 14.45 0.89 13.52
CA ALA A 106 14.70 0.33 14.83
C ALA A 106 13.41 0.16 15.65
N VAL A 107 12.43 1.05 15.47
CA VAL A 107 11.14 0.93 16.17
C VAL A 107 10.40 -0.36 15.80
N TRP A 108 10.54 -0.82 14.56
CA TRP A 108 9.92 -2.05 14.07
C TRP A 108 10.67 -3.31 14.53
N LYS A 109 11.98 -3.19 14.77
CA LYS A 109 12.81 -4.27 15.36
C LYS A 109 12.50 -4.48 16.85
N GLU A 110 12.20 -3.40 17.58
CA GLU A 110 11.86 -3.45 19.01
C GLU A 110 10.38 -3.73 19.31
N ALA A 111 9.50 -3.39 18.37
CA ALA A 111 8.05 -3.54 18.47
C ALA A 111 7.64 -5.01 18.58
N LYS A 112 6.71 -5.28 19.49
CA LYS A 112 6.10 -6.60 19.65
C LYS A 112 4.82 -6.72 18.82
N PRO A 113 4.41 -7.94 18.42
CA PRO A 113 3.23 -8.19 17.59
C PRO A 113 1.90 -7.73 18.22
N ASP A 114 1.90 -7.47 19.53
CA ASP A 114 0.77 -6.91 20.29
C ASP A 114 0.71 -5.36 20.30
N GLU A 115 1.80 -4.69 19.93
CA GLU A 115 1.92 -3.21 19.91
C GLU A 115 1.73 -2.61 18.50
N LEU A 116 1.74 -3.45 17.46
CA LEU A 116 1.61 -3.03 16.06
C LEU A 116 0.14 -2.72 15.74
N MET A 117 -0.10 -1.63 15.01
CA MET A 117 -1.44 -1.20 14.57
C MET A 117 -1.53 -1.15 13.04
N ASP A 118 -2.70 -1.44 12.47
CA ASP A 118 -2.94 -1.33 11.02
C ASP A 118 -4.39 -0.98 10.63
N SER A 119 -4.58 -0.63 9.35
CA SER A 119 -5.86 -0.46 8.66
C SER A 119 -5.70 -0.91 7.20
N LYS A 120 -6.73 -1.55 6.62
CA LYS A 120 -6.74 -1.98 5.21
C LYS A 120 -7.83 -1.30 4.37
N LEU A 121 -7.54 -1.09 3.09
CA LEU A 121 -8.33 -0.32 2.14
C LEU A 121 -8.31 -1.01 0.76
N ARG A 122 -9.36 -0.88 -0.05
CA ARG A 122 -9.42 -1.44 -1.42
C ARG A 122 -9.03 -0.39 -2.46
N CYS A 123 -8.66 -0.81 -3.67
CA CYS A 123 -8.47 0.06 -4.82
C CYS A 123 -9.76 0.13 -5.65
N VAL A 124 -10.26 1.33 -5.93
CA VAL A 124 -11.46 1.59 -6.73
C VAL A 124 -11.06 2.18 -8.08
N PHE A 125 -11.69 1.71 -9.17
CA PHE A 125 -11.33 2.10 -10.53
C PHE A 125 -12.49 2.80 -11.25
N GLU A 126 -12.24 4.02 -11.73
CA GLU A 126 -13.21 4.87 -12.42
C GLU A 126 -12.64 5.44 -13.73
N MET A 127 -13.42 5.39 -14.81
CA MET A 127 -13.08 6.01 -16.08
C MET A 127 -13.60 7.46 -16.14
N PRO A 128 -12.94 8.37 -16.87
CA PRO A 128 -13.24 9.80 -16.85
C PRO A 128 -14.66 10.22 -17.21
N ASN A 129 -15.16 9.74 -18.35
CA ASN A 129 -16.40 10.21 -18.97
C ASN A 129 -16.38 11.75 -19.21
N GLU A 130 -15.20 12.31 -19.48
CA GLU A 130 -14.91 13.75 -19.69
C GLU A 130 -14.67 14.09 -21.18
N PRO B 1 -5.29 -21.64 -18.72
CA PRO B 1 -5.84 -20.30 -19.00
C PRO B 1 -5.92 -19.39 -17.75
N LEU B 2 -6.80 -19.69 -16.79
CA LEU B 2 -6.99 -18.93 -15.54
C LEU B 2 -5.93 -19.29 -14.48
N GLY B 3 -5.78 -18.43 -13.47
CA GLY B 3 -4.90 -18.63 -12.30
C GLY B 3 -5.56 -19.42 -11.16
N SER B 4 -6.76 -19.99 -11.40
CA SER B 4 -7.60 -20.66 -10.40
C SER B 4 -7.21 -22.13 -10.11
N ASP B 5 -6.20 -22.66 -10.82
CA ASP B 5 -5.61 -23.99 -10.57
C ASP B 5 -4.89 -24.06 -9.19
N HIS B 6 -4.62 -25.27 -8.71
CA HIS B 6 -3.91 -25.52 -7.44
C HIS B 6 -2.39 -25.27 -7.51
N TRP B 7 -1.76 -25.54 -8.67
CA TRP B 7 -0.31 -25.49 -8.94
C TRP B 7 0.58 -25.83 -7.73
N GLY B 8 1.26 -24.85 -7.14
CA GLY B 8 1.97 -24.95 -5.86
C GLY B 8 3.04 -26.05 -5.80
N LYS B 9 3.86 -26.21 -6.86
CA LYS B 9 4.79 -27.35 -7.01
C LYS B 9 5.66 -27.56 -5.76
N GLY B 10 5.74 -28.82 -5.30
CA GLY B 10 6.35 -29.24 -4.04
C GLY B 10 5.38 -29.32 -2.84
N ASP B 11 4.22 -28.67 -2.91
CA ASP B 11 3.18 -28.66 -1.85
C ASP B 11 1.75 -28.94 -2.37
N MET B 12 1.51 -28.80 -3.68
CA MET B 12 0.21 -28.90 -4.37
C MET B 12 -0.88 -27.91 -3.86
N SER B 13 -0.48 -26.81 -3.22
CA SER B 13 -1.37 -25.77 -2.68
C SER B 13 -0.77 -24.36 -2.77
N ASP B 14 -1.65 -23.35 -2.82
CA ASP B 14 -1.36 -21.91 -2.69
C ASP B 14 -2.42 -21.26 -1.78
N GLU B 15 -2.59 -21.84 -0.59
CA GLU B 15 -3.68 -21.55 0.36
C GLU B 15 -3.46 -20.49 1.45
N ASP B 16 -2.26 -19.99 1.41
CA ASP B 16 -1.62 -19.11 2.39
C ASP B 16 -1.80 -17.60 2.08
N ASP B 17 -2.40 -16.87 3.03
CA ASP B 17 -2.73 -15.43 3.00
C ASP B 17 -3.89 -15.09 2.06
N GLU B 18 -4.82 -14.23 2.51
CA GLU B 18 -6.06 -13.98 1.77
C GLU B 18 -5.84 -13.29 0.42
N ASN B 19 -4.80 -12.43 0.32
CA ASN B 19 -4.47 -11.61 -0.84
C ASN B 19 -2.95 -11.44 -1.08
N GLU B 20 -2.13 -11.80 -0.09
CA GLU B 20 -0.68 -11.61 -0.01
C GLU B 20 -0.23 -10.15 -0.17
N PHE B 21 -0.12 -9.44 0.97
CA PHE B 21 0.49 -8.11 1.04
C PHE B 21 2.02 -8.18 0.88
N PHE B 22 2.58 -7.18 0.18
CA PHE B 22 3.99 -6.97 -0.12
C PHE B 22 4.42 -5.59 0.41
N ASP B 23 5.68 -5.44 0.80
CA ASP B 23 6.25 -4.12 1.12
C ASP B 23 6.29 -3.26 -0.16
N ALA B 24 5.51 -2.18 -0.19
CA ALA B 24 5.28 -1.38 -1.39
C ALA B 24 6.54 -0.61 -1.84
N PRO B 25 7.02 -0.78 -3.09
CA PRO B 25 8.18 -0.04 -3.60
C PRO B 25 7.91 1.46 -3.78
N GLU B 26 8.95 2.28 -3.68
CA GLU B 26 8.85 3.70 -4.05
C GLU B 26 8.56 3.89 -5.55
N ILE B 27 9.17 3.04 -6.38
CA ILE B 27 8.84 2.91 -7.81
C ILE B 27 9.20 1.52 -8.33
N ILE B 28 8.56 1.07 -9.41
CA ILE B 28 8.73 -0.27 -9.97
C ILE B 28 10.00 -0.33 -10.84
N THR B 29 11.01 -1.05 -10.36
CA THR B 29 12.34 -1.17 -11.02
C THR B 29 12.67 -2.58 -11.52
N MET B 30 12.00 -3.62 -11.00
CA MET B 30 12.13 -5.02 -11.45
C MET B 30 10.75 -5.69 -11.61
N PRO B 31 10.10 -5.56 -12.79
CA PRO B 31 8.84 -6.22 -13.13
C PRO B 31 8.89 -7.76 -13.07
N GLU B 32 7.72 -8.39 -13.14
CA GLU B 32 7.55 -9.85 -13.08
C GLU B 32 8.26 -10.58 -14.26
N ASN B 33 8.78 -11.79 -14.00
CA ASN B 33 9.60 -12.54 -14.96
C ASN B 33 8.80 -13.00 -16.20
N LEU B 34 9.49 -13.14 -17.34
CA LEU B 34 8.96 -13.74 -18.58
C LEU B 34 8.60 -15.23 -18.38
N GLY B 35 7.76 -15.77 -19.27
CA GLY B 35 7.38 -17.19 -19.33
C GLY B 35 8.48 -18.11 -19.88
N HIS B 36 8.10 -19.01 -20.81
CA HIS B 36 8.98 -20.01 -21.46
C HIS B 36 9.67 -20.97 -20.47
N LYS B 37 9.05 -21.22 -19.31
CA LYS B 37 9.66 -21.95 -18.18
C LYS B 37 9.96 -23.42 -18.50
N ARG B 38 9.03 -24.09 -19.19
CA ARG B 38 9.01 -25.52 -19.58
C ARG B 38 9.14 -26.50 -18.41
N THR B 39 10.33 -26.60 -17.81
CA THR B 39 10.65 -27.39 -16.61
C THR B 39 11.73 -26.70 -15.76
N GLY B 40 12.84 -26.28 -16.38
CA GLY B 40 13.98 -25.65 -15.70
C GLY B 40 14.78 -26.62 -14.81
N SER B 41 15.56 -26.05 -13.88
CA SER B 41 16.35 -26.81 -12.89
C SER B 41 15.47 -27.58 -11.90
N HIS B 42 16.01 -28.66 -11.32
CA HIS B 42 15.28 -29.54 -10.38
C HIS B 42 14.83 -28.81 -9.11
N HIS B 43 13.60 -29.10 -8.65
CA HIS B 43 12.92 -28.42 -7.54
C HIS B 43 12.47 -29.38 -6.40
N HIS B 44 12.61 -30.69 -6.60
CA HIS B 44 12.19 -31.77 -5.68
C HIS B 44 13.25 -32.86 -5.55
N GLY A 3 -11.95 3.25 24.44
CA GLY A 3 -10.72 2.96 23.66
C GLY A 3 -10.48 1.46 23.52
N SER A 4 -10.09 1.03 22.32
CA SER A 4 -9.89 -0.40 21.96
C SER A 4 -8.61 -0.61 21.13
N ASP A 5 -8.18 -1.87 21.02
CA ASP A 5 -6.98 -2.29 20.29
C ASP A 5 -7.16 -2.43 18.76
N HIS A 6 -8.40 -2.41 18.27
CA HIS A 6 -8.72 -2.50 16.83
C HIS A 6 -8.46 -1.17 16.08
N GLU A 7 -7.98 -1.27 14.85
CA GLU A 7 -7.48 -0.16 13.99
C GLU A 7 -6.30 0.64 14.59
N GLN A 8 -5.65 1.47 13.75
CA GLN A 8 -4.47 2.25 14.14
C GLN A 8 -4.76 3.69 14.58
N ILE A 9 -3.79 4.30 15.25
CA ILE A 9 -3.86 5.68 15.75
C ILE A 9 -3.94 6.71 14.63
N LEU A 10 -3.26 6.50 13.49
CA LEU A 10 -3.31 7.42 12.35
C LEU A 10 -4.72 7.42 11.71
N VAL A 11 -5.22 8.61 11.40
CA VAL A 11 -6.45 8.81 10.60
C VAL A 11 -6.05 9.02 9.13
N LEU A 12 -6.70 8.28 8.21
CA LEU A 12 -6.35 8.22 6.79
C LEU A 12 -7.38 8.99 5.95
N ASP A 13 -7.00 9.44 4.75
CA ASP A 13 -7.83 10.28 3.87
C ASP A 13 -7.51 9.99 2.39
N PRO A 14 -8.38 9.29 1.63
CA PRO A 14 -9.61 8.63 2.07
C PRO A 14 -9.40 7.50 3.11
N PRO A 15 -10.28 7.34 4.13
CA PRO A 15 -10.16 6.34 5.18
C PRO A 15 -10.60 4.92 4.80
N THR A 16 -11.58 4.84 3.89
CA THR A 16 -12.24 3.59 3.50
C THR A 16 -11.48 2.82 2.42
N ASP A 17 -11.30 3.43 1.24
CA ASP A 17 -10.71 2.83 0.04
C ASP A 17 -9.88 3.85 -0.76
N LEU A 18 -8.91 3.39 -1.56
CA LEU A 18 -8.10 4.24 -2.45
C LEU A 18 -8.83 4.37 -3.79
N LYS A 19 -9.05 5.61 -4.25
CA LYS A 19 -9.80 5.90 -5.48
C LYS A 19 -8.85 6.25 -6.61
N PHE A 20 -8.95 5.50 -7.71
CA PHE A 20 -8.16 5.66 -8.92
C PHE A 20 -9.08 6.06 -10.08
N LYS A 21 -9.02 7.33 -10.50
CA LYS A 21 -9.79 7.86 -11.63
C LYS A 21 -8.87 8.20 -12.81
N GLY A 22 -9.16 7.68 -14.00
CA GLY A 22 -8.34 7.88 -15.18
C GLY A 22 -8.72 6.90 -16.29
N PRO A 23 -8.11 7.00 -17.48
CA PRO A 23 -8.40 6.06 -18.56
C PRO A 23 -7.82 4.64 -18.45
N PHE A 24 -6.80 4.62 -17.62
CA PHE A 24 -5.80 3.60 -17.33
C PHE A 24 -4.93 3.26 -18.54
N THR A 25 -4.82 4.21 -19.48
CA THR A 25 -3.88 4.18 -20.62
C THR A 25 -2.46 4.62 -20.23
N ASP A 26 -2.33 5.30 -19.09
CA ASP A 26 -1.06 5.66 -18.43
C ASP A 26 -1.21 5.57 -16.89
N VAL A 27 -0.16 5.93 -16.14
CA VAL A 27 -0.15 5.90 -14.66
C VAL A 27 -1.20 6.84 -14.06
N VAL A 28 -1.90 6.36 -13.03
CA VAL A 28 -2.79 7.15 -12.17
C VAL A 28 -2.06 7.54 -10.89
N THR A 29 -2.10 8.83 -10.53
CA THR A 29 -1.60 9.32 -9.24
C THR A 29 -2.78 9.53 -8.29
N THR A 30 -2.72 8.91 -7.12
CA THR A 30 -3.70 9.03 -6.04
C THR A 30 -2.95 9.32 -4.74
N ASN A 31 -3.14 10.50 -4.16
CA ASN A 31 -2.54 10.83 -2.88
C ASN A 31 -3.44 10.43 -1.70
N LEU A 32 -2.81 9.91 -0.65
CA LEU A 32 -3.42 9.53 0.62
C LEU A 32 -2.86 10.45 1.72
N LYS A 33 -3.71 11.18 2.42
CA LYS A 33 -3.30 12.03 3.55
C LYS A 33 -3.42 11.24 4.86
N LEU A 34 -2.33 11.15 5.62
CA LEU A 34 -2.31 10.52 6.94
C LEU A 34 -2.06 11.58 8.01
N ARG A 35 -2.97 11.74 8.97
CA ARG A 35 -2.82 12.66 10.11
C ARG A 35 -2.69 11.90 11.42
N ASN A 36 -1.92 12.44 12.35
CA ASN A 36 -1.73 11.91 13.69
C ASN A 36 -2.55 12.73 14.70
N PRO A 37 -3.58 12.14 15.33
CA PRO A 37 -4.43 12.83 16.30
C PRO A 37 -3.78 12.99 17.69
N SER A 38 -2.88 12.07 18.05
CA SER A 38 -2.27 12.00 19.40
C SER A 38 -1.14 13.02 19.62
N ASP A 39 -0.62 13.03 20.85
CA ASP A 39 0.46 13.88 21.35
C ASP A 39 1.82 13.14 21.42
N ARG A 40 2.06 12.25 20.44
CA ARG A 40 3.25 11.37 20.33
C ARG A 40 3.69 11.32 18.87
N LYS A 41 4.95 10.93 18.60
CA LYS A 41 5.42 10.63 17.24
C LYS A 41 5.07 9.18 16.88
N VAL A 42 4.89 8.88 15.60
CA VAL A 42 4.51 7.52 15.15
C VAL A 42 5.15 7.18 13.80
N CYS A 43 5.79 6.02 13.69
CA CYS A 43 6.39 5.55 12.45
C CYS A 43 5.34 4.83 11.61
N PHE A 44 5.31 5.09 10.30
CA PHE A 44 4.39 4.44 9.35
C PHE A 44 5.11 3.68 8.23
N LYS A 45 4.50 2.57 7.78
CA LYS A 45 4.89 1.78 6.60
C LYS A 45 3.68 1.40 5.73
N VAL A 46 3.87 1.25 4.41
CA VAL A 46 2.81 0.97 3.42
C VAL A 46 3.07 -0.35 2.65
N LYS A 47 2.02 -1.15 2.44
CA LYS A 47 2.05 -2.43 1.69
C LYS A 47 0.92 -2.51 0.66
N THR A 48 1.11 -3.30 -0.40
CA THR A 48 0.17 -3.48 -1.53
C THR A 48 0.03 -4.95 -1.91
N THR A 49 -1.09 -5.34 -2.54
CA THR A 49 -1.27 -6.69 -3.10
C THR A 49 -0.54 -6.94 -4.42
N ALA A 50 0.00 -5.90 -5.07
CA ALA A 50 0.65 -6.02 -6.38
C ALA A 50 1.74 -4.95 -6.60
N PRO A 51 3.03 -5.25 -6.32
CA PRO A 51 4.11 -4.25 -6.37
C PRO A 51 4.45 -3.80 -7.80
N ARG A 52 4.10 -4.63 -8.81
CA ARG A 52 4.15 -4.32 -10.25
C ARG A 52 2.94 -3.54 -10.79
N ARG A 53 1.88 -3.36 -9.98
CA ARG A 53 0.73 -2.47 -10.26
C ARG A 53 0.76 -1.17 -9.46
N TYR A 54 1.30 -1.16 -8.24
CA TYR A 54 1.26 0.00 -7.34
C TYR A 54 2.63 0.38 -6.79
N CYS A 55 2.98 1.65 -6.91
CA CYS A 55 4.19 2.25 -6.36
C CYS A 55 3.86 3.31 -5.31
N VAL A 56 4.62 3.37 -4.22
CA VAL A 56 4.40 4.24 -3.04
C VAL A 56 5.64 5.11 -2.88
N ARG A 57 5.63 6.38 -3.31
CA ARG A 57 6.88 7.19 -3.39
C ARG A 57 7.76 7.23 -2.14
N PRO A 58 7.23 7.58 -0.96
CA PRO A 58 7.97 7.50 0.30
C PRO A 58 8.29 6.07 0.78
N ASN A 59 7.37 5.13 0.52
CA ASN A 59 7.24 3.75 1.01
C ASN A 59 7.02 3.62 2.53
N SER A 60 7.45 4.61 3.30
CA SER A 60 7.45 4.65 4.77
C SER A 60 7.84 6.04 5.29
N GLY A 61 7.68 6.27 6.60
CA GLY A 61 8.11 7.52 7.25
C GLY A 61 7.71 7.63 8.73
N ILE A 62 7.65 8.85 9.25
CA ILE A 62 7.18 9.18 10.60
C ILE A 62 6.22 10.38 10.54
N ILE A 63 5.19 10.42 11.41
CA ILE A 63 4.29 11.58 11.58
C ILE A 63 4.40 12.16 12.99
N ASP A 64 4.54 13.48 13.07
CA ASP A 64 4.58 14.25 14.31
C ASP A 64 3.18 14.49 14.92
N PRO A 65 3.05 14.77 16.22
CA PRO A 65 1.76 15.02 16.86
C PRO A 65 1.00 16.18 16.18
N GLY A 66 -0.29 15.96 15.92
CA GLY A 66 -1.18 16.93 15.27
C GLY A 66 -0.84 17.26 13.81
N SER A 67 0.07 16.51 13.21
CA SER A 67 0.63 16.78 11.87
C SER A 67 0.12 15.79 10.81
N THR A 68 0.36 16.09 9.53
CA THR A 68 -0.08 15.29 8.38
C THR A 68 1.08 15.00 7.41
N VAL A 69 1.09 13.81 6.80
CA VAL A 69 1.97 13.44 5.68
C VAL A 69 1.12 12.96 4.50
N THR A 70 1.48 13.38 3.28
CA THR A 70 0.82 12.99 2.04
C THR A 70 1.67 11.93 1.34
N VAL A 71 1.07 10.77 1.12
CA VAL A 71 1.68 9.60 0.46
C VAL A 71 1.09 9.47 -0.95
N SER A 72 1.93 9.59 -1.97
CA SER A 72 1.54 9.43 -3.38
C SER A 72 1.61 7.97 -3.82
N VAL A 73 0.49 7.45 -4.31
CA VAL A 73 0.39 6.13 -4.94
C VAL A 73 0.36 6.31 -6.46
N MET A 74 1.22 5.58 -7.17
CA MET A 74 1.30 5.54 -8.62
C MET A 74 0.85 4.16 -9.11
N LEU A 75 -0.38 4.10 -9.62
CA LEU A 75 -1.07 2.89 -10.11
C LEU A 75 -0.85 2.77 -11.62
N GLN A 76 -0.30 1.64 -12.04
CA GLN A 76 0.16 1.40 -13.41
C GLN A 76 -1.00 1.17 -14.40
N PRO A 77 -0.84 1.54 -15.69
CA PRO A 77 -1.89 1.39 -16.71
C PRO A 77 -2.34 -0.06 -16.93
N PHE A 78 -3.63 -0.25 -17.21
CA PHE A 78 -4.22 -1.57 -17.50
C PHE A 78 -5.55 -1.51 -18.28
N ASP A 79 -6.02 -2.69 -18.72
CA ASP A 79 -7.31 -2.87 -19.40
C ASP A 79 -8.47 -2.93 -18.40
N TYR A 80 -9.00 -1.75 -18.04
CA TYR A 80 -10.17 -1.58 -17.16
C TYR A 80 -11.44 -2.24 -17.72
N ASP A 81 -12.27 -2.79 -16.83
CA ASP A 81 -13.61 -3.32 -17.12
C ASP A 81 -14.69 -2.67 -16.23
N PRO A 82 -15.80 -2.15 -16.79
CA PRO A 82 -16.85 -1.48 -16.01
C PRO A 82 -17.78 -2.44 -15.26
N ASN A 83 -17.72 -3.75 -15.56
CA ASN A 83 -18.50 -4.80 -14.94
C ASN A 83 -17.71 -5.55 -13.85
N GLU A 84 -16.40 -5.72 -14.04
CA GLU A 84 -15.54 -6.50 -13.14
C GLU A 84 -15.36 -5.87 -11.75
N LYS A 85 -15.28 -6.72 -10.71
CA LYS A 85 -15.09 -6.31 -9.29
C LYS A 85 -13.60 -6.15 -8.97
N SER A 86 -13.27 -5.27 -8.02
CA SER A 86 -11.87 -5.01 -7.63
C SER A 86 -11.24 -6.18 -6.85
N LYS A 87 -9.98 -6.48 -7.18
CA LYS A 87 -9.19 -7.61 -6.66
C LYS A 87 -7.86 -7.21 -6.02
N HIS A 88 -7.67 -5.91 -5.73
CA HIS A 88 -6.45 -5.34 -5.14
C HIS A 88 -6.72 -4.58 -3.84
N LYS A 89 -5.76 -4.62 -2.91
CA LYS A 89 -5.81 -3.94 -1.61
C LYS A 89 -4.51 -3.21 -1.28
N PHE A 90 -4.64 -2.23 -0.39
CA PHE A 90 -3.60 -1.47 0.28
C PHE A 90 -3.65 -1.71 1.80
N MET A 91 -2.52 -1.58 2.47
CA MET A 91 -2.41 -1.67 3.92
C MET A 91 -1.40 -0.65 4.46
N VAL A 92 -1.70 -0.03 5.60
CA VAL A 92 -0.77 0.85 6.33
C VAL A 92 -0.56 0.27 7.73
N GLN A 93 0.69 0.07 8.13
CA GLN A 93 1.09 -0.38 9.47
C GLN A 93 1.82 0.75 10.21
N THR A 94 1.55 0.92 11.50
CA THR A 94 2.16 1.97 12.35
C THR A 94 2.53 1.49 13.75
N ILE A 95 3.50 2.19 14.35
CA ILE A 95 3.88 2.00 15.76
C ILE A 95 4.41 3.32 16.39
N PHE A 96 4.10 3.57 17.66
CA PHE A 96 4.52 4.79 18.36
C PHE A 96 6.04 4.90 18.48
N ALA A 97 6.60 6.05 18.09
CA ALA A 97 8.03 6.35 18.20
C ALA A 97 8.34 7.20 19.44
N PRO A 98 9.35 6.82 20.25
CA PRO A 98 9.78 7.61 21.41
C PRO A 98 10.65 8.81 20.98
N PRO A 99 10.75 9.88 21.79
CA PRO A 99 11.46 11.12 21.41
C PRO A 99 13.00 10.99 21.40
N ASN A 100 13.55 9.90 21.95
CA ASN A 100 15.00 9.72 22.19
C ASN A 100 15.67 8.59 21.39
N THR A 101 14.97 7.91 20.46
CA THR A 101 15.56 6.79 19.71
C THR A 101 16.44 7.26 18.53
N SER A 102 16.05 8.32 17.83
CA SER A 102 16.73 8.89 16.64
C SER A 102 16.98 7.89 15.49
N ASP A 103 16.28 6.76 15.47
CA ASP A 103 16.38 5.68 14.47
C ASP A 103 14.98 5.10 14.20
N MET A 104 14.47 5.33 12.98
CA MET A 104 13.16 4.82 12.57
C MET A 104 13.12 3.31 12.37
N GLU A 105 14.27 2.64 12.26
CA GLU A 105 14.33 1.17 12.15
C GLU A 105 14.28 0.51 13.54
N ALA A 106 14.90 1.12 14.55
CA ALA A 106 15.04 0.54 15.89
C ALA A 106 13.69 0.41 16.60
N VAL A 107 12.75 1.33 16.37
CA VAL A 107 11.42 1.25 16.99
C VAL A 107 10.65 -0.01 16.56
N TRP A 108 10.84 -0.49 15.32
CA TRP A 108 10.24 -1.73 14.84
C TRP A 108 10.88 -2.99 15.46
N LYS A 109 12.17 -2.90 15.85
CA LYS A 109 12.89 -3.99 16.52
C LYS A 109 12.47 -4.13 18.00
N GLU A 110 12.17 -3.02 18.66
CA GLU A 110 11.71 -3.00 20.06
C GLU A 110 10.21 -3.22 20.24
N ALA A 111 9.45 -2.94 19.18
CA ALA A 111 7.99 -3.03 19.11
C ALA A 111 7.50 -4.44 19.43
N LYS A 112 6.41 -4.51 20.19
CA LYS A 112 5.75 -5.75 20.55
C LYS A 112 4.53 -6.03 19.66
N PRO A 113 4.12 -7.29 19.50
CA PRO A 113 2.94 -7.68 18.71
C PRO A 113 1.62 -7.06 19.23
N ASP A 114 1.59 -6.62 20.49
CA ASP A 114 0.46 -5.90 21.10
C ASP A 114 0.52 -4.36 20.92
N GLU A 115 1.68 -3.81 20.54
CA GLU A 115 1.89 -2.37 20.27
C GLU A 115 1.79 -2.04 18.77
N LEU A 116 1.93 -3.04 17.89
CA LEU A 116 1.89 -2.88 16.43
C LEU A 116 0.44 -2.74 15.95
N MET A 117 0.17 -1.79 15.06
CA MET A 117 -1.17 -1.46 14.58
C MET A 117 -1.23 -1.44 13.04
N ASP A 118 -2.37 -1.79 12.45
CA ASP A 118 -2.59 -1.71 10.99
C ASP A 118 -4.05 -1.45 10.58
N SER A 119 -4.25 -1.08 9.30
CA SER A 119 -5.54 -0.93 8.62
C SER A 119 -5.40 -1.30 7.15
N LYS A 120 -6.45 -1.82 6.51
CA LYS A 120 -6.50 -2.18 5.08
C LYS A 120 -7.64 -1.51 4.30
N LEU A 121 -7.43 -1.33 3.00
CA LEU A 121 -8.26 -0.56 2.06
C LEU A 121 -8.30 -1.26 0.69
N ARG A 122 -9.37 -1.14 -0.10
CA ARG A 122 -9.41 -1.65 -1.49
C ARG A 122 -9.03 -0.56 -2.50
N CYS A 123 -8.66 -0.95 -3.72
CA CYS A 123 -8.49 -0.04 -4.86
C CYS A 123 -9.81 0.07 -5.64
N VAL A 124 -10.27 1.29 -5.91
CA VAL A 124 -11.48 1.58 -6.70
C VAL A 124 -11.08 2.15 -8.05
N PHE A 125 -11.73 1.71 -9.12
CA PHE A 125 -11.39 2.09 -10.49
C PHE A 125 -12.53 2.86 -11.18
N GLU A 126 -12.23 4.04 -11.72
CA GLU A 126 -13.20 5.00 -12.27
C GLU A 126 -12.68 5.63 -13.57
N MET A 127 -13.56 5.94 -14.53
CA MET A 127 -13.19 6.64 -15.78
C MET A 127 -13.71 8.09 -15.80
N PRO A 128 -13.01 9.02 -16.50
CA PRO A 128 -13.42 10.42 -16.61
C PRO A 128 -14.67 10.62 -17.48
N ASN A 129 -15.36 11.74 -17.28
CA ASN A 129 -16.61 12.13 -17.96
C ASN A 129 -16.50 13.42 -18.80
N GLU A 130 -15.26 13.86 -19.10
CA GLU A 130 -14.92 15.06 -19.90
C GLU A 130 -13.71 14.86 -20.83
N PRO B 1 -4.85 -45.19 13.85
CA PRO B 1 -5.09 -44.38 12.63
C PRO B 1 -5.92 -45.16 11.59
N LEU B 2 -6.30 -44.49 10.49
CA LEU B 2 -7.12 -45.02 9.37
C LEU B 2 -8.55 -45.46 9.77
N GLY B 3 -9.36 -45.82 8.78
CA GLY B 3 -10.76 -46.25 8.94
C GLY B 3 -11.41 -46.68 7.62
N SER B 4 -12.67 -47.13 7.69
CA SER B 4 -13.46 -47.65 6.55
C SER B 4 -14.28 -46.58 5.81
N ASP B 5 -14.28 -45.33 6.27
CA ASP B 5 -15.05 -44.22 5.68
C ASP B 5 -14.53 -43.78 4.30
N HIS B 6 -15.44 -43.29 3.45
CA HIS B 6 -15.16 -42.79 2.08
C HIS B 6 -14.79 -41.30 2.01
N TRP B 7 -14.61 -40.65 3.15
CA TRP B 7 -14.24 -39.23 3.30
C TRP B 7 -12.73 -39.04 3.51
N GLY B 8 -12.26 -37.79 3.40
CA GLY B 8 -10.84 -37.43 3.61
C GLY B 8 -9.92 -37.71 2.40
N LYS B 9 -10.47 -37.73 1.18
CA LYS B 9 -9.74 -38.01 -0.07
C LYS B 9 -8.75 -36.90 -0.49
N GLY B 10 -8.85 -35.70 0.10
CA GLY B 10 -7.91 -34.58 -0.12
C GLY B 10 -8.15 -33.74 -1.37
N ASP B 11 -9.28 -33.93 -2.07
CA ASP B 11 -9.69 -33.13 -3.22
C ASP B 11 -10.15 -31.71 -2.84
N MET B 12 -10.12 -30.78 -3.81
CA MET B 12 -10.48 -29.35 -3.67
C MET B 12 -9.72 -28.65 -2.53
N SER B 13 -8.42 -28.46 -2.73
CA SER B 13 -7.49 -27.79 -1.79
C SER B 13 -7.88 -26.33 -1.49
N ASP B 14 -7.41 -25.80 -0.36
CA ASP B 14 -7.75 -24.47 0.16
C ASP B 14 -6.48 -23.65 0.45
N GLU B 15 -6.36 -22.50 -0.21
CA GLU B 15 -5.22 -21.57 -0.10
C GLU B 15 -5.28 -20.67 1.15
N ASP B 16 -4.13 -20.14 1.57
CA ASP B 16 -3.96 -19.43 2.86
C ASP B 16 -3.70 -17.92 2.74
N ASP B 17 -3.76 -17.38 1.52
CA ASP B 17 -3.59 -15.97 1.18
C ASP B 17 -4.55 -15.57 0.05
N GLU B 18 -5.39 -14.55 0.28
CA GLU B 18 -6.45 -14.16 -0.66
C GLU B 18 -5.93 -13.38 -1.88
N ASN B 19 -5.04 -12.39 -1.66
CA ASN B 19 -4.51 -11.50 -2.71
C ASN B 19 -2.96 -11.44 -2.76
N GLU B 20 -2.28 -11.93 -1.72
CA GLU B 20 -0.82 -11.86 -1.51
C GLU B 20 -0.26 -10.42 -1.38
N PHE B 21 -0.10 -9.96 -0.13
CA PHE B 21 0.54 -8.67 0.17
C PHE B 21 2.08 -8.69 0.04
N PHE B 22 2.64 -7.54 -0.35
CA PHE B 22 4.06 -7.28 -0.58
C PHE B 22 4.45 -5.92 0.01
N ASP B 23 5.72 -5.78 0.40
CA ASP B 23 6.30 -4.48 0.78
C ASP B 23 6.34 -3.57 -0.46
N ALA B 24 5.59 -2.47 -0.44
CA ALA B 24 5.37 -1.64 -1.61
C ALA B 24 6.65 -0.90 -2.07
N PRO B 25 7.03 -0.98 -3.36
CA PRO B 25 8.23 -0.32 -3.89
C PRO B 25 7.98 1.17 -4.13
N GLU B 26 9.04 1.98 -4.10
CA GLU B 26 8.96 3.41 -4.43
C GLU B 26 8.66 3.67 -5.90
N ILE B 27 9.20 2.85 -6.81
CA ILE B 27 8.85 2.86 -8.24
C ILE B 27 9.13 1.50 -8.92
N ILE B 28 8.45 1.23 -10.05
CA ILE B 28 8.60 0.02 -10.88
C ILE B 28 9.47 0.30 -12.11
N THR B 29 10.44 -0.59 -12.39
CA THR B 29 11.41 -0.44 -13.50
C THR B 29 11.34 -1.52 -14.59
N MET B 30 10.93 -2.75 -14.25
CA MET B 30 10.82 -3.88 -15.19
C MET B 30 9.48 -4.65 -14.98
N PRO B 31 8.31 -4.03 -15.28
CA PRO B 31 7.02 -4.69 -15.23
C PRO B 31 6.82 -5.66 -16.42
N GLU B 32 5.77 -6.48 -16.35
CA GLU B 32 5.42 -7.46 -17.41
C GLU B 32 5.10 -6.78 -18.76
N ASN B 33 4.62 -5.53 -18.73
CA ASN B 33 4.34 -4.72 -19.92
C ASN B 33 5.62 -4.20 -20.64
N LEU B 34 6.79 -4.28 -19.98
CA LEU B 34 8.15 -3.98 -20.45
C LEU B 34 8.28 -2.94 -21.58
N GLY B 35 8.16 -3.35 -22.84
CA GLY B 35 8.32 -2.50 -24.04
C GLY B 35 7.29 -1.35 -24.17
N HIS B 36 6.22 -1.37 -23.37
CA HIS B 36 5.26 -0.26 -23.23
C HIS B 36 5.87 1.02 -22.62
N LYS B 37 6.97 0.89 -21.87
CA LYS B 37 7.66 2.00 -21.19
C LYS B 37 8.09 3.11 -22.17
N ARG B 38 7.63 4.34 -21.90
CA ARG B 38 7.92 5.57 -22.69
C ARG B 38 8.29 6.79 -21.83
N THR B 39 8.69 6.56 -20.58
CA THR B 39 9.00 7.61 -19.59
C THR B 39 10.21 8.45 -20.00
N GLY B 40 10.16 9.76 -19.71
CA GLY B 40 11.18 10.74 -20.10
C GLY B 40 11.16 11.19 -21.57
N SER B 41 10.28 10.62 -22.41
CA SER B 41 10.17 10.97 -23.84
C SER B 41 9.49 12.34 -24.05
N HIS B 42 8.41 12.61 -23.30
CA HIS B 42 7.71 13.90 -23.31
C HIS B 42 8.39 14.98 -22.44
N HIS B 43 9.12 14.55 -21.40
CA HIS B 43 9.86 15.38 -20.43
C HIS B 43 8.98 16.40 -19.64
N HIS B 44 9.61 17.16 -18.74
CA HIS B 44 8.98 18.11 -17.80
C HIS B 44 9.39 19.56 -18.07
#